data_4K2S
#
_entry.id   4K2S
#
_cell.length_a   196.334
_cell.length_b   85.790
_cell.length_c   195.638
_cell.angle_alpha   90.00
_cell.angle_beta   110.47
_cell.angle_gamma   90.00
#
_symmetry.space_group_name_H-M   'C 1 2 1'
#
loop_
_entity.id
_entity.type
_entity.pdbx_description
1 polymer 'D-mannonate dehydratase'
2 non-polymer 'D-gluconic acid'
3 non-polymer 'MAGNESIUM ION'
4 non-polymer 'CHLORIDE ION'
5 non-polymer GLYCEROL
6 water water
#
_entity_poly.entity_id   1
_entity_poly.type   'polypeptide(L)'
_entity_poly.pdbx_seq_one_letter_code
;MSLKIRDAYTIVTCPGRNFVTLKIVTESGTHGIGDATLNGREMAVAAYLDEHVVPALIGRDAGRIEDTWQYLYRGAYWRR
GPVTMTAIAAVDMALWDIKAKAAGMPLYQLLGGKSRERVMTYAHCTGQTIEDCLGEVARHVELGYRAVRVQSGVPGIETT
YGVAKTPGERYEPADSSLPAEHVWSTEKYLNHAPKLFAAVRERFGDDLHVLHDVHHRLTPIEAARLGKAVEPYHLFWLED
CVPAENQESLRLIREHTTTPLAIGEVFNSIHDCRELIQNQWIDYIRMPLTHGGGITAMRRVADLASLYHVRTGFHGATDL
SPVCLGAAIHFDTWVPNFGIQEHMPHTDETDAVFPHDYRFEDGHFLAGESPGHGVDIDEELAAKYPYERASLPVNRLEDG
TLWHW
;
_entity_poly.pdbx_strand_id   A,B,C,D,E,F,G,H
#
loop_
_chem_comp.id
_chem_comp.type
_chem_comp.name
_chem_comp.formula
CL non-polymer 'CHLORIDE ION' 'Cl -1'
GCO D-saccharide 'D-gluconic acid' 'C6 H12 O7'
GOL non-polymer GLYCEROL 'C3 H8 O3'
MG non-polymer 'MAGNESIUM ION' 'Mg 2'
#
# COMPACT_ATOMS: atom_id res chain seq x y z
N SER A 2 -23.46 46.25 -0.28
CA SER A 2 -22.68 45.52 -1.28
C SER A 2 -21.35 46.23 -1.54
N LEU A 3 -20.43 45.52 -2.19
CA LEU A 3 -19.17 46.11 -2.62
C LEU A 3 -19.26 46.59 -4.07
N LYS A 4 -20.49 46.75 -4.59
CA LYS A 4 -20.64 47.33 -5.92
C LYS A 4 -20.26 48.81 -5.90
N ILE A 5 -19.55 49.25 -6.94
CA ILE A 5 -19.14 50.64 -7.04
C ILE A 5 -20.32 51.56 -7.38
N ARG A 6 -20.57 52.53 -6.50
CA ARG A 6 -21.63 53.50 -6.70
C ARG A 6 -21.11 54.74 -7.43
N ASP A 7 -19.91 55.18 -7.05
CA ASP A 7 -19.35 56.38 -7.66
C ASP A 7 -17.83 56.27 -7.76
N ALA A 8 -17.26 56.97 -8.73
CA ALA A 8 -15.81 57.06 -8.85
C ALA A 8 -15.50 58.38 -9.54
N TYR A 9 -14.45 59.05 -9.08
CA TYR A 9 -14.13 60.37 -9.61
C TYR A 9 -12.72 60.78 -9.22
N THR A 10 -12.15 61.68 -10.01
CA THR A 10 -10.83 62.22 -9.70
C THR A 10 -10.91 63.53 -8.93
N ILE A 11 -9.85 63.81 -8.20
CA ILE A 11 -9.69 65.08 -7.50
C ILE A 11 -8.34 65.60 -7.91
N VAL A 12 -8.31 66.85 -8.39
CA VAL A 12 -7.06 67.49 -8.80
C VAL A 12 -6.81 68.66 -7.86
N THR A 13 -5.62 68.71 -7.27
CA THR A 13 -5.30 69.71 -6.25
C THR A 13 -3.80 70.06 -6.32
N CYS A 14 -3.46 71.29 -5.91
CA CYS A 14 -2.06 71.73 -5.95
C CYS A 14 -1.61 72.31 -4.62
N PRO A 15 -1.49 71.47 -3.58
CA PRO A 15 -1.06 71.99 -2.28
C PRO A 15 0.47 72.08 -2.20
N GLY A 16 1.06 72.89 -3.06
CA GLY A 16 2.51 72.99 -3.17
C GLY A 16 3.03 72.38 -4.47
N ARG A 17 2.27 71.43 -5.01
CA ARG A 17 2.56 70.85 -6.32
C ARG A 17 1.32 70.05 -6.70
N ASN A 18 1.19 69.69 -7.97
CA ASN A 18 0.01 69.00 -8.46
C ASN A 18 -0.12 67.55 -8.02
N PHE A 19 -1.32 67.19 -7.58
CA PHE A 19 -1.64 65.79 -7.30
C PHE A 19 -3.00 65.44 -7.90
N VAL A 20 -3.07 64.25 -8.48
CA VAL A 20 -4.33 63.72 -8.97
C VAL A 20 -4.64 62.45 -8.19
N THR A 21 -5.88 62.34 -7.70
CA THR A 21 -6.28 61.23 -6.85
C THR A 21 -7.56 60.64 -7.40
N LEU A 22 -7.64 59.32 -7.47
CA LEU A 22 -8.90 58.68 -7.80
C LEU A 22 -9.61 58.26 -6.51
N LYS A 23 -10.90 58.57 -6.39
CA LYS A 23 -11.70 58.04 -5.28
C LYS A 23 -12.79 57.11 -5.81
N ILE A 24 -12.93 55.95 -5.15
CA ILE A 24 -13.99 54.99 -5.48
C ILE A 24 -14.89 54.80 -4.26
N VAL A 25 -16.20 54.94 -4.46
CA VAL A 25 -17.16 54.81 -3.35
C VAL A 25 -18.14 53.67 -3.64
N THR A 26 -18.30 52.76 -2.68
CA THR A 26 -19.20 51.61 -2.85
C THR A 26 -20.62 51.93 -2.43
N GLU A 27 -21.56 51.04 -2.80
CA GLU A 27 -22.96 51.21 -2.43
C GLU A 27 -23.17 51.28 -0.93
N SER A 28 -22.25 50.69 -0.17
CA SER A 28 -22.36 50.68 1.29
C SER A 28 -21.75 51.94 1.92
N GLY A 29 -21.09 52.76 1.13
CA GLY A 29 -20.54 54.00 1.63
C GLY A 29 -19.05 53.97 1.90
N THR A 30 -18.48 52.77 2.03
CA THR A 30 -17.04 52.61 2.19
C THR A 30 -16.34 53.12 0.94
N HIS A 31 -15.15 53.67 1.11
CA HIS A 31 -14.45 54.21 -0.05
C HIS A 31 -12.96 53.91 0.01
N GLY A 32 -12.33 54.02 -1.15
CA GLY A 32 -10.89 53.86 -1.28
C GLY A 32 -10.30 54.94 -2.17
N ILE A 33 -9.02 55.23 -2.00
CA ILE A 33 -8.38 56.20 -2.87
C ILE A 33 -7.06 55.67 -3.42
N GLY A 34 -6.68 56.18 -4.59
CA GLY A 34 -5.44 55.79 -5.22
C GLY A 34 -4.76 56.99 -5.85
N ASP A 35 -3.42 56.98 -5.85
CA ASP A 35 -2.65 58.05 -6.48
C ASP A 35 -2.64 57.91 -8.01
N ALA A 36 -2.83 59.03 -8.71
CA ALA A 36 -2.81 59.02 -10.17
C ALA A 36 -1.91 60.11 -10.74
N THR A 37 -0.97 60.57 -9.91
CA THR A 37 -0.14 61.73 -10.26
C THR A 37 0.99 61.32 -11.21
N LEU A 38 1.06 61.99 -12.35
CA LEU A 38 2.13 61.79 -13.32
C LEU A 38 2.78 63.14 -13.61
N ASN A 39 3.90 63.40 -12.96
CA ASN A 39 4.53 64.72 -12.95
C ASN A 39 4.76 65.31 -14.34
N GLY A 40 4.14 66.46 -14.61
CA GLY A 40 4.33 67.19 -15.85
C GLY A 40 3.41 66.75 -16.98
N ARG A 41 2.62 65.71 -16.74
CA ARG A 41 1.63 65.23 -17.69
C ARG A 41 0.32 64.92 -16.97
N GLU A 42 0.04 65.67 -15.90
CA GLU A 42 -1.02 65.30 -14.96
C GLU A 42 -2.42 65.19 -15.58
N MET A 43 -2.74 66.10 -16.48
CA MET A 43 -4.10 66.15 -17.01
C MET A 43 -4.35 65.05 -18.02
N ALA A 44 -3.28 64.43 -18.54
CA ALA A 44 -3.47 63.28 -19.43
C ALA A 44 -4.04 62.09 -18.66
N VAL A 45 -3.54 61.83 -17.47
CA VAL A 45 -4.10 60.78 -16.60
C VAL A 45 -5.50 61.14 -16.11
N ALA A 46 -5.68 62.39 -15.70
CA ALA A 46 -7.01 62.85 -15.28
C ALA A 46 -8.08 62.57 -16.33
N ALA A 47 -7.76 62.87 -17.59
CA ALA A 47 -8.71 62.64 -18.70
C ALA A 47 -8.86 61.15 -19.01
N TYR A 48 -7.77 60.41 -18.93
CA TYR A 48 -7.82 58.96 -19.14
C TYR A 48 -8.81 58.36 -18.14
N LEU A 49 -8.69 58.80 -16.89
CA LEU A 49 -9.59 58.32 -15.86
C LEU A 49 -11.01 58.83 -16.01
N ASP A 50 -11.18 60.15 -16.06
CA ASP A 50 -12.51 60.77 -16.13
C ASP A 50 -13.37 60.30 -17.30
N GLU A 51 -12.77 60.28 -18.48
CA GLU A 51 -13.53 60.05 -19.71
C GLU A 51 -13.64 58.57 -20.10
N HIS A 52 -12.66 57.75 -19.70
CA HIS A 52 -12.58 56.41 -20.28
C HIS A 52 -12.62 55.28 -19.26
N VAL A 53 -12.09 55.50 -18.07
CA VAL A 53 -12.07 54.45 -17.05
C VAL A 53 -13.23 54.55 -16.06
N VAL A 54 -13.42 55.74 -15.51
CA VAL A 54 -14.47 55.96 -14.52
C VAL A 54 -15.87 55.46 -14.94
N PRO A 55 -16.34 55.77 -16.17
CA PRO A 55 -17.68 55.30 -16.53
C PRO A 55 -17.80 53.78 -16.53
N ALA A 56 -16.69 53.10 -16.79
CA ALA A 56 -16.66 51.63 -16.80
C ALA A 56 -16.58 51.02 -15.40
N LEU A 57 -16.24 51.83 -14.39
CA LEU A 57 -16.13 51.30 -13.03
C LEU A 57 -17.49 51.19 -12.34
N ILE A 58 -18.43 52.05 -12.73
CA ILE A 58 -19.74 52.09 -12.08
C ILE A 58 -20.47 50.75 -12.17
N GLY A 59 -20.92 50.25 -11.02
CA GLY A 59 -21.65 48.99 -10.98
C GLY A 59 -20.77 47.76 -10.86
N ARG A 60 -19.47 47.91 -11.09
CA ARG A 60 -18.53 46.81 -10.90
C ARG A 60 -18.44 46.40 -9.43
N ASP A 61 -18.12 45.12 -9.20
CA ASP A 61 -17.88 44.59 -7.86
C ASP A 61 -16.50 45.07 -7.43
N ALA A 62 -16.44 45.91 -6.40
CA ALA A 62 -15.16 46.51 -6.00
C ALA A 62 -14.20 45.46 -5.44
N GLY A 63 -14.74 44.33 -5.01
CA GLY A 63 -13.93 43.26 -4.47
C GLY A 63 -13.12 42.53 -5.51
N ARG A 64 -13.47 42.74 -6.78
N ARG A 64 -13.47 42.73 -6.78
CA ARG A 64 -12.81 42.05 -7.89
CA ARG A 64 -12.81 42.02 -7.87
C ARG A 64 -11.59 42.80 -8.38
C ARG A 64 -11.59 42.80 -8.38
N ILE A 65 -10.56 42.84 -7.55
CA ILE A 65 -9.36 43.61 -7.84
C ILE A 65 -8.60 43.10 -9.06
N GLU A 66 -8.34 41.80 -9.08
CA GLU A 66 -7.57 41.19 -10.17
C GLU A 66 -8.35 41.33 -11.47
N ASP A 67 -9.65 41.06 -11.43
CA ASP A 67 -10.45 41.16 -12.64
C ASP A 67 -10.46 42.58 -13.17
N THR A 68 -10.57 43.56 -12.27
CA THR A 68 -10.57 44.95 -12.70
C THR A 68 -9.23 45.33 -13.31
N TRP A 69 -8.14 44.84 -12.70
CA TRP A 69 -6.80 45.11 -13.22
C TRP A 69 -6.67 44.60 -14.67
N GLN A 70 -6.97 43.33 -14.88
CA GLN A 70 -6.90 42.75 -16.21
C GLN A 70 -7.87 43.43 -17.19
N TYR A 71 -9.06 43.75 -16.70
CA TYR A 71 -10.08 44.42 -17.52
C TYR A 71 -9.53 45.74 -18.05
N LEU A 72 -8.88 46.51 -17.19
CA LEU A 72 -8.35 47.80 -17.62
C LEU A 72 -7.06 47.65 -18.42
N TYR A 73 -6.21 46.71 -18.00
CA TYR A 73 -4.93 46.51 -18.67
C TYR A 73 -5.08 45.93 -20.07
N ARG A 74 -5.80 44.82 -20.18
CA ARG A 74 -6.01 44.21 -21.47
C ARG A 74 -7.08 44.97 -22.26
N GLY A 75 -8.14 45.39 -21.56
CA GLY A 75 -9.27 46.03 -22.20
C GLY A 75 -8.96 47.35 -22.87
N ALA A 76 -7.93 48.05 -22.39
CA ALA A 76 -7.48 49.29 -23.02
C ALA A 76 -7.09 49.07 -24.48
N TYR A 77 -6.69 47.84 -24.78
CA TYR A 77 -6.23 47.41 -26.11
C TYR A 77 -4.81 47.90 -26.41
N TRP A 78 -4.57 49.19 -26.21
CA TRP A 78 -3.24 49.77 -26.28
C TRP A 78 -2.66 49.60 -24.87
N ARG A 79 -1.66 48.72 -24.75
CA ARG A 79 -1.17 48.28 -23.44
C ARG A 79 0.10 48.99 -22.99
N ARG A 80 0.26 49.06 -21.66
CA ARG A 80 1.43 49.69 -21.00
C ARG A 80 1.45 51.18 -21.24
N GLY A 81 2.50 51.83 -20.75
CA GLY A 81 2.64 53.28 -20.91
C GLY A 81 2.43 54.05 -19.62
N PRO A 82 3.05 55.26 -19.52
CA PRO A 82 2.94 55.98 -18.25
C PRO A 82 1.54 56.49 -17.95
N VAL A 83 0.83 57.01 -18.95
CA VAL A 83 -0.51 57.50 -18.67
C VAL A 83 -1.42 56.32 -18.35
N THR A 84 -1.38 55.32 -19.22
CA THR A 84 -2.13 54.08 -19.07
C THR A 84 -1.93 53.42 -17.70
N MET A 85 -0.68 53.16 -17.33
CA MET A 85 -0.41 52.36 -16.13
C MET A 85 -0.64 53.16 -14.84
N THR A 86 -0.52 54.47 -14.93
CA THR A 86 -0.86 55.31 -13.79
C THR A 86 -2.37 55.30 -13.54
N ALA A 87 -3.17 55.36 -14.60
CA ALA A 87 -4.61 55.27 -14.41
C ALA A 87 -4.98 53.95 -13.75
N ILE A 88 -4.37 52.87 -14.23
CA ILE A 88 -4.63 51.53 -13.70
C ILE A 88 -4.18 51.43 -12.25
N ALA A 89 -3.03 52.03 -11.95
CA ALA A 89 -2.49 52.06 -10.60
C ALA A 89 -3.42 52.74 -9.63
N ALA A 90 -4.01 53.86 -10.06
CA ALA A 90 -4.92 54.62 -9.20
C ALA A 90 -6.12 53.75 -8.82
N VAL A 91 -6.70 53.06 -9.81
CA VAL A 91 -7.82 52.15 -9.55
C VAL A 91 -7.40 51.05 -8.59
N ASP A 92 -6.24 50.45 -8.87
CA ASP A 92 -5.78 49.32 -8.08
C ASP A 92 -5.56 49.68 -6.60
N MET A 93 -4.86 50.80 -6.37
CA MET A 93 -4.65 51.29 -5.02
C MET A 93 -5.97 51.55 -4.29
N ALA A 94 -6.94 52.15 -4.97
CA ALA A 94 -8.23 52.42 -4.32
C ALA A 94 -8.96 51.12 -3.99
N LEU A 95 -8.87 50.13 -4.86
CA LEU A 95 -9.52 48.85 -4.60
C LEU A 95 -8.88 48.09 -3.43
N TRP A 96 -7.55 48.12 -3.36
CA TRP A 96 -6.85 47.49 -2.24
C TRP A 96 -7.16 48.20 -0.93
N ASP A 97 -7.34 49.52 -0.99
CA ASP A 97 -7.71 50.32 0.17
C ASP A 97 -9.07 49.81 0.66
N ILE A 98 -10.01 49.67 -0.27
CA ILE A 98 -11.34 49.18 0.05
C ILE A 98 -11.32 47.77 0.62
N LYS A 99 -10.53 46.90 0.00
CA LYS A 99 -10.42 45.51 0.45
C LYS A 99 -9.87 45.44 1.87
N ALA A 100 -8.81 46.20 2.12
CA ALA A 100 -8.21 46.20 3.43
C ALA A 100 -9.17 46.75 4.49
N LYS A 101 -9.93 47.79 4.12
CA LYS A 101 -10.95 48.32 5.02
C LYS A 101 -12.03 47.27 5.31
N ALA A 102 -12.49 46.57 4.28
CA ALA A 102 -13.50 45.54 4.46
C ALA A 102 -12.97 44.43 5.37
N ALA A 103 -11.67 44.15 5.27
CA ALA A 103 -11.05 43.08 6.05
C ALA A 103 -10.79 43.54 7.48
N GLY A 104 -10.91 44.84 7.72
CA GLY A 104 -10.60 45.40 9.02
C GLY A 104 -9.11 45.32 9.37
N MET A 105 -8.26 45.38 8.36
CA MET A 105 -6.81 45.22 8.54
C MET A 105 -6.04 46.33 7.85
N PRO A 106 -4.90 46.73 8.41
CA PRO A 106 -4.00 47.59 7.64
C PRO A 106 -3.48 46.80 6.44
N LEU A 107 -3.18 47.51 5.34
CA LEU A 107 -2.82 46.85 4.09
C LEU A 107 -1.68 45.83 4.24
N TYR A 108 -0.68 46.11 5.07
CA TYR A 108 0.45 45.18 5.15
C TYR A 108 0.02 43.79 5.63
N GLN A 109 -1.01 43.74 6.47
CA GLN A 109 -1.52 42.47 6.95
C GLN A 109 -2.14 41.66 5.82
N LEU A 110 -2.86 42.35 4.94
CA LEU A 110 -3.52 41.72 3.80
C LEU A 110 -2.52 41.11 2.84
N LEU A 111 -1.35 41.75 2.72
CA LEU A 111 -0.34 41.32 1.77
C LEU A 111 0.43 40.10 2.24
N GLY A 112 0.33 39.77 3.53
CA GLY A 112 1.07 38.65 4.07
C GLY A 112 1.75 38.96 5.41
N GLY A 113 1.46 40.13 5.97
CA GLY A 113 1.96 40.48 7.29
C GLY A 113 3.35 41.08 7.27
N LYS A 114 3.83 41.56 8.41
CA LYS A 114 5.10 42.30 8.39
C LYS A 114 6.33 41.41 8.34
N SER A 115 7.32 41.87 7.57
CA SER A 115 8.59 41.17 7.45
C SER A 115 9.66 41.95 8.19
N ARG A 116 9.30 43.14 8.68
CA ARG A 116 10.27 44.01 9.36
C ARG A 116 9.54 44.99 10.27
N GLU A 117 10.27 45.56 11.22
CA GLU A 117 9.67 46.35 12.28
C GLU A 117 9.67 47.83 11.93
N ARG A 118 10.44 48.18 10.92
CA ARG A 118 10.46 49.55 10.39
C ARG A 118 11.13 49.59 9.03
N VAL A 119 11.00 50.72 8.33
CA VAL A 119 11.35 50.83 6.93
C VAL A 119 12.44 51.89 6.74
N MET A 120 13.64 51.45 6.39
CA MET A 120 14.77 52.37 6.28
C MET A 120 14.60 53.31 5.08
N THR A 121 14.95 54.57 5.27
CA THR A 121 14.84 55.55 4.19
C THR A 121 16.18 56.18 3.84
N TYR A 122 16.24 56.90 2.72
CA TYR A 122 17.38 57.79 2.48
C TYR A 122 16.88 59.20 2.26
N ALA A 123 17.74 60.18 2.58
CA ALA A 123 17.40 61.58 2.38
C ALA A 123 18.24 62.20 1.28
N HIS A 124 17.71 63.27 0.69
CA HIS A 124 18.42 64.02 -0.34
C HIS A 124 19.39 65.01 0.28
N CYS A 125 20.67 64.84 -0.02
CA CYS A 125 21.68 65.80 0.38
C CYS A 125 22.25 66.43 -0.87
N THR A 126 22.04 67.74 -1.00
CA THR A 126 22.45 68.45 -2.19
C THR A 126 23.17 69.75 -1.83
N GLY A 127 24.03 70.20 -2.74
CA GLY A 127 24.78 71.43 -2.53
C GLY A 127 25.49 71.89 -3.79
N GLN A 128 25.75 73.19 -3.85
CA GLN A 128 26.45 73.75 -4.98
C GLN A 128 27.87 73.20 -5.05
N THR A 129 28.63 73.36 -3.98
CA THR A 129 29.95 72.78 -3.92
C THR A 129 29.91 71.44 -3.20
N ILE A 130 31.02 70.69 -3.26
CA ILE A 130 31.13 69.47 -2.50
C ILE A 130 30.93 69.79 -1.01
N GLU A 131 31.61 70.85 -0.56
CA GLU A 131 31.49 71.32 0.82
C GLU A 131 30.04 71.59 1.23
N ASP A 132 29.28 72.23 0.35
CA ASP A 132 27.86 72.51 0.62
C ASP A 132 27.08 71.22 0.85
N CYS A 133 27.34 70.23 0.01
CA CYS A 133 26.67 68.95 0.11
C CYS A 133 27.06 68.26 1.40
N LEU A 134 28.33 68.33 1.76
CA LEU A 134 28.82 67.72 2.99
C LEU A 134 28.12 68.28 4.21
N GLY A 135 27.84 69.58 4.20
CA GLY A 135 27.12 70.21 5.29
C GLY A 135 25.74 69.61 5.42
N GLU A 136 25.11 69.32 4.28
CA GLU A 136 23.77 68.74 4.24
C GLU A 136 23.74 67.29 4.72
N VAL A 137 24.78 66.54 4.36
CA VAL A 137 24.96 65.19 4.91
C VAL A 137 25.01 65.22 6.42
N ALA A 138 25.81 66.12 6.99
CA ALA A 138 25.90 66.24 8.45
C ALA A 138 24.53 66.49 9.08
N ARG A 139 23.77 67.39 8.49
CA ARG A 139 22.45 67.74 9.00
C ARG A 139 21.51 66.53 9.03
N HIS A 140 21.50 65.76 7.95
CA HIS A 140 20.59 64.63 7.88
C HIS A 140 21.02 63.45 8.76
N VAL A 141 22.33 63.26 8.91
CA VAL A 141 22.84 62.24 9.81
C VAL A 141 22.40 62.57 11.25
N GLU A 142 22.42 63.87 11.57
CA GLU A 142 21.96 64.33 12.88
C GLU A 142 20.47 64.02 13.08
N LEU A 143 19.71 64.09 11.99
CA LEU A 143 18.29 63.77 12.02
C LEU A 143 18.03 62.27 12.15
N GLY A 144 19.09 61.46 12.02
CA GLY A 144 18.97 60.03 12.22
C GLY A 144 18.93 59.19 10.95
N TYR A 145 19.11 59.84 9.80
CA TYR A 145 19.16 59.12 8.53
C TYR A 145 20.39 58.21 8.47
N ARG A 146 20.20 56.97 8.03
CA ARG A 146 21.27 55.99 7.93
C ARG A 146 21.81 55.97 6.51
N ALA A 147 21.10 56.67 5.62
CA ALA A 147 21.40 56.63 4.20
C ALA A 147 21.14 57.99 3.59
N VAL A 148 22.02 58.41 2.69
CA VAL A 148 21.89 59.71 2.05
C VAL A 148 22.20 59.62 0.56
N ARG A 149 21.39 60.31 -0.22
CA ARG A 149 21.70 60.49 -1.63
C ARG A 149 22.48 61.78 -1.75
N VAL A 150 23.64 61.74 -2.42
CA VAL A 150 24.48 62.92 -2.52
C VAL A 150 24.59 63.44 -3.96
N GLN A 151 24.37 64.74 -4.15
CA GLN A 151 24.50 65.36 -5.45
C GLN A 151 25.20 66.70 -5.25
N SER A 152 26.09 67.07 -6.16
CA SER A 152 26.75 68.38 -6.08
C SER A 152 26.91 69.01 -7.46
N GLY A 153 27.07 70.34 -7.50
CA GLY A 153 27.30 71.03 -8.74
C GLY A 153 28.55 70.53 -9.46
N VAL A 154 28.54 70.60 -10.78
CA VAL A 154 29.73 70.29 -11.55
C VAL A 154 30.40 71.60 -11.94
N PRO A 155 31.65 71.80 -11.49
CA PRO A 155 32.34 73.05 -11.86
C PRO A 155 32.40 73.21 -13.37
N GLY A 156 32.10 74.41 -13.84
CA GLY A 156 32.13 74.69 -15.26
C GLY A 156 30.79 74.47 -15.92
N ILE A 157 29.80 74.10 -15.12
CA ILE A 157 28.44 73.88 -15.60
C ILE A 157 27.40 74.51 -14.68
N GLU A 158 26.59 75.40 -15.24
CA GLU A 158 25.61 76.19 -14.47
C GLU A 158 24.57 75.34 -13.74
N THR A 159 24.09 74.29 -14.40
CA THR A 159 23.00 73.47 -13.85
C THR A 159 23.32 71.98 -13.89
N THR A 160 23.22 71.32 -12.73
CA THR A 160 23.35 69.87 -12.64
C THR A 160 22.14 69.32 -11.90
N TYR A 161 21.75 68.09 -12.22
CA TYR A 161 20.56 67.50 -11.59
C TYR A 161 20.72 67.39 -10.07
N GLY A 162 19.64 67.72 -9.37
CA GLY A 162 19.58 67.50 -7.94
C GLY A 162 20.33 68.57 -7.16
N VAL A 163 20.66 69.67 -7.84
CA VAL A 163 21.29 70.81 -7.20
C VAL A 163 20.54 72.08 -7.59
N ALA A 164 20.28 72.95 -6.62
CA ALA A 164 19.50 74.17 -6.85
C ALA A 164 20.14 75.11 -7.87
N SER A 176 7.21 80.00 -16.77
CA SER A 176 7.53 79.22 -15.58
C SER A 176 6.83 77.87 -15.56
N SER A 177 5.77 77.73 -16.35
CA SER A 177 5.07 76.46 -16.45
C SER A 177 5.66 75.60 -17.57
N LEU A 178 6.56 76.18 -18.35
CA LEU A 178 7.23 75.46 -19.44
C LEU A 178 8.53 74.82 -18.96
N PRO A 179 9.01 73.78 -19.67
CA PRO A 179 10.27 73.13 -19.27
C PRO A 179 11.41 74.13 -19.18
N ALA A 180 12.08 74.14 -18.04
CA ALA A 180 13.30 74.91 -17.89
C ALA A 180 14.37 74.23 -18.73
N GLU A 181 15.34 75.01 -19.20
CA GLU A 181 16.36 74.48 -20.09
C GLU A 181 17.71 74.44 -19.40
N HIS A 182 18.15 73.24 -19.06
CA HIS A 182 19.45 73.03 -18.42
C HIS A 182 20.50 72.66 -19.46
N VAL A 183 21.77 72.89 -19.12
CA VAL A 183 22.90 72.58 -20.00
C VAL A 183 23.77 71.53 -19.32
N TRP A 184 24.34 70.61 -20.12
CA TRP A 184 25.04 69.47 -19.56
C TRP A 184 26.38 69.19 -20.23
N SER A 185 27.37 68.76 -19.43
CA SER A 185 28.62 68.23 -19.95
C SER A 185 28.93 66.90 -19.29
N THR A 186 28.89 65.81 -20.05
CA THR A 186 29.17 64.50 -19.48
C THR A 186 30.60 64.41 -18.96
N GLU A 187 31.54 64.90 -19.75
CA GLU A 187 32.96 64.76 -19.45
C GLU A 187 33.36 65.50 -18.18
N LYS A 188 32.80 66.69 -17.97
CA LYS A 188 33.09 67.43 -16.75
C LYS A 188 32.50 66.70 -15.53
N TYR A 189 31.31 66.15 -15.70
CA TYR A 189 30.66 65.42 -14.63
C TYR A 189 31.43 64.16 -14.25
N LEU A 190 31.89 63.42 -15.26
CA LEU A 190 32.62 62.18 -15.00
C LEU A 190 33.90 62.41 -14.20
N ASN A 191 34.56 63.54 -14.43
CA ASN A 191 35.80 63.82 -13.71
C ASN A 191 35.53 64.35 -12.30
N HIS A 192 34.39 64.99 -12.12
CA HIS A 192 34.06 65.60 -10.83
C HIS A 192 33.39 64.65 -9.82
N ALA A 193 32.42 63.87 -10.30
CA ALA A 193 31.61 63.05 -9.40
C ALA A 193 32.41 62.18 -8.38
N PRO A 194 33.48 61.49 -8.82
CA PRO A 194 34.22 60.68 -7.83
C PRO A 194 34.76 61.50 -6.65
N LYS A 195 35.05 62.78 -6.88
CA LYS A 195 35.56 63.64 -5.82
C LYS A 195 34.52 63.84 -4.72
N LEU A 196 33.25 63.85 -5.11
CA LEU A 196 32.17 64.02 -4.15
C LEU A 196 32.13 62.83 -3.19
N PHE A 197 32.16 61.62 -3.72
CA PHE A 197 32.04 60.44 -2.88
C PHE A 197 33.28 60.24 -2.00
N ALA A 198 34.44 60.60 -2.53
CA ALA A 198 35.67 60.58 -1.73
C ALA A 198 35.54 61.50 -0.53
N ALA A 199 34.96 62.68 -0.75
CA ALA A 199 34.85 63.67 0.33
C ALA A 199 33.82 63.23 1.37
N VAL A 200 32.75 62.58 0.92
CA VAL A 200 31.76 62.04 1.83
C VAL A 200 32.39 60.99 2.74
N ARG A 201 33.17 60.09 2.16
CA ARG A 201 33.79 59.03 2.93
C ARG A 201 34.83 59.58 3.89
N GLU A 202 35.60 60.56 3.43
CA GLU A 202 36.63 61.15 4.27
C GLU A 202 36.02 61.82 5.50
N ARG A 203 34.90 62.52 5.32
CA ARG A 203 34.29 63.21 6.44
C ARG A 203 33.40 62.33 7.33
N PHE A 204 32.64 61.44 6.72
CA PHE A 204 31.60 60.71 7.46
C PHE A 204 31.84 59.23 7.69
N GLY A 205 32.91 58.68 7.13
CA GLY A 205 33.27 57.30 7.41
C GLY A 205 32.52 56.27 6.58
N ASP A 206 32.63 55.00 6.97
CA ASP A 206 32.17 53.88 6.15
C ASP A 206 30.77 53.33 6.47
N ASP A 207 30.24 53.63 7.65
CA ASP A 207 28.96 53.04 8.05
C ASP A 207 27.74 53.66 7.36
N LEU A 208 27.85 54.94 7.01
CA LEU A 208 26.78 55.62 6.30
C LEU A 208 26.54 55.00 4.92
N HIS A 209 25.27 54.77 4.57
CA HIS A 209 24.93 54.36 3.19
C HIS A 209 24.88 55.58 2.28
N VAL A 210 25.62 55.52 1.17
CA VAL A 210 25.71 56.66 0.26
C VAL A 210 25.18 56.31 -1.14
N LEU A 211 24.17 57.06 -1.59
CA LEU A 211 23.52 56.79 -2.88
C LEU A 211 23.80 57.92 -3.87
N HIS A 212 23.78 57.63 -5.16
CA HIS A 212 23.93 58.68 -6.16
C HIS A 212 23.05 58.41 -7.36
N ASP A 213 22.39 59.46 -7.87
CA ASP A 213 21.50 59.36 -9.01
C ASP A 213 22.17 59.99 -10.22
N VAL A 214 22.47 59.17 -11.23
CA VAL A 214 23.13 59.64 -12.44
C VAL A 214 22.12 60.35 -13.35
N HIS A 215 20.84 60.01 -13.18
CA HIS A 215 19.74 60.68 -13.86
C HIS A 215 19.86 60.69 -15.40
N HIS A 216 20.17 59.50 -15.94
CA HIS A 216 20.05 59.18 -17.37
C HIS A 216 21.11 59.73 -18.32
N ARG A 217 22.15 60.39 -17.82
CA ARG A 217 22.95 61.25 -18.70
C ARG A 217 24.12 60.60 -19.43
N LEU A 218 24.44 59.36 -19.04
CA LEU A 218 25.63 58.69 -19.57
C LEU A 218 25.31 57.65 -20.63
N THR A 219 26.32 57.28 -21.42
CA THR A 219 26.25 56.08 -22.25
C THR A 219 26.72 54.89 -21.42
N PRO A 220 26.47 53.67 -21.87
CA PRO A 220 26.87 52.52 -21.05
C PRO A 220 28.37 52.45 -20.69
N ILE A 221 29.27 52.69 -21.64
CA ILE A 221 30.71 52.59 -21.32
C ILE A 221 31.16 53.74 -20.40
N GLU A 222 30.45 54.87 -20.47
CA GLU A 222 30.73 56.00 -19.57
C GLU A 222 30.27 55.66 -18.16
N ALA A 223 29.13 54.99 -18.06
CA ALA A 223 28.61 54.56 -16.76
C ALA A 223 29.50 53.45 -16.18
N ALA A 224 30.06 52.63 -17.05
CA ALA A 224 30.98 51.57 -16.62
C ALA A 224 32.22 52.21 -16.02
N ARG A 225 32.74 53.22 -16.71
CA ARG A 225 33.90 53.95 -16.22
C ARG A 225 33.58 54.58 -14.85
N LEU A 226 32.41 55.20 -14.73
CA LEU A 226 32.05 55.85 -13.47
C LEU A 226 31.92 54.84 -12.34
N GLY A 227 31.22 53.74 -12.64
CA GLY A 227 31.06 52.66 -11.68
C GLY A 227 32.39 52.17 -11.14
N LYS A 228 33.36 51.97 -12.02
CA LYS A 228 34.70 51.54 -11.62
C LYS A 228 35.38 52.59 -10.75
N ALA A 229 35.25 53.86 -11.14
CA ALA A 229 35.89 54.96 -10.42
C ALA A 229 35.35 55.09 -9.00
N VAL A 230 34.11 54.68 -8.77
CA VAL A 230 33.52 54.89 -7.46
C VAL A 230 33.46 53.64 -6.60
N GLU A 231 33.97 52.51 -7.11
CA GLU A 231 34.10 51.28 -6.32
C GLU A 231 34.75 51.48 -4.95
N PRO A 232 35.84 52.27 -4.85
CA PRO A 232 36.48 52.49 -3.55
C PRO A 232 35.57 53.10 -2.49
N TYR A 233 34.48 53.75 -2.91
CA TYR A 233 33.61 54.47 -1.98
C TYR A 233 32.37 53.67 -1.62
N HIS A 234 32.21 52.49 -2.22
CA HIS A 234 31.18 51.52 -1.83
C HIS A 234 29.78 52.11 -1.71
N LEU A 235 29.27 52.58 -2.85
CA LEU A 235 27.97 53.23 -2.89
C LEU A 235 26.87 52.19 -2.67
N PHE A 236 25.79 52.63 -2.04
CA PHE A 236 24.63 51.77 -1.84
C PHE A 236 24.03 51.46 -3.21
N TRP A 237 23.96 52.50 -4.04
CA TRP A 237 23.64 52.30 -5.44
C TRP A 237 24.06 53.46 -6.32
N LEU A 238 24.22 53.15 -7.60
CA LEU A 238 24.39 54.16 -8.63
C LEU A 238 23.14 54.00 -9.48
N GLU A 239 22.35 55.07 -9.56
CA GLU A 239 20.97 55.00 -10.03
C GLU A 239 20.79 55.61 -11.41
N ASP A 240 20.00 54.95 -12.25
CA ASP A 240 19.61 55.50 -13.56
C ASP A 240 20.81 55.94 -14.41
N CYS A 241 21.78 55.04 -14.54
CA CYS A 241 23.01 55.34 -15.28
C CYS A 241 22.76 55.77 -16.72
N VAL A 242 21.86 55.07 -17.40
CA VAL A 242 21.68 55.23 -18.84
C VAL A 242 20.20 55.04 -19.20
N PRO A 243 19.71 55.71 -20.26
CA PRO A 243 18.32 55.43 -20.68
C PRO A 243 18.19 53.96 -21.01
N ALA A 244 17.10 53.34 -20.60
CA ALA A 244 17.04 51.89 -20.62
C ALA A 244 15.79 51.34 -21.31
N GLU A 245 15.25 52.08 -22.26
CA GLU A 245 14.22 51.54 -23.15
C GLU A 245 14.76 50.28 -23.81
N ASN A 246 16.04 50.33 -24.19
CA ASN A 246 16.79 49.15 -24.64
C ASN A 246 17.46 48.60 -23.39
N GLN A 247 16.88 47.53 -22.84
CA GLN A 247 17.36 46.99 -21.57
C GLN A 247 18.80 46.48 -21.64
N GLU A 248 19.26 46.11 -22.84
CA GLU A 248 20.64 45.66 -23.03
C GLU A 248 21.64 46.78 -22.73
N SER A 249 21.16 48.02 -22.63
CA SER A 249 22.03 49.15 -22.29
C SER A 249 22.76 48.94 -20.96
N LEU A 250 22.22 48.09 -20.10
CA LEU A 250 22.87 47.86 -18.80
C LEU A 250 24.03 46.88 -18.86
N ARG A 251 24.11 46.06 -19.91
N ARG A 251 24.09 46.06 -19.92
CA ARG A 251 25.07 44.96 -19.90
CA ARG A 251 25.08 44.98 -20.03
C ARG A 251 26.55 45.35 -19.77
C ARG A 251 26.50 45.44 -19.72
N LEU A 252 26.99 46.38 -20.50
CA LEU A 252 28.37 46.83 -20.41
C LEU A 252 28.70 47.35 -19.03
N ILE A 253 27.73 47.99 -18.38
CA ILE A 253 27.98 48.53 -17.05
C ILE A 253 28.22 47.36 -16.10
N ARG A 254 27.30 46.41 -16.13
CA ARG A 254 27.36 45.25 -15.24
C ARG A 254 28.63 44.42 -15.41
N GLU A 255 29.08 44.28 -16.65
CA GLU A 255 30.26 43.46 -16.92
C GLU A 255 31.56 44.16 -16.50
N HIS A 256 31.49 45.45 -16.19
CA HIS A 256 32.71 46.22 -15.91
C HIS A 256 32.82 46.80 -14.49
N THR A 257 31.76 46.73 -13.69
CA THR A 257 31.86 47.30 -12.35
C THR A 257 31.10 46.48 -11.32
N THR A 258 31.58 46.52 -10.07
CA THR A 258 30.85 45.91 -8.98
C THR A 258 30.11 46.93 -8.11
N THR A 259 30.07 48.18 -8.55
CA THR A 259 29.23 49.17 -7.88
C THR A 259 27.76 48.78 -8.10
N PRO A 260 26.98 48.69 -7.01
CA PRO A 260 25.58 48.24 -7.18
C PRO A 260 24.77 49.22 -8.03
N LEU A 261 23.80 48.70 -8.79
CA LEU A 261 23.06 49.51 -9.75
C LEU A 261 21.56 49.53 -9.45
N ALA A 262 20.97 50.71 -9.57
CA ALA A 262 19.53 50.88 -9.38
C ALA A 262 18.93 51.47 -10.64
N ILE A 263 17.71 51.04 -11.00
CA ILE A 263 17.04 51.66 -12.14
C ILE A 263 15.54 51.49 -12.03
N GLY A 264 14.79 52.37 -12.68
CA GLY A 264 13.39 52.03 -12.95
C GLY A 264 12.30 53.03 -12.62
N GLU A 265 12.66 54.17 -12.03
CA GLU A 265 11.62 55.15 -11.71
C GLU A 265 10.82 55.58 -12.93
N VAL A 266 11.40 55.47 -14.14
CA VAL A 266 10.64 55.86 -15.34
C VAL A 266 9.89 54.71 -15.99
N PHE A 267 9.97 53.51 -15.39
CA PHE A 267 9.27 52.34 -15.96
C PHE A 267 7.82 52.30 -15.47
N ASN A 268 6.97 51.59 -16.19
CA ASN A 268 5.56 51.42 -15.80
C ASN A 268 5.09 49.97 -15.90
N SER A 269 5.94 49.08 -16.41
CA SER A 269 5.50 47.70 -16.64
C SER A 269 6.60 46.70 -16.29
N ILE A 270 6.21 45.51 -15.85
CA ILE A 270 7.18 44.42 -15.68
C ILE A 270 7.94 44.15 -16.99
N HIS A 271 7.34 44.51 -18.12
CA HIS A 271 7.99 44.27 -19.42
C HIS A 271 9.08 45.28 -19.74
N ASP A 272 9.17 46.33 -18.93
CA ASP A 272 10.27 47.30 -19.04
C ASP A 272 11.52 46.80 -18.34
N CYS A 273 11.38 45.77 -17.50
CA CYS A 273 12.49 45.37 -16.63
C CYS A 273 12.66 43.87 -16.44
N ARG A 274 11.84 43.08 -17.11
CA ARG A 274 11.94 41.62 -16.98
C ARG A 274 13.34 41.11 -17.29
N GLU A 275 13.91 41.59 -18.40
N GLU A 275 13.93 41.57 -18.40
CA GLU A 275 15.23 41.18 -18.83
CA GLU A 275 15.28 41.12 -18.76
C GLU A 275 16.36 41.70 -17.91
C GLU A 275 16.38 41.68 -17.87
N LEU A 276 16.24 42.95 -17.47
CA LEU A 276 17.21 43.56 -16.54
C LEU A 276 17.36 42.72 -15.28
N ILE A 277 16.24 42.19 -14.82
CA ILE A 277 16.21 41.38 -13.61
C ILE A 277 16.74 39.98 -13.88
N GLN A 278 16.17 39.31 -14.89
CA GLN A 278 16.52 37.92 -15.16
C GLN A 278 17.98 37.74 -15.57
N ASN A 279 18.58 38.77 -16.16
CA ASN A 279 19.97 38.72 -16.57
C ASN A 279 20.93 39.19 -15.47
N GLN A 280 20.36 39.58 -14.33
CA GLN A 280 21.13 40.09 -13.20
C GLN A 280 21.94 41.32 -13.53
N TRP A 281 21.30 42.28 -14.18
CA TRP A 281 21.96 43.51 -14.59
C TRP A 281 21.73 44.67 -13.62
N ILE A 282 20.85 44.47 -12.62
CA ILE A 282 20.60 45.50 -11.62
C ILE A 282 20.47 44.86 -10.24
N ASP A 283 20.64 45.70 -9.21
CA ASP A 283 20.49 45.28 -7.83
C ASP A 283 19.22 45.79 -7.17
N TYR A 284 18.71 46.92 -7.64
CA TYR A 284 17.49 47.51 -7.07
C TYR A 284 16.53 47.94 -8.17
N ILE A 285 15.25 47.60 -8.01
CA ILE A 285 14.20 48.07 -8.92
C ILE A 285 13.43 49.23 -8.27
N ARG A 286 13.30 50.32 -9.02
CA ARG A 286 12.88 51.62 -8.49
C ARG A 286 11.44 52.00 -8.80
N MET A 287 10.78 51.25 -9.67
CA MET A 287 9.44 51.59 -10.13
C MET A 287 8.47 51.62 -8.94
N PRO A 288 7.72 52.75 -8.75
CA PRO A 288 6.81 52.88 -7.60
C PRO A 288 5.38 52.49 -7.91
N LEU A 289 4.54 52.46 -6.87
CA LEU A 289 3.17 52.01 -7.01
C LEU A 289 2.38 52.83 -8.04
N THR A 290 2.49 54.15 -7.96
CA THR A 290 1.66 55.06 -8.77
C THR A 290 1.86 54.88 -10.26
N HIS A 291 3.08 54.58 -10.65
CA HIS A 291 3.43 54.50 -12.06
C HIS A 291 3.56 53.08 -12.58
N GLY A 292 3.68 52.12 -11.67
CA GLY A 292 3.91 50.75 -12.04
C GLY A 292 2.72 49.83 -11.89
N GLY A 293 1.52 50.39 -12.07
CA GLY A 293 0.30 49.58 -12.06
C GLY A 293 -0.22 49.16 -10.70
N GLY A 294 0.19 49.86 -9.65
CA GLY A 294 -0.34 49.60 -8.32
C GLY A 294 0.22 48.38 -7.59
N ILE A 295 -0.45 48.01 -6.50
CA ILE A 295 -0.07 46.89 -5.65
C ILE A 295 -0.06 45.58 -6.43
N THR A 296 -1.11 45.37 -7.22
CA THR A 296 -1.28 44.12 -7.96
C THR A 296 -0.08 43.82 -8.86
N ALA A 297 0.35 44.82 -9.63
CA ALA A 297 1.47 44.62 -10.55
C ALA A 297 2.83 44.64 -9.82
N MET A 298 2.97 45.53 -8.84
CA MET A 298 4.27 45.66 -8.20
C MET A 298 4.64 44.44 -7.33
N ARG A 299 3.62 43.76 -6.80
CA ARG A 299 3.84 42.51 -6.09
C ARG A 299 4.53 41.54 -7.05
N ARG A 300 4.05 41.49 -8.29
CA ARG A 300 4.62 40.59 -9.30
C ARG A 300 6.06 40.95 -9.70
N VAL A 301 6.34 42.25 -9.81
CA VAL A 301 7.68 42.74 -10.10
C VAL A 301 8.66 42.42 -8.96
N ALA A 302 8.23 42.68 -7.73
CA ALA A 302 9.09 42.41 -6.58
C ALA A 302 9.40 40.91 -6.44
N ASP A 303 8.39 40.07 -6.67
CA ASP A 303 8.57 38.64 -6.60
C ASP A 303 9.55 38.14 -7.68
N LEU A 304 9.44 38.66 -8.91
CA LEU A 304 10.38 38.32 -9.96
C LEU A 304 11.81 38.75 -9.56
N ALA A 305 11.91 39.97 -9.06
CA ALA A 305 13.18 40.50 -8.57
C ALA A 305 13.81 39.58 -7.52
N SER A 306 12.98 39.03 -6.64
CA SER A 306 13.50 38.20 -5.53
C SER A 306 14.21 36.92 -5.99
N LEU A 307 13.83 36.39 -7.16
CA LEU A 307 14.49 35.19 -7.68
C LEU A 307 15.93 35.46 -8.04
N TYR A 308 16.25 36.74 -8.23
CA TYR A 308 17.57 37.13 -8.73
C TYR A 308 18.29 38.04 -7.75
N HIS A 309 17.89 37.99 -6.48
CA HIS A 309 18.54 38.73 -5.39
C HIS A 309 18.36 40.24 -5.53
N VAL A 310 17.46 40.65 -6.42
CA VAL A 310 17.18 42.07 -6.61
C VAL A 310 16.21 42.60 -5.55
N ARG A 311 16.47 43.79 -5.03
CA ARG A 311 15.68 44.35 -3.93
C ARG A 311 14.86 45.55 -4.39
N THR A 312 13.80 45.89 -3.66
CA THR A 312 12.98 47.06 -4.02
C THR A 312 13.61 48.35 -3.49
N GLY A 313 13.57 49.41 -4.29
CA GLY A 313 13.97 50.74 -3.83
C GLY A 313 13.03 51.78 -4.41
N PHE A 314 11.80 51.81 -3.92
CA PHE A 314 10.75 52.64 -4.49
C PHE A 314 11.15 54.10 -4.67
N HIS A 315 10.99 54.61 -5.89
CA HIS A 315 10.98 56.04 -6.15
C HIS A 315 10.01 56.64 -5.12
N GLY A 316 10.45 57.70 -4.45
CA GLY A 316 9.68 58.32 -3.37
C GLY A 316 9.78 59.84 -3.35
N ALA A 317 9.93 60.44 -4.53
CA ALA A 317 10.00 61.90 -4.64
C ALA A 317 8.61 62.51 -4.34
N THR A 318 8.57 63.83 -4.19
CA THR A 318 7.32 64.49 -3.78
C THR A 318 6.22 64.41 -4.82
N ASP A 319 6.56 64.07 -6.06
CA ASP A 319 5.54 63.98 -7.10
C ASP A 319 4.78 62.64 -7.04
N LEU A 320 5.07 61.84 -6.02
CA LEU A 320 4.18 60.75 -5.63
C LEU A 320 3.45 61.21 -4.37
N SER A 321 2.13 61.09 -4.37
CA SER A 321 1.35 61.68 -3.29
C SER A 321 1.44 60.87 -2.01
N PRO A 322 0.97 61.44 -0.89
CA PRO A 322 0.89 60.68 0.37
C PRO A 322 0.10 59.39 0.22
N VAL A 323 -0.79 59.30 -0.76
CA VAL A 323 -1.53 58.07 -0.99
C VAL A 323 -0.57 56.97 -1.44
N CYS A 324 0.31 57.31 -2.39
CA CYS A 324 1.34 56.37 -2.81
C CYS A 324 2.30 56.05 -1.66
N LEU A 325 2.69 57.07 -0.91
CA LEU A 325 3.64 56.88 0.19
C LEU A 325 3.08 55.92 1.24
N GLY A 326 1.84 56.13 1.66
CA GLY A 326 1.22 55.25 2.64
C GLY A 326 1.12 53.82 2.13
N ALA A 327 0.67 53.66 0.90
CA ALA A 327 0.56 52.31 0.34
C ALA A 327 1.94 51.67 0.17
N ALA A 328 2.92 52.49 -0.18
CA ALA A 328 4.28 51.99 -0.35
C ALA A 328 4.88 51.54 0.97
N ILE A 329 4.56 52.27 2.04
CA ILE A 329 5.09 51.89 3.35
C ILE A 329 4.50 50.54 3.79
N HIS A 330 3.22 50.34 3.53
CA HIS A 330 2.60 49.02 3.75
C HIS A 330 3.31 47.92 2.96
N PHE A 331 3.51 48.17 1.66
CA PHE A 331 4.19 47.22 0.76
C PHE A 331 5.60 46.94 1.29
N ASP A 332 6.32 48.01 1.64
CA ASP A 332 7.69 47.91 2.14
C ASP A 332 7.77 47.07 3.41
N THR A 333 6.70 47.13 4.21
CA THR A 333 6.66 46.48 5.51
C THR A 333 6.53 44.96 5.33
N TRP A 334 5.75 44.56 4.33
CA TRP A 334 5.58 43.13 4.01
C TRP A 334 6.67 42.52 3.11
N VAL A 335 7.07 43.22 2.05
CA VAL A 335 7.86 42.58 0.99
C VAL A 335 9.19 41.99 1.50
N PRO A 336 9.44 40.70 1.23
CA PRO A 336 10.68 40.09 1.76
C PRO A 336 11.93 40.82 1.28
N ASN A 337 12.01 41.04 -0.04
CA ASN A 337 13.19 41.63 -0.65
C ASN A 337 13.18 43.17 -0.67
N PHE A 338 12.81 43.77 0.46
CA PHE A 338 12.86 45.23 0.60
C PHE A 338 14.31 45.70 0.60
N GLY A 339 14.58 46.80 -0.08
CA GLY A 339 15.92 47.37 -0.09
C GLY A 339 16.00 48.68 0.68
N ILE A 340 15.26 49.69 0.22
CA ILE A 340 15.24 50.99 0.87
C ILE A 340 14.02 51.76 0.36
N GLN A 341 13.62 52.79 1.10
CA GLN A 341 12.54 53.67 0.66
C GLN A 341 13.05 55.10 0.56
N GLU A 342 12.93 55.68 -0.62
CA GLU A 342 13.27 57.08 -0.81
C GLU A 342 12.34 57.98 0.00
N HIS A 343 12.92 58.96 0.69
CA HIS A 343 12.14 59.93 1.47
C HIS A 343 12.36 61.36 0.99
N MET A 344 11.29 61.98 0.52
CA MET A 344 11.28 63.42 0.25
C MET A 344 10.03 63.94 0.91
N PRO A 345 10.17 64.62 2.06
CA PRO A 345 8.99 65.06 2.82
C PRO A 345 8.09 65.98 2.01
N HIS A 346 6.77 65.76 2.12
CA HIS A 346 5.79 66.64 1.48
C HIS A 346 5.63 67.96 2.25
N THR A 347 4.98 68.95 1.64
CA THR A 347 4.72 70.20 2.33
C THR A 347 3.63 70.02 3.38
N ASP A 348 3.53 70.98 4.31
CA ASP A 348 2.49 70.92 5.32
C ASP A 348 1.10 70.92 4.68
N GLU A 349 0.93 71.75 3.66
CA GLU A 349 -0.35 71.83 2.96
C GLU A 349 -0.74 70.48 2.32
N THR A 350 0.23 69.81 1.72
CA THR A 350 0.00 68.50 1.13
C THR A 350 -0.39 67.50 2.22
N ASP A 351 0.35 67.49 3.32
CA ASP A 351 0.05 66.57 4.42
C ASP A 351 -1.35 66.77 4.96
N ALA A 352 -1.80 68.03 5.06
CA ALA A 352 -3.14 68.33 5.56
C ALA A 352 -4.24 67.84 4.60
N VAL A 353 -4.00 67.98 3.30
CA VAL A 353 -4.94 67.50 2.30
C VAL A 353 -5.07 65.98 2.33
N PHE A 354 -3.99 65.30 2.72
CA PHE A 354 -3.98 63.85 2.75
C PHE A 354 -3.72 63.28 4.16
N PRO A 355 -4.73 63.31 5.04
CA PRO A 355 -4.52 62.73 6.37
C PRO A 355 -4.09 61.26 6.26
N HIS A 356 -3.15 60.86 7.10
CA HIS A 356 -2.54 59.55 6.99
C HIS A 356 -2.01 59.08 8.34
N ASP A 357 -1.72 57.79 8.47
CA ASP A 357 -1.21 57.30 9.74
C ASP A 357 0.17 56.65 9.69
N TYR A 358 0.85 56.71 8.55
CA TYR A 358 2.26 56.31 8.56
C TYR A 358 3.02 57.35 9.37
N ARG A 359 4.16 56.95 9.93
CA ARG A 359 4.94 57.85 10.76
C ARG A 359 6.40 57.77 10.36
N PHE A 360 7.12 58.88 10.53
CA PHE A 360 8.55 58.90 10.28
C PHE A 360 9.27 59.23 11.59
N GLU A 361 10.21 58.37 11.96
CA GLU A 361 10.97 58.56 13.20
C GLU A 361 12.37 58.02 13.02
N ASP A 362 13.37 58.79 13.43
CA ASP A 362 14.74 58.28 13.49
C ASP A 362 15.15 57.61 12.16
N GLY A 363 14.96 58.30 11.04
CA GLY A 363 15.40 57.81 9.75
C GLY A 363 14.55 56.71 9.10
N HIS A 364 13.47 56.30 9.75
CA HIS A 364 12.64 55.19 9.26
C HIS A 364 11.14 55.52 9.23
N PHE A 365 10.42 54.84 8.34
CA PHE A 365 8.96 54.88 8.36
C PHE A 365 8.42 53.73 9.20
N LEU A 366 7.26 53.96 9.78
CA LEU A 366 6.50 52.94 10.48
C LEU A 366 5.14 52.88 9.81
N ALA A 367 4.71 51.68 9.41
CA ALA A 367 3.44 51.53 8.73
C ALA A 367 2.27 51.84 9.67
N GLY A 368 1.18 52.36 9.10
CA GLY A 368 0.00 52.64 9.89
C GLY A 368 -0.70 51.36 10.30
N GLU A 369 -1.58 51.46 11.31
CA GLU A 369 -2.34 50.30 11.78
C GLU A 369 -3.82 50.37 11.47
N SER A 370 -4.29 51.49 10.93
CA SER A 370 -5.71 51.60 10.62
C SER A 370 -6.04 50.80 9.37
N PRO A 371 -7.27 50.27 9.28
CA PRO A 371 -7.67 49.52 8.08
C PRO A 371 -7.52 50.35 6.81
N GLY A 372 -7.11 49.72 5.71
CA GLY A 372 -6.89 50.42 4.46
C GLY A 372 -5.39 50.63 4.27
N HIS A 373 -5.01 51.50 3.35
CA HIS A 373 -3.61 51.91 3.28
C HIS A 373 -3.35 53.04 4.28
N GLY A 374 -4.41 53.49 4.95
CA GLY A 374 -4.27 54.44 6.04
C GLY A 374 -4.24 55.88 5.59
N VAL A 375 -4.42 56.12 4.29
CA VAL A 375 -4.44 57.49 3.80
C VAL A 375 -5.85 57.88 3.33
N ASP A 376 -6.23 59.13 3.59
CA ASP A 376 -7.48 59.67 3.08
C ASP A 376 -7.24 61.00 2.35
N ILE A 377 -8.30 61.56 1.77
CA ILE A 377 -8.22 62.90 1.19
C ILE A 377 -9.33 63.80 1.72
N ASP A 378 -8.97 65.01 2.12
CA ASP A 378 -9.95 65.99 2.55
C ASP A 378 -10.34 66.80 1.32
N GLU A 379 -11.50 66.47 0.75
CA GLU A 379 -11.88 67.04 -0.55
C GLU A 379 -12.10 68.54 -0.47
N GLU A 380 -12.71 69.00 0.62
CA GLU A 380 -12.98 70.42 0.76
C GLU A 380 -11.69 71.22 0.86
N LEU A 381 -10.72 70.67 1.58
CA LEU A 381 -9.40 71.29 1.68
C LEU A 381 -8.67 71.25 0.33
N ALA A 382 -8.76 70.11 -0.37
CA ALA A 382 -8.12 69.98 -1.69
C ALA A 382 -8.62 71.04 -2.65
N ALA A 383 -9.92 71.34 -2.55
CA ALA A 383 -10.55 72.32 -3.44
C ALA A 383 -10.00 73.73 -3.27
N LYS A 384 -9.28 73.99 -2.17
CA LYS A 384 -8.71 75.32 -1.93
C LYS A 384 -7.47 75.59 -2.77
N TYR A 385 -6.93 74.54 -3.40
CA TYR A 385 -5.67 74.65 -4.12
C TYR A 385 -5.84 74.18 -5.57
N PRO A 386 -6.18 75.11 -6.47
CA PRO A 386 -6.41 74.77 -7.88
C PRO A 386 -5.12 74.36 -8.57
N TYR A 387 -5.26 73.45 -9.54
CA TYR A 387 -4.17 73.02 -10.43
C TYR A 387 -3.33 74.18 -10.96
N GLU A 388 -2.01 74.02 -10.95
CA GLU A 388 -1.09 74.99 -11.56
C GLU A 388 -0.13 74.26 -12.47
N ARG A 389 -0.19 74.54 -13.77
CA ARG A 389 0.70 73.84 -14.71
C ARG A 389 2.17 73.98 -14.34
N ALA A 390 2.91 72.87 -14.41
CA ALA A 390 4.34 72.85 -14.16
C ALA A 390 4.96 71.69 -14.89
N SER A 391 5.98 71.97 -15.68
CA SER A 391 6.63 70.93 -16.49
C SER A 391 8.01 70.61 -15.97
N LEU A 392 8.47 69.38 -16.22
CA LEU A 392 9.84 68.98 -15.89
C LEU A 392 10.83 69.65 -16.84
N PRO A 393 12.09 69.79 -16.40
CA PRO A 393 13.08 70.44 -17.25
C PRO A 393 13.51 69.55 -18.43
N VAL A 394 14.13 70.17 -19.44
CA VAL A 394 14.89 69.40 -20.42
C VAL A 394 16.36 69.75 -20.27
N ASN A 395 17.19 68.90 -20.85
CA ASN A 395 18.63 69.02 -20.74
C ASN A 395 19.21 69.11 -22.15
N ARG A 396 20.11 70.06 -22.39
CA ARG A 396 20.78 70.13 -23.70
C ARG A 396 22.29 70.06 -23.50
N LEU A 397 22.99 69.46 -24.46
CA LEU A 397 24.44 69.49 -24.41
C LEU A 397 24.94 70.89 -24.74
N GLU A 398 26.24 71.10 -24.60
CA GLU A 398 26.80 72.42 -24.88
C GLU A 398 26.57 72.89 -26.32
N ASP A 399 26.45 71.97 -27.27
CA ASP A 399 26.18 72.40 -28.65
C ASP A 399 24.69 72.61 -28.96
N GLY A 400 23.83 72.39 -27.98
CA GLY A 400 22.40 72.56 -28.21
C GLY A 400 21.66 71.24 -28.37
N THR A 401 22.39 70.11 -28.42
CA THR A 401 21.74 68.79 -28.61
C THR A 401 20.74 68.47 -27.50
N LEU A 402 19.50 68.16 -27.87
CA LEU A 402 18.49 67.76 -26.87
C LEU A 402 18.89 66.42 -26.24
N TRP A 403 19.25 66.47 -24.96
CA TRP A 403 19.84 65.31 -24.28
C TRP A 403 18.84 64.72 -23.28
N HIS A 404 19.31 63.91 -22.35
CA HIS A 404 18.46 63.27 -21.35
C HIS A 404 18.52 64.10 -20.08
N TRP A 405 17.37 64.46 -19.52
CA TRP A 405 17.36 65.20 -18.26
C TRP A 405 17.30 64.21 -17.09
N LEU B 3 11.38 80.53 -39.14
CA LEU B 3 9.92 80.58 -39.07
C LEU B 3 9.38 79.82 -37.86
N LYS B 4 8.60 80.51 -37.03
CA LYS B 4 8.18 79.99 -35.75
C LYS B 4 6.73 79.54 -35.75
N ILE B 5 6.43 78.60 -34.85
CA ILE B 5 5.06 78.23 -34.56
C ILE B 5 4.34 79.36 -33.80
N ARG B 6 3.24 79.84 -34.37
CA ARG B 6 2.46 80.89 -33.72
C ARG B 6 1.25 80.32 -32.98
N ASP B 7 0.83 79.11 -33.36
CA ASP B 7 -0.39 78.53 -32.80
C ASP B 7 -0.40 77.02 -32.99
N ALA B 8 -1.06 76.33 -32.07
CA ALA B 8 -1.24 74.89 -32.17
C ALA B 8 -2.46 74.55 -31.33
N TYR B 9 -3.30 73.66 -31.84
CA TYR B 9 -4.51 73.29 -31.12
C TYR B 9 -5.10 72.00 -31.66
N THR B 10 -5.94 71.36 -30.86
CA THR B 10 -6.57 70.12 -31.30
C THR B 10 -8.00 70.38 -31.76
N ILE B 11 -8.48 69.52 -32.65
CA ILE B 11 -9.87 69.50 -33.08
C ILE B 11 -10.36 68.11 -32.81
N VAL B 12 -11.52 68.00 -32.17
CA VAL B 12 -12.12 66.71 -31.87
C VAL B 12 -13.45 66.62 -32.58
N THR B 13 -13.64 65.57 -33.37
CA THR B 13 -14.87 65.48 -34.15
C THR B 13 -15.31 64.02 -34.29
N CYS B 14 -16.59 63.79 -34.54
CA CYS B 14 -17.11 62.43 -34.66
C CYS B 14 -18.00 62.23 -35.88
N PRO B 15 -17.42 62.33 -37.10
CA PRO B 15 -18.21 62.09 -38.31
C PRO B 15 -18.32 60.59 -38.62
N GLY B 16 -18.99 59.86 -37.74
CA GLY B 16 -19.11 58.41 -37.90
C GLY B 16 -18.34 57.66 -36.84
N ARG B 17 -17.26 58.26 -36.38
CA ARG B 17 -16.50 57.76 -35.23
C ARG B 17 -15.56 58.87 -34.78
N ASN B 18 -14.96 58.73 -33.61
CA ASN B 18 -14.12 59.80 -33.06
C ASN B 18 -12.76 59.96 -33.73
N PHE B 19 -12.38 61.20 -34.01
CA PHE B 19 -11.02 61.53 -34.45
C PHE B 19 -10.49 62.75 -33.70
N VAL B 20 -9.20 62.71 -33.37
CA VAL B 20 -8.55 63.86 -32.79
C VAL B 20 -7.46 64.29 -33.74
N THR B 21 -7.37 65.58 -34.01
CA THR B 21 -6.40 66.09 -34.96
C THR B 21 -5.63 67.23 -34.31
N LEU B 22 -4.34 67.32 -34.58
CA LEU B 22 -3.58 68.50 -34.15
C LEU B 22 -3.30 69.40 -35.35
N LYS B 23 -3.53 70.69 -35.18
CA LYS B 23 -3.17 71.66 -36.19
C LYS B 23 -2.04 72.55 -35.65
N ILE B 24 -1.00 72.73 -36.47
CA ILE B 24 0.09 73.67 -36.14
C ILE B 24 0.12 74.79 -37.19
N VAL B 25 0.26 76.03 -36.75
CA VAL B 25 0.27 77.20 -37.64
C VAL B 25 1.54 78.05 -37.42
N THR B 26 2.18 78.49 -38.50
CA THR B 26 3.40 79.27 -38.38
C THR B 26 3.14 80.77 -38.51
N GLU B 27 4.17 81.55 -38.25
CA GLU B 27 4.07 83.01 -38.37
C GLU B 27 3.87 83.49 -39.81
N SER B 28 4.18 82.64 -40.78
CA SER B 28 3.95 82.99 -42.18
C SER B 28 2.56 82.53 -42.62
N GLY B 29 1.81 81.94 -41.69
CA GLY B 29 0.45 81.52 -41.95
C GLY B 29 0.32 80.18 -42.65
N THR B 30 1.43 79.45 -42.79
CA THR B 30 1.37 78.09 -43.31
C THR B 30 0.95 77.17 -42.17
N HIS B 31 0.28 76.08 -42.50
CA HIS B 31 -0.17 75.17 -41.46
C HIS B 31 0.03 73.71 -41.84
N GLY B 32 0.01 72.85 -40.83
CA GLY B 32 0.07 71.41 -41.06
C GLY B 32 -0.78 70.70 -40.04
N ILE B 33 -1.20 69.48 -40.35
CA ILE B 33 -2.02 68.74 -39.39
C ILE B 33 -1.51 67.33 -39.18
N GLY B 34 -1.88 66.76 -38.03
CA GLY B 34 -1.42 65.43 -37.67
C GLY B 34 -2.52 64.66 -36.95
N ASP B 35 -2.59 63.36 -37.21
CA ASP B 35 -3.60 62.52 -36.54
C ASP B 35 -3.18 62.25 -35.09
N ALA B 36 -4.12 62.40 -34.16
CA ALA B 36 -3.85 62.10 -32.76
C ALA B 36 -4.87 61.13 -32.18
N THR B 37 -5.51 60.34 -33.06
CA THR B 37 -6.63 59.50 -32.63
C THR B 37 -6.17 58.19 -31.99
N LEU B 38 -6.64 57.93 -30.77
CA LEU B 38 -6.32 56.69 -30.07
C LEU B 38 -7.64 56.05 -29.65
N ASN B 39 -8.08 55.03 -30.40
CA ASN B 39 -9.43 54.49 -30.27
C ASN B 39 -9.78 54.09 -28.85
N GLY B 40 -10.87 54.65 -28.33
CA GLY B 40 -11.36 54.28 -27.01
C GLY B 40 -10.65 54.95 -25.84
N ARG B 41 -9.61 55.73 -26.13
CA ARG B 41 -8.93 56.53 -25.10
C ARG B 41 -8.63 57.94 -25.64
N GLU B 42 -9.51 58.42 -26.52
CA GLU B 42 -9.22 59.63 -27.30
C GLU B 42 -8.96 60.88 -26.47
N MET B 43 -9.67 61.02 -25.36
CA MET B 43 -9.56 62.27 -24.61
C MET B 43 -8.28 62.33 -23.80
N ALA B 44 -7.63 61.20 -23.60
CA ALA B 44 -6.36 61.18 -22.88
C ALA B 44 -5.30 61.86 -23.73
N VAL B 45 -5.29 61.56 -25.02
CA VAL B 45 -4.37 62.21 -25.97
C VAL B 45 -4.71 63.69 -26.15
N ALA B 46 -6.00 64.00 -26.31
CA ALA B 46 -6.45 65.39 -26.39
C ALA B 46 -5.90 66.23 -25.24
N ALA B 47 -6.01 65.70 -24.01
CA ALA B 47 -5.51 66.40 -22.83
C ALA B 47 -3.97 66.47 -22.80
N TYR B 48 -3.32 65.35 -23.14
CA TYR B 48 -1.86 65.32 -23.24
C TYR B 48 -1.37 66.47 -24.14
N LEU B 49 -2.00 66.61 -25.31
CA LEU B 49 -1.66 67.68 -26.23
C LEU B 49 -2.08 69.05 -25.70
N ASP B 50 -3.36 69.19 -25.36
CA ASP B 50 -3.90 70.48 -24.98
C ASP B 50 -3.13 71.12 -23.83
N GLU B 51 -2.91 70.34 -22.78
CA GLU B 51 -2.44 70.88 -21.52
C GLU B 51 -0.93 70.87 -21.39
N HIS B 52 -0.27 69.94 -22.08
CA HIS B 52 1.14 69.68 -21.80
C HIS B 52 2.08 69.88 -22.97
N VAL B 53 1.59 69.65 -24.19
CA VAL B 53 2.45 69.74 -25.37
C VAL B 53 2.25 71.07 -26.09
N VAL B 54 1.00 71.40 -26.39
CA VAL B 54 0.67 72.62 -27.10
C VAL B 54 1.34 73.89 -26.55
N PRO B 55 1.29 74.10 -25.21
CA PRO B 55 1.96 75.32 -24.71
C PRO B 55 3.48 75.37 -25.00
N ALA B 56 4.13 74.20 -25.04
CA ALA B 56 5.57 74.14 -25.33
C ALA B 56 5.91 74.27 -26.81
N LEU B 57 4.92 74.12 -27.69
CA LEU B 57 5.16 74.29 -29.12
C LEU B 57 5.25 75.75 -29.55
N ILE B 58 4.55 76.64 -28.84
CA ILE B 58 4.50 78.05 -29.22
C ILE B 58 5.90 78.65 -29.27
N GLY B 59 6.25 79.25 -30.41
CA GLY B 59 7.54 79.91 -30.53
C GLY B 59 8.67 79.02 -31.00
N ARG B 60 8.44 77.70 -31.07
CA ARG B 60 9.46 76.78 -31.55
C ARG B 60 9.66 76.97 -33.06
N ASP B 61 10.88 76.73 -33.52
CA ASP B 61 11.16 76.74 -34.94
C ASP B 61 10.40 75.55 -35.55
N ALA B 62 9.46 75.83 -36.45
CA ALA B 62 8.67 74.77 -37.07
C ALA B 62 9.54 73.79 -37.88
N GLY B 63 10.64 74.29 -38.43
CA GLY B 63 11.50 73.46 -39.25
C GLY B 63 12.31 72.43 -38.48
N ARG B 64 12.36 72.57 -37.17
N ARG B 64 12.38 72.59 -37.17
CA ARG B 64 13.16 71.68 -36.34
CA ARG B 64 13.16 71.69 -36.33
C ARG B 64 12.40 70.42 -35.94
C ARG B 64 12.38 70.43 -35.95
N ILE B 65 12.08 69.59 -36.94
CA ILE B 65 11.31 68.37 -36.72
C ILE B 65 12.02 67.40 -35.77
N GLU B 66 13.28 67.11 -36.05
CA GLU B 66 14.02 66.17 -35.21
C GLU B 66 14.15 66.68 -33.78
N ASP B 67 14.54 67.95 -33.63
CA ASP B 67 14.72 68.49 -32.30
C ASP B 67 13.40 68.47 -31.52
N THR B 68 12.30 68.78 -32.19
CA THR B 68 10.99 68.76 -31.55
C THR B 68 10.62 67.34 -31.12
N TRP B 69 10.86 66.36 -32.00
CA TRP B 69 10.58 64.95 -31.67
C TRP B 69 11.33 64.53 -30.40
N GLN B 70 12.62 64.82 -30.36
CA GLN B 70 13.44 64.47 -29.20
C GLN B 70 13.02 65.24 -27.94
N TYR B 71 12.77 66.54 -28.10
CA TYR B 71 12.26 67.40 -27.03
C TYR B 71 11.01 66.78 -26.38
N LEU B 72 10.07 66.32 -27.20
CA LEU B 72 8.83 65.77 -26.65
C LEU B 72 9.03 64.35 -26.10
N TYR B 73 9.80 63.54 -26.82
CA TYR B 73 10.05 62.15 -26.43
C TYR B 73 10.89 62.03 -25.15
N ARG B 74 12.07 62.63 -25.16
CA ARG B 74 12.92 62.63 -23.97
C ARG B 74 12.39 63.57 -22.89
N GLY B 75 11.95 64.75 -23.31
CA GLY B 75 11.43 65.75 -22.39
C GLY B 75 10.24 65.35 -21.55
N ALA B 76 9.40 64.45 -22.08
CA ALA B 76 8.28 63.92 -21.30
C ALA B 76 8.73 63.26 -19.99
N TYR B 77 9.98 62.82 -19.98
CA TYR B 77 10.59 62.11 -18.86
C TYR B 77 10.08 60.68 -18.73
N TRP B 78 8.76 60.53 -18.71
CA TRP B 78 8.13 59.23 -18.76
C TRP B 78 7.99 58.89 -20.24
N ARG B 79 8.75 57.89 -20.69
CA ARG B 79 8.92 57.64 -22.13
C ARG B 79 8.06 56.51 -22.65
N ARG B 80 7.69 56.64 -23.93
CA ARG B 80 6.94 55.63 -24.68
C ARG B 80 5.49 55.57 -24.21
N GLY B 81 4.71 54.66 -24.78
CA GLY B 81 3.32 54.49 -24.36
C GLY B 81 2.36 54.98 -25.41
N PRO B 82 1.12 54.45 -25.42
CA PRO B 82 0.17 54.82 -26.47
C PRO B 82 -0.28 56.29 -26.45
N VAL B 83 -0.56 56.83 -25.27
CA VAL B 83 -0.99 58.22 -25.19
C VAL B 83 0.17 59.14 -25.57
N THR B 84 1.31 58.90 -24.94
CA THR B 84 2.55 59.63 -25.20
C THR B 84 2.95 59.65 -26.68
N MET B 85 3.08 58.47 -27.28
CA MET B 85 3.59 58.39 -28.65
C MET B 85 2.59 58.86 -29.70
N THR B 86 1.30 58.80 -29.36
CA THR B 86 0.28 59.36 -30.27
C THR B 86 0.32 60.89 -30.25
N ALA B 87 0.53 61.47 -29.07
CA ALA B 87 0.68 62.92 -29.01
C ALA B 87 1.90 63.35 -29.83
N ILE B 88 3.01 62.65 -29.63
CA ILE B 88 4.24 62.93 -30.38
C ILE B 88 4.04 62.73 -31.90
N ALA B 89 3.33 61.67 -32.28
CA ALA B 89 3.04 61.42 -33.68
C ALA B 89 2.25 62.54 -34.34
N ALA B 90 1.26 63.05 -33.61
CA ALA B 90 0.44 64.14 -34.14
C ALA B 90 1.29 65.38 -34.46
N VAL B 91 2.17 65.74 -33.53
CA VAL B 91 3.09 66.86 -33.76
C VAL B 91 3.98 66.57 -34.96
N ASP B 92 4.52 65.36 -35.02
CA ASP B 92 5.47 65.01 -36.06
C ASP B 92 4.85 65.06 -37.46
N MET B 93 3.67 64.46 -37.61
CA MET B 93 2.95 64.53 -38.88
C MET B 93 2.65 65.98 -39.28
N ALA B 94 2.24 66.83 -38.33
CA ALA B 94 1.94 68.20 -38.69
C ALA B 94 3.21 68.94 -39.14
N LEU B 95 4.33 68.63 -38.50
CA LEU B 95 5.59 69.29 -38.85
C LEU B 95 6.11 68.85 -40.21
N TRP B 96 6.00 67.55 -40.51
CA TRP B 96 6.32 67.05 -41.86
C TRP B 96 5.40 67.65 -42.92
N ASP B 97 4.12 67.81 -42.59
CA ASP B 97 3.16 68.47 -43.48
C ASP B 97 3.65 69.89 -43.84
N ILE B 98 4.02 70.66 -42.81
CA ILE B 98 4.54 72.02 -43.03
C ILE B 98 5.84 72.02 -43.85
N LYS B 99 6.74 71.10 -43.53
CA LYS B 99 8.03 71.01 -44.20
C LYS B 99 7.87 70.72 -45.69
N ALA B 100 7.00 69.76 -46.01
CA ALA B 100 6.73 69.43 -47.40
C ALA B 100 6.10 70.62 -48.13
N LYS B 101 5.14 71.28 -47.49
CA LYS B 101 4.53 72.48 -48.06
C LYS B 101 5.57 73.57 -48.30
N ALA B 102 6.49 73.73 -47.36
CA ALA B 102 7.56 74.72 -47.48
C ALA B 102 8.47 74.39 -48.66
N ALA B 103 8.70 73.10 -48.86
CA ALA B 103 9.51 72.59 -49.96
C ALA B 103 8.79 72.61 -51.31
N GLY B 104 7.50 72.86 -51.31
CA GLY B 104 6.69 72.79 -52.52
C GLY B 104 6.59 71.39 -53.11
N MET B 105 6.62 70.38 -52.25
CA MET B 105 6.62 68.98 -52.68
C MET B 105 5.62 68.12 -51.91
N PRO B 106 5.01 67.14 -52.59
CA PRO B 106 4.25 66.15 -51.82
C PRO B 106 5.21 65.40 -50.91
N LEU B 107 4.71 64.90 -49.78
CA LEU B 107 5.56 64.30 -48.76
C LEU B 107 6.49 63.19 -49.27
N TYR B 108 6.02 62.33 -50.18
CA TYR B 108 6.88 61.23 -50.61
C TYR B 108 8.18 61.72 -51.27
N GLN B 109 8.12 62.89 -51.92
CA GLN B 109 9.32 63.47 -52.50
C GLN B 109 10.37 63.81 -51.45
N LEU B 110 9.92 64.40 -50.34
CA LEU B 110 10.82 64.72 -49.23
C LEU B 110 11.51 63.52 -48.59
N LEU B 111 10.84 62.37 -48.61
CA LEU B 111 11.34 61.20 -47.92
C LEU B 111 12.42 60.47 -48.74
N GLY B 112 12.51 60.83 -50.02
CA GLY B 112 13.45 60.17 -50.90
C GLY B 112 12.86 59.78 -52.25
N GLY B 113 11.63 60.22 -52.50
CA GLY B 113 11.03 60.01 -53.79
C GLY B 113 10.32 58.69 -53.95
N LYS B 114 9.76 58.49 -55.13
CA LYS B 114 8.88 57.37 -55.41
C LYS B 114 9.66 56.06 -55.58
N SER B 115 9.22 55.01 -54.88
CA SER B 115 9.80 53.67 -55.07
C SER B 115 8.86 52.71 -55.80
N ARG B 116 7.61 53.11 -55.97
CA ARG B 116 6.60 52.28 -56.64
C ARG B 116 5.53 53.19 -57.24
N GLU B 117 4.81 52.67 -58.23
CA GLU B 117 3.85 53.46 -58.98
C GLU B 117 2.47 53.46 -58.31
N ARG B 118 2.22 52.48 -57.44
CA ARG B 118 0.99 52.41 -56.67
C ARG B 118 1.17 51.56 -55.43
N VAL B 119 0.19 51.63 -54.53
CA VAL B 119 0.32 51.03 -53.21
C VAL B 119 -0.73 49.92 -53.00
N MET B 120 -0.31 48.65 -53.00
CA MET B 120 -1.28 47.57 -52.91
C MET B 120 -2.00 47.56 -51.56
N THR B 121 -3.32 47.31 -51.59
CA THR B 121 -4.10 47.24 -50.35
C THR B 121 -4.71 45.86 -50.10
N TYR B 122 -5.24 45.66 -48.90
CA TYR B 122 -6.16 44.55 -48.67
C TYR B 122 -7.46 45.03 -48.07
N ALA B 123 -8.55 44.31 -48.37
CA ALA B 123 -9.88 44.64 -47.87
C ALA B 123 -10.32 43.64 -46.80
N HIS B 124 -11.26 44.07 -45.96
CA HIS B 124 -11.86 43.19 -44.96
C HIS B 124 -13.02 42.41 -45.56
N CYS B 125 -12.93 41.09 -45.47
CA CYS B 125 -14.02 40.22 -45.91
C CYS B 125 -14.45 39.40 -44.72
N THR B 126 -15.72 39.51 -44.37
CA THR B 126 -16.19 38.89 -43.16
C THR B 126 -17.62 38.42 -43.30
N GLY B 127 -17.96 37.35 -42.59
CA GLY B 127 -19.31 36.82 -42.63
C GLY B 127 -19.56 35.92 -41.44
N GLN B 128 -20.83 35.65 -41.17
CA GLN B 128 -21.19 34.80 -40.05
C GLN B 128 -20.73 33.37 -40.30
N THR B 129 -21.09 32.83 -41.46
CA THR B 129 -20.61 31.53 -41.88
C THR B 129 -19.49 31.67 -42.90
N ILE B 130 -18.78 30.57 -43.14
CA ILE B 130 -17.75 30.54 -44.16
C ILE B 130 -18.34 31.01 -45.49
N GLU B 131 -19.52 30.49 -45.81
CA GLU B 131 -20.22 30.89 -47.03
C GLU B 131 -20.44 32.40 -47.10
N ASP B 132 -20.84 33.00 -45.99
CA ASP B 132 -21.07 34.45 -45.96
C ASP B 132 -19.77 35.17 -46.29
N CYS B 133 -18.67 34.69 -45.73
CA CYS B 133 -17.37 35.31 -45.95
C CYS B 133 -16.95 35.18 -47.42
N LEU B 134 -17.21 34.01 -48.01
CA LEU B 134 -16.84 33.76 -49.40
C LEU B 134 -17.58 34.72 -50.34
N GLY B 135 -18.82 35.08 -49.99
CA GLY B 135 -19.58 36.04 -50.78
C GLY B 135 -18.91 37.40 -50.75
N GLU B 136 -18.38 37.77 -49.57
CA GLU B 136 -17.65 39.03 -49.43
C GLU B 136 -16.33 39.03 -50.20
N VAL B 137 -15.65 37.90 -50.21
CA VAL B 137 -14.42 37.79 -50.98
C VAL B 137 -14.70 38.01 -52.47
N ALA B 138 -15.70 37.31 -53.00
CA ALA B 138 -16.11 37.49 -54.38
C ALA B 138 -16.37 38.96 -54.67
N ARG B 139 -17.06 39.63 -53.76
CA ARG B 139 -17.43 41.01 -53.98
C ARG B 139 -16.23 41.94 -54.03
N HIS B 140 -15.25 41.69 -53.17
CA HIS B 140 -14.07 42.54 -53.14
C HIS B 140 -13.12 42.28 -54.30
N VAL B 141 -13.03 41.01 -54.70
CA VAL B 141 -12.24 40.64 -55.87
C VAL B 141 -12.79 41.40 -57.09
N GLU B 142 -14.12 41.58 -57.11
CA GLU B 142 -14.75 42.31 -58.20
C GLU B 142 -14.45 43.80 -58.17
N LEU B 143 -14.13 44.31 -56.99
CA LEU B 143 -13.77 45.72 -56.86
C LEU B 143 -12.30 45.94 -57.25
N GLY B 144 -11.57 44.84 -57.44
CA GLY B 144 -10.18 44.93 -57.85
C GLY B 144 -9.14 44.68 -56.77
N TYR B 145 -9.58 44.25 -55.58
CA TYR B 145 -8.63 43.92 -54.52
C TYR B 145 -7.83 42.68 -54.89
N ARG B 146 -6.52 42.75 -54.72
CA ARG B 146 -5.63 41.63 -54.99
C ARG B 146 -5.42 40.84 -53.72
N ALA B 147 -5.89 41.39 -52.60
CA ALA B 147 -5.61 40.83 -51.29
C ALA B 147 -6.82 41.03 -50.40
N VAL B 148 -7.16 40.01 -49.62
CA VAL B 148 -8.30 40.11 -48.73
C VAL B 148 -7.96 39.52 -47.38
N ARG B 149 -8.47 40.17 -46.32
CA ARG B 149 -8.40 39.58 -44.99
C ARG B 149 -9.71 38.86 -44.79
N VAL B 150 -9.65 37.63 -44.31
CA VAL B 150 -10.87 36.86 -44.12
C VAL B 150 -11.10 36.48 -42.65
N GLN B 151 -12.31 36.73 -42.18
CA GLN B 151 -12.71 36.33 -40.83
C GLN B 151 -14.12 35.76 -40.95
N SER B 152 -14.40 34.70 -40.20
CA SER B 152 -15.78 34.23 -40.11
C SER B 152 -16.12 33.75 -38.71
N GLY B 153 -17.41 33.59 -38.43
CA GLY B 153 -17.85 33.19 -37.10
C GLY B 153 -17.40 31.78 -36.75
N VAL B 154 -17.20 31.56 -35.46
CA VAL B 154 -16.90 30.23 -34.94
C VAL B 154 -18.19 29.60 -34.42
N PRO B 155 -18.60 28.46 -35.01
CA PRO B 155 -19.82 27.81 -34.55
C PRO B 155 -19.72 27.40 -33.08
N GLY B 156 -20.77 27.66 -32.31
CA GLY B 156 -20.77 27.34 -30.90
C GLY B 156 -20.37 28.54 -30.05
N ILE B 157 -20.00 29.63 -30.72
CA ILE B 157 -19.60 30.87 -30.05
C ILE B 157 -20.32 32.07 -30.66
N GLU B 158 -20.97 32.86 -29.82
CA GLU B 158 -21.82 33.95 -30.29
C GLU B 158 -21.05 35.11 -30.93
N THR B 159 -19.83 35.36 -30.46
CA THR B 159 -19.07 36.51 -30.92
C THR B 159 -17.60 36.20 -31.25
N THR B 160 -17.21 36.43 -32.50
CA THR B 160 -15.81 36.32 -32.92
C THR B 160 -15.31 37.65 -33.48
N TYR B 161 -14.01 37.89 -33.40
CA TYR B 161 -13.45 39.14 -33.91
C TYR B 161 -13.64 39.31 -35.41
N GLY B 162 -13.99 40.52 -35.82
CA GLY B 162 -14.10 40.87 -37.22
C GLY B 162 -15.42 40.42 -37.81
N SER B 176 -24.33 52.02 -24.30
CA SER B 176 -23.42 51.25 -25.14
C SER B 176 -22.16 52.04 -25.49
N SER B 177 -21.83 53.02 -24.65
CA SER B 177 -20.56 53.72 -24.77
C SER B 177 -19.49 52.95 -24.01
N LEU B 178 -19.93 51.90 -23.34
CA LEU B 178 -19.06 51.05 -22.53
C LEU B 178 -18.60 49.82 -23.31
N PRO B 179 -17.53 49.15 -22.84
CA PRO B 179 -17.04 47.99 -23.59
C PRO B 179 -18.08 46.87 -23.73
N ALA B 180 -18.33 46.47 -24.97
CA ALA B 180 -19.16 45.30 -25.22
C ALA B 180 -18.42 44.10 -24.66
N GLU B 181 -19.16 43.11 -24.18
CA GLU B 181 -18.53 41.91 -23.62
C GLU B 181 -18.76 40.71 -24.54
N HIS B 182 -17.68 40.21 -25.11
CA HIS B 182 -17.73 39.06 -26.00
C HIS B 182 -17.25 37.83 -25.26
N VAL B 183 -17.62 36.66 -25.75
CA VAL B 183 -17.23 35.40 -25.14
C VAL B 183 -16.36 34.62 -26.15
N TRP B 184 -15.37 33.90 -25.64
CA TRP B 184 -14.36 33.32 -26.49
C TRP B 184 -14.05 31.86 -26.15
N SER B 185 -13.89 31.03 -27.19
CA SER B 185 -13.32 29.69 -27.05
C SER B 185 -12.16 29.50 -28.03
N THR B 186 -10.97 29.35 -27.49
CA THR B 186 -9.80 29.14 -28.32
C THR B 186 -9.87 27.82 -29.07
N GLU B 187 -10.26 26.76 -28.37
CA GLU B 187 -10.23 25.42 -28.94
C GLU B 187 -11.20 25.30 -30.13
N LYS B 188 -12.37 25.90 -30.00
CA LYS B 188 -13.33 25.89 -31.10
C LYS B 188 -12.81 26.69 -32.29
N TYR B 189 -12.17 27.82 -32.02
CA TYR B 189 -11.57 28.62 -33.08
C TYR B 189 -10.45 27.88 -33.82
N LEU B 190 -9.60 27.17 -33.08
CA LEU B 190 -8.45 26.51 -33.69
C LEU B 190 -8.88 25.42 -34.65
N ASN B 191 -9.97 24.74 -34.32
CA ASN B 191 -10.50 23.67 -35.15
C ASN B 191 -11.26 24.22 -36.36
N HIS B 192 -11.81 25.40 -36.22
CA HIS B 192 -12.65 25.96 -37.27
C HIS B 192 -11.88 26.75 -38.32
N ALA B 193 -10.97 27.62 -37.87
CA ALA B 193 -10.26 28.54 -38.75
C ALA B 193 -9.63 27.95 -40.03
N PRO B 194 -8.92 26.80 -39.93
CA PRO B 194 -8.38 26.19 -41.17
C PRO B 194 -9.43 25.91 -42.24
N LYS B 195 -10.66 25.59 -41.82
CA LYS B 195 -11.74 25.31 -42.78
C LYS B 195 -12.07 26.55 -43.62
N LEU B 196 -11.99 27.72 -43.01
CA LEU B 196 -12.24 28.97 -43.73
C LEU B 196 -11.24 29.13 -44.87
N PHE B 197 -9.95 29.01 -44.56
CA PHE B 197 -8.90 29.24 -45.56
C PHE B 197 -8.98 28.20 -46.67
N ALA B 198 -9.30 26.97 -46.29
CA ALA B 198 -9.49 25.90 -47.27
C ALA B 198 -10.59 26.26 -48.27
N ALA B 199 -11.69 26.81 -47.75
CA ALA B 199 -12.81 27.19 -48.59
C ALA B 199 -12.46 28.35 -49.49
N VAL B 200 -11.65 29.28 -48.99
CA VAL B 200 -11.26 30.43 -49.78
C VAL B 200 -10.40 29.97 -50.97
N ARG B 201 -9.49 29.04 -50.71
CA ARG B 201 -8.63 28.52 -51.78
C ARG B 201 -9.42 27.68 -52.77
N GLU B 202 -10.35 26.88 -52.26
CA GLU B 202 -11.18 26.04 -53.12
C GLU B 202 -11.97 26.88 -54.13
N ARG B 203 -12.50 28.01 -53.68
CA ARG B 203 -13.36 28.82 -54.55
C ARG B 203 -12.58 29.81 -55.40
N PHE B 204 -11.56 30.42 -54.82
CA PHE B 204 -10.92 31.56 -55.47
C PHE B 204 -9.53 31.30 -56.04
N GLY B 205 -8.96 30.13 -55.76
CA GLY B 205 -7.66 29.77 -56.32
C GLY B 205 -6.46 30.31 -55.57
N ASP B 206 -5.29 30.21 -56.20
CA ASP B 206 -4.03 30.49 -55.52
C ASP B 206 -3.46 31.89 -55.72
N ASP B 207 -3.99 32.66 -56.67
CA ASP B 207 -3.38 33.95 -56.98
C ASP B 207 -3.74 35.06 -56.01
N LEU B 208 -4.92 34.93 -55.42
CA LEU B 208 -5.40 35.87 -54.42
C LEU B 208 -4.52 35.84 -53.16
N HIS B 209 -4.17 37.01 -52.63
CA HIS B 209 -3.44 37.07 -51.36
C HIS B 209 -4.49 37.00 -50.25
N VAL B 210 -4.27 36.10 -49.29
CA VAL B 210 -5.24 35.85 -48.23
C VAL B 210 -4.61 36.07 -46.86
N LEU B 211 -5.20 36.98 -46.09
CA LEU B 211 -4.67 37.38 -44.79
C LEU B 211 -5.65 37.00 -43.68
N HIS B 212 -5.16 36.89 -42.45
CA HIS B 212 -6.03 36.57 -41.33
C HIS B 212 -5.47 37.17 -40.06
N ASP B 213 -6.35 37.73 -39.24
CA ASP B 213 -5.99 38.42 -38.00
C ASP B 213 -6.46 37.57 -36.82
N VAL B 214 -5.50 37.02 -36.08
CA VAL B 214 -5.78 36.18 -34.92
C VAL B 214 -6.26 37.02 -33.75
N HIS B 215 -5.81 38.27 -33.72
CA HIS B 215 -6.33 39.27 -32.78
C HIS B 215 -6.08 38.87 -31.30
N HIS B 216 -4.85 38.41 -31.05
CA HIS B 216 -4.24 38.30 -29.72
C HIS B 216 -4.70 37.12 -28.87
N ARG B 217 -5.50 36.22 -29.43
CA ARG B 217 -6.22 35.28 -28.59
C ARG B 217 -5.51 33.98 -28.22
N LEU B 218 -4.39 33.69 -28.88
CA LEU B 218 -3.70 32.42 -28.72
C LEU B 218 -2.48 32.50 -27.80
N THR B 219 -2.09 31.35 -27.25
CA THR B 219 -0.76 31.21 -26.62
C THR B 219 0.19 30.84 -27.74
N PRO B 220 1.51 30.99 -27.53
CA PRO B 220 2.47 30.66 -28.59
C PRO B 220 2.36 29.24 -29.20
N ILE B 221 2.24 28.19 -28.41
CA ILE B 221 2.17 26.85 -29.02
C ILE B 221 0.85 26.64 -29.77
N GLU B 222 -0.21 27.34 -29.35
CA GLU B 222 -1.47 27.31 -30.07
C GLU B 222 -1.34 27.99 -31.42
N ALA B 223 -0.65 29.12 -31.44
CA ALA B 223 -0.38 29.82 -32.70
C ALA B 223 0.54 29.01 -33.60
N ALA B 224 1.49 28.30 -33.00
CA ALA B 224 2.37 27.41 -33.76
C ALA B 224 1.55 26.33 -34.45
N ARG B 225 0.65 25.71 -33.69
CA ARG B 225 -0.29 24.74 -34.23
C ARG B 225 -1.12 25.32 -35.38
N LEU B 226 -1.66 26.52 -35.19
CA LEU B 226 -2.47 27.15 -36.23
C LEU B 226 -1.66 27.47 -37.49
N GLY B 227 -0.49 28.07 -37.30
CA GLY B 227 0.43 28.33 -38.40
C GLY B 227 0.67 27.10 -39.27
N LYS B 228 1.01 25.99 -38.62
CA LYS B 228 1.28 24.74 -39.33
C LYS B 228 0.05 24.27 -40.08
N ALA B 229 -1.08 24.36 -39.41
CA ALA B 229 -2.33 23.85 -40.00
C ALA B 229 -2.73 24.63 -41.26
N VAL B 230 -2.30 25.89 -41.34
CA VAL B 230 -2.71 26.74 -42.47
C VAL B 230 -1.62 26.92 -43.52
N GLU B 231 -0.47 26.30 -43.31
CA GLU B 231 0.58 26.28 -44.32
C GLU B 231 0.12 25.88 -45.74
N PRO B 232 -0.75 24.85 -45.87
CA PRO B 232 -1.19 24.49 -47.23
C PRO B 232 -1.96 25.61 -47.94
N TYR B 233 -2.47 26.58 -47.20
CA TYR B 233 -3.27 27.63 -47.83
C TYR B 233 -2.45 28.88 -48.15
N HIS B 234 -1.16 28.84 -47.79
CA HIS B 234 -0.21 29.90 -48.13
C HIS B 234 -0.74 31.32 -47.86
N LEU B 235 -1.00 31.62 -46.60
CA LEU B 235 -1.49 32.93 -46.24
C LEU B 235 -0.42 33.99 -46.43
N PHE B 236 -0.86 35.19 -46.78
CA PHE B 236 0.03 36.33 -46.94
C PHE B 236 0.59 36.67 -45.55
N TRP B 237 -0.28 36.62 -44.55
CA TRP B 237 0.17 36.67 -43.16
C TRP B 237 -0.85 36.15 -42.16
N LEU B 238 -0.34 35.77 -41.00
CA LEU B 238 -1.14 35.47 -39.83
C LEU B 238 -0.76 36.58 -38.85
N GLU B 239 -1.74 37.39 -38.47
CA GLU B 239 -1.50 38.65 -37.77
C GLU B 239 -1.81 38.56 -36.27
N ASP B 240 -0.94 39.14 -35.45
CA ASP B 240 -1.19 39.29 -34.01
C ASP B 240 -1.59 37.99 -33.32
N CYS B 241 -0.79 36.95 -33.52
CA CYS B 241 -1.09 35.63 -32.95
C CYS B 241 -1.24 35.65 -31.44
N VAL B 242 -0.34 36.36 -30.77
CA VAL B 242 -0.23 36.29 -29.32
C VAL B 242 0.10 37.68 -28.78
N PRO B 243 -0.32 37.99 -27.54
CA PRO B 243 0.13 39.25 -26.92
C PRO B 243 1.65 39.25 -26.87
N ALA B 244 2.26 40.37 -27.25
CA ALA B 244 3.70 40.40 -27.46
C ALA B 244 4.42 41.46 -26.64
N GLU B 245 3.87 41.84 -25.48
CA GLU B 245 4.66 42.65 -24.55
C GLU B 245 5.97 41.96 -24.24
N ASN B 246 5.88 40.65 -24.07
CA ASN B 246 7.06 39.79 -24.01
C ASN B 246 7.35 39.35 -25.43
N GLN B 247 8.37 39.93 -26.04
CA GLN B 247 8.63 39.70 -27.45
C GLN B 247 9.06 38.28 -27.73
N GLU B 248 9.61 37.62 -26.72
CA GLU B 248 9.99 36.20 -26.84
C GLU B 248 8.76 35.31 -27.13
N SER B 249 7.54 35.84 -26.93
CA SER B 249 6.31 35.09 -27.21
C SER B 249 6.22 34.60 -28.67
N LEU B 250 6.94 35.27 -29.57
CA LEU B 250 6.87 34.91 -30.98
C LEU B 250 7.78 33.74 -31.33
N ARG B 251 8.73 33.39 -30.45
N ARG B 251 8.73 33.41 -30.44
CA ARG B 251 9.78 32.44 -30.80
CA ARG B 251 9.77 32.43 -30.76
C ARG B 251 9.28 31.04 -31.15
C ARG B 251 9.24 31.07 -31.17
N LEU B 252 8.40 30.46 -30.32
CA LEU B 252 7.86 29.14 -30.61
C LEU B 252 7.06 29.09 -31.89
N ILE B 253 6.36 30.17 -32.18
CA ILE B 253 5.57 30.20 -33.41
C ILE B 253 6.55 30.11 -34.56
N ARG B 254 7.60 30.95 -34.51
CA ARG B 254 8.52 31.04 -35.64
C ARG B 254 9.31 29.75 -35.85
N GLU B 255 9.63 29.06 -34.75
CA GLU B 255 10.41 27.83 -34.88
C GLU B 255 9.58 26.65 -35.42
N HIS B 256 8.26 26.80 -35.39
CA HIS B 256 7.38 25.69 -35.75
C HIS B 256 6.59 25.86 -37.06
N THR B 257 6.53 27.06 -37.62
CA THR B 257 5.77 27.25 -38.86
C THR B 257 6.48 28.14 -39.86
N THR B 258 6.15 27.92 -41.14
CA THR B 258 6.60 28.80 -42.21
C THR B 258 5.47 29.71 -42.75
N THR B 259 4.28 29.66 -42.12
CA THR B 259 3.27 30.69 -42.41
C THR B 259 3.82 32.07 -42.01
N PRO B 260 3.79 33.04 -42.94
CA PRO B 260 4.32 34.37 -42.59
C PRO B 260 3.56 35.05 -41.44
N LEU B 261 4.28 35.79 -40.62
CA LEU B 261 3.71 36.37 -39.41
C LEU B 261 3.73 37.88 -39.46
N ALA B 262 2.66 38.50 -38.98
CA ALA B 262 2.61 39.95 -38.87
C ALA B 262 2.22 40.39 -37.46
N ILE B 263 2.77 41.49 -36.99
CA ILE B 263 2.39 41.98 -35.67
C ILE B 263 2.68 43.47 -35.55
N GLY B 264 1.99 44.14 -34.64
CA GLY B 264 2.45 45.46 -34.21
C GLY B 264 1.49 46.63 -34.16
N GLU B 265 0.22 46.41 -34.53
CA GLU B 265 -0.72 47.53 -34.45
C GLU B 265 -0.87 48.08 -33.03
N VAL B 266 -0.61 47.29 -32.01
CA VAL B 266 -0.77 47.81 -30.65
C VAL B 266 0.55 48.37 -30.08
N PHE B 267 1.60 48.35 -30.89
CA PHE B 267 2.90 48.93 -30.46
C PHE B 267 2.96 50.44 -30.69
N ASN B 268 3.84 51.11 -29.94
CA ASN B 268 4.05 52.55 -30.14
C ASN B 268 5.53 52.95 -30.22
N SER B 269 6.43 51.99 -30.07
CA SER B 269 7.86 52.28 -29.99
C SER B 269 8.70 51.25 -30.72
N ILE B 270 9.83 51.67 -31.28
CA ILE B 270 10.80 50.73 -31.83
C ILE B 270 11.24 49.75 -30.75
N HIS B 271 11.14 50.16 -29.47
CA HIS B 271 11.56 49.29 -28.38
C HIS B 271 10.55 48.17 -28.10
N ASP B 272 9.39 48.24 -28.74
CA ASP B 272 8.37 47.21 -28.62
C ASP B 272 8.65 46.08 -29.61
N CYS B 273 9.54 46.32 -30.57
CA CYS B 273 9.70 45.37 -31.68
C CYS B 273 11.14 45.15 -32.18
N ARG B 274 12.11 45.82 -31.57
CA ARG B 274 13.52 45.68 -31.98
C ARG B 274 13.97 44.21 -31.99
N GLU B 275 13.66 43.49 -30.92
CA GLU B 275 14.03 42.08 -30.85
C GLU B 275 13.25 41.19 -31.83
N LEU B 276 11.94 41.46 -31.96
CA LEU B 276 11.09 40.73 -32.91
C LEU B 276 11.73 40.78 -34.29
N ILE B 277 12.17 41.97 -34.67
CA ILE B 277 12.79 42.18 -35.96
C ILE B 277 14.19 41.57 -36.06
N GLN B 278 15.06 41.88 -35.09
CA GLN B 278 16.44 41.43 -35.16
C GLN B 278 16.62 39.92 -35.08
N ASN B 279 15.68 39.24 -34.42
CA ASN B 279 15.72 37.78 -34.29
C ASN B 279 14.97 37.10 -35.42
N GLN B 280 14.50 37.90 -36.37
CA GLN B 280 13.72 37.41 -37.50
C GLN B 280 12.52 36.57 -37.07
N TRP B 281 11.72 37.12 -36.15
CA TRP B 281 10.54 36.44 -35.65
C TRP B 281 9.26 36.84 -36.38
N ILE B 282 9.33 37.89 -37.21
CA ILE B 282 8.15 38.36 -37.93
C ILE B 282 8.50 38.74 -39.35
N ASP B 283 7.50 38.78 -40.23
CA ASP B 283 7.71 39.16 -41.62
C ASP B 283 7.18 40.56 -41.96
N TYR B 284 6.23 41.04 -41.18
CA TYR B 284 5.59 42.35 -41.43
C TYR B 284 5.39 43.09 -40.13
N ILE B 285 5.76 44.36 -40.12
CA ILE B 285 5.56 45.18 -38.92
C ILE B 285 4.35 46.09 -39.17
N ARG B 286 3.44 46.15 -38.19
CA ARG B 286 2.09 46.69 -38.41
C ARG B 286 1.85 48.08 -37.82
N MET B 287 2.77 48.53 -36.97
CA MET B 287 2.63 49.80 -36.28
C MET B 287 2.46 50.96 -37.27
N PRO B 288 1.38 51.75 -37.11
CA PRO B 288 1.08 52.85 -38.03
C PRO B 288 1.62 54.20 -37.55
N LEU B 289 1.53 55.21 -38.41
CA LEU B 289 2.11 56.52 -38.10
C LEU B 289 1.53 57.16 -36.85
N THR B 290 0.21 57.08 -36.68
CA THR B 290 -0.46 57.79 -35.58
C THR B 290 -0.01 57.30 -34.21
N HIS B 291 0.19 56.00 -34.08
CA HIS B 291 0.53 55.43 -32.78
C HIS B 291 2.01 55.17 -32.58
N GLY B 292 2.76 55.15 -33.69
CA GLY B 292 4.17 54.85 -33.64
C GLY B 292 5.10 56.07 -33.70
N GLY B 293 4.63 57.22 -33.21
CA GLY B 293 5.51 58.39 -33.11
C GLY B 293 5.74 59.12 -34.43
N GLY B 294 4.86 58.89 -35.39
CA GLY B 294 4.89 59.65 -36.62
C GLY B 294 5.92 59.19 -37.64
N ILE B 295 6.16 60.05 -38.62
CA ILE B 295 7.07 59.77 -39.73
C ILE B 295 8.52 59.57 -39.27
N THR B 296 8.98 60.46 -38.39
CA THR B 296 10.35 60.44 -37.88
C THR B 296 10.71 59.07 -37.29
N ALA B 297 9.82 58.54 -36.45
CA ALA B 297 10.10 57.27 -35.79
C ALA B 297 9.85 56.07 -36.71
N MET B 298 8.79 56.14 -37.49
CA MET B 298 8.47 55.00 -38.34
C MET B 298 9.48 54.80 -39.46
N ARG B 299 10.15 55.87 -39.88
CA ARG B 299 11.23 55.69 -40.84
C ARG B 299 12.33 54.82 -40.23
N ARG B 300 12.67 55.09 -38.98
CA ARG B 300 13.67 54.28 -38.29
C ARG B 300 13.24 52.83 -38.09
N VAL B 301 11.97 52.63 -37.77
CA VAL B 301 11.44 51.26 -37.62
C VAL B 301 11.47 50.50 -38.97
N ALA B 302 10.98 51.13 -40.02
CA ALA B 302 10.98 50.50 -41.34
C ALA B 302 12.41 50.19 -41.77
N ASP B 303 13.35 51.09 -41.47
CA ASP B 303 14.74 50.87 -41.86
C ASP B 303 15.40 49.71 -41.11
N LEU B 304 15.10 49.59 -39.82
CA LEU B 304 15.59 48.45 -39.04
C LEU B 304 15.00 47.16 -39.62
N ALA B 305 13.71 47.20 -39.94
CA ALA B 305 13.02 46.04 -40.51
C ALA B 305 13.72 45.57 -41.79
N SER B 306 14.13 46.54 -42.61
CA SER B 306 14.73 46.23 -43.90
C SER B 306 16.01 45.38 -43.84
N LEU B 307 16.75 45.49 -42.73
CA LEU B 307 17.99 44.71 -42.59
C LEU B 307 17.69 43.23 -42.45
N TYR B 308 16.46 42.94 -42.10
CA TYR B 308 16.05 41.57 -41.81
C TYR B 308 14.93 41.06 -42.70
N HIS B 309 14.79 41.67 -43.89
CA HIS B 309 13.77 41.29 -44.88
C HIS B 309 12.33 41.52 -44.42
N VAL B 310 12.16 42.23 -43.31
CA VAL B 310 10.84 42.51 -42.77
C VAL B 310 10.22 43.67 -43.55
N ARG B 311 8.94 43.54 -43.91
CA ARG B 311 8.27 44.54 -44.71
C ARG B 311 7.23 45.34 -43.91
N THR B 312 6.84 46.52 -44.38
CA THR B 312 5.81 47.28 -43.70
C THR B 312 4.41 46.79 -44.04
N GLY B 313 3.55 46.75 -43.02
CA GLY B 313 2.15 46.41 -43.23
C GLY B 313 1.29 47.29 -42.34
N PHE B 314 1.27 48.59 -42.59
CA PHE B 314 0.63 49.55 -41.70
C PHE B 314 -0.81 49.16 -41.37
N HIS B 315 -1.12 49.14 -40.07
CA HIS B 315 -2.48 49.15 -39.59
C HIS B 315 -3.24 50.27 -40.30
N GLY B 316 -4.42 49.99 -40.83
CA GLY B 316 -5.16 50.98 -41.62
C GLY B 316 -6.66 50.94 -41.39
N ALA B 317 -7.05 50.58 -40.18
CA ALA B 317 -8.46 50.56 -39.82
C ALA B 317 -9.01 51.99 -39.75
N THR B 318 -10.33 52.11 -39.63
CA THR B 318 -10.98 53.41 -39.68
C THR B 318 -10.64 54.31 -38.50
N ASP B 319 -10.09 53.74 -37.42
CA ASP B 319 -9.78 54.55 -36.24
C ASP B 319 -8.46 55.29 -36.37
N LEU B 320 -7.82 55.17 -37.54
CA LEU B 320 -6.77 56.09 -37.93
C LEU B 320 -7.39 57.02 -38.96
N SER B 321 -7.24 58.33 -38.78
CA SER B 321 -7.99 59.30 -39.59
C SER B 321 -7.40 59.39 -40.99
N PRO B 322 -8.10 60.08 -41.91
CA PRO B 322 -7.55 60.31 -43.26
C PRO B 322 -6.22 61.07 -43.25
N VAL B 323 -5.94 61.79 -42.16
CA VAL B 323 -4.64 62.44 -42.04
C VAL B 323 -3.55 61.37 -41.98
N CYS B 324 -3.75 60.36 -41.13
CA CYS B 324 -2.80 59.24 -41.07
C CYS B 324 -2.74 58.53 -42.42
N LEU B 325 -3.90 58.30 -43.02
CA LEU B 325 -3.95 57.55 -44.28
C LEU B 325 -3.18 58.25 -45.41
N GLY B 326 -3.37 59.55 -45.55
CA GLY B 326 -2.65 60.31 -46.56
C GLY B 326 -1.14 60.25 -46.32
N ALA B 327 -0.74 60.51 -45.08
CA ALA B 327 0.68 60.46 -44.76
C ALA B 327 1.25 59.05 -44.95
N ALA B 328 0.45 58.03 -44.62
CA ALA B 328 0.88 56.65 -44.77
C ALA B 328 1.06 56.30 -46.24
N ILE B 329 0.18 56.83 -47.10
CA ILE B 329 0.28 56.52 -48.52
C ILE B 329 1.57 57.15 -49.09
N HIS B 330 1.89 58.35 -48.63
CA HIS B 330 3.16 58.97 -49.00
C HIS B 330 4.32 58.11 -48.55
N PHE B 331 4.28 57.69 -47.29
CA PHE B 331 5.34 56.87 -46.72
C PHE B 331 5.46 55.57 -47.51
N ASP B 332 4.30 54.94 -47.79
CA ASP B 332 4.24 53.66 -48.51
C ASP B 332 4.82 53.79 -49.91
N THR B 333 4.69 54.98 -50.49
CA THR B 333 5.13 55.22 -51.86
C THR B 333 6.66 55.33 -51.94
N TRP B 334 7.28 55.78 -50.85
CA TRP B 334 8.73 55.93 -50.78
C TRP B 334 9.45 54.67 -50.25
N VAL B 335 8.93 54.10 -49.16
CA VAL B 335 9.70 53.11 -48.39
C VAL B 335 10.08 51.87 -49.24
N PRO B 336 11.37 51.50 -49.25
CA PRO B 336 11.78 50.39 -50.11
C PRO B 336 11.05 49.11 -49.74
N ASN B 337 11.00 48.84 -48.42
CA ASN B 337 10.49 47.56 -47.92
C ASN B 337 9.01 47.60 -47.58
N PHE B 338 8.22 48.20 -48.47
CA PHE B 338 6.77 48.19 -48.36
C PHE B 338 6.25 46.77 -48.56
N GLY B 339 5.29 46.37 -47.73
CA GLY B 339 4.62 45.08 -47.88
C GLY B 339 3.19 45.22 -48.42
N ILE B 340 2.34 45.87 -47.63
CA ILE B 340 0.94 46.06 -48.03
C ILE B 340 0.34 47.18 -47.18
N GLN B 341 -0.75 47.78 -47.62
CA GLN B 341 -1.47 48.80 -46.84
C GLN B 341 -2.89 48.33 -46.56
N GLU B 342 -3.26 48.24 -45.28
CA GLU B 342 -4.64 47.90 -44.91
C GLU B 342 -5.61 48.99 -45.36
N HIS B 343 -6.75 48.57 -45.90
CA HIS B 343 -7.79 49.51 -46.33
C HIS B 343 -9.15 49.22 -45.72
N MET B 344 -9.57 50.07 -44.79
CA MET B 344 -10.96 50.08 -44.34
C MET B 344 -11.47 51.46 -44.70
N PRO B 345 -12.35 51.55 -45.70
CA PRO B 345 -12.82 52.87 -46.17
C PRO B 345 -13.50 53.68 -45.06
N HIS B 346 -13.20 54.97 -44.97
CA HIS B 346 -13.89 55.84 -44.03
C HIS B 346 -15.30 56.18 -44.52
N THR B 347 -16.14 56.68 -43.62
CA THR B 347 -17.46 57.14 -44.02
C THR B 347 -17.37 58.37 -44.92
N ASP B 348 -18.43 58.61 -45.70
CA ASP B 348 -18.51 59.83 -46.51
C ASP B 348 -18.35 61.09 -45.65
N GLU B 349 -18.97 61.09 -44.47
CA GLU B 349 -18.90 62.24 -43.58
C GLU B 349 -17.46 62.48 -43.14
N THR B 350 -16.75 61.39 -42.84
CA THR B 350 -15.33 61.49 -42.46
C THR B 350 -14.50 62.03 -43.62
N ASP B 351 -14.74 61.52 -44.83
CA ASP B 351 -14.01 62.00 -45.99
C ASP B 351 -14.26 63.49 -46.25
N ALA B 352 -15.48 63.95 -45.97
CA ALA B 352 -15.84 65.36 -46.15
C ALA B 352 -15.12 66.26 -45.13
N VAL B 353 -15.00 65.77 -43.90
CA VAL B 353 -14.33 66.54 -42.85
C VAL B 353 -12.83 66.64 -43.14
N PHE B 354 -12.28 65.63 -43.81
CA PHE B 354 -10.86 65.61 -44.14
C PHE B 354 -10.57 65.52 -45.64
N PRO B 355 -10.76 66.63 -46.37
CA PRO B 355 -10.46 66.67 -47.81
C PRO B 355 -9.03 66.22 -48.07
N HIS B 356 -8.83 65.43 -49.13
CA HIS B 356 -7.52 64.86 -49.39
C HIS B 356 -7.33 64.55 -50.87
N ASP B 357 -6.08 64.32 -51.26
CA ASP B 357 -5.80 64.07 -52.68
C ASP B 357 -5.28 62.68 -52.99
N TYR B 358 -5.15 61.81 -52.00
CA TYR B 358 -4.90 60.40 -52.30
C TYR B 358 -6.14 59.79 -52.98
N ARG B 359 -5.90 58.79 -53.84
CA ARG B 359 -6.96 58.16 -54.59
CA ARG B 359 -6.94 58.16 -54.63
C ARG B 359 -6.89 56.64 -54.47
N PHE B 360 -8.05 56.00 -54.54
CA PHE B 360 -8.11 54.54 -54.56
C PHE B 360 -8.57 54.12 -55.93
N GLU B 361 -7.83 53.23 -56.57
CA GLU B 361 -8.18 52.77 -57.90
C GLU B 361 -7.71 51.33 -58.07
N ASP B 362 -8.62 50.47 -58.50
CA ASP B 362 -8.28 49.09 -58.86
C ASP B 362 -7.45 48.39 -57.77
N GLY B 363 -7.92 48.46 -56.53
CA GLY B 363 -7.29 47.75 -55.43
C GLY B 363 -6.04 48.39 -54.83
N HIS B 364 -5.67 49.57 -55.33
CA HIS B 364 -4.43 50.24 -54.90
C HIS B 364 -4.65 51.71 -54.58
N PHE B 365 -3.83 52.25 -53.69
CA PHE B 365 -3.79 53.69 -53.48
C PHE B 365 -2.77 54.34 -54.41
N LEU B 366 -3.05 55.59 -54.74
CA LEU B 366 -2.13 56.45 -55.47
C LEU B 366 -1.87 57.66 -54.59
N ALA B 367 -0.60 58.00 -54.38
CA ALA B 367 -0.26 59.16 -53.53
C ALA B 367 -0.71 60.47 -54.15
N GLY B 368 -1.02 61.43 -53.31
CA GLY B 368 -1.31 62.78 -53.77
C GLY B 368 -0.09 63.47 -54.34
N GLU B 369 -0.32 64.51 -55.13
CA GLU B 369 0.76 65.30 -55.72
C GLU B 369 0.88 66.71 -55.14
N SER B 370 -0.06 67.10 -54.29
CA SER B 370 -0.01 68.45 -53.76
C SER B 370 0.98 68.53 -52.59
N PRO B 371 1.58 69.72 -52.36
CA PRO B 371 2.57 69.84 -51.29
C PRO B 371 1.99 69.49 -49.92
N GLY B 372 2.81 68.89 -49.05
CA GLY B 372 2.34 68.42 -47.76
C GLY B 372 2.00 66.95 -47.86
N HIS B 373 1.30 66.40 -46.86
CA HIS B 373 0.79 65.04 -47.00
C HIS B 373 -0.54 65.01 -47.76
N GLY B 374 -1.03 66.18 -48.16
CA GLY B 374 -2.19 66.27 -49.02
C GLY B 374 -3.54 66.18 -48.34
N VAL B 375 -3.55 66.20 -47.01
CA VAL B 375 -4.79 66.14 -46.25
C VAL B 375 -5.00 67.45 -45.48
N ASP B 376 -6.24 67.90 -45.40
CA ASP B 376 -6.56 69.05 -44.57
C ASP B 376 -7.80 68.74 -43.74
N ILE B 377 -8.19 69.67 -42.89
CA ILE B 377 -9.40 69.47 -42.07
C ILE B 377 -10.35 70.65 -42.24
N ASP B 378 -11.62 70.35 -42.48
CA ASP B 378 -12.62 71.40 -42.60
C ASP B 378 -13.17 71.62 -41.20
N GLU B 379 -12.67 72.66 -40.54
CA GLU B 379 -13.01 72.88 -39.14
C GLU B 379 -14.47 73.23 -38.93
N GLU B 380 -15.06 73.97 -39.86
CA GLU B 380 -16.47 74.30 -39.76
C GLU B 380 -17.33 73.03 -39.82
N LEU B 381 -16.99 72.12 -40.73
CA LEU B 381 -17.74 70.87 -40.81
C LEU B 381 -17.45 69.97 -39.62
N ALA B 382 -16.19 69.90 -39.20
CA ALA B 382 -15.80 69.14 -38.02
C ALA B 382 -16.67 69.49 -36.81
N ALA B 383 -17.01 70.77 -36.67
CA ALA B 383 -17.80 71.24 -35.53
C ALA B 383 -19.24 70.72 -35.54
N LYS B 384 -19.69 70.21 -36.67
CA LYS B 384 -21.06 69.70 -36.76
C LYS B 384 -21.22 68.29 -36.20
N TYR B 385 -20.10 67.67 -35.85
CA TYR B 385 -20.11 66.30 -35.32
C TYR B 385 -19.37 66.25 -33.97
N PRO B 386 -20.11 66.49 -32.88
CA PRO B 386 -19.49 66.45 -31.55
C PRO B 386 -19.01 65.05 -31.17
N TYR B 387 -17.98 65.00 -30.34
CA TYR B 387 -17.47 63.76 -29.78
C TYR B 387 -18.59 62.90 -29.18
N GLU B 388 -18.52 61.59 -29.43
CA GLU B 388 -19.42 60.64 -28.76
C GLU B 388 -18.58 59.49 -28.21
N ARG B 389 -18.64 59.31 -26.90
CA ARG B 389 -17.85 58.26 -26.26
CA ARG B 389 -17.88 58.26 -26.23
C ARG B 389 -18.15 56.89 -26.85
N ALA B 390 -17.10 56.14 -27.14
CA ALA B 390 -17.24 54.77 -27.64
C ALA B 390 -16.00 53.96 -27.26
N SER B 391 -16.23 52.81 -26.64
CA SER B 391 -15.13 51.99 -26.14
C SER B 391 -14.99 50.71 -26.94
N LEU B 392 -13.77 50.19 -26.99
CA LEU B 392 -13.50 48.89 -27.61
C LEU B 392 -14.03 47.75 -26.73
N PRO B 393 -14.33 46.59 -27.35
CA PRO B 393 -14.90 45.49 -26.56
C PRO B 393 -13.86 44.82 -25.67
N VAL B 394 -14.33 44.05 -24.70
CA VAL B 394 -13.49 43.11 -24.01
C VAL B 394 -13.93 41.69 -24.35
N ASN B 395 -13.05 40.75 -24.06
CA ASN B 395 -13.24 39.35 -24.42
C ASN B 395 -13.09 38.56 -23.13
N ARG B 396 -14.05 37.69 -22.84
CA ARG B 396 -13.92 36.77 -21.71
C ARG B 396 -14.01 35.33 -22.18
N LEU B 397 -13.33 34.44 -21.46
CA LEU B 397 -13.48 33.02 -21.75
C LEU B 397 -14.83 32.53 -21.24
N GLU B 398 -15.16 31.29 -21.58
CA GLU B 398 -16.44 30.72 -21.18
C GLU B 398 -16.64 30.67 -19.66
N ASP B 399 -15.54 30.61 -18.89
CA ASP B 399 -15.68 30.63 -17.43
C ASP B 399 -15.72 32.04 -16.82
N GLY B 400 -15.62 33.06 -17.67
CA GLY B 400 -15.65 34.43 -17.21
C GLY B 400 -14.28 35.09 -17.13
N THR B 401 -13.22 34.33 -17.39
CA THR B 401 -11.86 34.89 -17.37
C THR B 401 -11.70 36.07 -18.31
N LEU B 402 -11.25 37.22 -17.79
CA LEU B 402 -10.95 38.36 -18.66
C LEU B 402 -9.76 38.02 -19.56
N TRP B 403 -10.01 37.95 -20.86
CA TRP B 403 -9.01 37.49 -21.82
C TRP B 403 -8.56 38.63 -22.74
N HIS B 404 -7.92 38.29 -23.85
CA HIS B 404 -7.45 39.29 -24.82
C HIS B 404 -8.50 39.45 -25.91
N TRP B 405 -8.88 40.69 -26.21
CA TRP B 405 -9.81 40.93 -27.30
C TRP B 405 -9.06 41.19 -28.59
N SER C 2 -7.50 -25.05 -16.12
CA SER C 2 -6.84 -26.29 -15.76
C SER C 2 -6.22 -26.95 -16.99
N LEU C 3 -4.88 -27.01 -17.02
CA LEU C 3 -4.18 -27.48 -18.21
C LEU C 3 -3.53 -28.85 -18.03
N LYS C 4 -3.22 -29.48 -19.15
CA LYS C 4 -2.61 -30.81 -19.12
C LYS C 4 -1.10 -30.74 -18.90
N ILE C 5 -0.58 -31.77 -18.25
CA ILE C 5 0.85 -31.93 -18.09
C ILE C 5 1.53 -32.34 -19.38
N ARG C 6 2.43 -31.48 -19.86
CA ARG C 6 3.17 -31.74 -21.08
C ARG C 6 4.43 -32.54 -20.77
N ASP C 7 5.09 -32.19 -19.67
CA ASP C 7 6.37 -32.82 -19.34
C ASP C 7 6.57 -32.87 -17.84
N ALA C 8 7.35 -33.85 -17.39
CA ALA C 8 7.70 -33.94 -15.99
C ALA C 8 9.06 -34.62 -15.89
N TYR C 9 9.96 -34.08 -15.06
CA TYR C 9 11.28 -34.67 -14.93
C TYR C 9 11.95 -34.34 -13.60
N THR C 10 12.96 -35.13 -13.26
CA THR C 10 13.71 -34.89 -12.03
C THR C 10 15.01 -34.18 -12.35
N ILE C 11 15.48 -33.40 -11.38
CA ILE C 11 16.78 -32.74 -11.49
C ILE C 11 17.55 -33.14 -10.24
N VAL C 12 18.76 -33.64 -10.42
CA VAL C 12 19.59 -34.05 -9.29
C VAL C 12 20.82 -33.16 -9.22
N THR C 13 21.06 -32.54 -8.07
CA THR C 13 22.16 -31.61 -7.93
C THR C 13 22.76 -31.67 -6.52
N CYS C 14 24.03 -31.26 -6.41
CA CYS C 14 24.71 -31.30 -5.11
C CYS C 14 25.45 -29.99 -4.81
N PRO C 15 24.68 -28.91 -4.57
CA PRO C 15 25.32 -27.62 -4.26
C PRO C 15 25.63 -27.53 -2.78
N GLY C 16 26.47 -28.43 -2.29
CA GLY C 16 26.77 -28.49 -0.87
C GLY C 16 26.35 -29.82 -0.28
N ARG C 17 25.27 -30.36 -0.83
CA ARG C 17 24.75 -31.69 -0.47
C ARG C 17 23.71 -32.06 -1.52
N ASN C 18 23.28 -33.32 -1.56
CA ASN C 18 22.38 -33.77 -2.61
C ASN C 18 20.94 -33.28 -2.46
N PHE C 19 20.37 -32.79 -3.55
CA PHE C 19 18.94 -32.55 -3.60
C PHE C 19 18.35 -33.16 -4.86
N VAL C 20 17.15 -33.69 -4.73
CA VAL C 20 16.40 -34.14 -5.90
C VAL C 20 15.13 -33.30 -5.97
N THR C 21 14.81 -32.84 -7.18
CA THR C 21 13.67 -31.96 -7.40
C THR C 21 12.86 -32.51 -8.56
N LEU C 22 11.53 -32.44 -8.45
CA LEU C 22 10.67 -32.80 -9.58
C LEU C 22 10.10 -31.53 -10.19
N LYS C 23 10.18 -31.41 -11.51
CA LYS C 23 9.56 -30.28 -12.20
C LYS C 23 8.42 -30.78 -13.08
N ILE C 24 7.28 -30.10 -13.02
CA ILE C 24 6.12 -30.43 -13.86
C ILE C 24 5.79 -29.24 -14.74
N VAL C 25 5.71 -29.45 -16.05
CA VAL C 25 5.45 -28.37 -16.99
C VAL C 25 4.14 -28.63 -17.74
N THR C 26 3.24 -27.64 -17.76
CA THR C 26 1.94 -27.80 -18.43
C THR C 26 2.02 -27.47 -19.92
N GLU C 27 0.94 -27.72 -20.63
CA GLU C 27 0.89 -27.46 -22.06
C GLU C 27 1.06 -25.99 -22.40
N SER C 28 0.80 -25.12 -21.43
CA SER C 28 0.88 -23.69 -21.67
C SER C 28 2.25 -23.14 -21.28
N GLY C 29 3.08 -23.97 -20.67
CA GLY C 29 4.41 -23.55 -20.28
C GLY C 29 4.54 -23.23 -18.80
N THR C 30 3.41 -23.07 -18.11
CA THR C 30 3.45 -22.84 -16.67
C THR C 30 4.09 -24.08 -16.04
N HIS C 31 4.81 -23.88 -14.94
CA HIS C 31 5.48 -25.01 -14.30
C HIS C 31 5.50 -24.90 -12.78
N GLY C 32 5.73 -26.04 -12.13
CA GLY C 32 5.85 -26.10 -10.69
C GLY C 32 6.93 -27.09 -10.30
N ILE C 33 7.50 -26.92 -9.12
CA ILE C 33 8.52 -27.85 -8.66
C ILE C 33 8.21 -28.36 -7.27
N GLY C 34 8.76 -29.52 -6.94
CA GLY C 34 8.55 -30.15 -5.65
C GLY C 34 9.82 -30.82 -5.18
N ASP C 35 10.09 -30.72 -3.88
CA ASP C 35 11.23 -31.40 -3.27
C ASP C 35 11.02 -32.92 -3.22
N ALA C 36 12.03 -33.67 -3.63
CA ALA C 36 11.98 -35.12 -3.59
C ALA C 36 13.21 -35.69 -2.90
N THR C 37 13.85 -34.88 -2.06
CA THR C 37 15.11 -35.29 -1.44
C THR C 37 14.89 -36.21 -0.25
N LEU C 38 15.52 -37.39 -0.30
CA LEU C 38 15.49 -38.35 0.79
C LEU C 38 16.94 -38.69 1.17
N ASN C 39 17.42 -38.05 2.23
CA ASN C 39 18.85 -38.09 2.61
C ASN C 39 19.42 -39.50 2.71
N GLY C 40 20.48 -39.76 1.95
CA GLY C 40 21.14 -41.06 2.00
C GLY C 40 20.46 -42.16 1.23
N ARG C 41 19.29 -41.89 0.66
CA ARG C 41 18.60 -42.84 -0.21
C ARG C 41 18.07 -42.12 -1.46
N GLU C 42 18.77 -41.07 -1.87
CA GLU C 42 18.26 -40.14 -2.88
C GLU C 42 17.89 -40.77 -4.21
N MET C 43 18.71 -41.71 -4.66
CA MET C 43 18.50 -42.28 -5.99
C MET C 43 17.33 -43.28 -6.06
N ALA C 44 16.92 -43.81 -4.91
CA ALA C 44 15.73 -44.65 -4.87
C ALA C 44 14.49 -43.83 -5.25
N VAL C 45 14.42 -42.61 -4.76
CA VAL C 45 13.29 -41.73 -5.08
C VAL C 45 13.37 -41.26 -6.53
N ALA C 46 14.58 -40.92 -6.96
CA ALA C 46 14.80 -40.51 -8.34
C ALA C 46 14.30 -41.58 -9.31
N ALA C 47 14.65 -42.83 -9.05
CA ALA C 47 14.21 -43.95 -9.88
C ALA C 47 12.69 -44.15 -9.80
N TYR C 48 12.16 -44.04 -8.59
CA TYR C 48 10.73 -44.21 -8.36
C TYR C 48 9.96 -43.21 -9.23
N LEU C 49 10.42 -41.96 -9.20
CA LEU C 49 9.81 -40.91 -10.03
C LEU C 49 10.07 -41.12 -11.52
N ASP C 50 11.33 -41.24 -11.88
CA ASP C 50 11.74 -41.36 -13.29
C ASP C 50 11.07 -42.51 -14.04
N GLU C 51 11.11 -43.69 -13.42
CA GLU C 51 10.70 -44.89 -14.13
C GLU C 51 9.22 -45.22 -13.93
N HIS C 52 8.64 -44.81 -12.81
CA HIS C 52 7.31 -45.31 -12.46
C HIS C 52 6.23 -44.24 -12.30
N VAL C 53 6.62 -43.01 -11.98
CA VAL C 53 5.62 -41.97 -11.74
C VAL C 53 5.50 -41.00 -12.90
N VAL C 54 6.64 -40.48 -13.35
CA VAL C 54 6.69 -39.53 -14.47
C VAL C 54 5.91 -39.97 -15.73
N PRO C 55 6.10 -41.22 -16.20
CA PRO C 55 5.35 -41.62 -17.40
C PRO C 55 3.84 -41.51 -17.23
N ALA C 56 3.34 -41.75 -16.02
CA ALA C 56 1.91 -41.69 -15.76
C ALA C 56 1.37 -40.27 -15.57
N LEU C 57 2.27 -39.30 -15.39
CA LEU C 57 1.85 -37.91 -15.22
C LEU C 57 1.53 -37.21 -16.55
N ILE C 58 2.19 -37.66 -17.62
CA ILE C 58 2.04 -37.02 -18.93
C ILE C 58 0.59 -37.10 -19.40
N GLY C 59 0.04 -35.95 -19.79
CA GLY C 59 -1.34 -35.88 -20.26
C GLY C 59 -2.38 -35.68 -19.18
N ARG C 60 -1.99 -35.88 -17.91
CA ARG C 60 -2.94 -35.69 -16.81
C ARG C 60 -3.30 -34.22 -16.62
N ASP C 61 -4.49 -33.98 -16.08
CA ASP C 61 -4.95 -32.64 -15.75
C ASP C 61 -4.18 -32.17 -14.51
N ALA C 62 -3.37 -31.13 -14.66
CA ALA C 62 -2.54 -30.67 -13.54
C ALA C 62 -3.37 -30.13 -12.38
N GLY C 63 -4.58 -29.64 -12.68
CA GLY C 63 -5.43 -29.06 -11.66
C GLY C 63 -6.03 -30.09 -10.71
N ARG C 64 -5.96 -31.35 -11.11
N ARG C 64 -5.97 -31.35 -11.10
CA ARG C 64 -6.55 -32.42 -10.31
CA ARG C 64 -6.56 -32.41 -10.29
C ARG C 64 -5.56 -32.94 -9.27
C ARG C 64 -5.56 -32.94 -9.27
N ILE C 65 -5.24 -32.08 -8.31
CA ILE C 65 -4.26 -32.40 -7.28
C ILE C 65 -4.67 -33.61 -6.44
N GLU C 66 -5.89 -33.56 -5.90
CA GLU C 66 -6.40 -34.63 -5.04
C GLU C 66 -6.44 -35.96 -5.78
N ASP C 67 -6.98 -35.94 -7.00
CA ASP C 67 -7.09 -37.17 -7.77
C ASP C 67 -5.70 -37.75 -8.05
N THR C 68 -4.75 -36.89 -8.39
CA THR C 68 -3.38 -37.34 -8.63
C THR C 68 -2.78 -37.97 -7.38
N TRP C 69 -3.01 -37.31 -6.23
CA TRP C 69 -2.50 -37.84 -4.96
C TRP C 69 -3.03 -39.25 -4.67
N GLN C 70 -4.35 -39.43 -4.82
CA GLN C 70 -4.95 -40.73 -4.56
C GLN C 70 -4.47 -41.77 -5.58
N TYR C 71 -4.41 -41.34 -6.84
CA TYR C 71 -3.92 -42.15 -7.94
C TYR C 71 -2.54 -42.72 -7.64
N LEU C 72 -1.63 -41.88 -7.16
CA LEU C 72 -0.28 -42.34 -6.86
C LEU C 72 -0.25 -43.12 -5.55
N TYR C 73 -1.01 -42.68 -4.55
CA TYR C 73 -0.98 -43.32 -3.24
C TYR C 73 -1.63 -44.69 -3.27
N ARG C 74 -2.85 -44.75 -3.79
CA ARG C 74 -3.55 -46.02 -3.85
C ARG C 74 -3.05 -46.84 -5.03
N GLY C 75 -2.79 -46.18 -6.15
CA GLY C 75 -2.38 -46.84 -7.39
C GLY C 75 -1.06 -47.57 -7.29
N ALA C 76 -0.16 -47.10 -6.42
CA ALA C 76 1.12 -47.78 -6.23
C ALA C 76 0.92 -49.21 -5.74
N TYR C 77 -0.24 -49.45 -5.13
CA TYR C 77 -0.59 -50.75 -4.52
C TYR C 77 0.15 -51.03 -3.21
N TRP C 78 1.46 -50.93 -3.25
CA TRP C 78 2.28 -51.01 -2.05
C TRP C 78 2.30 -49.60 -1.44
N ARG C 79 1.63 -49.43 -0.30
CA ARG C 79 1.35 -48.10 0.22
C ARG C 79 2.29 -47.67 1.34
N ARG C 80 2.45 -46.35 1.46
CA ARG C 80 3.24 -45.68 2.48
C ARG C 80 4.72 -45.94 2.23
N GLY C 81 5.56 -45.43 3.14
CA GLY C 81 7.00 -45.67 3.05
C GLY C 81 7.76 -44.43 2.63
N PRO C 82 9.04 -44.33 3.05
CA PRO C 82 9.83 -43.13 2.78
C PRO C 82 10.04 -42.83 1.29
N VAL C 83 10.37 -43.85 0.49
CA VAL C 83 10.59 -43.63 -0.94
C VAL C 83 9.29 -43.26 -1.64
N THR C 84 8.26 -44.06 -1.34
CA THR C 84 6.92 -43.87 -1.88
C THR C 84 6.36 -42.49 -1.58
N MET C 85 6.34 -42.10 -0.30
CA MET C 85 5.67 -40.87 0.09
C MET C 85 6.46 -39.62 -0.29
N THR C 86 7.76 -39.76 -0.48
CA THR C 86 8.59 -38.64 -0.98
C THR C 86 8.32 -38.39 -2.45
N ALA C 87 8.20 -39.47 -3.22
CA ALA C 87 7.88 -39.36 -4.63
C ALA C 87 6.54 -38.64 -4.76
N ILE C 88 5.57 -39.08 -3.97
CA ILE C 88 4.24 -38.49 -3.95
C ILE C 88 4.27 -37.03 -3.49
N ALA C 89 5.07 -36.73 -2.48
CA ALA C 89 5.17 -35.35 -1.98
C ALA C 89 5.70 -34.39 -3.03
N ALA C 90 6.66 -34.87 -3.80
CA ALA C 90 7.30 -34.06 -4.82
C ALA C 90 6.29 -33.66 -5.88
N VAL C 91 5.45 -34.61 -6.28
CA VAL C 91 4.39 -34.35 -7.26
C VAL C 91 3.40 -33.37 -6.67
N ASP C 92 3.02 -33.61 -5.42
CA ASP C 92 2.01 -32.79 -4.77
C ASP C 92 2.47 -31.33 -4.65
N MET C 93 3.69 -31.12 -4.15
CA MET C 93 4.25 -29.78 -4.05
C MET C 93 4.28 -29.07 -5.41
N ALA C 94 4.67 -29.80 -6.46
CA ALA C 94 4.72 -29.20 -7.79
C ALA C 94 3.33 -28.81 -8.29
N LEU C 95 2.32 -29.63 -7.99
CA LEU C 95 0.97 -29.34 -8.43
C LEU C 95 0.34 -28.18 -7.67
N TRP C 96 0.63 -28.07 -6.37
CA TRP C 96 0.17 -26.92 -5.60
C TRP C 96 0.86 -25.64 -6.07
N ASP C 97 2.13 -25.77 -6.46
CA ASP C 97 2.91 -24.66 -6.99
C ASP C 97 2.20 -24.14 -8.24
N ILE C 98 1.88 -25.06 -9.14
CA ILE C 98 1.18 -24.70 -10.38
C ILE C 98 -0.21 -24.10 -10.11
N LYS C 99 -0.93 -24.67 -9.15
CA LYS C 99 -2.27 -24.16 -8.83
C LYS C 99 -2.22 -22.73 -8.27
N ALA C 100 -1.27 -22.47 -7.39
CA ALA C 100 -1.15 -21.14 -6.81
C ALA C 100 -0.77 -20.14 -7.89
N LYS C 101 0.12 -20.53 -8.78
CA LYS C 101 0.51 -19.65 -9.88
C LYS C 101 -0.70 -19.36 -10.77
N ALA C 102 -1.51 -20.38 -11.04
CA ALA C 102 -2.68 -20.20 -11.90
C ALA C 102 -3.71 -19.28 -11.24
N ALA C 103 -3.76 -19.34 -9.91
CA ALA C 103 -4.68 -18.52 -9.13
C ALA C 103 -4.13 -17.11 -8.96
N GLY C 104 -2.86 -16.92 -9.29
CA GLY C 104 -2.20 -15.63 -9.12
C GLY C 104 -1.99 -15.26 -7.67
N MET C 105 -1.76 -16.26 -6.82
CA MET C 105 -1.66 -16.07 -5.37
C MET C 105 -0.47 -16.82 -4.81
N PRO C 106 0.16 -16.26 -3.78
CA PRO C 106 1.13 -17.04 -3.00
C PRO C 106 0.40 -18.21 -2.34
N LEU C 107 1.10 -19.32 -2.14
CA LEU C 107 0.45 -20.53 -1.64
C LEU C 107 -0.35 -20.34 -0.34
N TYR C 108 0.13 -19.51 0.58
CA TYR C 108 -0.56 -19.37 1.85
C TYR C 108 -2.00 -18.82 1.68
N GLN C 109 -2.22 -18.04 0.63
CA GLN C 109 -3.55 -17.51 0.36
C GLN C 109 -4.49 -18.60 -0.11
N LEU C 110 -3.97 -19.53 -0.91
CA LEU C 110 -4.76 -20.65 -1.44
C LEU C 110 -5.22 -21.60 -0.33
N LEU C 111 -4.39 -21.72 0.70
CA LEU C 111 -4.65 -22.62 1.80
C LEU C 111 -5.68 -22.09 2.79
N GLY C 112 -5.96 -20.79 2.71
CA GLY C 112 -6.92 -20.18 3.62
C GLY C 112 -6.46 -18.84 4.19
N GLY C 113 -5.36 -18.31 3.68
CA GLY C 113 -4.87 -17.03 4.14
C GLY C 113 -3.99 -17.11 5.38
N LYS C 114 -3.39 -15.98 5.75
CA LYS C 114 -2.43 -16.01 6.86
C LYS C 114 -3.09 -15.98 8.23
N SER C 115 -2.50 -16.79 9.12
CA SER C 115 -2.94 -16.88 10.50
C SER C 115 -1.99 -16.15 11.42
N ARG C 116 -0.85 -15.74 10.88
CA ARG C 116 0.20 -15.05 11.66
C ARG C 116 1.04 -14.16 10.76
N GLU C 117 1.70 -13.16 11.36
CA GLU C 117 2.47 -12.18 10.60
C GLU C 117 3.91 -12.62 10.37
N ARG C 118 4.34 -13.64 11.09
CA ARG C 118 5.69 -14.18 10.98
C ARG C 118 5.77 -15.59 11.55
N VAL C 119 6.86 -16.29 11.25
CA VAL C 119 6.99 -17.71 11.57
C VAL C 119 8.22 -17.95 12.44
N MET C 120 8.00 -18.26 13.72
CA MET C 120 9.12 -18.41 14.64
C MET C 120 9.98 -19.62 14.30
N THR C 121 11.29 -19.45 14.40
CA THR C 121 12.23 -20.54 14.12
C THR C 121 13.07 -20.90 15.33
N TYR C 122 13.77 -22.04 15.23
CA TYR C 122 14.84 -22.32 16.17
C TYR C 122 16.11 -22.65 15.42
N ALA C 123 17.24 -22.34 16.04
CA ALA C 123 18.55 -22.59 15.45
C ALA C 123 19.27 -23.69 16.21
N HIS C 124 20.23 -24.33 15.55
CA HIS C 124 21.05 -25.36 16.18
C HIS C 124 22.25 -24.78 16.91
N CYS C 125 22.40 -25.14 18.18
CA CYS C 125 23.58 -24.75 18.93
C CYS C 125 24.27 -26.00 19.43
N THR C 126 25.53 -26.16 19.03
CA THR C 126 26.25 -27.37 19.36
C THR C 126 27.66 -27.06 19.79
N GLY C 127 28.27 -27.98 20.52
CA GLY C 127 29.62 -27.78 21.00
C GLY C 127 30.13 -29.04 21.67
N GLN C 128 31.44 -29.17 21.75
CA GLN C 128 32.05 -30.36 22.33
C GLN C 128 31.74 -30.45 23.82
N THR C 129 32.05 -29.37 24.53
CA THR C 129 31.74 -29.27 25.93
C THR C 129 30.48 -28.44 26.08
N ILE C 130 29.92 -28.44 27.29
CA ILE C 130 28.79 -27.58 27.61
C ILE C 130 29.17 -26.13 27.35
N GLU C 131 30.39 -25.78 27.75
CA GLU C 131 30.90 -24.44 27.56
C GLU C 131 30.86 -24.00 26.08
N ASP C 132 31.33 -24.86 25.20
CA ASP C 132 31.30 -24.59 23.76
C ASP C 132 29.86 -24.32 23.31
N CYS C 133 28.94 -25.16 23.77
CA CYS C 133 27.53 -25.00 23.41
C CYS C 133 26.98 -23.67 23.91
N LEU C 134 27.37 -23.26 25.12
CA LEU C 134 26.91 -21.99 25.65
C LEU C 134 27.39 -20.82 24.80
N GLY C 135 28.60 -20.93 24.25
CA GLY C 135 29.12 -19.94 23.33
C GLY C 135 28.26 -19.86 22.06
N GLU C 136 27.84 -21.03 21.57
CA GLU C 136 26.98 -21.06 20.39
C GLU C 136 25.57 -20.51 20.66
N VAL C 137 25.04 -20.76 21.85
CA VAL C 137 23.76 -20.16 22.23
C VAL C 137 23.86 -18.63 22.18
N ALA C 138 24.83 -18.07 22.90
CA ALA C 138 25.03 -16.62 22.92
C ALA C 138 25.07 -16.03 21.52
N ARG C 139 25.76 -16.71 20.62
CA ARG C 139 25.93 -16.22 19.27
C ARG C 139 24.57 -16.13 18.57
N HIS C 140 23.81 -17.22 18.60
CA HIS C 140 22.51 -17.27 17.93
C HIS C 140 21.48 -16.32 18.54
N VAL C 141 21.58 -16.08 19.84
CA VAL C 141 20.72 -15.12 20.51
C VAL C 141 21.00 -13.71 19.95
N GLU C 142 22.27 -13.45 19.65
CA GLU C 142 22.65 -12.17 19.07
C GLU C 142 22.16 -12.07 17.62
N LEU C 143 22.03 -13.23 16.96
CA LEU C 143 21.48 -13.28 15.60
C LEU C 143 19.96 -13.14 15.60
N GLY C 144 19.37 -13.03 16.79
CA GLY C 144 17.95 -12.78 16.93
C GLY C 144 17.03 -14.00 17.13
N TYR C 145 17.61 -15.19 17.30
CA TYR C 145 16.78 -16.37 17.49
C TYR C 145 16.11 -16.36 18.86
N ARG C 146 14.83 -16.71 18.89
CA ARG C 146 14.06 -16.72 20.12
C ARG C 146 14.12 -18.12 20.71
N ALA C 147 14.63 -19.06 19.92
CA ALA C 147 14.63 -20.48 20.29
C ALA C 147 15.89 -21.15 19.78
N VAL C 148 16.45 -22.03 20.59
CA VAL C 148 17.66 -22.74 20.22
C VAL C 148 17.53 -24.21 20.59
N ARG C 149 18.03 -25.06 19.71
CA ARG C 149 18.19 -26.46 20.05
C ARG C 149 19.62 -26.64 20.58
N VAL C 150 19.77 -27.32 21.71
CA VAL C 150 21.10 -27.46 22.29
C VAL C 150 21.56 -28.91 22.37
N GLN C 151 22.79 -29.15 21.91
CA GLN C 151 23.38 -30.47 21.98
C GLN C 151 24.84 -30.28 22.39
N SER C 152 25.37 -31.19 23.21
CA SER C 152 26.78 -31.14 23.55
C SER C 152 27.33 -32.55 23.70
N GLY C 153 28.65 -32.67 23.62
CA GLY C 153 29.28 -33.97 23.68
C GLY C 153 29.08 -34.61 25.03
N VAL C 154 29.12 -35.94 25.06
CA VAL C 154 29.05 -36.69 26.30
C VAL C 154 30.48 -37.07 26.66
N PRO C 155 30.96 -36.65 27.85
CA PRO C 155 32.32 -37.00 28.25
C PRO C 155 32.49 -38.51 28.34
N GLY C 156 33.63 -39.01 27.85
CA GLY C 156 33.88 -40.44 27.85
C GLY C 156 33.44 -41.13 26.57
N ILE C 157 32.66 -40.42 25.76
CA ILE C 157 32.22 -40.94 24.47
C ILE C 157 32.67 -39.98 23.38
N GLU C 158 33.34 -40.50 22.36
CA GLU C 158 33.96 -39.63 21.36
C GLU C 158 32.94 -38.90 20.48
N THR C 159 31.85 -39.59 20.11
CA THR C 159 30.89 -39.03 19.17
C THR C 159 29.43 -39.14 19.64
N THR C 160 28.76 -37.98 19.70
CA THR C 160 27.34 -37.95 20.05
C THR C 160 26.58 -37.16 18.99
N TYR C 161 25.28 -37.40 18.88
CA TYR C 161 24.47 -36.74 17.86
C TYR C 161 24.51 -35.22 17.98
N GLY C 162 24.67 -34.56 16.84
CA GLY C 162 24.57 -33.11 16.77
C GLY C 162 25.79 -32.43 17.32
N VAL C 163 26.89 -33.17 17.46
CA VAL C 163 28.17 -32.57 17.88
C VAL C 163 29.29 -32.99 16.95
N ALA C 164 30.11 -32.02 16.52
CA ALA C 164 31.18 -32.27 15.56
C ALA C 164 32.16 -33.34 16.04
N SER C 176 30.41 -38.37 4.23
CA SER C 176 31.20 -39.54 3.85
C SER C 176 30.41 -40.46 2.93
N SER C 177 31.12 -41.18 2.05
CA SER C 177 30.45 -42.08 1.12
C SER C 177 29.68 -43.18 1.88
N LEU C 178 30.43 -44.03 2.59
CA LEU C 178 29.85 -45.10 3.42
C LEU C 178 29.39 -44.55 4.76
N PRO C 179 28.47 -45.27 5.43
CA PRO C 179 27.99 -44.78 6.73
C PRO C 179 29.12 -44.70 7.76
N ALA C 180 29.27 -43.54 8.38
CA ALA C 180 30.24 -43.38 9.46
C ALA C 180 29.74 -44.19 10.65
N GLU C 181 30.68 -44.69 11.45
CA GLU C 181 30.33 -45.54 12.58
C GLU C 181 30.54 -44.77 13.87
N HIS C 182 29.45 -44.44 14.55
CA HIS C 182 29.51 -43.74 15.83
C HIS C 182 29.34 -44.73 16.98
N VAL C 183 29.79 -44.34 18.16
CA VAL C 183 29.68 -45.17 19.35
C VAL C 183 28.84 -44.46 20.39
N TRP C 184 28.06 -45.22 21.14
CA TRP C 184 27.07 -44.63 22.04
C TRP C 184 27.00 -45.31 23.39
N SER C 185 26.78 -44.50 24.43
CA SER C 185 26.48 -45.00 25.77
C SER C 185 25.26 -44.29 26.30
N THR C 186 24.18 -45.02 26.51
CA THR C 186 22.96 -44.40 27.01
C THR C 186 23.16 -43.86 28.42
N GLU C 187 23.78 -44.66 29.28
CA GLU C 187 23.92 -44.32 30.69
C GLU C 187 24.74 -43.04 30.92
N LYS C 188 25.81 -42.88 30.16
CA LYS C 188 26.63 -41.66 30.24
C LYS C 188 25.84 -40.43 29.77
N TYR C 189 25.08 -40.58 28.69
CA TYR C 189 24.27 -39.49 28.18
C TYR C 189 23.19 -39.06 29.18
N LEU C 190 22.52 -40.03 29.79
CA LEU C 190 21.43 -39.72 30.73
C LEU C 190 21.91 -38.91 31.94
N ASN C 191 23.11 -39.19 32.40
CA ASN C 191 23.67 -38.47 33.54
C ASN C 191 24.16 -37.08 33.16
N HIS C 192 24.52 -36.91 31.91
CA HIS C 192 25.16 -35.67 31.49
C HIS C 192 24.18 -34.64 30.97
N ALA C 193 23.23 -35.09 30.15
CA ALA C 193 22.31 -34.18 29.47
C ALA C 193 21.61 -33.13 30.35
N PRO C 194 21.11 -33.52 31.54
CA PRO C 194 20.47 -32.49 32.37
C PRO C 194 21.40 -31.33 32.74
N LYS C 195 22.71 -31.60 32.80
CA LYS C 195 23.69 -30.58 33.14
C LYS C 195 23.80 -29.52 32.05
N LEU C 196 23.57 -29.93 30.81
CA LEU C 196 23.57 -29.00 29.69
C LEU C 196 22.46 -27.98 29.87
N PHE C 197 21.25 -28.46 30.11
CA PHE C 197 20.09 -27.56 30.20
C PHE C 197 20.15 -26.67 31.44
N ALA C 198 20.68 -27.21 32.53
CA ALA C 198 20.91 -26.41 33.73
C ALA C 198 21.84 -25.24 33.43
N ALA C 199 22.88 -25.50 32.65
CA ALA C 199 23.87 -24.48 32.34
C ALA C 199 23.28 -23.44 31.38
N VAL C 200 22.44 -23.89 30.47
CA VAL C 200 21.77 -22.97 29.54
C VAL C 200 20.87 -22.01 30.34
N ARG C 201 20.07 -22.55 31.25
CA ARG C 201 19.20 -21.70 32.08
C ARG C 201 20.00 -20.74 32.95
N GLU C 202 21.08 -21.22 33.55
CA GLU C 202 21.90 -20.39 34.41
C GLU C 202 22.45 -19.19 33.67
N ARG C 203 22.89 -19.38 32.43
CA ARG C 203 23.53 -18.29 31.69
C ARG C 203 22.56 -17.42 30.90
N PHE C 204 21.51 -18.02 30.34
CA PHE C 204 20.63 -17.28 29.43
C PHE C 204 19.22 -17.02 29.97
N GLY C 205 18.92 -17.51 31.16
CA GLY C 205 17.64 -17.21 31.80
C GLY C 205 16.47 -17.99 31.25
N ASP C 206 15.26 -17.52 31.57
CA ASP C 206 14.03 -18.30 31.35
C ASP C 206 13.26 -17.97 30.08
N ASP C 207 13.59 -16.88 29.41
CA ASP C 207 12.77 -16.43 28.29
C ASP C 207 13.09 -17.14 26.98
N LEU C 208 14.34 -17.56 26.84
CA LEU C 208 14.78 -18.33 25.68
C LEU C 208 14.03 -19.66 25.62
N HIS C 209 13.57 -20.03 24.43
CA HIS C 209 13.01 -21.35 24.24
C HIS C 209 14.16 -22.31 23.97
N VAL C 210 14.18 -23.42 24.72
CA VAL C 210 15.27 -24.38 24.63
C VAL C 210 14.74 -25.77 24.23
N LEU C 211 15.28 -26.31 23.13
CA LEU C 211 14.85 -27.59 22.57
C LEU C 211 15.99 -28.58 22.60
N HIS C 212 15.68 -29.87 22.59
CA HIS C 212 16.73 -30.88 22.59
C HIS C 212 16.25 -32.09 21.81
N ASP C 213 17.13 -32.66 21.00
CA ASP C 213 16.82 -33.81 20.17
C ASP C 213 17.54 -35.04 20.74
N VAL C 214 16.76 -35.99 21.26
CA VAL C 214 17.29 -37.24 21.80
C VAL C 214 17.79 -38.15 20.67
N HIS C 215 17.17 -38.02 19.51
CA HIS C 215 17.61 -38.74 18.31
C HIS C 215 17.60 -40.27 18.46
N HIS C 216 16.51 -40.78 19.04
CA HIS C 216 16.10 -42.19 18.94
C HIS C 216 16.82 -43.15 19.90
N ARG C 217 17.68 -42.64 20.76
CA ARG C 217 18.63 -43.52 21.46
C ARG C 217 18.16 -44.18 22.76
N LEU C 218 17.03 -43.76 23.29
CA LEU C 218 16.56 -44.23 24.60
C LEU C 218 15.44 -45.29 24.50
N THR C 219 15.23 -46.06 25.58
CA THR C 219 14.01 -46.86 25.72
C THR C 219 12.96 -45.97 26.37
N PRO C 220 11.68 -46.38 26.35
CA PRO C 220 10.67 -45.51 26.96
C PRO C 220 10.91 -45.13 28.44
N ILE C 221 11.28 -46.07 29.29
CA ILE C 221 11.45 -45.71 30.70
C ILE C 221 12.70 -44.85 30.92
N GLU C 222 13.70 -44.99 30.04
CA GLU C 222 14.87 -44.12 30.05
C GLU C 222 14.49 -42.69 29.66
N ALA C 223 13.66 -42.58 28.63
CA ALA C 223 13.16 -41.27 28.21
C ALA C 223 12.26 -40.64 29.27
N ALA C 224 11.49 -41.49 29.96
CA ALA C 224 10.66 -41.04 31.08
C ALA C 224 11.51 -40.43 32.17
N ARG C 225 12.60 -41.11 32.49
CA ARG C 225 13.56 -40.61 33.47
C ARG C 225 14.15 -39.27 33.05
N LEU C 226 14.57 -39.17 31.78
CA LEU C 226 15.17 -37.94 31.27
C LEU C 226 14.19 -36.76 31.27
N GLY C 227 12.97 -37.01 30.79
CA GLY C 227 11.93 -35.99 30.82
C GLY C 227 11.72 -35.43 32.21
N LYS C 228 11.67 -36.31 33.20
CA LYS C 228 11.49 -35.89 34.59
C LYS C 228 12.68 -35.06 35.06
N ALA C 229 13.89 -35.50 34.70
CA ALA C 229 15.11 -34.84 35.17
C ALA C 229 15.23 -33.43 34.61
N VAL C 230 14.59 -33.19 33.47
CA VAL C 230 14.76 -31.89 32.81
C VAL C 230 13.53 -30.99 32.94
N GLU C 231 12.52 -31.45 33.67
CA GLU C 231 11.36 -30.63 33.99
C GLU C 231 11.70 -29.25 34.58
N PRO C 232 12.67 -29.17 35.52
CA PRO C 232 12.95 -27.84 36.05
C PRO C 232 13.46 -26.84 35.01
N TYR C 233 13.89 -27.32 33.85
CA TYR C 233 14.47 -26.43 32.85
C TYR C 233 13.47 -26.04 31.76
N HIS C 234 12.26 -26.58 31.88
CA HIS C 234 11.14 -26.19 31.00
C HIS C 234 11.52 -26.11 29.53
N LEU C 235 11.88 -27.25 28.96
CA LEU C 235 12.21 -27.33 27.55
C LEU C 235 10.97 -27.09 26.69
N PHE C 236 11.19 -26.45 25.55
CA PHE C 236 10.15 -26.29 24.53
C PHE C 236 9.71 -27.67 24.05
N TRP C 237 10.70 -28.54 23.80
CA TRP C 237 10.41 -29.94 23.54
C TRP C 237 11.61 -30.86 23.75
N LEU C 238 11.31 -32.12 23.98
CA LEU C 238 12.27 -33.20 23.94
C LEU C 238 11.87 -34.06 22.75
N GLU C 239 12.77 -34.14 21.77
CA GLU C 239 12.41 -34.67 20.46
C GLU C 239 12.94 -36.09 20.21
N ASP C 240 12.12 -36.92 19.56
CA ASP C 240 12.52 -38.25 19.11
C ASP C 240 13.15 -39.11 20.21
N CYS C 241 12.47 -39.19 21.34
CA CYS C 241 12.98 -39.92 22.50
C CYS C 241 13.30 -41.37 22.22
N VAL C 242 12.39 -42.04 21.51
CA VAL C 242 12.47 -43.49 21.33
C VAL C 242 12.02 -43.80 19.91
N PRO C 243 12.55 -44.89 19.32
CA PRO C 243 12.01 -45.31 18.02
C PRO C 243 10.52 -45.60 18.16
N ALA C 244 9.73 -45.15 17.18
CA ALA C 244 8.29 -45.12 17.36
C ALA C 244 7.49 -45.83 16.27
N GLU C 245 8.12 -46.78 15.58
CA GLU C 245 7.34 -47.68 14.70
C GLU C 245 6.21 -48.30 15.50
N ASN C 246 6.52 -48.68 16.74
CA ASN C 246 5.48 -49.02 17.71
C ASN C 246 5.07 -47.75 18.44
N GLN C 247 3.91 -47.20 18.07
CA GLN C 247 3.48 -45.92 18.61
C GLN C 247 3.25 -45.95 20.12
N GLU C 248 2.91 -47.13 20.64
CA GLU C 248 2.75 -47.32 22.08
C GLU C 248 4.03 -47.01 22.86
N SER C 249 5.16 -46.93 22.16
CA SER C 249 6.44 -46.64 22.81
C SER C 249 6.43 -45.30 23.55
N LEU C 250 5.56 -44.39 23.11
CA LEU C 250 5.50 -43.06 23.74
C LEU C 250 4.75 -43.07 25.07
N ARG C 251 3.98 -44.12 25.33
CA ARG C 251 3.07 -44.10 26.48
C ARG C 251 3.72 -43.93 27.85
N LEU C 252 4.74 -44.74 28.15
CA LEU C 252 5.40 -44.64 29.46
C LEU C 252 6.02 -43.27 29.67
N ILE C 253 6.52 -42.67 28.58
CA ILE C 253 7.13 -41.36 28.68
C ILE C 253 6.07 -40.36 29.11
N ARG C 254 4.93 -40.40 28.43
CA ARG C 254 3.88 -39.41 28.65
C ARG C 254 3.28 -39.51 30.04
N GLU C 255 3.16 -40.72 30.54
CA GLU C 255 2.58 -40.95 31.87
C GLU C 255 3.52 -40.55 33.00
N HIS C 256 4.80 -40.39 32.68
CA HIS C 256 5.78 -40.09 33.72
C HIS C 256 6.39 -38.68 33.72
N THR C 257 6.22 -37.92 32.64
CA THR C 257 6.79 -36.57 32.61
C THR C 257 5.85 -35.55 31.99
N THR C 258 6.03 -34.29 32.39
CA THR C 258 5.31 -33.15 31.81
C THR C 258 6.22 -32.32 30.91
N THR C 259 7.43 -32.81 30.65
CA THR C 259 8.26 -32.20 29.63
C THR C 259 7.60 -32.40 28.27
N PRO C 260 7.45 -31.31 27.50
CA PRO C 260 6.74 -31.47 26.21
C PRO C 260 7.51 -32.36 25.24
N LEU C 261 6.77 -33.13 24.44
CA LEU C 261 7.36 -34.13 23.56
C LEU C 261 7.12 -33.80 22.09
N ALA C 262 8.14 -34.02 21.28
CA ALA C 262 8.01 -33.85 19.82
C ALA C 262 8.51 -35.11 19.14
N ILE C 263 7.87 -35.44 18.01
CA ILE C 263 8.29 -36.61 17.27
C ILE C 263 7.84 -36.56 15.81
N GLY C 264 8.55 -37.28 14.95
CA GLY C 264 8.01 -37.57 13.63
C GLY C 264 8.80 -37.25 12.38
N GLU C 265 10.01 -36.70 12.49
CA GLU C 265 10.78 -36.44 11.28
C GLU C 265 11.00 -37.70 10.42
N VAL C 266 10.98 -38.89 11.02
CA VAL C 266 11.20 -40.12 10.25
C VAL C 266 9.91 -40.76 9.76
N PHE C 267 8.78 -40.11 10.02
CA PHE C 267 7.48 -40.60 9.54
C PHE C 267 7.18 -40.14 8.11
N ASN C 268 6.24 -40.82 7.46
CA ASN C 268 5.84 -40.47 6.10
C ASN C 268 4.34 -40.55 5.87
N SER C 269 3.60 -41.00 6.89
CA SER C 269 2.16 -41.24 6.75
C SER C 269 1.43 -40.82 8.00
N ILE C 270 0.20 -40.35 7.85
CA ILE C 270 -0.68 -40.11 8.99
C ILE C 270 -0.86 -41.38 9.83
N HIS C 271 -0.67 -42.54 9.19
CA HIS C 271 -0.85 -43.82 9.87
C HIS C 271 0.33 -44.16 10.79
N ASP C 272 1.44 -43.42 10.64
CA ASP C 272 2.58 -43.53 11.54
C ASP C 272 2.33 -42.77 12.84
N CYS C 273 1.30 -41.92 12.87
CA CYS C 273 1.15 -41.03 14.03
C CYS C 273 -0.29 -40.78 14.50
N ARG C 274 -1.26 -41.40 13.85
CA ARG C 274 -2.67 -41.22 14.23
C ARG C 274 -2.90 -41.49 15.72
N GLU C 275 -2.36 -42.59 16.21
CA GLU C 275 -2.53 -42.95 17.61
C GLU C 275 -1.74 -42.10 18.59
N LEU C 276 -0.51 -41.72 18.21
CA LEU C 276 0.31 -40.83 19.01
C LEU C 276 -0.48 -39.56 19.29
N ILE C 277 -1.14 -39.08 18.25
CA ILE C 277 -1.93 -37.86 18.35
C ILE C 277 -3.23 -38.05 19.14
N GLN C 278 -4.03 -39.05 18.75
CA GLN C 278 -5.34 -39.25 19.36
C GLN C 278 -5.25 -39.61 20.84
N ASN C 279 -4.14 -40.23 21.23
CA ASN C 279 -3.96 -40.62 22.62
C ASN C 279 -3.29 -39.52 23.43
N GLN C 280 -2.98 -38.41 22.76
CA GLN C 280 -2.29 -37.27 23.40
C GLN C 280 -0.94 -37.68 24.00
N TRP C 281 -0.14 -38.36 23.19
CA TRP C 281 1.18 -38.79 23.63
C TRP C 281 2.29 -37.84 23.20
N ILE C 282 1.96 -36.84 22.38
CA ILE C 282 2.96 -35.89 21.90
C ILE C 282 2.37 -34.50 21.82
N ASP C 283 3.24 -33.51 21.82
CA ASP C 283 2.85 -32.10 21.74
C ASP C 283 3.13 -31.46 20.38
N TYR C 284 4.11 -32.01 19.66
CA TYR C 284 4.48 -31.49 18.35
C TYR C 284 4.73 -32.62 17.36
N ILE C 285 4.16 -32.49 16.15
CA ILE C 285 4.39 -33.44 15.07
C ILE C 285 5.43 -32.87 14.10
N ARG C 286 6.46 -33.66 13.81
CA ARG C 286 7.66 -33.13 13.13
C ARG C 286 7.76 -33.49 11.65
N MET C 287 6.85 -34.34 11.17
CA MET C 287 6.90 -34.78 9.78
C MET C 287 6.79 -33.59 8.82
N PRO C 288 7.75 -33.45 7.88
CA PRO C 288 7.76 -32.33 6.94
C PRO C 288 7.15 -32.67 5.58
N LEU C 289 6.95 -31.65 4.74
CA LEU C 289 6.25 -31.81 3.47
C LEU C 289 6.90 -32.81 2.52
N THR C 290 8.22 -32.77 2.41
CA THR C 290 8.96 -33.62 1.47
C THR C 290 8.74 -35.09 1.73
N HIS C 291 8.71 -35.47 3.01
CA HIS C 291 8.62 -36.87 3.36
C HIS C 291 7.21 -37.31 3.76
N GLY C 292 6.34 -36.33 4.02
CA GLY C 292 5.00 -36.62 4.50
C GLY C 292 3.90 -36.52 3.46
N GLY C 293 4.23 -36.77 2.20
CA GLY C 293 3.23 -36.78 1.15
C GLY C 293 2.77 -35.39 0.72
N GLY C 294 3.55 -34.37 1.07
CA GLY C 294 3.30 -33.04 0.55
C GLY C 294 2.19 -32.27 1.25
N ILE C 295 1.75 -31.19 0.62
CA ILE C 295 0.73 -30.29 1.16
C ILE C 295 -0.58 -31.01 1.45
N THR C 296 -1.04 -31.79 0.48
CA THR C 296 -2.31 -32.49 0.58
C THR C 296 -2.38 -33.34 1.84
N ALA C 297 -1.35 -34.13 2.09
CA ALA C 297 -1.39 -35.05 3.21
C ALA C 297 -1.12 -34.34 4.52
N MET C 298 -0.21 -33.37 4.50
CA MET C 298 0.16 -32.72 5.74
C MET C 298 -0.93 -31.79 6.28
N ARG C 299 -1.80 -31.30 5.40
CA ARG C 299 -2.96 -30.54 5.88
C ARG C 299 -3.79 -31.46 6.78
N ARG C 300 -3.96 -32.71 6.35
CA ARG C 300 -4.77 -33.66 7.10
C ARG C 300 -4.13 -34.03 8.43
N VAL C 301 -2.82 -34.21 8.42
CA VAL C 301 -2.08 -34.52 9.65
C VAL C 301 -2.17 -33.35 10.62
N ALA C 302 -1.97 -32.13 10.12
CA ALA C 302 -2.02 -30.96 10.98
C ALA C 302 -3.41 -30.77 11.59
N ASP C 303 -4.45 -30.97 10.77
CA ASP C 303 -5.83 -30.84 11.25
C ASP C 303 -6.18 -31.89 12.30
N LEU C 304 -5.68 -33.12 12.13
CA LEU C 304 -5.92 -34.14 13.14
C LEU C 304 -5.25 -33.72 14.45
N ALA C 305 -3.99 -33.29 14.34
CA ALA C 305 -3.24 -32.82 15.49
C ALA C 305 -4.00 -31.71 16.24
N SER C 306 -4.63 -30.81 15.49
CA SER C 306 -5.29 -29.66 16.10
C SER C 306 -6.40 -30.06 17.08
N LEU C 307 -7.04 -31.21 16.87
CA LEU C 307 -8.12 -31.68 17.74
C LEU C 307 -7.62 -32.05 19.12
N TYR C 308 -6.31 -32.27 19.23
CA TYR C 308 -5.72 -32.74 20.47
C TYR C 308 -4.64 -31.79 20.99
N HIS C 309 -4.71 -30.53 20.55
CA HIS C 309 -3.81 -29.47 20.99
C HIS C 309 -2.37 -29.66 20.50
N VAL C 310 -2.18 -30.61 19.58
CA VAL C 310 -0.86 -30.86 19.02
C VAL C 310 -0.52 -29.80 17.96
N ARG C 311 0.72 -29.30 18.00
CA ARG C 311 1.15 -28.23 17.12
C ARG C 311 2.16 -28.74 16.10
N THR C 312 2.31 -28.03 14.99
CA THR C 312 3.29 -28.43 13.98
C THR C 312 4.70 -27.98 14.36
N GLY C 313 5.67 -28.84 14.08
CA GLY C 313 7.06 -28.48 14.28
C GLY C 313 7.92 -29.10 13.20
N PHE C 314 7.74 -28.63 11.96
CA PHE C 314 8.36 -29.25 10.79
C PHE C 314 9.86 -29.42 10.93
N HIS C 315 10.30 -30.64 10.66
CA HIS C 315 11.69 -30.92 10.35
C HIS C 315 12.13 -29.92 9.30
N GLY C 316 13.28 -29.28 9.52
CA GLY C 316 13.74 -28.22 8.65
C GLY C 316 15.24 -28.27 8.49
N ALA C 317 15.81 -29.48 8.56
CA ALA C 317 17.24 -29.67 8.36
C ALA C 317 17.65 -29.36 6.91
N THR C 318 18.95 -29.27 6.65
CA THR C 318 19.43 -28.91 5.32
C THR C 318 19.06 -29.92 4.23
N ASP C 319 18.74 -31.15 4.63
CA ASP C 319 18.43 -32.20 3.66
C ASP C 319 17.00 -32.12 3.14
N LEU C 320 16.24 -31.12 3.60
CA LEU C 320 15.04 -30.71 2.90
C LEU C 320 15.42 -29.45 2.12
N SER C 321 15.14 -29.44 0.82
CA SER C 321 15.59 -28.37 -0.06
C SER C 321 14.83 -27.06 0.18
N PRO C 322 15.34 -25.95 -0.39
CA PRO C 322 14.60 -24.68 -0.29
C PRO C 322 13.18 -24.76 -0.86
N VAL C 323 12.94 -25.71 -1.75
CA VAL C 323 11.59 -25.90 -2.27
C VAL C 323 10.66 -26.31 -1.13
N CYS C 324 11.07 -27.30 -0.35
CA CYS C 324 10.35 -27.69 0.85
C CYS C 324 10.23 -26.51 1.83
N LEU C 325 11.33 -25.77 2.02
CA LEU C 325 11.33 -24.68 3.00
C LEU C 325 10.31 -23.60 2.61
N GLY C 326 10.34 -23.20 1.35
CA GLY C 326 9.40 -22.20 0.86
C GLY C 326 7.95 -22.62 1.07
N ALA C 327 7.61 -23.84 0.68
CA ALA C 327 6.26 -24.36 0.81
C ALA C 327 5.88 -24.49 2.28
N ALA C 328 6.86 -24.87 3.10
CA ALA C 328 6.65 -25.06 4.53
C ALA C 328 6.34 -23.73 5.21
N ILE C 329 7.02 -22.68 4.78
CA ILE C 329 6.77 -21.35 5.33
C ILE C 329 5.35 -20.86 4.96
N HIS C 330 4.90 -21.13 3.74
CA HIS C 330 3.52 -20.84 3.37
C HIS C 330 2.55 -21.63 4.25
N PHE C 331 2.80 -22.92 4.40
CA PHE C 331 1.98 -23.80 5.23
C PHE C 331 1.95 -23.28 6.66
N ASP C 332 3.14 -22.96 7.18
CA ASP C 332 3.32 -22.44 8.54
C ASP C 332 2.52 -21.18 8.76
N THR C 333 2.41 -20.36 7.70
CA THR C 333 1.80 -19.05 7.79
C THR C 333 0.29 -19.17 7.87
N TRP C 334 -0.26 -20.21 7.25
CA TRP C 334 -1.69 -20.46 7.26
C TRP C 334 -2.15 -21.30 8.47
N VAL C 335 -1.44 -22.40 8.74
CA VAL C 335 -1.95 -23.41 9.67
C VAL C 335 -2.23 -22.84 11.08
N PRO C 336 -3.44 -23.11 11.61
CA PRO C 336 -3.79 -22.52 12.91
C PRO C 336 -2.85 -23.01 13.99
N ASN C 337 -2.63 -24.32 14.03
CA ASN C 337 -1.86 -24.92 15.12
C ASN C 337 -0.36 -25.01 14.84
N PHE C 338 0.20 -23.92 14.33
CA PHE C 338 1.64 -23.81 14.16
C PHE C 338 2.37 -23.79 15.52
N GLY C 339 3.46 -24.56 15.62
CA GLY C 339 4.28 -24.55 16.81
C GLY C 339 5.60 -23.81 16.60
N ILE C 340 6.41 -24.34 15.69
CA ILE C 340 7.71 -23.73 15.40
C ILE C 340 8.24 -24.28 14.08
N GLN C 341 9.20 -23.58 13.49
CA GLN C 341 9.83 -24.04 12.25
C GLN C 341 11.32 -24.19 12.48
N GLU C 342 11.84 -25.40 12.28
CA GLU C 342 13.28 -25.63 12.38
C GLU C 342 14.03 -24.87 11.28
N HIS C 343 15.11 -24.20 11.63
CA HIS C 343 15.92 -23.49 10.65
C HIS C 343 17.38 -23.93 10.66
N MET C 344 17.81 -24.55 9.56
CA MET C 344 19.24 -24.78 9.31
C MET C 344 19.54 -24.12 7.98
N PRO C 345 20.27 -23.01 8.00
CA PRO C 345 20.57 -22.28 6.76
C PRO C 345 21.25 -23.15 5.70
N HIS C 346 20.74 -23.08 4.48
CA HIS C 346 21.39 -23.74 3.36
C HIS C 346 22.67 -23.02 2.96
N THR C 347 23.53 -23.69 2.21
CA THR C 347 24.75 -23.05 1.70
C THR C 347 24.38 -21.97 0.68
N ASP C 348 25.31 -21.06 0.44
CA ASP C 348 25.12 -20.04 -0.59
C ASP C 348 24.86 -20.68 -1.96
N GLU C 349 25.59 -21.75 -2.25
CA GLU C 349 25.45 -22.44 -3.53
C GLU C 349 24.04 -23.00 -3.67
N THR C 350 23.54 -23.60 -2.58
CA THR C 350 22.17 -24.13 -2.56
C THR C 350 21.15 -23.01 -2.79
N ASP C 351 21.32 -21.89 -2.10
CA ASP C 351 20.38 -20.77 -2.25
C ASP C 351 20.37 -20.23 -3.67
N ALA C 352 21.52 -20.32 -4.34
CA ALA C 352 21.64 -19.80 -5.71
C ALA C 352 20.95 -20.73 -6.70
N VAL C 353 21.05 -22.03 -6.45
CA VAL C 353 20.40 -23.03 -7.30
C VAL C 353 18.88 -22.94 -7.15
N PHE C 354 18.42 -22.57 -5.96
CA PHE C 354 16.99 -22.47 -5.69
C PHE C 354 16.55 -21.07 -5.28
N PRO C 355 16.52 -20.11 -6.23
CA PRO C 355 16.05 -18.76 -5.89
C PRO C 355 14.65 -18.78 -5.29
N HIS C 356 14.40 -17.92 -4.31
CA HIS C 356 13.16 -17.97 -3.54
C HIS C 356 12.82 -16.62 -2.94
N ASP C 357 11.55 -16.42 -2.60
CA ASP C 357 11.13 -15.14 -2.04
C ASP C 357 10.75 -15.18 -0.56
N TYR C 358 10.93 -16.30 0.14
CA TYR C 358 10.76 -16.25 1.58
C TYR C 358 11.89 -15.43 2.20
N ARG C 359 11.58 -14.74 3.29
CA ARG C 359 12.52 -13.83 3.92
C ARG C 359 12.75 -14.21 5.37
N PHE C 360 13.94 -13.91 5.88
CA PHE C 360 14.26 -14.15 7.27
C PHE C 360 14.51 -12.80 7.94
N GLU C 361 13.79 -12.54 9.03
CA GLU C 361 13.94 -11.28 9.75
C GLU C 361 13.79 -11.51 11.25
N ASP C 362 14.74 -11.00 12.02
CA ASP C 362 14.62 -11.01 13.48
C ASP C 362 14.18 -12.37 14.03
N GLY C 363 14.89 -13.44 13.64
CA GLY C 363 14.62 -14.77 14.16
C GLY C 363 13.41 -15.51 13.59
N HIS C 364 12.74 -14.90 12.61
CA HIS C 364 11.49 -15.46 12.06
C HIS C 364 11.53 -15.51 10.53
N PHE C 365 10.76 -16.43 9.94
CA PHE C 365 10.54 -16.39 8.49
C PHE C 365 9.33 -15.56 8.16
N LEU C 366 9.35 -14.93 6.98
CA LEU C 366 8.23 -14.24 6.41
C LEU C 366 7.90 -14.93 5.11
N ALA C 367 6.62 -15.23 4.90
CA ALA C 367 6.22 -15.93 3.69
C ALA C 367 6.39 -15.06 2.44
N GLY C 368 6.68 -15.72 1.32
CA GLY C 368 6.76 -15.05 0.03
C GLY C 368 5.41 -14.53 -0.41
N GLU C 369 5.43 -13.58 -1.34
CA GLU C 369 4.22 -12.97 -1.87
C GLU C 369 4.02 -13.29 -3.34
N SER C 370 5.02 -13.90 -3.96
CA SER C 370 4.95 -14.31 -5.37
C SER C 370 3.96 -15.44 -5.52
N PRO C 371 3.24 -15.49 -6.66
CA PRO C 371 2.36 -16.63 -6.93
C PRO C 371 3.17 -17.93 -6.93
N GLY C 372 2.59 -19.00 -6.41
CA GLY C 372 3.28 -20.27 -6.28
C GLY C 372 3.74 -20.43 -4.84
N HIS C 373 4.65 -21.37 -4.57
CA HIS C 373 5.26 -21.41 -3.26
C HIS C 373 6.49 -20.49 -3.19
N GLY C 374 6.76 -19.81 -4.30
CA GLY C 374 7.78 -18.77 -4.33
C GLY C 374 9.20 -19.27 -4.52
N VAL C 375 9.35 -20.56 -4.80
CA VAL C 375 10.67 -21.12 -5.05
C VAL C 375 10.78 -21.59 -6.49
N ASP C 376 11.96 -21.40 -7.09
CA ASP C 376 12.22 -21.96 -8.43
CA ASP C 376 12.27 -21.85 -8.45
C ASP C 376 13.56 -22.64 -8.42
N ILE C 377 13.92 -23.25 -9.55
CA ILE C 377 15.22 -23.91 -9.67
C ILE C 377 15.93 -23.40 -10.92
N ASP C 378 17.21 -23.08 -10.78
CA ASP C 378 18.04 -22.67 -11.90
C ASP C 378 18.73 -23.92 -12.43
N GLU C 379 18.18 -24.47 -13.51
CA GLU C 379 18.67 -25.75 -14.04
C GLU C 379 20.09 -25.68 -14.59
N GLU C 380 20.45 -24.54 -15.18
CA GLU C 380 21.81 -24.34 -15.68
C GLU C 380 22.80 -24.43 -14.53
N LEU C 381 22.51 -23.71 -13.47
CA LEU C 381 23.37 -23.71 -12.29
C LEU C 381 23.38 -25.07 -11.61
N ALA C 382 22.22 -25.73 -11.56
CA ALA C 382 22.12 -27.04 -10.92
C ALA C 382 23.04 -28.05 -11.60
N ALA C 383 23.16 -27.96 -12.92
CA ALA C 383 23.99 -28.88 -13.68
C ALA C 383 25.48 -28.73 -13.37
N LYS C 384 25.86 -27.63 -12.73
CA LYS C 384 27.25 -27.41 -12.32
C LYS C 384 27.66 -28.24 -11.10
N TYR C 385 26.69 -28.83 -10.42
CA TYR C 385 26.96 -29.59 -9.20
C TYR C 385 26.44 -31.01 -9.29
N PRO C 386 27.29 -31.94 -9.76
CA PRO C 386 26.88 -33.34 -9.92
C PRO C 386 26.64 -34.03 -8.57
N TYR C 387 25.74 -35.00 -8.58
CA TYR C 387 25.49 -35.87 -7.44
C TYR C 387 26.79 -36.40 -6.84
N GLU C 388 26.86 -36.43 -5.51
CA GLU C 388 27.99 -37.04 -4.81
C GLU C 388 27.41 -37.94 -3.74
N ARG C 389 27.64 -39.25 -3.85
CA ARG C 389 27.08 -40.19 -2.88
C ARG C 389 27.51 -39.85 -1.45
N ALA C 390 26.55 -39.83 -0.53
CA ALA C 390 26.81 -39.61 0.89
C ALA C 390 25.73 -40.25 1.76
N SER C 391 26.16 -41.01 2.75
CA SER C 391 25.26 -41.76 3.61
C SER C 391 25.21 -41.20 5.03
N LEU C 392 24.10 -41.43 5.71
CA LEU C 392 23.96 -41.11 7.13
C LEU C 392 24.76 -42.08 7.97
N PRO C 393 25.15 -41.67 9.19
CA PRO C 393 25.94 -42.55 10.05
C PRO C 393 25.11 -43.66 10.66
N VAL C 394 25.76 -44.73 11.11
CA VAL C 394 25.12 -45.68 12.03
C VAL C 394 25.74 -45.52 13.40
N ASN C 395 25.04 -46.04 14.41
CA ASN C 395 25.42 -45.88 15.79
C ASN C 395 25.52 -47.27 16.41
N ARG C 396 26.65 -47.60 17.01
CA ARG C 396 26.78 -48.87 17.74
C ARG C 396 27.01 -48.63 19.23
N LEU C 397 26.55 -49.55 20.07
CA LEU C 397 26.85 -49.50 21.50
C LEU C 397 28.30 -49.93 21.73
N GLU C 398 28.79 -49.78 22.96
CA GLU C 398 30.18 -50.08 23.23
C GLU C 398 30.57 -51.54 22.99
N ASP C 399 29.58 -52.44 23.02
CA ASP C 399 29.85 -53.85 22.73
C ASP C 399 29.70 -54.20 21.23
N GLY C 400 29.39 -53.20 20.42
CA GLY C 400 29.26 -53.43 18.99
C GLY C 400 27.84 -53.56 18.48
N THR C 401 26.88 -53.61 19.40
CA THR C 401 25.46 -53.76 19.03
C THR C 401 25.05 -52.63 18.09
N LEU C 402 24.50 -52.98 16.93
CA LEU C 402 23.99 -51.95 16.02
C LEU C 402 22.77 -51.30 16.66
N TRP C 403 22.87 -50.00 16.93
CA TRP C 403 21.84 -49.29 17.69
C TRP C 403 21.12 -48.27 16.80
N HIS C 404 20.39 -47.35 17.41
CA HIS C 404 19.67 -46.29 16.71
C HIS C 404 20.55 -45.05 16.63
N TRP C 405 20.76 -44.54 15.42
CA TRP C 405 21.51 -43.29 15.28
C TRP C 405 20.58 -42.10 15.38
N LEU D 3 -52.97 -22.42 35.23
CA LEU D 3 -53.08 -21.14 34.55
C LEU D 3 -52.25 -21.09 33.28
N LYS D 4 -52.83 -20.57 32.22
CA LYS D 4 -52.15 -20.47 30.93
C LYS D 4 -51.31 -19.20 30.84
N ILE D 5 -50.28 -19.24 30.01
CA ILE D 5 -49.45 -18.07 29.71
C ILE D 5 -50.21 -17.11 28.80
N ARG D 6 -50.35 -15.86 29.26
CA ARG D 6 -50.98 -14.81 28.47
C ARG D 6 -49.99 -14.15 27.51
N ASP D 7 -48.76 -13.96 27.97
CA ASP D 7 -47.78 -13.24 27.16
C ASP D 7 -46.38 -13.46 27.73
N ALA D 8 -45.37 -13.27 26.89
CA ALA D 8 -44.00 -13.33 27.35
C ALA D 8 -43.22 -12.38 26.46
N TYR D 9 -42.19 -11.77 27.01
CA TYR D 9 -41.39 -10.83 26.23
C TYR D 9 -40.05 -10.55 26.88
N THR D 10 -39.10 -10.09 26.07
CA THR D 10 -37.78 -9.76 26.56
C THR D 10 -37.68 -8.28 26.87
N ILE D 11 -36.88 -7.97 27.89
CA ILE D 11 -36.50 -6.61 28.25
C ILE D 11 -34.98 -6.56 28.11
N VAL D 12 -34.49 -5.61 27.33
CA VAL D 12 -33.06 -5.40 27.20
C VAL D 12 -32.67 -4.07 27.84
N THR D 13 -31.71 -4.11 28.75
CA THR D 13 -31.32 -2.91 29.48
C THR D 13 -29.81 -2.88 29.70
N CYS D 14 -29.24 -1.67 29.83
CA CYS D 14 -27.80 -1.56 30.04
C CYS D 14 -27.41 -0.68 31.23
N PRO D 15 -27.75 -1.11 32.46
CA PRO D 15 -27.39 -0.29 33.63
C PRO D 15 -25.94 -0.53 34.07
N GLY D 16 -24.99 -0.21 33.21
CA GLY D 16 -23.58 -0.49 33.48
C GLY D 16 -23.03 -1.57 32.57
N ARG D 17 -23.90 -2.48 32.16
CA ARG D 17 -23.60 -3.48 31.13
C ARG D 17 -24.93 -4.05 30.66
N ASN D 18 -24.92 -4.76 29.53
CA ASN D 18 -26.15 -5.29 28.94
C ASN D 18 -26.70 -6.50 29.72
N PHE D 19 -28.01 -6.47 29.98
CA PHE D 19 -28.71 -7.65 30.46
C PHE D 19 -29.95 -7.87 29.63
N VAL D 20 -30.30 -9.14 29.41
CA VAL D 20 -31.56 -9.47 28.77
C VAL D 20 -32.38 -10.33 29.73
N THR D 21 -33.65 -9.98 29.89
CA THR D 21 -34.51 -10.64 30.84
C THR D 21 -35.79 -11.08 30.13
N LEU D 22 -36.25 -12.29 30.41
CA LEU D 22 -37.53 -12.76 29.91
C LEU D 22 -38.57 -12.65 31.02
N LYS D 23 -39.70 -12.01 30.71
CA LYS D 23 -40.82 -11.96 31.63
C LYS D 23 -41.95 -12.82 31.06
N ILE D 24 -42.54 -13.67 31.89
CA ILE D 24 -43.70 -14.48 31.49
C ILE D 24 -44.88 -14.08 32.37
N VAL D 25 -46.01 -13.79 31.73
CA VAL D 25 -47.21 -13.37 32.47
C VAL D 25 -48.35 -14.35 32.22
N THR D 26 -48.98 -14.83 33.28
CA THR D 26 -50.11 -15.75 33.14
C THR D 26 -51.40 -15.00 32.90
N GLU D 27 -52.46 -15.75 32.62
CA GLU D 27 -53.76 -15.17 32.33
C GLU D 27 -54.38 -14.50 33.55
N SER D 28 -53.84 -14.78 34.74
CA SER D 28 -54.30 -14.14 35.96
C SER D 28 -53.49 -12.90 36.31
N GLY D 29 -52.42 -12.66 35.56
CA GLY D 29 -51.57 -11.51 35.82
C GLY D 29 -50.36 -11.82 36.69
N THR D 30 -50.26 -13.05 37.18
CA THR D 30 -49.06 -13.46 37.90
C THR D 30 -47.90 -13.54 36.91
N HIS D 31 -46.69 -13.34 37.40
CA HIS D 31 -45.55 -13.23 36.52
C HIS D 31 -44.25 -13.74 37.14
N GLY D 32 -43.31 -14.12 36.27
CA GLY D 32 -41.99 -14.51 36.71
C GLY D 32 -40.97 -14.05 35.69
N ILE D 33 -39.71 -13.97 36.12
CA ILE D 33 -38.67 -13.53 35.21
C ILE D 33 -37.51 -14.51 35.19
N GLY D 34 -36.77 -14.48 34.09
CA GLY D 34 -35.61 -15.33 33.94
C GLY D 34 -34.51 -14.61 33.19
N ASP D 35 -33.26 -14.88 33.56
CA ASP D 35 -32.12 -14.24 32.91
C ASP D 35 -31.86 -14.87 31.54
N ALA D 36 -31.65 -14.04 30.54
CA ALA D 36 -31.37 -14.50 29.18
C ALA D 36 -30.08 -13.90 28.65
N THR D 37 -29.22 -13.41 29.53
CA THR D 37 -28.04 -12.65 29.14
C THR D 37 -26.91 -13.54 28.62
N LEU D 38 -26.45 -13.27 27.40
CA LEU D 38 -25.30 -13.95 26.83
C LEU D 38 -24.27 -12.90 26.37
N ASN D 39 -23.26 -12.67 27.21
CA ASN D 39 -22.28 -11.61 27.01
C ASN D 39 -21.68 -11.58 25.60
N GLY D 40 -21.87 -10.46 24.92
CA GLY D 40 -21.29 -10.27 23.61
C GLY D 40 -22.10 -10.85 22.45
N ARG D 41 -23.16 -11.60 22.76
CA ARG D 41 -24.07 -12.11 21.74
C ARG D 41 -25.53 -11.90 22.15
N GLU D 42 -25.79 -10.83 22.90
CA GLU D 42 -27.07 -10.65 23.60
C GLU D 42 -28.30 -10.64 22.72
N MET D 43 -28.17 -10.03 21.54
CA MET D 43 -29.34 -9.88 20.66
C MET D 43 -29.71 -11.17 19.95
N ALA D 44 -28.75 -12.09 19.84
CA ALA D 44 -29.05 -13.39 19.25
C ALA D 44 -30.04 -14.13 20.13
N VAL D 45 -29.85 -14.03 21.45
CA VAL D 45 -30.77 -14.65 22.39
C VAL D 45 -32.11 -13.90 22.39
N ALA D 46 -32.05 -12.56 22.41
CA ALA D 46 -33.27 -11.77 22.37
C ALA D 46 -34.15 -12.17 21.19
N ALA D 47 -33.52 -12.34 20.03
CA ALA D 47 -34.25 -12.73 18.81
C ALA D 47 -34.78 -14.16 18.88
N TYR D 48 -33.99 -15.05 19.46
CA TYR D 48 -34.39 -16.46 19.58
C TYR D 48 -35.66 -16.55 20.40
N LEU D 49 -35.70 -15.80 21.49
CA LEU D 49 -36.90 -15.73 22.33
C LEU D 49 -38.06 -14.99 21.64
N ASP D 50 -37.82 -13.73 21.24
CA ASP D 50 -38.87 -12.88 20.66
C ASP D 50 -39.59 -13.50 19.47
N GLU D 51 -38.83 -13.97 18.49
N GLU D 51 -38.80 -13.99 18.51
CA GLU D 51 -39.40 -14.40 17.22
CA GLU D 51 -39.31 -14.38 17.20
C GLU D 51 -39.88 -15.85 17.25
C GLU D 51 -39.59 -15.87 17.04
N HIS D 52 -39.18 -16.67 18.02
CA HIS D 52 -39.34 -18.12 17.90
C HIS D 52 -39.90 -18.83 19.11
N VAL D 53 -39.38 -18.53 20.30
CA VAL D 53 -39.86 -19.23 21.49
C VAL D 53 -41.16 -18.64 22.03
N VAL D 54 -41.17 -17.33 22.23
CA VAL D 54 -42.32 -16.62 22.80
C VAL D 54 -43.68 -16.94 22.13
N PRO D 55 -43.74 -16.91 20.79
CA PRO D 55 -45.02 -17.23 20.14
C PRO D 55 -45.56 -18.61 20.49
N ALA D 56 -44.66 -19.56 20.75
CA ALA D 56 -45.06 -20.92 21.09
C ALA D 56 -45.41 -21.08 22.57
N LEU D 57 -45.05 -20.09 23.38
CA LEU D 57 -45.35 -20.13 24.80
C LEU D 57 -46.80 -19.72 25.07
N ILE D 58 -47.35 -18.85 24.22
CA ILE D 58 -48.69 -18.31 24.45
C ILE D 58 -49.73 -19.43 24.61
N GLY D 59 -50.52 -19.38 25.68
CA GLY D 59 -51.58 -20.35 25.88
C GLY D 59 -51.14 -21.66 26.53
N ARG D 60 -49.82 -21.87 26.64
CA ARG D 60 -49.32 -23.03 27.36
C ARG D 60 -49.59 -22.94 28.87
N ASP D 61 -49.70 -24.11 29.50
CA ASP D 61 -49.87 -24.24 30.93
C ASP D 61 -48.55 -23.87 31.62
N ALA D 62 -48.51 -22.74 32.32
CA ALA D 62 -47.27 -22.30 32.97
C ALA D 62 -46.71 -23.31 33.98
N GLY D 63 -47.59 -24.14 34.53
CA GLY D 63 -47.21 -25.11 35.53
C GLY D 63 -46.41 -26.28 34.96
N ARG D 64 -46.48 -26.46 33.65
N ARG D 64 -46.48 -26.46 33.65
CA ARG D 64 -45.82 -27.59 33.01
CA ARG D 64 -45.83 -27.60 33.01
C ARG D 64 -44.37 -27.28 32.68
C ARG D 64 -44.36 -27.29 32.68
N ILE D 65 -43.54 -27.17 33.72
CA ILE D 65 -42.16 -26.75 33.54
C ILE D 65 -41.33 -27.75 32.75
N GLU D 66 -41.43 -29.01 33.12
CA GLU D 66 -40.65 -30.07 32.50
C GLU D 66 -41.05 -30.22 31.03
N ASP D 67 -42.36 -30.25 30.78
CA ASP D 67 -42.87 -30.34 29.42
C ASP D 67 -42.39 -29.18 28.55
N THR D 68 -42.47 -27.96 29.08
CA THR D 68 -41.98 -26.79 28.35
C THR D 68 -40.48 -26.92 28.03
N TRP D 69 -39.71 -27.38 29.01
CA TRP D 69 -38.27 -27.57 28.83
C TRP D 69 -37.99 -28.56 27.68
N GLN D 70 -38.64 -29.72 27.72
CA GLN D 70 -38.45 -30.69 26.64
C GLN D 70 -38.99 -30.19 25.28
N TYR D 71 -40.15 -29.53 25.33
CA TYR D 71 -40.75 -28.93 24.14
C TYR D 71 -39.78 -27.95 23.46
N LEU D 72 -39.11 -27.12 24.24
CA LEU D 72 -38.16 -26.18 23.65
C LEU D 72 -36.82 -26.85 23.30
N TYR D 73 -36.36 -27.75 24.17
CA TYR D 73 -35.08 -28.43 23.95
C TYR D 73 -35.11 -29.37 22.74
N ARG D 74 -36.07 -30.29 22.74
CA ARG D 74 -36.23 -31.22 21.62
C ARG D 74 -36.87 -30.56 20.41
N GLY D 75 -37.88 -29.72 20.65
CA GLY D 75 -38.63 -29.09 19.58
C GLY D 75 -37.80 -28.17 18.70
N ALA D 76 -36.72 -27.60 19.26
CA ALA D 76 -35.85 -26.73 18.48
C ALA D 76 -35.25 -27.47 17.30
N TYR D 77 -35.21 -28.80 17.43
CA TYR D 77 -34.62 -29.71 16.43
C TYR D 77 -33.08 -29.64 16.41
N TRP D 78 -32.57 -28.41 16.27
CA TRP D 78 -31.15 -28.15 16.44
C TRP D 78 -30.93 -27.96 17.94
N ARG D 79 -30.30 -28.96 18.57
CA ARG D 79 -30.19 -29.01 20.03
C ARG D 79 -28.87 -28.48 20.57
N ARG D 80 -28.93 -28.03 21.83
CA ARG D 80 -27.78 -27.51 22.57
C ARG D 80 -27.30 -26.17 21.98
N GLY D 81 -26.25 -25.63 22.59
CA GLY D 81 -25.61 -24.40 22.11
C GLY D 81 -25.91 -23.20 22.99
N PRO D 82 -25.03 -22.19 22.97
CA PRO D 82 -25.19 -21.06 23.90
C PRO D 82 -26.46 -20.26 23.69
N VAL D 83 -26.84 -20.00 22.44
CA VAL D 83 -28.02 -19.18 22.22
C VAL D 83 -29.26 -19.98 22.60
N THR D 84 -29.32 -21.19 22.07
CA THR D 84 -30.40 -22.13 22.36
C THR D 84 -30.64 -22.32 23.85
N MET D 85 -29.59 -22.71 24.57
CA MET D 85 -29.73 -23.09 25.98
C MET D 85 -29.95 -21.91 26.92
N THR D 86 -29.49 -20.73 26.53
CA THR D 86 -29.78 -19.53 27.30
C THR D 86 -31.26 -19.14 27.17
N ALA D 87 -31.80 -19.25 25.96
CA ALA D 87 -33.21 -18.98 25.74
C ALA D 87 -34.07 -19.91 26.58
N ILE D 88 -33.73 -21.21 26.55
CA ILE D 88 -34.43 -22.21 27.34
C ILE D 88 -34.29 -21.95 28.84
N ALA D 89 -33.10 -21.54 29.26
CA ALA D 89 -32.83 -21.21 30.65
C ALA D 89 -33.68 -20.05 31.13
N ALA D 90 -33.84 -19.05 30.28
CA ALA D 90 -34.62 -17.88 30.63
C ALA D 90 -36.08 -18.26 30.88
N VAL D 91 -36.64 -19.08 30.00
CA VAL D 91 -37.99 -19.59 30.19
C VAL D 91 -38.09 -20.39 31.48
N ASP D 92 -37.11 -21.29 31.68
CA ASP D 92 -37.15 -22.20 32.82
C ASP D 92 -37.12 -21.45 34.16
N MET D 93 -36.25 -20.45 34.25
N MET D 93 -36.25 -20.45 34.26
CA MET D 93 -36.14 -19.61 35.45
CA MET D 93 -36.16 -19.65 35.48
C MET D 93 -37.45 -18.90 35.72
C MET D 93 -37.43 -18.85 35.73
N ALA D 94 -38.06 -18.35 34.67
CA ALA D 94 -39.30 -17.59 34.81
C ALA D 94 -40.44 -18.51 35.27
N LEU D 95 -40.47 -19.73 34.75
CA LEU D 95 -41.49 -20.68 35.15
C LEU D 95 -41.29 -21.19 36.58
N TRP D 96 -40.04 -21.38 37.00
CA TRP D 96 -39.78 -21.76 38.39
C TRP D 96 -40.16 -20.63 39.34
N ASP D 97 -39.90 -19.39 38.91
CA ASP D 97 -40.28 -18.21 39.68
C ASP D 97 -41.79 -18.21 39.89
N ILE D 98 -42.53 -18.41 38.81
CA ILE D 98 -43.98 -18.49 38.88
C ILE D 98 -44.47 -19.65 39.77
N LYS D 99 -43.85 -20.82 39.63
CA LYS D 99 -44.25 -21.99 40.41
C LYS D 99 -44.00 -21.78 41.90
N ALA D 100 -42.83 -21.23 42.23
CA ALA D 100 -42.54 -20.95 43.62
C ALA D 100 -43.51 -19.90 44.19
N LYS D 101 -43.81 -18.86 43.41
CA LYS D 101 -44.83 -17.90 43.85
C LYS D 101 -46.18 -18.57 44.10
N ALA D 102 -46.59 -19.47 43.22
CA ALA D 102 -47.88 -20.15 43.35
C ALA D 102 -47.91 -21.04 44.58
N ALA D 103 -46.74 -21.56 44.94
CA ALA D 103 -46.59 -22.41 46.10
C ALA D 103 -46.47 -21.60 47.39
N GLY D 104 -46.27 -20.29 47.24
CA GLY D 104 -46.06 -19.42 48.38
C GLY D 104 -44.75 -19.71 49.11
N MET D 105 -43.76 -20.21 48.37
CA MET D 105 -42.46 -20.57 48.95
C MET D 105 -41.30 -19.89 48.23
N PRO D 106 -40.25 -19.53 48.98
CA PRO D 106 -38.98 -19.17 48.35
C PRO D 106 -38.47 -20.36 47.57
N LEU D 107 -37.75 -20.12 46.47
CA LEU D 107 -37.39 -21.20 45.54
C LEU D 107 -36.67 -22.39 46.20
N TYR D 108 -35.77 -22.12 47.14
CA TYR D 108 -35.01 -23.22 47.75
C TYR D 108 -35.94 -24.22 48.43
N GLN D 109 -37.05 -23.76 48.96
CA GLN D 109 -37.98 -24.65 49.63
C GLN D 109 -38.60 -25.64 48.65
N LEU D 110 -38.86 -25.15 47.43
CA LEU D 110 -39.45 -25.98 46.39
C LEU D 110 -38.49 -27.07 45.94
N LEU D 111 -37.20 -26.77 46.00
CA LEU D 111 -36.18 -27.67 45.50
C LEU D 111 -35.91 -28.82 46.47
N GLY D 112 -36.33 -28.67 47.73
CA GLY D 112 -36.11 -29.68 48.74
C GLY D 112 -35.65 -29.12 50.08
N GLY D 113 -35.68 -27.79 50.20
CA GLY D 113 -35.37 -27.16 51.47
C GLY D 113 -33.89 -26.89 51.60
N LYS D 114 -33.49 -26.23 52.69
CA LYS D 114 -32.10 -25.82 52.81
C LYS D 114 -31.18 -26.94 53.31
N SER D 115 -29.99 -27.00 52.71
CA SER D 115 -28.93 -27.92 53.13
C SER D 115 -27.82 -27.19 53.86
N ARG D 116 -27.91 -25.86 53.89
CA ARG D 116 -26.90 -25.04 54.55
C ARG D 116 -27.49 -23.70 54.97
N GLU D 117 -26.77 -23.02 55.85
CA GLU D 117 -27.26 -21.81 56.51
C GLU D 117 -26.76 -20.53 55.84
N ARG D 118 -25.80 -20.68 54.94
CA ARG D 118 -25.18 -19.53 54.28
C ARG D 118 -24.44 -20.08 53.08
N VAL D 119 -24.18 -19.24 52.08
CA VAL D 119 -23.46 -19.72 50.91
C VAL D 119 -22.15 -18.96 50.66
N MET D 120 -21.04 -19.70 50.80
CA MET D 120 -19.70 -19.13 50.73
C MET D 120 -19.40 -18.60 49.33
N THR D 121 -18.76 -17.45 49.27
CA THR D 121 -18.40 -16.87 47.99
C THR D 121 -16.90 -16.68 47.85
N TYR D 122 -16.47 -16.34 46.64
CA TYR D 122 -15.13 -15.79 46.44
C TYR D 122 -15.17 -14.48 45.69
N ALA D 123 -14.15 -13.66 45.91
CA ALA D 123 -14.08 -12.36 45.28
C ALA D 123 -12.88 -12.31 44.34
N HIS D 124 -12.94 -11.40 43.36
CA HIS D 124 -11.83 -11.20 42.46
C HIS D 124 -10.81 -10.25 43.05
N CYS D 125 -9.56 -10.68 43.12
CA CYS D 125 -8.46 -9.82 43.51
C CYS D 125 -7.50 -9.75 42.36
N THR D 126 -7.27 -8.55 41.85
CA THR D 126 -6.46 -8.38 40.67
C THR D 126 -5.53 -7.18 40.82
N GLY D 127 -4.38 -7.24 40.17
CA GLY D 127 -3.45 -6.12 40.18
C GLY D 127 -2.44 -6.25 39.07
N GLN D 128 -1.75 -5.15 38.76
CA GLN D 128 -0.78 -5.20 37.68
C GLN D 128 0.41 -6.04 38.12
N THR D 129 0.94 -5.72 39.30
CA THR D 129 2.04 -6.48 39.86
C THR D 129 1.48 -7.43 40.89
N ILE D 130 2.32 -8.37 41.34
CA ILE D 130 1.95 -9.25 42.42
C ILE D 130 1.62 -8.43 43.65
N GLU D 131 2.45 -7.44 43.95
CA GLU D 131 2.21 -6.55 45.08
C GLU D 131 0.83 -5.89 44.99
N ASP D 132 0.46 -5.47 43.78
CA ASP D 132 -0.84 -4.85 43.54
C ASP D 132 -1.96 -5.83 43.89
N CYS D 133 -1.82 -7.06 43.41
CA CYS D 133 -2.82 -8.09 43.68
C CYS D 133 -2.93 -8.35 45.18
N LEU D 134 -1.79 -8.40 45.88
CA LEU D 134 -1.78 -8.67 47.31
C LEU D 134 -2.54 -7.63 48.12
N GLY D 135 -2.46 -6.36 47.70
CA GLY D 135 -3.22 -5.31 48.35
C GLY D 135 -4.72 -5.53 48.22
N GLU D 136 -5.13 -6.06 47.08
CA GLU D 136 -6.54 -6.36 46.85
C GLU D 136 -7.01 -7.56 47.68
N VAL D 137 -6.15 -8.54 47.86
CA VAL D 137 -6.46 -9.66 48.75
C VAL D 137 -6.70 -9.15 50.17
N ALA D 138 -5.82 -8.29 50.66
CA ALA D 138 -5.97 -7.72 51.98
C ALA D 138 -7.31 -6.99 52.10
N ARG D 139 -7.66 -6.25 51.07
CA ARG D 139 -8.88 -5.45 51.10
C ARG D 139 -10.13 -6.34 51.14
N HIS D 140 -10.08 -7.47 50.45
CA HIS D 140 -11.25 -8.37 50.45
C HIS D 140 -11.33 -9.23 51.72
N VAL D 141 -10.18 -9.62 52.26
CA VAL D 141 -10.16 -10.33 53.53
C VAL D 141 -10.78 -9.45 54.62
N GLU D 142 -10.56 -8.14 54.51
CA GLU D 142 -11.16 -7.17 55.40
C GLU D 142 -12.68 -7.13 55.25
N LEU D 143 -13.16 -7.35 54.03
CA LEU D 143 -14.59 -7.33 53.75
C LEU D 143 -15.25 -8.64 54.18
N GLY D 144 -14.44 -9.60 54.62
CA GLY D 144 -14.96 -10.86 55.15
C GLY D 144 -14.92 -12.04 54.20
N TYR D 145 -14.35 -11.88 53.00
CA TYR D 145 -14.23 -12.99 52.06
C TYR D 145 -13.25 -14.05 52.59
N ARG D 146 -13.68 -15.31 52.56
CA ARG D 146 -12.87 -16.44 53.01
C ARG D 146 -12.12 -17.05 51.83
N ALA D 147 -12.48 -16.61 50.63
CA ALA D 147 -11.91 -17.14 49.40
C ALA D 147 -11.70 -16.00 48.42
N VAL D 148 -10.58 -16.03 47.71
CA VAL D 148 -10.25 -15.00 46.74
C VAL D 148 -9.68 -15.65 45.51
N ARG D 149 -10.03 -15.08 44.36
CA ARG D 149 -9.46 -15.46 43.09
C ARG D 149 -8.35 -14.46 42.80
N VAL D 150 -7.14 -14.94 42.54
CA VAL D 150 -6.01 -14.03 42.35
C VAL D 150 -5.47 -14.04 40.92
N GLN D 151 -5.29 -12.84 40.36
CA GLN D 151 -4.75 -12.70 39.02
C GLN D 151 -3.80 -11.51 39.04
N SER D 152 -2.72 -11.60 38.30
CA SER D 152 -1.84 -10.44 38.20
C SER D 152 -1.21 -10.38 36.82
N GLY D 153 -0.57 -9.25 36.50
CA GLY D 153 0.05 -9.08 35.20
C GLY D 153 1.25 -9.97 35.00
N VAL D 154 1.47 -10.38 33.76
CA VAL D 154 2.67 -11.11 33.38
C VAL D 154 3.68 -10.09 32.87
N PRO D 155 4.85 -9.99 33.52
CA PRO D 155 5.88 -9.06 33.07
C PRO D 155 6.31 -9.38 31.64
N GLY D 156 6.49 -8.36 30.81
CA GLY D 156 6.90 -8.56 29.44
C GLY D 156 5.73 -8.76 28.49
N ILE D 157 4.52 -8.60 29.03
CA ILE D 157 3.29 -8.73 28.24
C ILE D 157 2.29 -7.65 28.65
N GLU D 158 1.84 -6.87 27.68
CA GLU D 158 1.00 -5.70 27.93
C GLU D 158 -0.36 -6.05 28.53
N THR D 159 -0.90 -7.22 28.17
CA THR D 159 -2.26 -7.59 28.53
C THR D 159 -2.40 -9.04 29.03
N THR D 160 -2.90 -9.20 30.25
CA THR D 160 -3.21 -10.53 30.78
C THR D 160 -4.65 -10.56 31.27
N TYR D 161 -5.24 -11.76 31.29
CA TYR D 161 -6.64 -11.90 31.72
C TYR D 161 -6.89 -11.44 33.15
N GLY D 162 -7.98 -10.71 33.34
CA GLY D 162 -8.46 -10.38 34.67
C GLY D 162 -7.64 -9.33 35.39
N VAL D 163 -6.83 -8.57 34.64
CA VAL D 163 -6.04 -7.49 35.22
C VAL D 163 -6.25 -6.17 34.47
N SER D 176 -14.19 0.60 22.72
CA SER D 176 -15.31 0.68 21.80
C SER D 176 -16.17 -0.59 21.86
N SER D 177 -16.97 -0.82 20.84
CA SER D 177 -17.96 -1.90 20.86
C SER D 177 -17.45 -3.18 20.20
N LEU D 178 -16.27 -3.11 19.60
CA LEU D 178 -15.65 -4.25 18.93
C LEU D 178 -14.69 -4.97 19.88
N PRO D 179 -14.35 -6.23 19.58
CA PRO D 179 -13.47 -6.96 20.50
C PRO D 179 -12.11 -6.28 20.68
N ALA D 180 -11.73 -6.00 21.91
CA ALA D 180 -10.38 -5.50 22.18
C ALA D 180 -9.39 -6.60 21.79
N GLU D 181 -8.18 -6.23 21.41
CA GLU D 181 -7.19 -7.24 21.00
C GLU D 181 -6.03 -7.34 21.98
N HIS D 182 -5.98 -8.43 22.73
CA HIS D 182 -4.93 -8.64 23.71
C HIS D 182 -3.82 -9.50 23.12
N VAL D 183 -2.62 -9.39 23.68
CA VAL D 183 -1.48 -10.20 23.28
C VAL D 183 -1.12 -11.17 24.41
N TRP D 184 -0.67 -12.37 24.05
CA TRP D 184 -0.43 -13.41 25.03
C TRP D 184 0.87 -14.19 24.81
N SER D 185 1.52 -14.53 25.91
CA SER D 185 2.68 -15.42 25.92
C SER D 185 2.47 -16.50 26.98
N THR D 186 2.29 -17.73 26.53
CA THR D 186 2.11 -18.81 27.46
C THR D 186 3.34 -19.02 28.35
N GLU D 187 4.51 -19.01 27.73
CA GLU D 187 5.74 -19.37 28.44
C GLU D 187 6.06 -18.37 29.56
N LYS D 188 5.79 -17.09 29.32
CA LYS D 188 6.07 -16.08 30.34
C LYS D 188 5.08 -16.22 31.49
N TYR D 189 3.84 -16.54 31.15
CA TYR D 189 2.80 -16.77 32.14
C TYR D 189 3.13 -17.97 33.04
N LEU D 190 3.64 -19.05 32.45
CA LEU D 190 3.86 -20.28 33.21
C LEU D 190 4.96 -20.10 34.22
N ASN D 191 5.95 -19.30 33.85
CA ASN D 191 7.06 -19.01 34.73
C ASN D 191 6.66 -18.03 35.83
N HIS D 192 5.67 -17.20 35.56
CA HIS D 192 5.32 -16.13 36.49
C HIS D 192 4.25 -16.48 37.52
N ALA D 193 3.23 -17.20 37.09
CA ALA D 193 2.07 -17.49 37.92
C ALA D 193 2.34 -18.14 39.28
N PRO D 194 3.26 -19.14 39.34
CA PRO D 194 3.51 -19.73 40.67
C PRO D 194 4.04 -18.70 41.67
N LYS D 195 4.75 -17.69 41.17
CA LYS D 195 5.30 -16.64 42.01
C LYS D 195 4.18 -15.86 42.70
N LEU D 196 3.06 -15.68 42.00
CA LEU D 196 1.89 -15.01 42.58
C LEU D 196 1.33 -15.79 43.79
N PHE D 197 1.08 -17.08 43.63
CA PHE D 197 0.47 -17.88 44.70
C PHE D 197 1.40 -17.98 45.90
N ALA D 198 2.70 -18.10 45.63
CA ALA D 198 3.71 -18.12 46.68
C ALA D 198 3.63 -16.86 47.52
N ALA D 199 3.55 -15.72 46.85
CA ALA D 199 3.44 -14.43 47.54
C ALA D 199 2.14 -14.31 48.35
N VAL D 200 1.04 -14.86 47.83
CA VAL D 200 -0.22 -14.85 48.56
C VAL D 200 -0.14 -15.68 49.86
N ARG D 201 0.47 -16.86 49.76
CA ARG D 201 0.63 -17.70 50.94
C ARG D 201 1.59 -17.08 51.96
N GLU D 202 2.66 -16.47 51.47
CA GLU D 202 3.63 -15.86 52.37
C GLU D 202 3.00 -14.71 53.17
N ARG D 203 2.13 -13.94 52.53
CA ARG D 203 1.52 -12.81 53.21
C ARG D 203 0.27 -13.15 54.02
N PHE D 204 -0.56 -14.05 53.49
CA PHE D 204 -1.88 -14.28 54.07
C PHE D 204 -2.09 -15.63 54.77
N GLY D 205 -1.13 -16.53 54.65
CA GLY D 205 -1.18 -17.79 55.37
C GLY D 205 -1.95 -18.90 54.67
N ASP D 206 -2.19 -19.97 55.40
CA ASP D 206 -2.76 -21.21 54.83
C ASP D 206 -4.27 -21.31 54.86
N ASP D 207 -4.95 -20.50 55.66
CA ASP D 207 -6.38 -20.71 55.90
C ASP D 207 -7.27 -20.13 54.80
N LEU D 208 -6.78 -19.09 54.16
CA LEU D 208 -7.48 -18.43 53.08
C LEU D 208 -7.63 -19.39 51.89
N HIS D 209 -8.82 -19.45 51.28
CA HIS D 209 -9.00 -20.23 50.06
C HIS D 209 -8.54 -19.38 48.89
N VAL D 210 -7.71 -19.95 48.03
CA VAL D 210 -7.09 -19.20 46.93
C VAL D 210 -7.37 -19.89 45.61
N LEU D 211 -7.99 -19.13 44.69
CA LEU D 211 -8.45 -19.66 43.43
C LEU D 211 -7.69 -18.97 42.30
N HIS D 212 -7.61 -19.63 41.14
CA HIS D 212 -6.99 -19.01 39.98
C HIS D 212 -7.66 -19.46 38.71
N ASP D 213 -7.87 -18.51 37.80
CA ASP D 213 -8.56 -18.79 36.54
C ASP D 213 -7.53 -18.69 35.41
N VAL D 214 -7.26 -19.83 34.78
CA VAL D 214 -6.28 -19.93 33.71
C VAL D 214 -6.87 -19.37 32.41
N HIS D 215 -8.18 -19.41 32.31
CA HIS D 215 -8.90 -18.77 31.19
C HIS D 215 -8.47 -19.27 29.82
N HIS D 216 -8.38 -20.59 29.70
CA HIS D 216 -8.34 -21.31 28.41
C HIS D 216 -7.03 -21.30 27.64
N ARG D 217 -5.98 -20.72 28.23
CA ARG D 217 -4.80 -20.37 27.43
C ARG D 217 -3.74 -21.46 27.25
N LEU D 218 -3.87 -22.56 27.99
CA LEU D 218 -2.84 -23.58 28.01
C LEU D 218 -3.20 -24.83 27.21
N THR D 219 -2.19 -25.61 26.83
CA THR D 219 -2.41 -26.96 26.33
C THR D 219 -2.43 -27.91 27.55
N PRO D 220 -2.95 -29.14 27.39
CA PRO D 220 -3.01 -30.04 28.54
C PRO D 220 -1.68 -30.25 29.29
N ILE D 221 -0.58 -30.50 28.59
CA ILE D 221 0.66 -30.76 29.31
C ILE D 221 1.20 -29.48 29.98
N GLU D 222 0.88 -28.32 29.41
CA GLU D 222 1.24 -27.05 30.03
C GLU D 222 0.45 -26.85 31.32
N ALA D 223 -0.84 -27.20 31.29
CA ALA D 223 -1.67 -27.13 32.47
C ALA D 223 -1.25 -28.16 33.53
N ALA D 224 -0.81 -29.33 33.08
CA ALA D 224 -0.26 -30.35 33.98
C ALA D 224 0.97 -29.80 34.72
N ARG D 225 1.89 -29.22 33.96
CA ARG D 225 3.06 -28.57 34.52
C ARG D 225 2.68 -27.50 35.54
N LEU D 226 1.72 -26.64 35.16
CA LEU D 226 1.29 -25.58 36.08
C LEU D 226 0.67 -26.12 37.36
N GLY D 227 -0.23 -27.09 37.21
CA GLY D 227 -0.88 -27.74 38.35
C GLY D 227 0.14 -28.28 39.33
N LYS D 228 1.15 -28.97 38.81
CA LYS D 228 2.22 -29.53 39.64
C LYS D 228 2.99 -28.44 40.36
N ALA D 229 3.34 -27.40 39.61
CA ALA D 229 4.11 -26.29 40.15
C ALA D 229 3.39 -25.55 41.28
N VAL D 230 2.06 -25.58 41.26
CA VAL D 230 1.30 -24.87 42.29
C VAL D 230 0.73 -25.77 43.40
N GLU D 231 1.02 -27.07 43.32
CA GLU D 231 0.65 -27.96 44.42
C GLU D 231 1.05 -27.47 45.83
N PRO D 232 2.27 -26.91 45.99
CA PRO D 232 2.64 -26.46 47.34
C PRO D 232 1.76 -25.36 47.92
N TYR D 233 1.03 -24.65 47.06
CA TYR D 233 0.22 -23.52 47.50
C TYR D 233 -1.23 -23.91 47.75
N HIS D 234 -1.57 -25.18 47.47
CA HIS D 234 -2.88 -25.72 47.77
C HIS D 234 -4.05 -24.84 47.33
N LEU D 235 -4.17 -24.64 46.02
CA LEU D 235 -5.26 -23.83 45.50
C LEU D 235 -6.61 -24.50 45.71
N PHE D 236 -7.64 -23.70 45.93
CA PHE D 236 -9.02 -24.18 46.01
C PHE D 236 -9.38 -24.78 44.66
N TRP D 237 -9.03 -24.06 43.59
CA TRP D 237 -9.10 -24.62 42.25
C TRP D 237 -8.21 -23.90 41.24
N LEU D 238 -7.90 -24.60 40.16
CA LEU D 238 -7.28 -24.04 38.99
C LEU D 238 -8.35 -24.21 37.90
N GLU D 239 -8.81 -23.07 37.38
CA GLU D 239 -10.03 -23.05 36.56
C GLU D 239 -9.76 -22.89 35.07
N ASP D 240 -10.51 -23.65 34.27
CA ASP D 240 -10.51 -23.47 32.81
C ASP D 240 -9.10 -23.54 32.21
N CYS D 241 -8.37 -24.58 32.58
CA CYS D 241 -6.99 -24.77 32.13
C CYS D 241 -6.83 -24.79 30.61
N VAL D 242 -7.75 -25.47 29.93
CA VAL D 242 -7.60 -25.75 28.50
C VAL D 242 -9.00 -25.72 27.87
N PRO D 243 -9.09 -25.34 26.59
CA PRO D 243 -10.40 -25.43 25.92
C PRO D 243 -10.82 -26.89 25.91
N ALA D 244 -12.10 -27.12 26.20
CA ALA D 244 -12.55 -28.46 26.54
C ALA D 244 -13.73 -28.93 25.69
N GLU D 245 -13.84 -28.42 24.47
CA GLU D 245 -14.82 -29.00 23.54
C GLU D 245 -14.51 -30.48 23.37
N ASN D 246 -13.22 -30.80 23.34
CA ASN D 246 -12.75 -32.17 23.43
C ASN D 246 -12.50 -32.46 24.89
N GLN D 247 -13.43 -33.17 25.53
CA GLN D 247 -13.38 -33.33 26.98
C GLN D 247 -12.17 -34.13 27.44
N GLU D 248 -11.62 -34.97 26.55
CA GLU D 248 -10.40 -35.70 26.84
C GLU D 248 -9.20 -34.78 27.11
N SER D 249 -9.34 -33.49 26.78
CA SER D 249 -8.28 -32.53 27.04
C SER D 249 -7.88 -32.46 28.51
N LEU D 250 -8.80 -32.85 29.39
CA LEU D 250 -8.54 -32.76 30.82
C LEU D 250 -7.72 -33.93 31.35
N ARG D 251 -7.63 -35.01 30.57
N ARG D 251 -7.64 -35.01 30.57
CA ARG D 251 -7.02 -36.24 31.06
CA ARG D 251 -7.01 -36.24 31.02
C ARG D 251 -5.56 -36.12 31.49
C ARG D 251 -5.57 -36.07 31.52
N LEU D 252 -4.73 -35.50 30.67
CA LEU D 252 -3.32 -35.34 30.99
C LEU D 252 -3.12 -34.50 32.24
N ILE D 253 -3.99 -33.51 32.43
CA ILE D 253 -3.89 -32.66 33.59
C ILE D 253 -4.17 -33.48 34.84
N ARG D 254 -5.27 -34.21 34.82
CA ARG D 254 -5.71 -34.98 35.99
C ARG D 254 -4.72 -36.07 36.36
N GLU D 255 -4.03 -36.61 35.37
CA GLU D 255 -3.09 -37.70 35.62
C GLU D 255 -1.76 -37.20 36.17
N HIS D 256 -1.53 -35.90 36.08
CA HIS D 256 -0.23 -35.35 36.47
C HIS D 256 -0.23 -34.43 37.68
N THR D 257 -1.40 -34.02 38.17
CA THR D 257 -1.45 -33.11 39.31
C THR D 257 -2.58 -33.39 40.28
N THR D 258 -2.38 -33.03 41.53
CA THR D 258 -3.43 -33.13 42.55
C THR D 258 -4.01 -31.74 42.90
N THR D 259 -3.58 -30.70 42.20
CA THR D 259 -4.26 -29.42 42.32
C THR D 259 -5.68 -29.59 41.81
N PRO D 260 -6.68 -29.19 42.63
CA PRO D 260 -8.09 -29.34 42.23
C PRO D 260 -8.44 -28.55 40.96
N LEU D 261 -9.31 -29.12 40.13
CA LEU D 261 -9.62 -28.52 38.84
C LEU D 261 -11.07 -28.09 38.72
N ALA D 262 -11.28 -26.95 38.07
CA ALA D 262 -12.66 -26.50 37.82
C ALA D 262 -12.82 -26.16 36.35
N ILE D 263 -14.02 -26.39 35.84
CA ILE D 263 -14.29 -26.03 34.45
C ILE D 263 -15.79 -25.84 34.22
N GLY D 264 -16.14 -25.04 33.21
CA GLY D 264 -17.48 -25.15 32.65
C GLY D 264 -18.31 -23.90 32.43
N GLU D 265 -17.77 -22.72 32.73
CA GLU D 265 -18.54 -21.50 32.48
C GLU D 265 -18.94 -21.35 31.00
N VAL D 266 -18.17 -21.92 30.08
CA VAL D 266 -18.53 -21.78 28.67
C VAL D 266 -19.40 -22.94 28.15
N PHE D 267 -19.82 -23.83 29.04
CA PHE D 267 -20.67 -24.96 28.66
C PHE D 267 -22.15 -24.60 28.78
N ASN D 268 -23.00 -25.34 28.05
CA ASN D 268 -24.44 -25.10 28.09
C ASN D 268 -25.28 -26.38 28.25
N SER D 269 -24.63 -27.53 28.22
CA SER D 269 -25.33 -28.80 28.20
C SER D 269 -24.63 -29.83 29.07
N ILE D 270 -25.39 -30.75 29.67
CA ILE D 270 -24.80 -31.87 30.39
C ILE D 270 -23.89 -32.67 29.45
N HIS D 271 -24.16 -32.58 28.16
CA HIS D 271 -23.39 -33.34 27.16
C HIS D 271 -22.03 -32.73 26.89
N ASP D 272 -21.80 -31.53 27.42
CA ASP D 272 -20.49 -30.88 27.36
C ASP D 272 -19.59 -31.39 28.48
N CYS D 273 -20.15 -32.08 29.46
CA CYS D 273 -19.39 -32.38 30.67
C CYS D 273 -19.64 -33.73 31.32
N ARG D 274 -20.53 -34.52 30.72
CA ARG D 274 -20.85 -35.87 31.24
C ARG D 274 -19.59 -36.70 31.46
N GLU D 275 -18.73 -36.76 30.45
CA GLU D 275 -17.50 -37.54 30.55
C GLU D 275 -16.45 -36.94 31.51
N LEU D 276 -16.36 -35.60 31.56
CA LEU D 276 -15.46 -34.93 32.50
C LEU D 276 -15.80 -35.39 33.92
N ILE D 277 -17.08 -35.45 34.19
CA ILE D 277 -17.57 -35.80 35.51
C ILE D 277 -17.40 -37.31 35.79
N GLN D 278 -17.92 -38.14 34.88
CA GLN D 278 -17.87 -39.58 35.07
C GLN D 278 -16.46 -40.17 35.14
N ASN D 279 -15.49 -39.55 34.47
CA ASN D 279 -14.11 -40.03 34.49
C ASN D 279 -13.31 -39.38 35.60
N GLN D 280 -14.00 -38.58 36.42
CA GLN D 280 -13.36 -37.88 37.54
C GLN D 280 -12.18 -37.01 37.11
N TRP D 281 -12.40 -36.20 36.08
CA TRP D 281 -11.36 -35.32 35.56
C TRP D 281 -11.43 -33.87 36.11
N ILE D 282 -12.50 -33.56 36.84
CA ILE D 282 -12.65 -32.23 37.44
C ILE D 282 -13.21 -32.36 38.85
N ASP D 283 -13.02 -31.30 39.64
CA ASP D 283 -13.58 -31.23 41.00
C ASP D 283 -14.78 -30.30 41.17
N TYR D 284 -14.88 -29.29 40.29
CA TYR D 284 -15.98 -28.34 40.36
C TYR D 284 -16.54 -28.10 38.97
N ILE D 285 -17.86 -28.15 38.85
CA ILE D 285 -18.54 -27.81 37.61
C ILE D 285 -19.05 -26.35 37.68
N ARG D 286 -18.69 -25.54 36.68
CA ARG D 286 -18.88 -24.08 36.74
C ARG D 286 -20.08 -23.52 35.97
N MET D 287 -20.77 -24.37 35.23
CA MET D 287 -21.84 -23.91 34.34
C MET D 287 -22.97 -23.30 35.16
N PRO D 288 -23.38 -22.06 34.82
CA PRO D 288 -24.39 -21.39 35.64
C PRO D 288 -25.80 -21.57 35.09
N LEU D 289 -26.81 -21.10 35.82
CA LEU D 289 -28.20 -21.30 35.42
C LEU D 289 -28.56 -20.66 34.08
N THR D 290 -28.11 -19.43 33.86
CA THR D 290 -28.47 -18.67 32.65
C THR D 290 -28.04 -19.37 31.37
N HIS D 291 -26.87 -20.00 31.39
CA HIS D 291 -26.34 -20.60 30.19
C HIS D 291 -26.53 -22.10 30.15
N GLY D 292 -26.85 -22.70 31.30
CA GLY D 292 -26.96 -24.15 31.40
C GLY D 292 -28.37 -24.72 31.39
N GLY D 293 -29.29 -24.01 30.74
CA GLY D 293 -30.65 -24.50 30.59
C GLY D 293 -31.50 -24.41 31.86
N GLY D 294 -31.11 -23.53 32.77
CA GLY D 294 -31.92 -23.21 33.93
C GLY D 294 -31.86 -24.18 35.10
N ILE D 295 -32.83 -24.06 36.00
CA ILE D 295 -32.94 -24.93 37.18
C ILE D 295 -33.15 -26.40 36.80
N THR D 296 -34.01 -26.62 35.81
CA THR D 296 -34.37 -27.97 35.40
C THR D 296 -33.14 -28.77 34.99
N ALA D 297 -32.27 -28.17 34.18
CA ALA D 297 -31.11 -28.89 33.66
C ALA D 297 -29.99 -28.94 34.67
N MET D 298 -29.78 -27.83 35.37
CA MET D 298 -28.66 -27.76 36.31
C MET D 298 -28.86 -28.66 37.52
N ARG D 299 -30.10 -28.91 37.92
CA ARG D 299 -30.35 -29.89 38.96
C ARG D 299 -29.78 -31.25 38.53
N ARG D 300 -30.02 -31.62 37.28
CA ARG D 300 -29.51 -32.88 36.73
C ARG D 300 -27.98 -32.93 36.66
N VAL D 301 -27.37 -31.82 36.24
CA VAL D 301 -25.92 -31.74 36.17
C VAL D 301 -25.33 -31.83 37.57
N ALA D 302 -25.91 -31.10 38.52
CA ALA D 302 -25.42 -31.14 39.90
C ALA D 302 -25.54 -32.55 40.46
N ASP D 303 -26.66 -33.21 40.18
CA ASP D 303 -26.88 -34.57 40.67
C ASP D 303 -25.89 -35.58 40.08
N LEU D 304 -25.59 -35.45 38.78
CA LEU D 304 -24.59 -36.33 38.16
C LEU D 304 -23.25 -36.10 38.83
N ALA D 305 -22.89 -34.84 38.99
CA ALA D 305 -21.65 -34.46 39.63
C ALA D 305 -21.47 -35.10 41.00
N SER D 306 -22.56 -35.12 41.79
CA SER D 306 -22.51 -35.63 43.16
C SER D 306 -22.10 -37.10 43.28
N LEU D 307 -22.40 -37.91 42.26
CA LEU D 307 -21.99 -39.32 42.24
C LEU D 307 -20.48 -39.49 42.19
N TYR D 308 -19.78 -38.44 41.78
CA TYR D 308 -18.34 -38.49 41.58
C TYR D 308 -17.59 -37.50 42.46
N HIS D 309 -18.24 -37.07 43.54
CA HIS D 309 -17.67 -36.11 44.50
C HIS D 309 -17.43 -34.72 43.91
N VAL D 310 -17.96 -34.47 42.72
CA VAL D 310 -17.81 -33.18 42.08
C VAL D 310 -18.80 -32.17 42.68
N ARG D 311 -18.34 -30.94 42.90
CA ARG D 311 -19.14 -29.93 43.58
C ARG D 311 -19.50 -28.79 42.65
N THR D 312 -20.54 -28.04 42.97
CA THR D 312 -20.93 -26.89 42.14
C THR D 312 -20.07 -25.68 42.45
N GLY D 313 -19.70 -24.95 41.40
CA GLY D 313 -18.98 -23.70 41.56
C GLY D 313 -19.48 -22.74 40.51
N PHE D 314 -20.73 -22.32 40.63
CA PHE D 314 -21.39 -21.52 39.60
C PHE D 314 -20.58 -20.29 39.19
N HIS D 315 -20.38 -20.14 37.90
CA HIS D 315 -19.95 -18.88 37.31
C HIS D 315 -20.86 -17.78 37.85
N GLY D 316 -20.27 -16.67 38.31
CA GLY D 316 -21.03 -15.62 38.93
C GLY D 316 -20.50 -14.24 38.61
N ALA D 317 -19.95 -14.09 37.41
CA ALA D 317 -19.47 -12.79 36.93
C ALA D 317 -20.64 -11.82 36.70
N THR D 318 -20.33 -10.54 36.43
CA THR D 318 -21.37 -9.53 36.31
C THR D 318 -22.31 -9.76 35.13
N ASP D 319 -21.86 -10.53 34.14
CA ASP D 319 -22.66 -10.74 32.93
C ASP D 319 -23.77 -11.76 33.14
N LEU D 320 -23.89 -12.29 34.35
CA LEU D 320 -25.08 -13.01 34.77
C LEU D 320 -25.86 -12.02 35.63
N SER D 321 -27.13 -11.77 35.28
CA SER D 321 -27.91 -10.72 35.94
C SER D 321 -28.30 -11.11 37.37
N PRO D 322 -28.74 -10.13 38.18
CA PRO D 322 -29.25 -10.46 39.52
C PRO D 322 -30.37 -11.50 39.52
N VAL D 323 -31.10 -11.65 38.42
CA VAL D 323 -32.13 -12.67 38.35
C VAL D 323 -31.46 -14.06 38.43
N CYS D 324 -30.37 -14.23 37.70
CA CYS D 324 -29.59 -15.46 37.80
C CYS D 324 -29.00 -15.61 39.21
N LEU D 325 -28.50 -14.51 39.77
CA LEU D 325 -27.87 -14.55 41.09
C LEU D 325 -28.85 -14.98 42.18
N GLY D 326 -30.03 -14.36 42.20
CA GLY D 326 -31.06 -14.77 43.13
C GLY D 326 -31.40 -16.26 43.02
N ALA D 327 -31.67 -16.70 41.79
CA ALA D 327 -32.01 -18.11 41.58
C ALA D 327 -30.85 -19.03 41.97
N ALA D 328 -29.63 -18.59 41.68
CA ALA D 328 -28.43 -19.37 41.98
C ALA D 328 -28.27 -19.52 43.49
N ILE D 329 -28.57 -18.45 44.23
CA ILE D 329 -28.41 -18.53 45.69
C ILE D 329 -29.43 -19.50 46.27
N HIS D 330 -30.67 -19.44 45.80
CA HIS D 330 -31.66 -20.45 46.15
C HIS D 330 -31.15 -21.87 45.86
N PHE D 331 -30.65 -22.08 44.65
CA PHE D 331 -30.12 -23.39 44.23
C PHE D 331 -28.96 -23.81 45.15
N ASP D 332 -27.99 -22.92 45.33
CA ASP D 332 -26.83 -23.11 46.20
C ASP D 332 -27.24 -23.45 47.63
N THR D 333 -28.41 -22.97 48.06
CA THR D 333 -28.87 -23.17 49.42
C THR D 333 -29.39 -24.60 49.62
N TRP D 334 -29.98 -25.16 48.57
CA TRP D 334 -30.55 -26.51 48.61
C TRP D 334 -29.52 -27.58 48.24
N VAL D 335 -28.74 -27.35 47.19
CA VAL D 335 -27.94 -28.42 46.57
C VAL D 335 -26.97 -29.06 47.56
N PRO D 336 -26.98 -30.41 47.64
CA PRO D 336 -26.13 -31.07 48.63
C PRO D 336 -24.66 -30.80 48.35
N ASN D 337 -24.26 -31.01 47.09
CA ASN D 337 -22.86 -30.89 46.69
C ASN D 337 -22.45 -29.48 46.26
N PHE D 338 -22.80 -28.49 47.08
CA PHE D 338 -22.39 -27.12 46.85
C PHE D 338 -20.89 -27.00 47.13
N GLY D 339 -20.20 -26.22 46.30
CA GLY D 339 -18.78 -25.97 46.49
C GLY D 339 -18.50 -24.52 46.87
N ILE D 340 -18.84 -23.59 45.99
CA ILE D 340 -18.63 -22.16 46.22
C ILE D 340 -19.47 -21.36 45.22
N GLN D 341 -19.75 -20.10 45.53
CA GLN D 341 -20.45 -19.22 44.60
C GLN D 341 -19.57 -18.03 44.25
N GLU D 342 -19.26 -17.87 42.97
CA GLU D 342 -18.48 -16.72 42.55
C GLU D 342 -19.27 -15.43 42.77
N HIS D 343 -18.60 -14.38 43.26
CA HIS D 343 -19.25 -13.08 43.46
C HIS D 343 -18.49 -11.93 42.83
N MET D 344 -19.04 -11.37 41.76
CA MET D 344 -18.58 -10.09 41.24
C MET D 344 -19.75 -9.15 41.45
N PRO D 345 -19.62 -8.20 42.36
CA PRO D 345 -20.71 -7.28 42.68
C PRO D 345 -21.20 -6.53 41.44
N HIS D 346 -22.52 -6.44 41.30
CA HIS D 346 -23.12 -5.67 40.22
C HIS D 346 -23.06 -4.18 40.57
N THR D 347 -23.27 -3.32 39.59
CA THR D 347 -23.32 -1.89 39.86
C THR D 347 -24.58 -1.51 40.65
N ASP D 348 -24.56 -0.35 41.31
CA ASP D 348 -25.72 0.13 42.04
C ASP D 348 -26.90 0.28 41.10
N GLU D 349 -26.62 0.78 39.90
CA GLU D 349 -27.65 0.95 38.88
C GLU D 349 -28.30 -0.39 38.53
N THR D 350 -27.48 -1.41 38.31
CA THR D 350 -27.97 -2.76 38.06
C THR D 350 -28.83 -3.28 39.22
N ASP D 351 -28.35 -3.12 40.45
CA ASP D 351 -29.13 -3.57 41.60
C ASP D 351 -30.48 -2.85 41.71
N ALA D 352 -30.51 -1.59 41.28
CA ALA D 352 -31.74 -0.80 41.30
C ALA D 352 -32.74 -1.33 40.27
N VAL D 353 -32.24 -1.76 39.12
CA VAL D 353 -33.10 -2.27 38.04
C VAL D 353 -33.64 -3.65 38.41
N PHE D 354 -32.89 -4.36 39.25
CA PHE D 354 -33.33 -5.69 39.67
C PHE D 354 -33.48 -5.83 41.19
N PRO D 355 -34.52 -5.23 41.77
CA PRO D 355 -34.72 -5.34 43.22
C PRO D 355 -34.79 -6.81 43.63
N HIS D 356 -34.18 -7.17 44.76
CA HIS D 356 -33.99 -8.57 45.10
C HIS D 356 -33.85 -8.73 46.60
N ASP D 357 -34.09 -9.94 47.13
CA ASP D 357 -34.01 -10.12 48.58
C ASP D 357 -32.88 -11.03 49.08
N TYR D 358 -32.03 -11.51 48.17
CA TYR D 358 -30.81 -12.15 48.64
C TYR D 358 -29.92 -11.10 49.30
N ARG D 359 -29.12 -11.53 50.26
CA ARG D 359 -28.27 -10.62 51.01
C ARG D 359 -26.84 -11.13 51.05
N PHE D 360 -25.90 -10.19 51.01
CA PHE D 360 -24.49 -10.51 51.17
C PHE D 360 -24.06 -10.03 52.54
N GLU D 361 -23.46 -10.92 53.31
CA GLU D 361 -22.99 -10.57 54.65
C GLU D 361 -21.67 -11.29 54.95
N ASP D 362 -20.62 -10.52 55.21
CA ASP D 362 -19.35 -11.09 55.66
C ASP D 362 -18.84 -12.24 54.78
N GLY D 363 -18.86 -12.05 53.47
CA GLY D 363 -18.33 -13.05 52.55
C GLY D 363 -19.28 -14.18 52.18
N HIS D 364 -20.51 -14.14 52.67
CA HIS D 364 -21.50 -15.18 52.36
C HIS D 364 -22.80 -14.59 51.84
N PHE D 365 -23.45 -15.32 50.94
CA PHE D 365 -24.80 -14.94 50.55
C PHE D 365 -25.81 -15.59 51.49
N LEU D 366 -26.93 -14.91 51.72
CA LEU D 366 -28.08 -15.52 52.38
C LEU D 366 -29.26 -15.48 51.43
N ALA D 367 -29.95 -16.62 51.30
CA ALA D 367 -31.09 -16.72 50.39
C ALA D 367 -32.25 -15.86 50.87
N GLY D 368 -33.07 -15.42 49.93
CA GLY D 368 -34.27 -14.68 50.26
C GLY D 368 -35.36 -15.57 50.78
N GLU D 369 -36.34 -14.99 51.47
CA GLU D 369 -37.45 -15.76 52.02
C GLU D 369 -38.78 -15.52 51.30
N SER D 370 -38.81 -14.53 50.41
CA SER D 370 -40.05 -14.25 49.68
C SER D 370 -40.28 -15.25 48.56
N PRO D 371 -41.54 -15.51 48.20
CA PRO D 371 -41.83 -16.54 47.18
C PRO D 371 -41.22 -16.20 45.82
N GLY D 372 -40.86 -17.26 45.08
CA GLY D 372 -40.17 -17.12 43.81
C GLY D 372 -38.68 -17.18 44.06
N HIS D 373 -37.89 -16.74 43.10
CA HIS D 373 -36.45 -16.61 43.34
C HIS D 373 -36.12 -15.29 44.05
N GLY D 374 -37.13 -14.44 44.23
CA GLY D 374 -37.00 -13.21 45.00
C GLY D 374 -36.45 -12.02 44.23
N VAL D 375 -36.29 -12.17 42.92
CA VAL D 375 -35.83 -11.05 42.10
C VAL D 375 -36.95 -10.49 41.21
N ASP D 376 -37.00 -9.16 41.10
CA ASP D 376 -37.97 -8.48 40.23
C ASP D 376 -37.21 -7.67 39.21
N ILE D 377 -37.92 -7.12 38.23
CA ILE D 377 -37.32 -6.13 37.34
C ILE D 377 -38.19 -4.88 37.33
N ASP D 378 -37.55 -3.74 37.55
CA ASP D 378 -38.21 -2.44 37.46
C ASP D 378 -38.13 -2.02 35.99
N GLU D 379 -39.23 -2.16 35.27
CA GLU D 379 -39.21 -1.96 33.82
C GLU D 379 -39.11 -0.49 33.45
N GLU D 380 -39.62 0.37 34.33
CA GLU D 380 -39.56 1.80 34.09
C GLU D 380 -38.11 2.26 34.18
N LEU D 381 -37.41 1.74 35.17
CA LEU D 381 -36.01 2.09 35.35
C LEU D 381 -35.15 1.44 34.28
N ALA D 382 -35.51 0.21 33.92
CA ALA D 382 -34.79 -0.52 32.88
C ALA D 382 -34.80 0.26 31.57
N ALA D 383 -35.93 0.92 31.30
CA ALA D 383 -36.10 1.65 30.05
C ALA D 383 -35.18 2.86 29.95
N LYS D 384 -34.63 3.30 31.07
CA LYS D 384 -33.76 4.49 31.08
C LYS D 384 -32.35 4.15 30.61
N TYR D 385 -32.05 2.85 30.49
CA TYR D 385 -30.72 2.42 30.06
C TYR D 385 -30.79 1.58 28.80
N PRO D 386 -30.74 2.25 27.63
CA PRO D 386 -30.83 1.47 26.39
C PRO D 386 -29.59 0.60 26.15
N TYR D 387 -29.79 -0.46 25.39
CA TYR D 387 -28.72 -1.35 24.94
C TYR D 387 -27.53 -0.57 24.37
N GLU D 388 -26.32 -0.99 24.72
CA GLU D 388 -25.09 -0.47 24.11
C GLU D 388 -24.21 -1.66 23.74
N ARG D 389 -23.91 -1.80 22.45
CA ARG D 389 -23.11 -2.94 21.98
C ARG D 389 -21.76 -3.00 22.66
N ALA D 390 -21.38 -4.19 23.12
CA ALA D 390 -20.09 -4.40 23.76
C ALA D 390 -19.66 -5.84 23.57
N SER D 391 -18.44 -6.04 23.07
CA SER D 391 -17.96 -7.37 22.78
C SER D 391 -16.80 -7.76 23.68
N LEU D 392 -16.71 -9.05 23.93
CA LEU D 392 -15.58 -9.64 24.66
C LEU D 392 -14.30 -9.54 23.82
N PRO D 393 -13.14 -9.47 24.50
CA PRO D 393 -11.87 -9.34 23.77
C PRO D 393 -11.49 -10.64 23.07
N VAL D 394 -10.58 -10.53 22.11
CA VAL D 394 -9.90 -11.69 21.58
C VAL D 394 -8.46 -11.65 22.07
N ASN D 395 -7.77 -12.77 21.93
CA ASN D 395 -6.39 -12.90 22.40
C ASN D 395 -5.55 -13.37 21.22
N ARG D 396 -4.42 -12.72 20.96
CA ARG D 396 -3.51 -13.21 19.93
C ARG D 396 -2.14 -13.49 20.52
N LEU D 397 -1.44 -14.47 19.96
CA LEU D 397 -0.07 -14.73 20.38
C LEU D 397 0.84 -13.64 19.84
N GLU D 398 2.10 -13.66 20.22
CA GLU D 398 3.01 -12.61 19.79
C GLU D 398 3.19 -12.59 18.27
N ASP D 399 3.02 -13.74 17.62
CA ASP D 399 3.14 -13.78 16.16
C ASP D 399 1.84 -13.40 15.44
N GLY D 400 0.79 -13.14 16.22
CA GLY D 400 -0.48 -12.72 15.64
C GLY D 400 -1.50 -13.86 15.54
N THR D 401 -1.11 -15.07 15.94
CA THR D 401 -2.04 -16.21 15.95
C THR D 401 -3.27 -15.92 16.78
N LEU D 402 -4.45 -16.11 16.20
CA LEU D 402 -5.69 -15.95 16.96
C LEU D 402 -5.79 -17.09 17.98
N TRP D 403 -5.71 -16.73 19.25
CA TRP D 403 -5.61 -17.73 20.33
C TRP D 403 -6.91 -17.76 21.14
N HIS D 404 -6.85 -18.34 22.33
CA HIS D 404 -8.00 -18.42 23.22
C HIS D 404 -7.92 -17.28 24.23
N TRP D 405 -9.00 -16.53 24.37
CA TRP D 405 -9.05 -15.48 25.39
C TRP D 405 -9.62 -16.02 26.70
N SER E 2 36.58 -64.64 9.23
CA SER E 2 35.29 -64.96 8.61
C SER E 2 35.27 -64.49 7.16
N LEU E 3 34.56 -65.25 6.30
CA LEU E 3 34.44 -64.89 4.89
C LEU E 3 33.69 -63.57 4.67
N LYS E 4 34.31 -62.67 3.90
CA LYS E 4 33.74 -61.36 3.62
C LYS E 4 33.03 -61.36 2.29
N ILE E 5 32.12 -60.41 2.12
CA ILE E 5 31.47 -60.20 0.83
C ILE E 5 32.46 -59.55 -0.12
N ARG E 6 32.65 -60.20 -1.27
CA ARG E 6 33.57 -59.76 -2.30
C ARG E 6 32.83 -58.92 -3.34
N ASP E 7 31.62 -59.36 -3.67
CA ASP E 7 30.82 -58.67 -4.67
C ASP E 7 29.34 -58.80 -4.35
N ALA E 8 28.58 -57.80 -4.75
CA ALA E 8 27.12 -57.82 -4.64
C ALA E 8 26.55 -56.97 -5.77
N TYR E 9 25.53 -57.49 -6.46
CA TYR E 9 24.98 -56.78 -7.60
C TYR E 9 23.59 -57.27 -7.91
N THR E 10 22.83 -56.44 -8.61
CA THR E 10 21.48 -56.82 -8.98
C THR E 10 21.43 -57.35 -10.41
N ILE E 11 20.43 -58.19 -10.66
CA ILE E 11 20.15 -58.65 -12.01
C ILE E 11 18.68 -58.33 -12.29
N VAL E 12 18.42 -57.65 -13.40
CA VAL E 12 17.06 -57.33 -13.80
C VAL E 12 16.71 -58.07 -15.09
N THR E 13 15.61 -58.81 -15.07
CA THR E 13 15.25 -59.67 -16.20
C THR E 13 13.73 -59.77 -16.34
N CYS E 14 13.28 -60.03 -17.57
CA CYS E 14 11.84 -60.12 -17.81
C CYS E 14 11.48 -61.38 -18.61
N PRO E 15 11.59 -62.56 -17.98
CA PRO E 15 11.18 -63.79 -18.67
C PRO E 15 9.69 -64.01 -18.52
N GLY E 16 8.89 -63.12 -19.12
CA GLY E 16 7.46 -63.21 -18.99
C GLY E 16 6.90 -62.09 -18.14
N ARG E 17 7.71 -61.61 -17.20
CA ARG E 17 7.40 -60.45 -16.38
C ARG E 17 8.68 -60.05 -15.68
N ASN E 18 8.72 -58.86 -15.09
CA ASN E 18 9.94 -58.35 -14.46
C ASN E 18 10.29 -59.00 -13.13
N PHE E 19 11.55 -59.37 -12.98
CA PHE E 19 12.11 -59.77 -11.69
C PHE E 19 13.42 -59.04 -11.43
N VAL E 20 13.62 -58.61 -10.19
CA VAL E 20 14.90 -58.09 -9.75
C VAL E 20 15.47 -59.07 -8.72
N THR E 21 16.74 -59.43 -8.89
CA THR E 21 17.38 -60.38 -7.99
C THR E 21 18.67 -59.75 -7.47
N LEU E 22 18.98 -59.96 -6.19
CA LEU E 22 20.27 -59.53 -5.66
C LEU E 22 21.16 -60.76 -5.51
N LYS E 23 22.40 -60.68 -6.01
CA LYS E 23 23.37 -61.74 -5.83
C LYS E 23 24.52 -61.27 -4.95
N ILE E 24 24.89 -62.08 -3.96
CA ILE E 24 26.01 -61.80 -3.08
C ILE E 24 27.06 -62.91 -3.20
N VAL E 25 28.31 -62.54 -3.42
CA VAL E 25 29.42 -63.50 -3.56
C VAL E 25 30.49 -63.22 -2.51
N THR E 26 30.99 -64.26 -1.85
CA THR E 26 32.03 -64.09 -0.84
C THR E 26 33.41 -64.24 -1.44
N GLU E 27 34.43 -64.03 -0.61
CA GLU E 27 35.82 -64.12 -1.06
C GLU E 27 36.22 -65.53 -1.46
N SER E 28 35.49 -66.53 -0.96
CA SER E 28 35.76 -67.93 -1.28
C SER E 28 35.10 -68.35 -2.59
N GLY E 29 34.16 -67.55 -3.06
CA GLY E 29 33.47 -67.84 -4.30
C GLY E 29 32.04 -68.31 -4.08
N THR E 30 31.73 -68.71 -2.85
CA THR E 30 30.37 -69.10 -2.51
C THR E 30 29.42 -67.93 -2.72
N HIS E 31 28.19 -68.20 -3.12
CA HIS E 31 27.25 -67.11 -3.42
C HIS E 31 25.84 -67.47 -3.00
N GLY E 32 25.01 -66.43 -2.86
CA GLY E 32 23.62 -66.61 -2.50
C GLY E 32 22.80 -65.55 -3.21
N ILE E 33 21.50 -65.80 -3.39
CA ILE E 33 20.61 -64.83 -4.03
C ILE E 33 19.32 -64.56 -3.24
N GLY E 34 18.77 -63.38 -3.48
CA GLY E 34 17.53 -62.98 -2.83
C GLY E 34 16.64 -62.26 -3.82
N ASP E 35 15.33 -62.45 -3.67
CA ASP E 35 14.35 -61.75 -4.50
C ASP E 35 14.22 -60.30 -4.06
N ALA E 36 14.20 -59.39 -5.04
CA ALA E 36 14.03 -57.97 -4.78
C ALA E 36 12.90 -57.38 -5.65
N THR E 37 12.00 -58.23 -6.12
CA THR E 37 10.97 -57.78 -7.06
C THR E 37 9.83 -57.05 -6.37
N LEU E 38 9.54 -55.83 -6.83
CA LEU E 38 8.42 -55.07 -6.30
C LEU E 38 7.54 -54.64 -7.47
N ASN E 39 6.44 -55.34 -7.67
CA ASN E 39 5.64 -55.23 -8.89
C ASN E 39 5.20 -53.80 -9.23
N GLY E 40 5.60 -53.31 -10.39
CA GLY E 40 5.18 -51.99 -10.83
C GLY E 40 6.03 -50.83 -10.31
N ARG E 41 6.94 -51.15 -9.39
CA ARG E 41 7.90 -50.16 -8.86
C ARG E 41 9.30 -50.76 -8.85
N GLU E 42 9.60 -51.63 -9.81
CA GLU E 42 10.81 -52.44 -9.76
C GLU E 42 12.12 -51.67 -9.68
N MET E 43 12.24 -50.61 -10.47
CA MET E 43 13.51 -49.90 -10.56
C MET E 43 13.81 -49.05 -9.33
N ALA E 44 12.78 -48.78 -8.52
CA ALA E 44 12.99 -48.07 -7.27
C ALA E 44 13.82 -48.97 -6.34
N VAL E 45 13.50 -50.26 -6.30
CA VAL E 45 14.29 -51.19 -5.45
C VAL E 45 15.68 -51.43 -6.06
N ALA E 46 15.74 -51.59 -7.38
CA ALA E 46 17.03 -51.76 -8.05
C ALA E 46 17.97 -50.60 -7.71
N ALA E 47 17.45 -49.38 -7.73
CA ALA E 47 18.26 -48.21 -7.42
C ALA E 47 18.64 -48.15 -5.93
N TYR E 48 17.69 -48.50 -5.07
CA TYR E 48 17.91 -48.53 -3.63
C TYR E 48 19.09 -49.46 -3.35
N LEU E 49 19.03 -50.66 -3.91
CA LEU E 49 20.11 -51.63 -3.77
C LEU E 49 21.43 -51.19 -4.43
N ASP E 50 21.38 -50.90 -5.73
CA ASP E 50 22.58 -50.55 -6.50
C ASP E 50 23.37 -49.41 -5.89
N GLU E 51 22.68 -48.32 -5.57
CA GLU E 51 23.36 -47.08 -5.22
C GLU E 51 23.62 -46.94 -3.72
N HIS E 52 22.72 -47.49 -2.90
CA HIS E 52 22.73 -47.21 -1.48
C HIS E 52 23.02 -48.40 -0.56
N VAL E 53 22.71 -49.61 -1.01
CA VAL E 53 22.92 -50.78 -0.15
C VAL E 53 24.18 -51.53 -0.55
N VAL E 54 24.27 -51.88 -1.84
CA VAL E 54 25.40 -52.65 -2.35
C VAL E 54 26.79 -52.12 -1.94
N PRO E 55 27.05 -50.80 -2.08
CA PRO E 55 28.39 -50.33 -1.69
C PRO E 55 28.73 -50.57 -0.21
N ALA E 56 27.71 -50.64 0.64
CA ALA E 56 27.92 -50.84 2.07
C ALA E 56 28.08 -52.33 2.45
N LEU E 57 27.70 -53.23 1.55
CA LEU E 57 27.82 -54.67 1.81
C LEU E 57 29.25 -55.15 1.60
N ILE E 58 29.96 -54.48 0.69
CA ILE E 58 31.29 -54.90 0.30
C ILE E 58 32.23 -54.92 1.50
N GLY E 59 32.86 -56.07 1.74
CA GLY E 59 33.80 -56.21 2.84
C GLY E 59 33.19 -56.67 4.15
N ARG E 60 31.86 -56.68 4.22
CA ARG E 60 31.15 -57.13 5.42
C ARG E 60 31.27 -58.63 5.59
N ASP E 61 31.21 -59.07 6.85
CA ASP E 61 31.20 -60.49 7.19
C ASP E 61 29.86 -61.06 6.73
N ALA E 62 29.90 -61.97 5.77
CA ALA E 62 28.67 -62.51 5.18
C ALA E 62 27.84 -63.28 6.20
N GLY E 63 28.50 -63.78 7.24
CA GLY E 63 27.82 -64.62 8.22
C GLY E 63 27.02 -63.83 9.22
N ARG E 64 27.19 -62.50 9.22
CA ARG E 64 26.51 -61.65 10.18
C ARG E 64 25.15 -61.22 9.66
N ILE E 65 24.24 -62.18 9.56
CA ILE E 65 22.91 -61.92 9.01
C ILE E 65 22.12 -60.92 9.85
N GLU E 66 22.00 -61.17 11.14
CA GLU E 66 21.24 -60.32 12.04
C GLU E 66 21.80 -58.89 12.06
N ASP E 67 23.12 -58.78 12.21
CA ASP E 67 23.76 -57.47 12.25
C ASP E 67 23.54 -56.70 10.94
N THR E 68 23.62 -57.41 9.81
CA THR E 68 23.36 -56.77 8.51
C THR E 68 21.91 -56.30 8.41
N TRP E 69 20.97 -57.13 8.86
CA TRP E 69 19.56 -56.76 8.84
C TRP E 69 19.32 -55.46 9.60
N GLN E 70 19.79 -55.42 10.85
CA GLN E 70 19.66 -54.23 11.71
C GLN E 70 20.41 -53.03 11.14
N TYR E 71 21.60 -53.29 10.59
CA TYR E 71 22.41 -52.26 9.96
C TYR E 71 21.64 -51.57 8.84
N LEU E 72 20.98 -52.35 8.00
CA LEU E 72 20.21 -51.79 6.89
C LEU E 72 18.85 -51.23 7.32
N TYR E 73 18.21 -51.92 8.26
CA TYR E 73 16.90 -51.48 8.75
C TYR E 73 16.99 -50.20 9.55
N ARG E 74 17.83 -50.21 10.59
CA ARG E 74 18.02 -49.02 11.40
C ARG E 74 18.85 -47.97 10.71
N GLY E 75 19.87 -48.41 9.97
CA GLY E 75 20.86 -47.50 9.41
C GLY E 75 20.30 -46.65 8.28
N ALA E 76 19.24 -47.14 7.63
CA ALA E 76 18.59 -46.37 6.56
C ALA E 76 17.99 -45.08 7.11
N TYR E 77 17.75 -45.06 8.41
CA TYR E 77 17.18 -43.92 9.14
C TYR E 77 15.68 -43.72 8.86
N TRP E 78 15.31 -43.73 7.58
CA TRP E 78 13.91 -43.73 7.19
C TRP E 78 13.51 -45.19 7.17
N ARG E 79 12.68 -45.59 8.14
CA ARG E 79 12.40 -47.01 8.38
C ARG E 79 11.10 -47.49 7.74
N ARG E 80 11.06 -48.79 7.45
CA ARG E 80 9.91 -49.48 6.89
C ARG E 80 9.64 -49.05 5.46
N GLY E 81 8.57 -49.58 4.86
CA GLY E 81 8.18 -49.18 3.52
C GLY E 81 8.47 -50.26 2.49
N PRO E 82 7.73 -50.24 1.37
CA PRO E 82 7.84 -51.30 0.36
C PRO E 82 9.21 -51.34 -0.31
N VAL E 83 9.74 -50.19 -0.67
CA VAL E 83 11.03 -50.19 -1.36
C VAL E 83 12.10 -50.60 -0.38
N THR E 84 12.05 -49.98 0.80
CA THR E 84 13.02 -50.22 1.84
C THR E 84 13.08 -51.70 2.25
N MET E 85 11.93 -52.27 2.60
CA MET E 85 11.93 -53.61 3.14
C MET E 85 12.19 -54.69 2.09
N THR E 86 11.88 -54.40 0.82
CA THR E 86 12.23 -55.33 -0.26
C THR E 86 13.75 -55.39 -0.49
N ALA E 87 14.39 -54.24 -0.48
CA ALA E 87 15.84 -54.21 -0.60
C ALA E 87 16.46 -55.04 0.54
N ILE E 88 15.95 -54.84 1.74
CA ILE E 88 16.49 -55.53 2.91
C ILE E 88 16.23 -57.04 2.83
N ALA E 89 15.07 -57.40 2.30
CA ALA E 89 14.67 -58.80 2.15
C ALA E 89 15.60 -59.52 1.17
N ALA E 90 15.98 -58.83 0.10
CA ALA E 90 16.85 -59.40 -0.92
C ALA E 90 18.21 -59.75 -0.32
N VAL E 91 18.79 -58.82 0.44
CA VAL E 91 20.03 -59.07 1.15
C VAL E 91 19.85 -60.22 2.14
N ASP E 92 18.77 -60.19 2.92
CA ASP E 92 18.53 -61.20 3.93
C ASP E 92 18.42 -62.62 3.35
N MET E 93 17.63 -62.75 2.29
CA MET E 93 17.48 -64.02 1.59
C MET E 93 18.81 -64.54 1.03
N ALA E 94 19.62 -63.64 0.49
CA ALA E 94 20.92 -64.04 -0.08
C ALA E 94 21.87 -64.54 1.01
N LEU E 95 21.86 -63.86 2.15
CA LEU E 95 22.72 -64.24 3.27
C LEU E 95 22.29 -65.57 3.90
N TRP E 96 20.99 -65.81 4.02
CA TRP E 96 20.50 -67.10 4.53
C TRP E 96 20.86 -68.24 3.56
N ASP E 97 20.78 -67.96 2.26
CA ASP E 97 21.22 -68.89 1.23
C ASP E 97 22.70 -69.26 1.46
N ILE E 98 23.54 -68.25 1.63
CA ILE E 98 24.97 -68.46 1.88
C ILE E 98 25.21 -69.25 3.16
N LYS E 99 24.48 -68.91 4.21
CA LYS E 99 24.64 -69.59 5.50
C LYS E 99 24.23 -71.05 5.43
N ALA E 100 23.13 -71.34 4.74
CA ALA E 100 22.68 -72.73 4.62
C ALA E 100 23.68 -73.52 3.77
N LYS E 101 24.18 -72.88 2.72
CA LYS E 101 25.23 -73.49 1.91
C LYS E 101 26.47 -73.79 2.76
N ALA E 102 26.89 -72.81 3.56
CA ALA E 102 28.08 -73.00 4.39
C ALA E 102 27.88 -74.13 5.40
N ALA E 103 26.64 -74.31 5.85
CA ALA E 103 26.30 -75.35 6.82
C ALA E 103 26.11 -76.73 6.16
N GLY E 104 26.04 -76.74 4.83
CA GLY E 104 25.79 -77.94 4.06
C GLY E 104 24.38 -78.47 4.24
N MET E 105 23.43 -77.58 4.51
CA MET E 105 22.04 -77.97 4.77
C MET E 105 21.06 -77.24 3.90
N PRO E 106 19.96 -77.91 3.50
CA PRO E 106 18.85 -77.16 2.92
C PRO E 106 18.31 -76.18 3.94
N LEU E 107 17.76 -75.06 3.50
CA LEU E 107 17.34 -74.01 4.41
C LEU E 107 16.41 -74.46 5.55
N TYR E 108 15.43 -75.31 5.26
CA TYR E 108 14.49 -75.74 6.30
C TYR E 108 15.20 -76.39 7.50
N GLN E 109 16.33 -77.06 7.27
CA GLN E 109 17.06 -77.68 8.36
C GLN E 109 17.71 -76.65 9.26
N LEU E 110 18.30 -75.64 8.63
CA LEU E 110 18.96 -74.55 9.35
C LEU E 110 17.96 -73.82 10.23
N LEU E 111 16.70 -73.73 9.78
CA LEU E 111 15.65 -73.02 10.50
C LEU E 111 15.11 -73.75 11.71
N GLY E 112 15.36 -75.05 11.80
CA GLY E 112 14.83 -75.84 12.89
C GLY E 112 14.25 -77.20 12.48
N GLY E 113 14.39 -77.53 11.20
CA GLY E 113 13.98 -78.84 10.71
C GLY E 113 12.56 -78.87 10.23
N LYS E 114 12.12 -79.98 9.66
CA LYS E 114 10.78 -80.02 9.08
C LYS E 114 9.68 -80.24 10.12
N SER E 115 8.57 -79.51 9.93
CA SER E 115 7.38 -79.64 10.77
C SER E 115 6.28 -80.40 10.01
N ARG E 116 6.52 -80.65 8.73
CA ARG E 116 5.52 -81.30 7.87
C ARG E 116 6.19 -81.96 6.66
N GLU E 117 5.51 -82.94 6.08
CA GLU E 117 6.06 -83.73 4.98
C GLU E 117 5.80 -83.12 3.62
N ARG E 118 4.89 -82.15 3.57
CA ARG E 118 4.60 -81.45 2.32
C ARG E 118 3.83 -80.16 2.60
N VAL E 119 3.72 -79.30 1.58
CA VAL E 119 3.19 -77.96 1.78
C VAL E 119 1.95 -77.74 0.91
N MET E 120 0.79 -77.67 1.57
CA MET E 120 -0.47 -77.51 0.85
C MET E 120 -0.56 -76.16 0.13
N THR E 121 -1.08 -76.18 -1.09
CA THR E 121 -1.21 -74.96 -1.86
C THR E 121 -2.65 -74.70 -2.24
N TYR E 122 -2.92 -73.50 -2.73
CA TYR E 122 -4.16 -73.23 -3.47
C TYR E 122 -3.86 -72.69 -4.86
N ALA E 123 -4.75 -73.00 -5.80
CA ALA E 123 -4.66 -72.53 -7.18
C ALA E 123 -5.69 -71.43 -7.44
N HIS E 124 -5.45 -70.63 -8.48
CA HIS E 124 -6.40 -69.60 -8.87
C HIS E 124 -7.39 -70.19 -9.86
N CYS E 125 -8.68 -70.11 -9.53
CA CYS E 125 -9.73 -70.48 -10.46
C CYS E 125 -10.52 -69.24 -10.80
N THR E 126 -10.54 -68.88 -12.08
CA THR E 126 -11.22 -67.66 -12.49
C THR E 126 -11.98 -67.85 -13.79
N GLY E 127 -12.97 -66.98 -14.00
CA GLY E 127 -13.78 -67.06 -15.20
C GLY E 127 -14.72 -65.86 -15.26
N GLN E 128 -15.23 -65.60 -16.45
CA GLN E 128 -16.10 -64.45 -16.65
C GLN E 128 -17.44 -64.67 -15.94
N THR E 129 -18.05 -65.81 -16.20
CA THR E 129 -19.28 -66.18 -15.52
C THR E 129 -18.96 -67.14 -14.40
N ILE E 130 -19.95 -67.35 -13.53
CA ILE E 130 -19.83 -68.36 -12.49
C ILE E 130 -19.53 -69.72 -13.13
N GLU E 131 -20.23 -70.02 -14.22
CA GLU E 131 -20.03 -71.27 -14.93
C GLU E 131 -18.61 -71.43 -15.43
N ASP E 132 -18.03 -70.33 -15.93
CA ASP E 132 -16.65 -70.35 -16.42
C ASP E 132 -15.71 -70.71 -15.27
N CYS E 133 -15.98 -70.14 -14.10
CA CYS E 133 -15.13 -70.36 -12.94
C CYS E 133 -15.22 -71.81 -12.45
N LEU E 134 -16.43 -72.36 -12.44
CA LEU E 134 -16.64 -73.74 -12.00
C LEU E 134 -15.87 -74.72 -12.88
N GLY E 135 -15.79 -74.40 -14.18
CA GLY E 135 -15.01 -75.19 -15.11
C GLY E 135 -13.54 -75.19 -14.72
N GLU E 136 -13.02 -74.04 -14.29
CA GLU E 136 -11.63 -73.96 -13.86
C GLU E 136 -11.40 -74.71 -12.56
N VAL E 137 -12.38 -74.64 -11.65
CA VAL E 137 -12.29 -75.40 -10.41
C VAL E 137 -12.17 -76.90 -10.70
N ALA E 138 -13.04 -77.40 -11.57
CA ALA E 138 -13.00 -78.81 -11.94
C ALA E 138 -11.63 -79.20 -12.46
N ARG E 139 -11.04 -78.33 -13.27
CA ARG E 139 -9.77 -78.63 -13.89
C ARG E 139 -8.66 -78.71 -12.84
N HIS E 140 -8.65 -77.77 -11.90
CA HIS E 140 -7.61 -77.76 -10.88
C HIS E 140 -7.74 -78.89 -9.87
N VAL E 141 -8.97 -79.29 -9.57
CA VAL E 141 -9.21 -80.48 -8.75
C VAL E 141 -8.60 -81.70 -9.43
N GLU E 142 -8.68 -81.74 -10.76
CA GLU E 142 -8.10 -82.83 -11.53
C GLU E 142 -6.58 -82.78 -11.47
N LEU E 143 -6.03 -81.57 -11.35
CA LEU E 143 -4.58 -81.41 -11.19
C LEU E 143 -4.13 -81.75 -9.76
N GLY E 144 -5.08 -81.94 -8.85
CA GLY E 144 -4.77 -82.38 -7.51
C GLY E 144 -4.79 -81.31 -6.42
N TYR E 145 -5.22 -80.10 -6.75
CA TYR E 145 -5.32 -79.04 -5.72
C TYR E 145 -6.42 -79.38 -4.72
N ARG E 146 -6.14 -79.20 -3.44
CA ARG E 146 -7.13 -79.43 -2.38
C ARG E 146 -7.83 -78.13 -2.02
N ALA E 147 -7.31 -77.04 -2.58
CA ALA E 147 -7.76 -75.70 -2.23
C ALA E 147 -7.72 -74.82 -3.48
N VAL E 148 -8.75 -74.00 -3.64
CA VAL E 148 -8.88 -73.14 -4.79
C VAL E 148 -9.38 -71.76 -4.37
N ARG E 149 -8.82 -70.74 -5.00
CA ARG E 149 -9.35 -69.40 -4.85
C ARG E 149 -10.29 -69.16 -6.02
N VAL E 150 -11.49 -68.68 -5.74
CA VAL E 150 -12.45 -68.47 -6.81
C VAL E 150 -12.80 -66.99 -7.01
N GLN E 151 -12.76 -66.54 -8.27
CA GLN E 151 -13.14 -65.18 -8.63
C GLN E 151 -13.93 -65.26 -9.93
N SER E 152 -15.04 -64.51 -10.02
CA SER E 152 -15.77 -64.44 -11.28
C SER E 152 -16.21 -63.01 -11.57
N GLY E 153 -16.62 -62.77 -12.81
CA GLY E 153 -17.05 -61.46 -13.23
C GLY E 153 -18.27 -60.99 -12.45
N VAL E 154 -18.43 -59.67 -12.36
CA VAL E 154 -19.63 -59.12 -11.76
C VAL E 154 -20.53 -58.63 -12.89
N PRO E 155 -21.75 -59.19 -12.99
CA PRO E 155 -22.68 -58.74 -14.04
C PRO E 155 -22.98 -57.26 -13.86
N GLY E 156 -22.88 -56.50 -14.95
CA GLY E 156 -23.14 -55.07 -14.90
C GLY E 156 -21.84 -54.28 -14.77
N ILE E 157 -20.73 -55.00 -14.65
CA ILE E 157 -19.41 -54.36 -14.52
C ILE E 157 -18.40 -54.95 -15.51
N GLU E 158 -17.75 -54.06 -16.26
CA GLU E 158 -16.82 -54.44 -17.31
C GLU E 158 -15.63 -55.27 -16.82
N THR E 159 -15.00 -54.83 -15.75
CA THR E 159 -13.80 -55.50 -15.23
C THR E 159 -13.82 -55.66 -13.71
N THR E 160 -13.60 -56.89 -13.25
CA THR E 160 -13.46 -57.16 -11.82
C THR E 160 -12.11 -57.83 -11.57
N TYR E 161 -11.57 -57.67 -10.36
CA TYR E 161 -10.28 -58.26 -10.04
C TYR E 161 -10.28 -59.78 -10.20
N GLY E 162 -9.18 -60.30 -10.74
CA GLY E 162 -8.96 -61.73 -10.78
C GLY E 162 -9.66 -62.41 -11.94
N VAL E 163 -10.25 -61.61 -12.83
CA VAL E 163 -10.98 -62.15 -13.99
C VAL E 163 -10.46 -61.61 -15.31
N SER E 177 2.04 -50.06 -20.89
CA SER E 177 2.91 -50.03 -19.72
C SER E 177 2.36 -49.11 -18.63
N LEU E 178 1.34 -48.35 -18.96
CA LEU E 178 0.68 -47.48 -17.98
C LEU E 178 -0.40 -48.26 -17.23
N PRO E 179 -0.83 -47.76 -16.05
CA PRO E 179 -1.89 -48.46 -15.32
C PRO E 179 -3.19 -48.54 -16.13
N ALA E 180 -3.70 -49.75 -16.31
CA ALA E 180 -5.01 -49.93 -16.91
C ALA E 180 -6.04 -49.33 -15.94
N GLU E 181 -7.15 -48.84 -16.47
CA GLU E 181 -8.17 -48.21 -15.64
C GLU E 181 -9.41 -49.08 -15.61
N HIS E 182 -9.68 -49.69 -14.47
CA HIS E 182 -10.86 -50.52 -14.27
C HIS E 182 -11.96 -49.71 -13.60
N VAL E 183 -13.20 -50.16 -13.77
CA VAL E 183 -14.34 -49.51 -13.12
C VAL E 183 -14.96 -50.49 -12.13
N TRP E 184 -15.45 -49.96 -11.02
CA TRP E 184 -15.90 -50.79 -9.91
C TRP E 184 -17.25 -50.37 -9.36
N SER E 185 -18.07 -51.35 -9.00
CA SER E 185 -19.29 -51.11 -8.22
C SER E 185 -19.29 -52.05 -7.02
N THR E 186 -19.25 -51.50 -5.82
CA THR E 186 -19.25 -52.33 -4.62
C THR E 186 -20.57 -53.07 -4.47
N GLU E 187 -21.66 -52.35 -4.67
CA GLU E 187 -22.99 -52.87 -4.39
C GLU E 187 -23.34 -54.05 -5.30
N LYS E 188 -22.94 -53.97 -6.55
CA LYS E 188 -23.21 -55.06 -7.48
C LYS E 188 -22.38 -56.29 -7.09
N TYR E 189 -21.14 -56.07 -6.68
CA TYR E 189 -20.26 -57.14 -6.24
C TYR E 189 -20.79 -57.86 -4.99
N LEU E 190 -21.25 -57.08 -4.00
CA LEU E 190 -21.78 -57.65 -2.76
C LEU E 190 -22.98 -58.57 -2.99
N ASN E 191 -23.82 -58.23 -3.97
CA ASN E 191 -24.96 -59.11 -4.26
C ASN E 191 -24.60 -60.36 -5.05
N HIS E 192 -23.54 -60.27 -5.84
CA HIS E 192 -23.17 -61.36 -6.73
C HIS E 192 -22.25 -62.39 -6.09
N ALA E 193 -21.22 -61.92 -5.36
CA ALA E 193 -20.23 -62.82 -4.78
C ALA E 193 -20.78 -64.06 -4.05
N PRO E 194 -21.79 -63.89 -3.18
CA PRO E 194 -22.31 -65.09 -2.49
C PRO E 194 -22.79 -66.17 -3.44
N LYS E 195 -23.27 -65.78 -4.61
CA LYS E 195 -23.80 -66.76 -5.57
C LYS E 195 -22.70 -67.63 -6.12
N LEU E 196 -21.51 -67.05 -6.25
CA LEU E 196 -20.35 -67.79 -6.72
C LEU E 196 -20.02 -68.93 -5.76
N PHE E 197 -19.89 -68.61 -4.48
CA PHE E 197 -19.55 -69.63 -3.49
C PHE E 197 -20.65 -70.68 -3.35
N ALA E 198 -21.91 -70.25 -3.45
CA ALA E 198 -23.03 -71.19 -3.39
C ALA E 198 -22.92 -72.20 -4.52
N ALA E 199 -22.54 -71.71 -5.70
CA ALA E 199 -22.42 -72.56 -6.88
C ALA E 199 -21.22 -73.50 -6.77
N VAL E 200 -20.13 -73.02 -6.18
CA VAL E 200 -18.96 -73.85 -5.96
C VAL E 200 -19.31 -75.01 -5.01
N ARG E 201 -20.04 -74.70 -3.94
CA ARG E 201 -20.43 -75.74 -3.00
C ARG E 201 -21.41 -76.73 -3.61
N GLU E 202 -22.36 -76.24 -4.41
CA GLU E 202 -23.36 -77.12 -5.00
C GLU E 202 -22.69 -78.14 -5.93
N ARG E 203 -21.71 -77.70 -6.71
CA ARG E 203 -21.07 -78.61 -7.66
C ARG E 203 -19.95 -79.49 -7.07
N PHE E 204 -19.14 -78.92 -6.19
CA PHE E 204 -17.94 -79.62 -5.73
C PHE E 204 -17.99 -80.17 -4.31
N GLY E 205 -19.02 -79.80 -3.55
CA GLY E 205 -19.18 -80.33 -2.21
C GLY E 205 -18.39 -79.58 -1.14
N ASP E 206 -18.26 -80.22 0.02
CA ASP E 206 -17.78 -79.56 1.23
C ASP E 206 -16.32 -79.78 1.60
N ASP E 207 -15.66 -80.75 0.97
CA ASP E 207 -14.29 -81.09 1.35
C ASP E 207 -13.24 -80.17 0.74
N LEU E 208 -13.57 -79.59 -0.40
CA LEU E 208 -12.69 -78.66 -1.08
C LEU E 208 -12.51 -77.39 -0.25
N HIS E 209 -11.28 -76.91 -0.11
CA HIS E 209 -11.09 -75.62 0.57
C HIS E 209 -11.30 -74.52 -0.45
N VAL E 210 -12.12 -73.53 -0.09
CA VAL E 210 -12.49 -72.49 -1.03
C VAL E 210 -12.08 -71.12 -0.50
N LEU E 211 -11.32 -70.37 -1.28
CA LEU E 211 -10.78 -69.08 -0.84
C LEU E 211 -11.29 -67.96 -1.76
N HIS E 212 -11.35 -66.74 -1.25
CA HIS E 212 -11.77 -65.59 -2.05
C HIS E 212 -10.98 -64.34 -1.65
N ASP E 213 -10.55 -63.57 -2.66
CA ASP E 213 -9.78 -62.34 -2.45
C ASP E 213 -10.68 -61.16 -2.76
N VAL E 214 -10.98 -60.36 -1.74
CA VAL E 214 -11.84 -59.19 -1.89
C VAL E 214 -11.06 -58.05 -2.52
N HIS E 215 -9.74 -58.09 -2.33
CA HIS E 215 -8.82 -57.19 -3.02
C HIS E 215 -9.10 -55.71 -2.73
N HIS E 216 -9.29 -55.41 -1.45
CA HIS E 216 -9.26 -54.06 -0.87
C HIS E 216 -10.47 -53.16 -1.11
N ARG E 217 -11.54 -53.68 -1.70
CA ARG E 217 -12.58 -52.81 -2.25
C ARG E 217 -13.72 -52.40 -1.33
N LEU E 218 -13.83 -53.02 -0.16
CA LEU E 218 -14.97 -52.79 0.73
C LEU E 218 -14.65 -51.87 1.91
N THR E 219 -15.68 -51.29 2.51
CA THR E 219 -15.52 -50.66 3.82
C THR E 219 -15.74 -51.77 4.87
N PRO E 220 -15.36 -51.51 6.13
CA PRO E 220 -15.52 -52.56 7.14
C PRO E 220 -16.95 -53.11 7.32
N ILE E 221 -17.97 -52.26 7.36
CA ILE E 221 -19.32 -52.79 7.56
C ILE E 221 -19.81 -53.56 6.31
N GLU E 222 -19.30 -53.20 5.13
CA GLU E 222 -19.61 -53.94 3.89
C GLU E 222 -18.94 -55.31 3.95
N ALA E 223 -17.71 -55.34 4.46
CA ALA E 223 -16.99 -56.60 4.61
C ALA E 223 -17.64 -57.48 5.69
N ALA E 224 -18.16 -56.85 6.74
CA ALA E 224 -18.91 -57.58 7.76
C ALA E 224 -20.16 -58.24 7.15
N ARG E 225 -20.91 -57.47 6.38
CA ARG E 225 -22.05 -58.02 5.62
C ARG E 225 -21.65 -59.20 4.74
N LEU E 226 -20.55 -59.06 3.99
CA LEU E 226 -20.12 -60.12 3.07
C LEU E 226 -19.71 -61.37 3.84
N GLY E 227 -18.88 -61.20 4.87
CA GLY E 227 -18.47 -62.31 5.71
C GLY E 227 -19.66 -63.10 6.21
N LYS E 228 -20.67 -62.40 6.69
CA LYS E 228 -21.88 -63.02 7.21
C LYS E 228 -22.61 -63.77 6.13
N ALA E 229 -22.72 -63.14 4.96
CA ALA E 229 -23.45 -63.73 3.84
C ALA E 229 -22.81 -65.02 3.38
N VAL E 230 -21.49 -65.14 3.55
CA VAL E 230 -20.78 -66.31 3.03
C VAL E 230 -20.46 -67.37 4.08
N GLU E 231 -20.89 -67.13 5.32
CA GLU E 231 -20.76 -68.13 6.40
C GLU E 231 -21.28 -69.53 6.01
N PRO E 232 -22.44 -69.62 5.35
CA PRO E 232 -22.93 -70.95 4.99
C PRO E 232 -22.01 -71.75 4.06
N TYR E 233 -21.08 -71.07 3.39
CA TYR E 233 -20.22 -71.72 2.42
C TYR E 233 -18.84 -72.08 3.00
N HIS E 234 -18.63 -71.74 4.27
CA HIS E 234 -17.41 -72.07 5.02
C HIS E 234 -16.11 -71.88 4.23
N LEU E 235 -15.81 -70.63 3.92
CA LEU E 235 -14.60 -70.30 3.17
C LEU E 235 -13.35 -70.54 4.01
N PHE E 236 -12.28 -70.98 3.35
CA PHE E 236 -10.99 -71.13 4.00
C PHE E 236 -10.54 -69.75 4.49
N TRP E 237 -10.70 -68.76 3.62
CA TRP E 237 -10.52 -67.37 4.05
C TRP E 237 -11.18 -66.38 3.12
N LEU E 238 -11.48 -65.21 3.69
CA LEU E 238 -11.86 -64.04 2.92
C LEU E 238 -10.69 -63.08 3.08
N GLU E 239 -10.05 -62.75 1.95
CA GLU E 239 -8.76 -62.05 1.96
C GLU E 239 -8.86 -60.55 1.60
N ASP E 240 -8.09 -59.72 2.30
CA ASP E 240 -7.93 -58.31 1.96
C ASP E 240 -9.25 -57.55 1.82
N CYS E 241 -10.12 -57.73 2.81
CA CYS E 241 -11.45 -57.11 2.79
C CYS E 241 -11.44 -55.60 2.62
N VAL E 242 -10.52 -54.95 3.33
CA VAL E 242 -10.52 -53.49 3.46
C VAL E 242 -9.08 -52.99 3.55
N PRO E 243 -8.80 -51.79 3.04
CA PRO E 243 -7.44 -51.26 3.21
C PRO E 243 -7.15 -51.17 4.69
N ALA E 244 -5.94 -51.55 5.09
CA ALA E 244 -5.65 -51.77 6.49
C ALA E 244 -4.46 -50.98 7.02
N GLU E 245 -4.17 -49.83 6.41
CA GLU E 245 -3.16 -48.94 6.97
C GLU E 245 -3.59 -48.58 8.39
N ASN E 246 -4.89 -48.35 8.55
CA ASN E 246 -5.47 -48.22 9.86
C ASN E 246 -5.92 -49.63 10.24
N GLN E 247 -5.20 -50.24 11.17
CA GLN E 247 -5.43 -51.64 11.49
C GLN E 247 -6.77 -51.86 12.19
N GLU E 248 -7.31 -50.80 12.78
CA GLU E 248 -8.62 -50.88 13.40
C GLU E 248 -9.72 -51.18 12.39
N SER E 249 -9.42 -51.01 11.10
CA SER E 249 -10.37 -51.29 10.03
C SER E 249 -10.92 -52.73 10.11
N LEU E 250 -10.16 -53.64 10.71
CA LEU E 250 -10.61 -55.04 10.78
C LEU E 250 -11.64 -55.33 11.87
N ARG E 251 -11.76 -54.42 12.85
N ARG E 251 -11.74 -54.42 12.84
CA ARG E 251 -12.55 -54.75 14.04
CA ARG E 251 -12.56 -54.64 14.04
C ARG E 251 -14.05 -54.99 13.81
C ARG E 251 -14.00 -55.02 13.74
N LEU E 252 -14.70 -54.16 13.00
CA LEU E 252 -16.11 -54.37 12.71
C LEU E 252 -16.34 -55.69 12.00
N ILE E 253 -15.42 -56.06 11.12
CA ILE E 253 -15.56 -57.31 10.39
C ILE E 253 -15.48 -58.46 11.39
N ARG E 254 -14.45 -58.44 12.23
CA ARG E 254 -14.24 -59.54 13.17
C ARG E 254 -15.40 -59.69 14.15
N GLU E 255 -15.97 -58.55 14.56
CA GLU E 255 -17.05 -58.56 15.54
C GLU E 255 -18.38 -59.05 14.96
N HIS E 256 -18.49 -59.12 13.64
CA HIS E 256 -19.76 -59.45 13.00
C HIS E 256 -19.82 -60.77 12.23
N THR E 257 -18.67 -61.41 12.00
CA THR E 257 -18.68 -62.64 11.19
C THR E 257 -17.70 -63.67 11.70
N THR E 258 -18.04 -64.94 11.52
CA THR E 258 -17.12 -66.03 11.80
C THR E 258 -16.42 -66.58 10.55
N THR E 259 -16.59 -65.91 9.41
CA THR E 259 -15.81 -66.29 8.22
C THR E 259 -14.33 -65.94 8.46
N PRO E 260 -13.43 -66.92 8.25
CA PRO E 260 -12.01 -66.63 8.56
C PRO E 260 -11.44 -65.54 7.65
N LEU E 261 -10.56 -64.71 8.22
CA LEU E 261 -10.03 -63.53 7.54
C LEU E 261 -8.53 -63.65 7.26
N ALA E 262 -8.11 -63.20 6.07
CA ALA E 262 -6.70 -63.14 5.74
C ALA E 262 -6.33 -61.74 5.28
N ILE E 263 -5.13 -61.31 5.62
CA ILE E 263 -4.67 -60.01 5.14
C ILE E 263 -3.14 -59.96 5.14
N GLY E 264 -2.57 -59.10 4.30
CA GLY E 264 -1.20 -58.68 4.52
C GLY E 264 -0.22 -58.67 3.37
N GLU E 265 -0.65 -59.08 2.18
CA GLU E 265 0.26 -59.08 1.04
C GLU E 265 0.85 -57.70 0.75
N VAL E 266 0.14 -56.63 1.11
CA VAL E 266 0.66 -55.29 0.83
C VAL E 266 1.47 -54.73 2.01
N PHE E 267 1.66 -55.55 3.04
CA PHE E 267 2.44 -55.11 4.21
C PHE E 267 3.94 -55.38 4.00
N ASN E 268 4.78 -54.67 4.74
CA ASN E 268 6.23 -54.89 4.67
C ASN E 268 6.89 -54.99 6.06
N SER E 269 6.11 -54.77 7.10
CA SER E 269 6.66 -54.68 8.46
C SER E 269 5.78 -55.38 9.51
N ILE E 270 6.40 -55.94 10.55
CA ILE E 270 5.65 -56.43 11.70
C ILE E 270 4.78 -55.31 12.29
N HIS E 271 5.20 -54.06 12.11
CA HIS E 271 4.45 -52.91 12.65
C HIS E 271 3.19 -52.58 11.85
N ASP E 272 3.06 -53.21 10.69
CA ASP E 272 1.83 -53.10 9.88
C ASP E 272 0.74 -54.03 10.38
N CYS E 273 1.10 -54.99 11.24
CA CYS E 273 0.15 -56.06 11.58
C CYS E 273 0.19 -56.52 13.03
N ARG E 274 1.04 -55.89 13.85
CA ARG E 274 1.18 -56.27 15.26
C ARG E 274 -0.18 -56.28 15.96
N GLU E 275 -0.92 -55.19 15.78
CA GLU E 275 -2.22 -55.04 16.44
C GLU E 275 -3.29 -55.98 15.86
N LEU E 276 -3.30 -56.14 14.52
CA LEU E 276 -4.23 -57.10 13.89
C LEU E 276 -4.08 -58.50 14.49
N ILE E 277 -2.84 -58.89 14.74
CA ILE E 277 -2.57 -60.20 15.29
C ILE E 277 -2.92 -60.25 16.78
N GLN E 278 -2.39 -59.29 17.54
CA GLN E 278 -2.58 -59.28 19.00
C GLN E 278 -4.03 -59.11 19.44
N ASN E 279 -4.84 -58.46 18.62
CA ASN E 279 -6.26 -58.30 18.92
C ASN E 279 -7.10 -59.44 18.35
N GLN E 280 -6.45 -60.41 17.72
CA GLN E 280 -7.13 -61.53 17.07
C GLN E 280 -8.16 -61.06 16.05
N TRP E 281 -7.75 -60.17 15.15
CA TRP E 281 -8.63 -59.68 14.09
C TRP E 281 -8.48 -60.44 12.77
N ILE E 282 -7.47 -61.31 12.67
CA ILE E 282 -7.24 -62.09 11.47
C ILE E 282 -6.86 -63.52 11.80
N ASP E 283 -6.99 -64.41 10.81
CA ASP E 283 -6.64 -65.81 10.96
C ASP E 283 -5.39 -66.20 10.18
N TYR E 284 -5.09 -65.44 9.12
CA TYR E 284 -3.91 -65.71 8.30
C TYR E 284 -3.21 -64.42 7.93
N ILE E 285 -1.88 -64.44 8.09
CA ILE E 285 -1.03 -63.32 7.71
C ILE E 285 -0.39 -63.65 6.35
N ARG E 286 -0.50 -62.72 5.40
CA ARG E 286 -0.17 -62.99 4.00
C ARG E 286 1.17 -62.44 3.53
N MET E 287 1.82 -61.64 4.36
CA MET E 287 3.07 -60.97 3.99
C MET E 287 4.13 -62.00 3.62
N PRO E 288 4.71 -61.90 2.40
CA PRO E 288 5.72 -62.85 1.91
C PRO E 288 7.15 -62.39 2.18
N LEU E 289 8.09 -63.29 1.92
CA LEU E 289 9.49 -63.01 2.22
C LEU E 289 10.03 -61.79 1.50
N THR E 290 9.72 -61.67 0.22
CA THR E 290 10.29 -60.62 -0.62
C THR E 290 9.97 -59.22 -0.13
N HIS E 291 8.76 -59.03 0.37
CA HIS E 291 8.34 -57.69 0.76
C HIS E 291 8.36 -57.48 2.26
N GLY E 292 8.49 -58.57 3.02
CA GLY E 292 8.39 -58.51 4.47
C GLY E 292 9.74 -58.57 5.19
N GLY E 293 10.81 -58.16 4.50
CA GLY E 293 12.11 -58.09 5.13
C GLY E 293 12.82 -59.43 5.28
N GLY E 294 12.37 -60.40 4.49
CA GLY E 294 13.05 -61.69 4.40
C GLY E 294 12.82 -62.64 5.55
N ILE E 295 13.62 -63.71 5.57
CA ILE E 295 13.51 -64.77 6.57
C ILE E 295 13.65 -64.23 7.99
N THR E 296 14.60 -63.32 8.18
CA THR E 296 14.89 -62.80 9.53
C THR E 296 13.64 -62.16 10.13
N ALA E 297 12.98 -61.30 9.37
CA ALA E 297 11.82 -60.60 9.90
C ALA E 297 10.58 -61.47 9.89
N MET E 298 10.44 -62.32 8.88
CA MET E 298 9.23 -63.13 8.76
C MET E 298 9.16 -64.23 9.82
N ARG E 299 10.31 -64.70 10.29
CA ARG E 299 10.32 -65.62 11.43
C ARG E 299 9.64 -64.95 12.63
N ARG E 300 9.96 -63.68 12.83
CA ARG E 300 9.41 -62.91 13.94
C ARG E 300 7.91 -62.65 13.80
N VAL E 301 7.46 -62.38 12.57
CA VAL E 301 6.04 -62.19 12.32
C VAL E 301 5.27 -63.47 12.57
N ALA E 302 5.78 -64.59 12.04
CA ALA E 302 5.10 -65.88 12.21
C ALA E 302 5.02 -66.29 13.68
N ASP E 303 6.10 -66.04 14.42
CA ASP E 303 6.12 -66.37 15.83
C ASP E 303 5.09 -65.55 16.64
N LEU E 304 4.95 -64.27 16.30
CA LEU E 304 3.95 -63.44 16.98
C LEU E 304 2.56 -64.00 16.70
N ALA E 305 2.31 -64.26 15.42
CA ALA E 305 1.05 -64.83 14.96
C ALA E 305 0.71 -66.10 15.69
N SER E 306 1.71 -66.93 15.95
CA SER E 306 1.50 -68.21 16.63
C SER E 306 0.93 -68.10 18.05
N LEU E 307 1.18 -66.99 18.73
CA LEU E 307 0.64 -66.80 20.09
C LEU E 307 -0.87 -66.62 20.08
N TYR E 308 -1.41 -66.26 18.92
CA TYR E 308 -2.81 -65.92 18.79
C TYR E 308 -3.53 -66.81 17.79
N HIS E 309 -2.98 -67.99 17.54
CA HIS E 309 -3.58 -68.99 16.64
C HIS E 309 -3.61 -68.56 15.17
N VAL E 310 -2.92 -67.48 14.84
CA VAL E 310 -2.83 -67.00 13.46
C VAL E 310 -1.81 -67.84 12.69
N ARG E 311 -2.18 -68.22 11.46
CA ARG E 311 -1.33 -69.06 10.60
C ARG E 311 -0.75 -68.28 9.42
N THR E 312 0.34 -68.79 8.83
CA THR E 312 0.94 -68.14 7.67
C THR E 312 0.19 -68.51 6.39
N GLY E 313 0.06 -67.55 5.49
CA GLY E 313 -0.56 -67.80 4.20
C GLY E 313 0.12 -66.94 3.16
N PHE E 314 1.39 -67.22 2.91
CA PHE E 314 2.23 -66.38 2.05
C PHE E 314 1.61 -66.05 0.71
N HIS E 315 1.58 -64.75 0.41
CA HIS E 315 1.37 -64.27 -0.94
C HIS E 315 2.36 -65.05 -1.82
N GLY E 316 1.87 -65.60 -2.92
CA GLY E 316 2.65 -66.48 -3.78
C GLY E 316 2.35 -66.25 -5.26
N ALA E 317 1.95 -65.03 -5.59
CA ALA E 317 1.65 -64.67 -6.98
C ALA E 317 2.93 -64.63 -7.81
N THR E 318 2.78 -64.52 -9.13
CA THR E 318 3.93 -64.63 -10.02
C THR E 318 4.94 -63.49 -9.86
N ASP E 319 4.52 -62.40 -9.23
CA ASP E 319 5.42 -61.26 -9.09
C ASP E 319 6.39 -61.46 -7.91
N LEU E 320 6.33 -62.62 -7.28
CA LEU E 320 7.40 -63.08 -6.41
C LEU E 320 8.17 -64.12 -7.19
N SER E 321 9.47 -63.94 -7.30
CA SER E 321 10.28 -64.78 -8.17
C SER E 321 10.41 -66.21 -7.60
N PRO E 322 10.93 -67.15 -8.41
CA PRO E 322 11.20 -68.49 -7.87
C PRO E 322 12.18 -68.46 -6.70
N VAL E 323 12.99 -67.41 -6.58
CA VAL E 323 13.88 -67.31 -5.42
C VAL E 323 13.03 -67.19 -4.16
N CYS E 324 12.04 -66.29 -4.18
CA CYS E 324 11.12 -66.18 -3.05
C CYS E 324 10.37 -67.49 -2.81
N LEU E 325 9.94 -68.14 -3.88
CA LEU E 325 9.14 -69.36 -3.76
C LEU E 325 9.94 -70.48 -3.10
N GLY E 326 11.16 -70.71 -3.58
CA GLY E 326 12.03 -71.71 -2.96
C GLY E 326 12.27 -71.43 -1.49
N ALA E 327 12.63 -70.19 -1.17
CA ALA E 327 12.86 -69.81 0.23
C ALA E 327 11.57 -69.96 1.05
N ALA E 328 10.43 -69.57 0.45
CA ALA E 328 9.14 -69.72 1.13
C ALA E 328 8.81 -71.17 1.42
N ILE E 329 9.09 -72.06 0.47
CA ILE E 329 8.76 -73.47 0.66
C ILE E 329 9.60 -74.06 1.82
N HIS E 330 10.84 -73.62 1.94
CA HIS E 330 11.67 -74.02 3.07
C HIS E 330 11.08 -73.50 4.38
N PHE E 331 10.77 -72.21 4.39
CA PHE E 331 10.14 -71.58 5.53
C PHE E 331 8.84 -72.31 5.89
N ASP E 332 8.00 -72.55 4.87
CA ASP E 332 6.73 -73.27 5.03
C ASP E 332 6.89 -74.65 5.66
N THR E 333 7.99 -75.31 5.33
CA THR E 333 8.24 -76.69 5.74
C THR E 333 8.60 -76.75 7.23
N TRP E 334 9.29 -75.70 7.71
CA TRP E 334 9.67 -75.61 9.12
C TRP E 334 8.62 -74.99 10.05
N VAL E 335 7.99 -73.91 9.62
CA VAL E 335 7.19 -73.09 10.55
C VAL E 335 6.03 -73.87 11.16
N PRO E 336 5.91 -73.85 12.50
CA PRO E 336 4.83 -74.64 13.13
C PRO E 336 3.45 -74.18 12.66
N ASN E 337 3.22 -72.87 12.63
CA ASN E 337 1.90 -72.33 12.30
C ASN E 337 1.69 -72.05 10.81
N PHE E 338 2.10 -73.00 9.98
CA PHE E 338 1.82 -72.93 8.54
C PHE E 338 0.31 -73.03 8.29
N GLY E 339 -0.20 -72.18 7.40
CA GLY E 339 -1.59 -72.28 6.98
C GLY E 339 -1.77 -72.85 5.58
N ILE E 340 -1.22 -72.15 4.60
CA ILE E 340 -1.32 -72.55 3.20
C ILE E 340 -0.29 -71.76 2.39
N GLN E 341 0.05 -72.25 1.21
CA GLN E 341 0.96 -71.51 0.33
C GLN E 341 0.29 -71.23 -1.01
N GLU E 342 0.11 -69.96 -1.35
CA GLU E 342 -0.46 -69.61 -2.65
C GLU E 342 0.41 -70.10 -3.80
N HIS E 343 -0.21 -70.70 -4.82
CA HIS E 343 0.54 -71.16 -5.99
C HIS E 343 -0.01 -70.57 -7.29
N MET E 344 0.80 -69.72 -7.92
CA MET E 344 0.57 -69.27 -9.29
C MET E 344 1.81 -69.67 -10.08
N PRO E 345 1.70 -70.72 -10.91
CA PRO E 345 2.85 -71.23 -11.67
C PRO E 345 3.54 -70.15 -12.50
N HIS E 346 4.87 -70.11 -12.43
CA HIS E 346 5.66 -69.20 -13.24
C HIS E 346 5.69 -69.69 -14.68
N THR E 347 6.06 -68.80 -15.61
CA THR E 347 6.24 -69.21 -16.99
C THR E 347 7.43 -70.15 -17.12
N ASP E 348 7.47 -70.93 -18.21
CA ASP E 348 8.61 -71.80 -18.49
C ASP E 348 9.89 -70.99 -18.55
N GLU E 349 9.82 -69.81 -19.17
CA GLU E 349 10.98 -68.94 -19.32
C GLU E 349 11.49 -68.53 -17.96
N THR E 350 10.58 -68.18 -17.05
CA THR E 350 10.93 -67.83 -15.69
C THR E 350 11.59 -68.99 -14.94
N ASP E 351 10.99 -70.19 -15.03
CA ASP E 351 11.59 -71.36 -14.41
C ASP E 351 13.00 -71.67 -14.94
N ALA E 352 13.22 -71.38 -16.22
CA ALA E 352 14.52 -71.64 -16.84
C ALA E 352 15.58 -70.68 -16.34
N VAL E 353 15.20 -69.42 -16.14
CA VAL E 353 16.13 -68.40 -15.63
C VAL E 353 16.50 -68.68 -14.17
N PHE E 354 15.56 -69.31 -13.44
CA PHE E 354 15.79 -69.61 -12.02
C PHE E 354 15.72 -71.11 -11.71
N PRO E 355 16.74 -71.88 -12.10
CA PRO E 355 16.77 -73.32 -11.81
C PRO E 355 16.60 -73.54 -10.32
N HIS E 356 15.83 -74.56 -9.94
CA HIS E 356 15.47 -74.75 -8.54
C HIS E 356 15.14 -76.21 -8.27
N ASP E 357 15.18 -76.59 -7.00
CA ASP E 357 14.95 -77.98 -6.64
C ASP E 357 13.69 -78.23 -5.82
N TYR E 358 12.88 -77.20 -5.57
CA TYR E 358 11.57 -77.48 -5.02
C TYR E 358 10.73 -78.20 -6.06
N ARG E 359 9.75 -78.97 -5.61
CA ARG E 359 8.94 -79.75 -6.52
C ARG E 359 7.46 -79.58 -6.21
N PHE E 360 6.64 -79.60 -7.26
CA PHE E 360 5.19 -79.56 -7.08
C PHE E 360 4.59 -80.89 -7.47
N GLU E 361 3.83 -81.48 -6.55
CA GLU E 361 3.27 -82.81 -6.74
C GLU E 361 1.94 -82.90 -6.03
N ASP E 362 0.91 -83.34 -6.74
CA ASP E 362 -0.37 -83.68 -6.12
C ASP E 362 -0.87 -82.55 -5.20
N GLY E 363 -0.87 -81.33 -5.73
CA GLY E 363 -1.43 -80.20 -5.01
C GLY E 363 -0.54 -79.60 -3.94
N HIS E 364 0.65 -80.17 -3.74
CA HIS E 364 1.56 -79.70 -2.69
C HIS E 364 2.97 -79.41 -3.18
N PHE E 365 3.68 -78.56 -2.44
CA PHE E 365 5.11 -78.39 -2.64
C PHE E 365 5.89 -79.33 -1.74
N LEU E 366 7.04 -79.77 -2.25
CA LEU E 366 8.02 -80.50 -1.47
C LEU E 366 9.29 -79.67 -1.46
N ALA E 367 9.86 -79.47 -0.27
CA ALA E 367 11.07 -78.66 -0.14
C ALA E 367 12.26 -79.35 -0.80
N GLY E 368 13.18 -78.56 -1.34
CA GLY E 368 14.40 -79.10 -1.90
C GLY E 368 15.31 -79.62 -0.81
N GLU E 369 16.31 -80.40 -1.19
CA GLU E 369 17.25 -81.00 -0.25
C GLU E 369 18.67 -80.49 -0.42
N SER E 370 18.91 -79.70 -1.47
CA SER E 370 20.27 -79.20 -1.68
C SER E 370 20.54 -78.00 -0.77
N PRO E 371 21.81 -77.78 -0.39
CA PRO E 371 22.13 -76.70 0.53
C PRO E 371 21.75 -75.32 -0.02
N GLY E 372 21.34 -74.43 0.88
CA GLY E 372 20.84 -73.11 0.48
C GLY E 372 19.32 -73.16 0.43
N HIS E 373 18.69 -72.17 -0.18
CA HIS E 373 17.25 -72.27 -0.43
C HIS E 373 16.94 -73.07 -1.70
N GLY E 374 17.98 -73.51 -2.40
CA GLY E 374 17.83 -74.40 -3.54
C GLY E 374 17.54 -73.73 -4.86
N VAL E 375 17.54 -72.41 -4.89
CA VAL E 375 17.29 -71.69 -6.13
C VAL E 375 18.56 -71.01 -6.62
N ASP E 376 18.77 -71.06 -7.93
CA ASP E 376 19.90 -70.37 -8.57
C ASP E 376 19.36 -69.39 -9.61
N ILE E 377 20.27 -68.60 -10.18
CA ILE E 377 19.94 -67.75 -11.33
C ILE E 377 20.93 -67.94 -12.50
N ASP E 378 20.38 -68.21 -13.67
CA ASP E 378 21.18 -68.35 -14.88
C ASP E 378 21.34 -66.95 -15.47
N GLU E 379 22.46 -66.29 -15.16
CA GLU E 379 22.67 -64.91 -15.57
C GLU E 379 22.73 -64.76 -17.09
N GLU E 380 23.30 -65.75 -17.75
CA GLU E 380 23.40 -65.74 -19.20
C GLU E 380 22.02 -65.69 -19.85
N LEU E 381 21.12 -66.55 -19.37
CA LEU E 381 19.76 -66.57 -19.88
C LEU E 381 18.98 -65.34 -19.46
N ALA E 382 19.19 -64.87 -18.23
CA ALA E 382 18.48 -63.70 -17.73
C ALA E 382 18.76 -62.50 -18.62
N ALA E 383 19.97 -62.43 -19.17
CA ALA E 383 20.37 -61.31 -20.03
C ALA E 383 19.66 -61.33 -21.38
N LYS E 384 19.02 -62.44 -21.71
CA LYS E 384 18.29 -62.53 -22.97
C LYS E 384 16.86 -61.99 -22.87
N TYR E 385 16.45 -61.63 -21.66
CA TYR E 385 15.12 -61.05 -21.46
C TYR E 385 15.20 -59.68 -20.79
N PRO E 386 15.26 -58.60 -21.59
CA PRO E 386 15.39 -57.26 -21.01
C PRO E 386 14.13 -56.83 -20.27
N TYR E 387 14.32 -55.98 -19.26
CA TYR E 387 13.22 -55.29 -18.57
C TYR E 387 12.20 -54.72 -19.57
N GLU E 388 10.92 -54.84 -19.23
CA GLU E 388 9.85 -54.19 -19.97
C GLU E 388 8.92 -53.54 -18.95
N ARG E 389 8.80 -52.23 -19.01
CA ARG E 389 7.94 -51.51 -18.06
C ARG E 389 6.51 -52.04 -18.04
N ALA E 390 6.01 -52.36 -16.84
CA ALA E 390 4.61 -52.74 -16.66
C ALA E 390 4.07 -52.28 -15.30
N SER E 391 2.93 -51.62 -15.33
CA SER E 391 2.31 -51.07 -14.12
C SER E 391 1.04 -51.82 -13.74
N LEU E 392 0.77 -51.90 -12.44
CA LEU E 392 -0.49 -52.42 -11.92
C LEU E 392 -1.66 -51.48 -12.28
N PRO E 393 -2.87 -52.05 -12.38
CA PRO E 393 -4.04 -51.24 -12.72
C PRO E 393 -4.44 -50.34 -11.58
N VAL E 394 -5.30 -49.37 -11.89
CA VAL E 394 -6.02 -48.60 -10.88
C VAL E 394 -7.50 -48.88 -11.04
N ASN E 395 -8.27 -48.52 -10.02
CA ASN E 395 -9.68 -48.86 -9.98
C ASN E 395 -10.43 -47.58 -9.68
N ARG E 396 -11.45 -47.26 -10.47
CA ARG E 396 -12.28 -46.09 -10.21
C ARG E 396 -13.73 -46.50 -10.03
N LEU E 397 -14.44 -45.78 -9.17
CA LEU E 397 -15.89 -46.00 -9.06
C LEU E 397 -16.60 -45.48 -10.31
N GLU E 398 -17.91 -45.73 -10.39
CA GLU E 398 -18.66 -45.36 -11.57
C GLU E 398 -18.70 -43.85 -11.82
N ASP E 399 -18.52 -43.05 -10.76
CA ASP E 399 -18.50 -41.59 -10.93
C ASP E 399 -17.11 -41.03 -11.21
N GLY E 400 -16.11 -41.90 -11.25
CA GLY E 400 -14.76 -41.48 -11.57
C GLY E 400 -13.84 -41.45 -10.36
N THR E 401 -14.39 -41.73 -9.18
CA THR E 401 -13.62 -41.68 -7.93
C THR E 401 -12.47 -42.68 -7.95
N LEU E 402 -11.25 -42.21 -7.72
CA LEU E 402 -10.11 -43.12 -7.63
C LEU E 402 -10.25 -43.98 -6.38
N TRP E 403 -10.39 -45.28 -6.58
CA TRP E 403 -10.71 -46.22 -5.51
C TRP E 403 -9.54 -47.17 -5.28
N HIS E 404 -9.78 -48.25 -4.57
CA HIS E 404 -8.74 -49.23 -4.25
C HIS E 404 -8.79 -50.34 -5.30
N TRP E 405 -7.64 -50.67 -5.89
CA TRP E 405 -7.61 -51.80 -6.83
C TRP E 405 -7.28 -53.10 -6.11
N LEU F 3 -2.57 38.20 16.64
CA LEU F 3 -2.80 37.14 17.63
C LEU F 3 -1.75 36.03 17.59
N LYS F 4 -1.23 35.70 18.77
CA LYS F 4 -0.17 34.72 18.90
C LYS F 4 -0.69 33.28 18.74
N ILE F 5 0.18 32.42 18.25
CA ILE F 5 -0.13 31.00 18.18
C ILE F 5 -0.06 30.37 19.57
N ARG F 6 -1.17 29.82 20.04
CA ARG F 6 -1.20 29.16 21.34
C ARG F 6 -0.84 27.69 21.21
N ASP F 7 -1.27 27.08 20.12
CA ASP F 7 -1.03 25.65 19.94
C ASP F 7 -0.93 25.33 18.47
N ALA F 8 -0.22 24.23 18.18
CA ALA F 8 -0.09 23.72 16.83
C ALA F 8 0.17 22.22 16.91
N TYR F 9 -0.49 21.45 16.05
CA TYR F 9 -0.34 20.00 16.10
C TYR F 9 -0.78 19.31 14.83
N THR F 10 -0.26 18.10 14.62
CA THR F 10 -0.63 17.30 13.47
C THR F 10 -1.74 16.30 13.83
N ILE F 11 -2.51 15.95 12.81
CA ILE F 11 -3.54 14.93 12.93
C ILE F 11 -3.27 13.97 11.78
N VAL F 12 -3.14 12.68 12.08
CA VAL F 12 -2.89 11.68 11.05
C VAL F 12 -4.11 10.77 11.00
N THR F 13 -4.72 10.60 9.83
CA THR F 13 -5.94 9.82 9.72
C THR F 13 -5.99 9.06 8.40
N CYS F 14 -6.69 7.93 8.37
CA CYS F 14 -6.78 7.15 7.14
C CYS F 14 -8.21 6.75 6.74
N PRO F 15 -9.02 7.75 6.35
CA PRO F 15 -10.41 7.48 5.96
C PRO F 15 -10.49 7.05 4.50
N GLY F 16 -9.84 5.94 4.17
CA GLY F 16 -9.76 5.50 2.78
C GLY F 16 -8.32 5.53 2.26
N ARG F 17 -7.55 6.50 2.74
CA ARG F 17 -6.11 6.60 2.49
C ARG F 17 -5.53 7.56 3.51
N ASN F 18 -4.19 7.63 3.60
CA ASN F 18 -3.55 8.45 4.63
C ASN F 18 -3.59 9.94 4.33
N PHE F 19 -3.99 10.73 5.33
CA PHE F 19 -3.83 12.18 5.26
C PHE F 19 -3.14 12.70 6.50
N VAL F 20 -2.27 13.68 6.33
CA VAL F 20 -1.69 14.38 7.47
C VAL F 20 -2.12 15.84 7.40
N THR F 21 -2.55 16.38 8.53
CA THR F 21 -3.08 17.73 8.58
C THR F 21 -2.41 18.46 9.74
N LEU F 22 -2.05 19.71 9.51
CA LEU F 22 -1.55 20.58 10.57
C LEU F 22 -2.64 21.53 11.00
N LYS F 23 -2.88 21.63 12.31
CA LYS F 23 -3.84 22.60 12.83
C LYS F 23 -3.09 23.62 13.66
N ILE F 24 -3.43 24.90 13.48
CA ILE F 24 -2.84 25.98 14.27
C ILE F 24 -3.96 26.69 15.02
N VAL F 25 -3.79 26.90 16.31
CA VAL F 25 -4.81 27.57 17.13
C VAL F 25 -4.22 28.82 17.77
N THR F 26 -4.89 29.96 17.59
CA THR F 26 -4.41 31.21 18.19
C THR F 26 -4.89 31.35 19.62
N GLU F 27 -4.40 32.40 20.28
CA GLU F 27 -4.76 32.69 21.67
C GLU F 27 -6.25 32.97 21.87
N SER F 28 -6.91 33.44 20.83
CA SER F 28 -8.32 33.78 20.93
C SER F 28 -9.20 32.56 20.66
N GLY F 29 -8.59 31.50 20.13
CA GLY F 29 -9.34 30.30 19.83
C GLY F 29 -9.58 30.10 18.35
N THR F 30 -9.34 31.12 17.54
CA THR F 30 -9.49 30.96 16.11
C THR F 30 -8.44 29.97 15.60
N HIS F 31 -8.79 29.20 14.58
CA HIS F 31 -7.86 28.20 14.09
C HIS F 31 -7.87 28.09 12.58
N GLY F 32 -6.83 27.46 12.04
CA GLY F 32 -6.73 27.18 10.62
C GLY F 32 -6.01 25.87 10.42
N ILE F 33 -6.22 25.23 9.26
CA ILE F 33 -5.57 23.95 9.00
C ILE F 33 -4.91 23.95 7.65
N GLY F 34 -3.92 23.07 7.47
CA GLY F 34 -3.20 22.96 6.23
C GLY F 34 -2.87 21.52 5.90
N ASP F 35 -2.87 21.17 4.61
CA ASP F 35 -2.54 19.81 4.20
C ASP F 35 -1.03 19.56 4.30
N ALA F 36 -0.66 18.41 4.86
CA ALA F 36 0.74 18.03 5.01
C ALA F 36 1.01 16.63 4.42
N THR F 37 0.12 16.17 3.56
CA THR F 37 0.14 14.80 3.06
C THR F 37 1.16 14.59 1.96
N LEU F 38 2.08 13.64 2.17
CA LEU F 38 3.06 13.29 1.14
C LEU F 38 3.00 11.78 0.89
N ASN F 39 2.31 11.41 -0.19
CA ASN F 39 1.94 10.01 -0.45
C ASN F 39 3.13 9.06 -0.38
N GLY F 40 3.03 8.04 0.48
CA GLY F 40 4.07 7.02 0.59
C GLY F 40 5.28 7.40 1.43
N ARG F 41 5.34 8.65 1.88
CA ARG F 41 6.39 9.13 2.80
C ARG F 41 5.76 9.96 3.91
N GLU F 42 4.53 9.62 4.28
CA GLU F 42 3.70 10.49 5.13
C GLU F 42 4.31 10.81 6.49
N MET F 43 4.95 9.82 7.09
CA MET F 43 5.45 9.99 8.44
C MET F 43 6.71 10.86 8.52
N ALA F 44 7.42 11.00 7.40
CA ALA F 44 8.58 11.90 7.36
C ALA F 44 8.11 13.35 7.57
N VAL F 45 7.02 13.71 6.90
CA VAL F 45 6.45 15.04 7.06
C VAL F 45 5.89 15.21 8.48
N ALA F 46 5.19 14.19 8.97
CA ALA F 46 4.62 14.24 10.32
C ALA F 46 5.69 14.52 11.36
N ALA F 47 6.84 13.88 11.22
CA ALA F 47 7.92 14.07 12.18
C ALA F 47 8.62 15.42 11.99
N TYR F 48 8.74 15.84 10.74
CA TYR F 48 9.35 17.13 10.42
C TYR F 48 8.55 18.23 11.14
N LEU F 49 7.22 18.17 11.01
CA LEU F 49 6.36 19.12 11.71
C LEU F 49 6.37 18.93 13.22
N ASP F 50 6.07 17.72 13.70
CA ASP F 50 5.94 17.46 15.12
C ASP F 50 7.19 17.86 15.90
N GLU F 51 8.35 17.44 15.41
CA GLU F 51 9.58 17.55 16.19
C GLU F 51 10.36 18.84 15.93
N HIS F 52 10.24 19.40 14.74
CA HIS F 52 11.14 20.48 14.35
C HIS F 52 10.44 21.80 13.99
N VAL F 53 9.19 21.77 13.59
CA VAL F 53 8.53 23.01 13.21
C VAL F 53 7.56 23.48 14.27
N VAL F 54 6.66 22.58 14.69
CA VAL F 54 5.65 22.91 15.69
C VAL F 54 6.20 23.63 16.93
N PRO F 55 7.31 23.14 17.51
CA PRO F 55 7.78 23.85 18.71
C PRO F 55 8.20 25.31 18.44
N ALA F 56 8.65 25.59 17.22
CA ALA F 56 9.06 26.95 16.86
C ALA F 56 7.87 27.85 16.51
N LEU F 57 6.71 27.25 16.29
CA LEU F 57 5.51 28.03 15.97
C LEU F 57 4.84 28.62 17.21
N ILE F 58 5.02 27.98 18.36
CA ILE F 58 4.33 28.44 19.56
C ILE F 58 4.76 29.87 19.92
N GLY F 59 3.78 30.73 20.16
CA GLY F 59 4.07 32.11 20.54
C GLY F 59 4.30 33.06 19.37
N ARG F 60 4.47 32.52 18.16
CA ARG F 60 4.64 33.36 16.98
C ARG F 60 3.36 34.10 16.64
N ASP F 61 3.52 35.26 16.02
CA ASP F 61 2.39 36.06 15.52
C ASP F 61 1.82 35.37 14.29
N ALA F 62 0.59 34.87 14.40
CA ALA F 62 0.01 34.08 13.30
C ALA F 62 -0.25 34.92 12.04
N GLY F 63 -0.34 36.23 12.20
CA GLY F 63 -0.58 37.12 11.09
C GLY F 63 0.64 37.33 10.21
N ARG F 64 1.81 36.93 10.71
N ARG F 64 1.81 36.95 10.71
CA ARG F 64 3.05 37.11 9.96
CA ARG F 64 3.05 37.12 9.95
C ARG F 64 3.35 35.93 9.04
C ARG F 64 3.34 35.94 9.02
N ILE F 65 2.53 35.82 7.99
CA ILE F 65 2.60 34.69 7.07
C ILE F 65 3.92 34.65 6.31
N GLU F 66 4.30 35.78 5.75
CA GLU F 66 5.52 35.85 4.95
C GLU F 66 6.75 35.59 5.81
N ASP F 67 6.80 36.21 6.98
CA ASP F 67 7.95 36.03 7.87
C ASP F 67 8.08 34.58 8.31
N THR F 68 6.95 33.94 8.59
CA THR F 68 6.96 32.52 8.97
C THR F 68 7.45 31.65 7.82
N TRP F 69 6.97 31.95 6.61
CA TRP F 69 7.40 31.18 5.45
C TRP F 69 8.92 31.27 5.27
N GLN F 70 9.47 32.48 5.31
CA GLN F 70 10.91 32.66 5.18
C GLN F 70 11.67 32.02 6.34
N TYR F 71 11.13 32.18 7.55
CA TYR F 71 11.74 31.63 8.76
C TYR F 71 11.90 30.11 8.62
N LEU F 72 10.87 29.44 8.08
CA LEU F 72 10.96 27.98 7.93
C LEU F 72 11.80 27.57 6.71
N TYR F 73 11.66 28.32 5.62
CA TYR F 73 12.34 27.98 4.39
C TYR F 73 13.84 28.22 4.51
N ARG F 74 14.21 29.45 4.87
CA ARG F 74 15.61 29.77 5.06
C ARG F 74 16.17 29.15 6.35
N GLY F 75 15.38 29.18 7.42
CA GLY F 75 15.84 28.73 8.72
C GLY F 75 16.13 27.25 8.82
N ALA F 76 15.50 26.47 7.94
CA ALA F 76 15.75 25.02 7.92
C ALA F 76 17.20 24.74 7.54
N TYR F 77 17.84 25.72 6.90
CA TYR F 77 19.23 25.65 6.43
C TYR F 77 19.39 24.75 5.20
N TRP F 78 18.89 23.53 5.33
CA TRP F 78 18.76 22.62 4.19
C TRP F 78 17.46 22.95 3.45
N ARG F 79 17.58 23.56 2.26
CA ARG F 79 16.43 24.13 1.56
C ARG F 79 15.82 23.24 0.49
N ARG F 80 14.52 23.44 0.28
CA ARG F 80 13.74 22.77 -0.76
C ARG F 80 13.54 21.30 -0.38
N GLY F 81 12.89 20.55 -1.26
CA GLY F 81 12.67 19.14 -1.05
C GLY F 81 11.23 18.81 -0.69
N PRO F 82 10.80 17.57 -0.98
CA PRO F 82 9.39 17.21 -0.78
C PRO F 82 8.95 17.19 0.69
N VAL F 83 9.79 16.72 1.59
CA VAL F 83 9.40 16.70 3.00
C VAL F 83 9.40 18.13 3.54
N THR F 84 10.47 18.84 3.24
CA THR F 84 10.65 20.23 3.65
C THR F 84 9.50 21.11 3.17
N MET F 85 9.23 21.09 1.87
CA MET F 85 8.27 22.04 1.33
C MET F 85 6.82 21.66 1.66
N THR F 86 6.57 20.38 1.95
CA THR F 86 5.23 19.99 2.36
C THR F 86 4.95 20.46 3.77
N ALA F 87 5.96 20.39 4.64
CA ALA F 87 5.80 20.89 6.00
C ALA F 87 5.53 22.39 5.96
N ILE F 88 6.28 23.10 5.13
CA ILE F 88 6.14 24.55 5.01
C ILE F 88 4.76 24.89 4.43
N ALA F 89 4.33 24.12 3.44
CA ALA F 89 3.02 24.31 2.83
C ALA F 89 1.88 24.16 3.84
N ALA F 90 2.03 23.20 4.75
CA ALA F 90 0.98 22.93 5.73
C ALA F 90 0.83 24.13 6.66
N VAL F 91 1.95 24.65 7.13
CA VAL F 91 1.93 25.85 7.96
C VAL F 91 1.30 27.01 7.18
N ASP F 92 1.74 27.18 5.94
CA ASP F 92 1.31 28.32 5.13
C ASP F 92 -0.20 28.32 4.89
N MET F 93 -0.75 27.17 4.51
CA MET F 93 -2.18 27.06 4.27
CA MET F 93 -2.18 27.01 4.28
C MET F 93 -2.98 27.32 5.55
N ALA F 94 -2.48 26.84 6.70
CA ALA F 94 -3.14 27.08 7.98
C ALA F 94 -3.15 28.56 8.35
N LEU F 95 -2.04 29.25 8.10
CA LEU F 95 -1.96 30.68 8.38
C LEU F 95 -2.85 31.52 7.45
N TRP F 96 -2.94 31.14 6.17
CA TRP F 96 -3.85 31.82 5.24
C TRP F 96 -5.30 31.58 5.62
N ASP F 97 -5.59 30.37 6.10
CA ASP F 97 -6.92 30.03 6.63
C ASP F 97 -7.27 30.99 7.77
N ILE F 98 -6.35 31.16 8.71
CA ILE F 98 -6.55 32.06 9.84
C ILE F 98 -6.70 33.51 9.38
N LYS F 99 -5.84 33.93 8.46
CA LYS F 99 -5.90 35.31 7.98
C LYS F 99 -7.24 35.63 7.31
N ALA F 100 -7.72 34.70 6.49
CA ALA F 100 -8.98 34.92 5.80
C ALA F 100 -10.14 34.91 6.79
N LYS F 101 -10.06 34.02 7.79
CA LYS F 101 -11.08 34.01 8.81
C LYS F 101 -11.08 35.35 9.57
N ALA F 102 -9.89 35.87 9.87
CA ALA F 102 -9.79 37.13 10.59
C ALA F 102 -10.35 38.29 9.76
N ALA F 103 -10.15 38.22 8.45
CA ALA F 103 -10.65 39.23 7.52
C ALA F 103 -12.14 39.08 7.25
N GLY F 104 -12.73 37.98 7.73
CA GLY F 104 -14.13 37.69 7.48
C GLY F 104 -14.44 37.47 6.01
N MET F 105 -13.49 36.88 5.28
CA MET F 105 -13.58 36.68 3.84
C MET F 105 -13.19 35.26 3.44
N PRO F 106 -13.87 34.71 2.41
CA PRO F 106 -13.39 33.49 1.77
C PRO F 106 -12.03 33.77 1.16
N LEU F 107 -11.16 32.76 1.13
CA LEU F 107 -9.78 32.96 0.71
C LEU F 107 -9.62 33.66 -0.65
N TYR F 108 -10.47 33.35 -1.62
CA TYR F 108 -10.31 33.94 -2.96
C TYR F 108 -10.40 35.48 -2.91
N GLN F 109 -11.21 35.99 -2.01
CA GLN F 109 -11.38 37.43 -1.88
C GLN F 109 -10.10 38.06 -1.37
N LEU F 110 -9.51 37.42 -0.37
CA LEU F 110 -8.26 37.88 0.22
C LEU F 110 -7.13 37.93 -0.82
N LEU F 111 -7.18 37.01 -1.79
CA LEU F 111 -6.13 36.92 -2.79
C LEU F 111 -6.23 37.95 -3.94
N GLY F 112 -7.38 38.60 -4.07
CA GLY F 112 -7.56 39.53 -5.16
C GLY F 112 -8.94 39.47 -5.79
N GLY F 113 -9.79 38.62 -5.24
CA GLY F 113 -11.14 38.49 -5.76
C GLY F 113 -11.27 37.51 -6.91
N LYS F 114 -12.50 37.25 -7.34
CA LYS F 114 -12.69 36.23 -8.36
C LYS F 114 -12.37 36.71 -9.77
N SER F 115 -11.73 35.83 -10.53
CA SER F 115 -11.41 36.08 -11.93
C SER F 115 -12.30 35.27 -12.85
N ARG F 116 -13.10 34.37 -12.27
CA ARG F 116 -13.95 33.46 -13.05
C ARG F 116 -15.13 32.99 -12.19
N GLU F 117 -16.22 32.58 -12.85
CA GLU F 117 -17.45 32.23 -12.16
C GLU F 117 -17.50 30.76 -11.73
N ARG F 118 -16.58 29.97 -12.28
CA ARG F 118 -16.50 28.54 -11.98
C ARG F 118 -15.13 28.04 -12.43
N VAL F 119 -14.78 26.83 -12.00
CA VAL F 119 -13.43 26.31 -12.17
C VAL F 119 -13.50 24.97 -12.91
N MET F 120 -13.07 24.96 -14.17
CA MET F 120 -13.17 23.77 -15.00
C MET F 120 -12.27 22.63 -14.51
N THR F 121 -12.78 21.41 -14.55
CA THR F 121 -12.01 20.24 -14.12
C THR F 121 -11.81 19.21 -15.22
N TYR F 122 -10.94 18.24 -14.97
CA TYR F 122 -10.96 17.01 -15.77
C TYR F 122 -11.14 15.77 -14.91
N ALA F 123 -11.76 14.76 -15.51
CA ALA F 123 -11.99 13.49 -14.83
C ALA F 123 -11.06 12.43 -15.37
N HIS F 124 -10.76 11.42 -14.55
CA HIS F 124 -9.99 10.26 -15.00
C HIS F 124 -10.86 9.23 -15.68
N CYS F 125 -10.52 8.92 -16.94
CA CYS F 125 -11.19 7.87 -17.68
C CYS F 125 -10.17 6.81 -17.99
N THR F 126 -10.45 5.59 -17.57
CA THR F 126 -9.50 4.51 -17.75
C THR F 126 -10.22 3.21 -18.05
N GLY F 127 -9.50 2.31 -18.70
CA GLY F 127 -10.01 0.99 -19.01
C GLY F 127 -8.89 0.11 -19.50
N GLN F 128 -9.11 -1.21 -19.48
CA GLN F 128 -8.09 -2.14 -19.90
C GLN F 128 -7.90 -2.05 -21.40
N THR F 129 -8.99 -2.08 -22.14
CA THR F 129 -8.88 -1.91 -23.58
C THR F 129 -9.25 -0.48 -23.93
N ILE F 130 -9.00 -0.10 -25.19
CA ILE F 130 -9.44 1.19 -25.67
C ILE F 130 -10.95 1.30 -25.52
N GLU F 131 -11.67 0.26 -25.92
CA GLU F 131 -13.13 0.23 -25.77
C GLU F 131 -13.58 0.50 -24.33
N ASP F 132 -12.93 -0.14 -23.37
CA ASP F 132 -13.24 0.06 -21.96
C ASP F 132 -13.08 1.53 -21.57
N CYS F 133 -12.02 2.16 -22.07
CA CYS F 133 -11.78 3.56 -21.78
C CYS F 133 -12.86 4.44 -22.39
N LEU F 134 -13.22 4.15 -23.65
CA LEU F 134 -14.27 4.90 -24.34
C LEU F 134 -15.59 4.91 -23.56
N GLY F 135 -15.92 3.77 -22.95
CA GLY F 135 -17.12 3.68 -22.12
C GLY F 135 -17.04 4.61 -20.92
N GLU F 136 -15.86 4.73 -20.33
CA GLU F 136 -15.68 5.65 -19.21
C GLU F 136 -15.73 7.11 -19.64
N VAL F 137 -15.26 7.40 -20.84
CA VAL F 137 -15.37 8.76 -21.37
C VAL F 137 -16.85 9.17 -21.52
N ALA F 138 -17.64 8.27 -22.11
CA ALA F 138 -19.06 8.54 -22.31
C ALA F 138 -19.75 8.81 -20.98
N ARG F 139 -19.40 8.02 -19.98
CA ARG F 139 -20.02 8.16 -18.68
C ARG F 139 -19.70 9.52 -18.06
N HIS F 140 -18.47 9.98 -18.25
CA HIS F 140 -18.07 11.27 -17.67
C HIS F 140 -18.59 12.44 -18.48
N VAL F 141 -18.72 12.27 -19.79
CA VAL F 141 -19.35 13.29 -20.60
C VAL F 141 -20.79 13.47 -20.14
N GLU F 142 -21.45 12.36 -19.83
CA GLU F 142 -22.83 12.40 -19.33
C GLU F 142 -22.94 13.17 -18.02
N LEU F 143 -21.93 13.05 -17.15
CA LEU F 143 -21.92 13.75 -15.87
C LEU F 143 -21.58 15.25 -16.01
N GLY F 144 -21.27 15.68 -17.23
CA GLY F 144 -21.00 17.09 -17.48
C GLY F 144 -19.54 17.52 -17.47
N TYR F 145 -18.61 16.58 -17.49
CA TYR F 145 -17.20 16.95 -17.60
C TYR F 145 -16.90 17.47 -19.01
N ARG F 146 -16.18 18.58 -19.09
CA ARG F 146 -15.79 19.17 -20.36
C ARG F 146 -14.43 18.61 -20.81
N ALA F 147 -13.75 17.95 -19.88
CA ALA F 147 -12.37 17.53 -20.09
C ALA F 147 -12.17 16.17 -19.44
N VAL F 148 -11.43 15.31 -20.11
CA VAL F 148 -11.16 13.96 -19.61
C VAL F 148 -9.70 13.58 -19.80
N ARG F 149 -9.12 12.95 -18.78
CA ARG F 149 -7.83 12.30 -18.94
C ARG F 149 -8.07 10.86 -19.36
N VAL F 150 -7.40 10.40 -20.42
CA VAL F 150 -7.62 9.04 -20.92
C VAL F 150 -6.36 8.17 -20.81
N GLN F 151 -6.52 7.00 -20.21
CA GLN F 151 -5.41 6.05 -20.12
C GLN F 151 -6.00 4.68 -20.44
N SER F 152 -5.25 3.83 -21.12
CA SER F 152 -5.70 2.45 -21.34
C SER F 152 -4.51 1.50 -21.35
N GLY F 153 -4.81 0.20 -21.23
CA GLY F 153 -3.77 -0.80 -21.18
C GLY F 153 -3.00 -0.90 -22.47
N VAL F 154 -1.73 -1.26 -22.35
CA VAL F 154 -0.89 -1.52 -23.51
C VAL F 154 -0.84 -3.04 -23.71
N PRO F 155 -1.26 -3.52 -24.89
CA PRO F 155 -1.23 -4.98 -25.10
C PRO F 155 0.20 -5.51 -25.06
N GLY F 156 0.40 -6.69 -24.48
CA GLY F 156 1.72 -7.26 -24.34
C GLY F 156 2.42 -6.79 -23.07
N ILE F 157 1.72 -5.99 -22.28
CA ILE F 157 2.24 -5.49 -21.02
C ILE F 157 1.20 -5.64 -19.91
N GLU F 158 1.58 -6.32 -18.84
CA GLU F 158 0.64 -6.67 -17.78
C GLU F 158 0.05 -5.45 -17.06
N THR F 159 0.91 -4.47 -16.78
CA THR F 159 0.51 -3.31 -15.99
C THR F 159 0.98 -2.00 -16.61
N THR F 160 0.09 -1.03 -16.69
CA THR F 160 0.44 0.28 -17.22
C THR F 160 -0.12 1.34 -16.28
N TYR F 161 0.47 2.53 -16.29
CA TYR F 161 0.00 3.57 -15.39
C TYR F 161 -1.45 3.96 -15.63
N GLY F 162 -2.19 4.15 -14.54
CA GLY F 162 -3.52 4.71 -14.61
C GLY F 162 -4.58 3.73 -15.06
N VAL F 163 -4.23 2.45 -15.09
CA VAL F 163 -5.18 1.42 -15.53
C VAL F 163 -5.30 0.29 -14.49
N SER F 177 1.15 -2.31 1.27
CA SER F 177 2.15 -2.01 2.27
C SER F 177 3.50 -1.62 1.66
N LEU F 178 4.19 -2.60 1.08
CA LEU F 178 5.47 -2.38 0.38
C LEU F 178 5.22 -2.08 -1.09
N PRO F 179 6.21 -1.50 -1.80
CA PRO F 179 5.89 -1.12 -3.18
C PRO F 179 5.61 -2.32 -4.09
N ALA F 180 4.48 -2.25 -4.78
CA ALA F 180 4.21 -3.24 -5.83
C ALA F 180 5.20 -2.96 -6.96
N GLU F 181 5.51 -3.99 -7.74
CA GLU F 181 6.43 -3.81 -8.86
C GLU F 181 5.75 -4.10 -10.20
N HIS F 182 5.73 -3.09 -11.05
CA HIS F 182 5.08 -3.18 -12.36
C HIS F 182 6.16 -3.37 -13.42
N VAL F 183 5.79 -3.94 -14.55
CA VAL F 183 6.74 -4.12 -15.65
C VAL F 183 6.33 -3.22 -16.81
N TRP F 184 7.32 -2.71 -17.54
CA TRP F 184 7.10 -1.67 -18.53
C TRP F 184 7.85 -1.90 -19.84
N SER F 185 7.21 -1.57 -20.95
CA SER F 185 7.85 -1.52 -22.27
C SER F 185 7.52 -0.20 -22.95
N THR F 186 8.52 0.64 -23.13
CA THR F 186 8.31 1.93 -23.79
C THR F 186 7.83 1.75 -25.23
N GLU F 187 8.49 0.86 -25.96
CA GLU F 187 8.25 0.74 -27.38
C GLU F 187 6.81 0.30 -27.70
N LYS F 188 6.28 -0.59 -26.86
CA LYS F 188 4.91 -1.07 -27.04
C LYS F 188 3.92 0.06 -26.72
N TYR F 189 4.21 0.81 -25.67
CA TYR F 189 3.40 1.98 -25.33
C TYR F 189 3.36 3.00 -26.46
N LEU F 190 4.52 3.32 -27.02
CA LEU F 190 4.61 4.37 -28.04
C LEU F 190 3.82 4.05 -29.31
N ASN F 191 3.74 2.77 -29.64
CA ASN F 191 2.96 2.35 -30.81
C ASN F 191 1.47 2.28 -30.54
N HIS F 192 1.12 2.12 -29.27
CA HIS F 192 -0.27 1.92 -28.90
C HIS F 192 -1.01 3.20 -28.55
N ALA F 193 -0.39 4.06 -27.75
CA ALA F 193 -1.05 5.27 -27.26
C ALA F 193 -1.79 6.13 -28.31
N PRO F 194 -1.18 6.38 -29.48
CA PRO F 194 -1.90 7.22 -30.47
C PRO F 194 -3.26 6.64 -30.86
N LYS F 195 -3.36 5.31 -30.86
CA LYS F 195 -4.60 4.60 -31.20
C LYS F 195 -5.74 4.91 -30.23
N LEU F 196 -5.39 5.11 -28.95
CA LEU F 196 -6.36 5.51 -27.95
C LEU F 196 -6.98 6.88 -28.27
N PHE F 197 -6.13 7.87 -28.51
CA PHE F 197 -6.60 9.22 -28.80
C PHE F 197 -7.42 9.29 -30.08
N ALA F 198 -6.99 8.53 -31.08
CA ALA F 198 -7.72 8.44 -32.34
C ALA F 198 -9.14 7.95 -32.11
N ALA F 199 -9.27 6.94 -31.24
CA ALA F 199 -10.56 6.33 -30.98
C ALA F 199 -11.45 7.27 -30.17
N VAL F 200 -10.83 8.05 -29.28
CA VAL F 200 -11.58 9.01 -28.50
C VAL F 200 -12.18 10.08 -29.43
N ARG F 201 -11.37 10.58 -30.37
CA ARG F 201 -11.83 11.59 -31.30
C ARG F 201 -12.90 11.03 -32.25
N GLU F 202 -12.72 9.76 -32.64
CA GLU F 202 -13.66 9.12 -33.54
C GLU F 202 -15.06 9.05 -32.91
N ARG F 203 -15.11 8.70 -31.62
N ARG F 203 -15.12 8.66 -31.64
CA ARG F 203 -16.39 8.49 -30.97
CA ARG F 203 -16.41 8.51 -30.97
C ARG F 203 -16.98 9.73 -30.31
C ARG F 203 -16.97 9.83 -30.48
N PHE F 204 -16.13 10.64 -29.85
CA PHE F 204 -16.59 11.81 -29.11
C PHE F 204 -16.36 13.17 -29.77
N GLY F 205 -15.68 13.20 -30.92
CA GLY F 205 -15.54 14.42 -31.67
C GLY F 205 -14.53 15.41 -31.11
N ASP F 206 -14.57 16.64 -31.60
CA ASP F 206 -13.47 17.59 -31.36
C ASP F 206 -13.64 18.55 -30.18
N ASP F 207 -14.85 18.68 -29.64
CA ASP F 207 -15.10 19.71 -28.63
C ASP F 207 -14.59 19.32 -27.24
N LEU F 208 -14.53 18.02 -26.99
CA LEU F 208 -14.06 17.48 -25.74
C LEU F 208 -12.57 17.80 -25.55
N HIS F 209 -12.19 18.22 -24.34
CA HIS F 209 -10.78 18.39 -24.02
C HIS F 209 -10.25 17.05 -23.58
N VAL F 210 -9.13 16.62 -24.17
CA VAL F 210 -8.58 15.30 -23.92
C VAL F 210 -7.14 15.40 -23.43
N LEU F 211 -6.89 14.82 -22.27
CA LEU F 211 -5.57 14.90 -21.61
C LEU F 211 -4.96 13.51 -21.49
N HIS F 212 -3.64 13.45 -21.39
CA HIS F 212 -2.98 12.17 -21.19
C HIS F 212 -1.74 12.36 -20.32
N ASP F 213 -1.55 11.44 -19.38
CA ASP F 213 -0.41 11.52 -18.46
C ASP F 213 0.59 10.42 -18.87
N VAL F 214 1.76 10.84 -19.35
CA VAL F 214 2.83 9.93 -19.77
C VAL F 214 3.53 9.31 -18.54
N HIS F 215 3.47 10.03 -17.42
CA HIS F 215 3.94 9.52 -16.12
C HIS F 215 5.41 9.07 -16.14
N HIS F 216 6.26 9.93 -16.71
CA HIS F 216 7.73 9.91 -16.56
C HIS F 216 8.49 8.86 -17.34
N ARG F 217 7.81 8.09 -18.19
CA ARG F 217 8.42 6.87 -18.69
C ARG F 217 9.30 6.99 -19.94
N LEU F 218 9.27 8.14 -20.60
CA LEU F 218 9.95 8.30 -21.89
C LEU F 218 11.27 9.07 -21.77
N THR F 219 12.13 8.94 -22.79
CA THR F 219 13.26 9.86 -22.96
C THR F 219 12.76 11.06 -23.79
N PRO F 220 13.52 12.16 -23.80
CA PRO F 220 13.06 13.32 -24.57
C PRO F 220 12.72 13.04 -26.05
N ILE F 221 13.58 12.34 -26.78
CA ILE F 221 13.29 12.14 -28.21
C ILE F 221 12.09 11.20 -28.42
N GLU F 222 11.87 10.28 -27.47
CA GLU F 222 10.69 9.43 -27.50
C GLU F 222 9.40 10.25 -27.24
N ALA F 223 9.49 11.20 -26.32
CA ALA F 223 8.35 12.07 -26.03
C ALA F 223 8.09 13.04 -27.20
N ALA F 224 9.15 13.50 -27.84
CA ALA F 224 9.05 14.26 -29.09
C ALA F 224 8.28 13.47 -30.14
N ARG F 225 8.66 12.21 -30.33
CA ARG F 225 7.98 11.34 -31.26
C ARG F 225 6.50 11.19 -30.88
N LEU F 226 6.22 10.94 -29.61
CA LEU F 226 4.85 10.76 -29.18
C LEU F 226 4.05 12.05 -29.39
N GLY F 227 4.63 13.18 -29.00
CA GLY F 227 3.99 14.47 -29.21
C GLY F 227 3.59 14.71 -30.66
N LYS F 228 4.50 14.44 -31.58
CA LYS F 228 4.22 14.60 -33.01
C LYS F 228 3.11 13.66 -33.46
N ALA F 229 3.19 12.42 -33.00
CA ALA F 229 2.22 11.41 -33.39
C ALA F 229 0.80 11.78 -32.97
N VAL F 230 0.68 12.49 -31.86
CA VAL F 230 -0.66 12.80 -31.34
C VAL F 230 -1.16 14.20 -31.67
N GLU F 231 -0.37 14.94 -32.44
CA GLU F 231 -0.80 16.26 -32.92
C GLU F 231 -2.18 16.27 -33.59
N PRO F 232 -2.45 15.30 -34.48
CA PRO F 232 -3.78 15.33 -35.11
C PRO F 232 -4.95 15.23 -34.14
N TYR F 233 -4.71 14.78 -32.90
CA TYR F 233 -5.79 14.60 -31.94
C TYR F 233 -5.94 15.78 -30.97
N HIS F 234 -5.03 16.75 -31.09
CA HIS F 234 -5.20 18.04 -30.40
C HIS F 234 -5.47 17.88 -28.91
N LEU F 235 -4.53 17.24 -28.23
CA LEU F 235 -4.65 17.03 -26.79
C LEU F 235 -4.57 18.34 -26.03
N PHE F 236 -5.31 18.42 -24.93
CA PHE F 236 -5.25 19.56 -24.01
C PHE F 236 -3.83 19.62 -23.42
N TRP F 237 -3.33 18.47 -22.99
CA TRP F 237 -1.92 18.36 -22.64
C TRP F 237 -1.39 16.95 -22.68
N LEU F 238 -0.08 16.86 -22.82
CA LEU F 238 0.66 15.63 -22.62
C LEU F 238 1.51 15.91 -21.39
N GLU F 239 1.29 15.13 -20.33
CA GLU F 239 1.79 15.46 -18.99
C GLU F 239 2.96 14.56 -18.54
N ASP F 240 3.96 15.16 -17.91
CA ASP F 240 5.08 14.45 -17.29
C ASP F 240 5.77 13.48 -18.25
N CYS F 241 6.15 13.99 -19.42
CA CYS F 241 6.74 13.17 -20.47
C CYS F 241 8.01 12.47 -20.03
N VAL F 242 8.87 13.20 -19.32
CA VAL F 242 10.21 12.74 -19.01
C VAL F 242 10.57 13.23 -17.61
N PRO F 243 11.42 12.47 -16.88
CA PRO F 243 11.85 13.00 -15.58
C PRO F 243 12.60 14.31 -15.81
N ALA F 244 12.35 15.31 -14.97
CA ALA F 244 12.76 16.67 -15.27
C ALA F 244 13.58 17.32 -14.17
N GLU F 245 14.31 16.52 -13.39
CA GLU F 245 15.28 17.10 -12.47
C GLU F 245 16.26 17.93 -13.28
N ASN F 246 16.61 17.43 -14.46
CA ASN F 246 17.37 18.23 -15.43
C ASN F 246 16.31 18.88 -16.30
N GLN F 247 16.11 20.18 -16.10
CA GLN F 247 15.01 20.88 -16.77
C GLN F 247 15.21 20.94 -18.28
N GLU F 248 16.47 20.91 -18.71
CA GLU F 248 16.80 20.86 -20.14
C GLU F 248 16.19 19.65 -20.85
N SER F 249 15.72 18.67 -20.08
CA SER F 249 15.10 17.47 -20.66
C SER F 249 13.88 17.81 -21.52
N LEU F 250 13.25 18.96 -21.29
CA LEU F 250 12.05 19.31 -22.03
C LEU F 250 12.36 19.89 -23.42
N ARG F 251 13.60 20.32 -23.62
N ARG F 251 13.60 20.32 -23.62
CA ARG F 251 13.96 21.11 -24.81
CA ARG F 251 13.96 21.10 -24.82
C ARG F 251 13.68 20.39 -26.14
C ARG F 251 13.65 20.37 -26.13
N LEU F 252 14.12 19.14 -26.26
CA LEU F 252 13.90 18.37 -27.50
C LEU F 252 12.43 18.15 -27.77
N ILE F 253 11.64 17.96 -26.71
CA ILE F 253 10.21 17.75 -26.90
C ILE F 253 9.62 19.03 -27.50
N ARG F 254 9.94 20.15 -26.87
CA ARG F 254 9.37 21.44 -27.29
C ARG F 254 9.78 21.83 -28.71
N GLU F 255 11.00 21.47 -29.08
CA GLU F 255 11.52 21.81 -30.40
C GLU F 255 10.93 20.95 -31.50
N HIS F 256 10.30 19.84 -31.12
CA HIS F 256 9.80 18.89 -32.13
C HIS F 256 8.28 18.74 -32.24
N THR F 257 7.52 19.22 -31.25
CA THR F 257 6.08 19.05 -31.30
C THR F 257 5.32 20.30 -30.86
N THR F 258 4.10 20.45 -31.36
CA THR F 258 3.20 21.51 -30.95
C THR F 258 2.07 21.00 -30.04
N THR F 259 2.13 19.72 -29.68
CA THR F 259 1.24 19.22 -28.64
C THR F 259 1.58 19.90 -27.32
N PRO F 260 0.56 20.49 -26.64
CA PRO F 260 0.83 21.22 -25.40
C PRO F 260 1.39 20.31 -24.30
N LEU F 261 2.28 20.85 -23.47
CA LEU F 261 3.00 20.02 -22.50
C LEU F 261 2.69 20.47 -21.09
N ALA F 262 2.54 19.52 -20.17
CA ALA F 262 2.31 19.85 -18.77
C ALA F 262 3.31 19.09 -17.93
N ILE F 263 3.74 19.70 -16.82
CA ILE F 263 4.67 19.02 -15.93
C ILE F 263 4.62 19.62 -14.55
N GLY F 264 5.00 18.83 -13.53
CA GLY F 264 5.36 19.44 -12.26
C GLY F 264 4.73 18.94 -10.98
N GLU F 265 3.85 17.94 -11.04
CA GLU F 265 3.29 17.38 -9.81
C GLU F 265 4.37 16.88 -8.82
N VAL F 266 5.55 16.48 -9.31
CA VAL F 266 6.59 16.00 -8.40
C VAL F 266 7.58 17.10 -7.99
N PHE F 267 7.28 18.33 -8.37
CA PHE F 267 8.12 19.48 -7.97
C PHE F 267 7.69 20.05 -6.62
N ASN F 268 8.59 20.76 -5.96
CA ASN F 268 8.26 21.41 -4.69
C ASN F 268 8.75 22.85 -4.57
N SER F 269 9.49 23.34 -5.58
CA SER F 269 10.08 24.67 -5.51
C SER F 269 9.99 25.37 -6.85
N ILE F 270 9.90 26.70 -6.81
CA ILE F 270 10.01 27.50 -8.03
C ILE F 270 11.33 27.21 -8.75
N HIS F 271 12.34 26.75 -8.01
CA HIS F 271 13.65 26.47 -8.59
C HIS F 271 13.69 25.15 -9.36
N ASP F 272 12.62 24.37 -9.23
CA ASP F 272 12.46 23.13 -10.01
C ASP F 272 11.93 23.43 -11.41
N CYS F 273 11.41 24.63 -11.61
CA CYS F 273 10.68 24.95 -12.85
C CYS F 273 10.90 26.35 -13.43
N ARG F 274 11.76 27.15 -12.79
CA ARG F 274 12.05 28.50 -13.28
C ARG F 274 12.47 28.49 -14.75
N GLU F 275 13.43 27.64 -15.09
CA GLU F 275 13.91 27.56 -16.46
C GLU F 275 12.89 26.97 -17.43
N LEU F 276 12.15 25.94 -17.00
CA LEU F 276 11.08 25.37 -17.81
C LEU F 276 10.12 26.46 -18.27
N ILE F 277 9.79 27.34 -17.33
CA ILE F 277 8.87 28.44 -17.59
C ILE F 277 9.49 29.53 -18.49
N GLN F 278 10.64 30.07 -18.07
CA GLN F 278 11.27 31.19 -18.77
C GLN F 278 11.69 30.86 -20.19
N ASN F 279 11.96 29.59 -20.46
CA ASN F 279 12.39 29.16 -21.79
C ASN F 279 11.21 28.71 -22.65
N GLN F 280 10.01 28.81 -22.08
CA GLN F 280 8.77 28.42 -22.75
C GLN F 280 8.81 26.95 -23.19
N TRP F 281 9.19 26.09 -22.26
CA TRP F 281 9.24 24.67 -22.56
C TRP F 281 7.97 23.92 -22.14
N ILE F 282 7.06 24.59 -21.45
CA ILE F 282 5.81 23.96 -21.02
C ILE F 282 4.63 24.91 -21.13
N ASP F 283 3.43 24.33 -21.14
CA ASP F 283 2.20 25.13 -21.20
C ASP F 283 1.42 25.19 -19.89
N TYR F 284 1.61 24.20 -19.04
CA TYR F 284 0.89 24.11 -17.78
C TYR F 284 1.84 23.64 -16.68
N ILE F 285 1.83 24.35 -15.55
CA ILE F 285 2.59 23.98 -14.37
C ILE F 285 1.67 23.23 -13.40
N ARG F 286 2.11 22.05 -12.96
CA ARG F 286 1.23 21.10 -12.22
C ARG F 286 1.40 21.07 -10.70
N MET F 287 2.42 21.76 -10.20
CA MET F 287 2.75 21.71 -8.77
C MET F 287 1.58 22.21 -7.91
N PRO F 288 1.12 21.39 -6.95
CA PRO F 288 -0.03 21.77 -6.12
C PRO F 288 0.39 22.44 -4.81
N LEU F 289 -0.60 22.95 -4.07
CA LEU F 289 -0.31 23.75 -2.89
C LEU F 289 0.40 22.93 -1.84
N THR F 290 -0.06 21.70 -1.61
CA THR F 290 0.47 20.88 -0.53
C THR F 290 1.96 20.62 -0.62
N HIS F 291 2.45 20.44 -1.85
CA HIS F 291 3.84 20.07 -2.04
C HIS F 291 4.71 21.22 -2.51
N GLY F 292 4.08 22.30 -2.96
CA GLY F 292 4.80 23.43 -3.50
C GLY F 292 4.90 24.64 -2.58
N GLY F 293 4.97 24.40 -1.28
CA GLY F 293 5.16 25.49 -0.33
C GLY F 293 3.92 26.36 -0.07
N GLY F 294 2.75 25.87 -0.46
CA GLY F 294 1.50 26.54 -0.09
C GLY F 294 1.15 27.74 -0.95
N ILE F 295 0.25 28.57 -0.44
CA ILE F 295 -0.29 29.72 -1.16
C ILE F 295 0.80 30.76 -1.44
N THR F 296 1.64 31.01 -0.44
CA THR F 296 2.69 32.02 -0.55
C THR F 296 3.63 31.74 -1.73
N ALA F 297 4.09 30.49 -1.84
CA ALA F 297 5.04 30.12 -2.90
C ALA F 297 4.33 29.98 -4.22
N MET F 298 3.14 29.40 -4.19
CA MET F 298 2.47 29.08 -5.44
C MET F 298 1.93 30.33 -6.16
N ARG F 299 1.60 31.37 -5.41
CA ARG F 299 1.27 32.65 -6.05
C ARG F 299 2.46 33.12 -6.88
N ARG F 300 3.66 32.99 -6.33
CA ARG F 300 4.86 33.39 -7.05
C ARG F 300 5.13 32.54 -8.30
N VAL F 301 4.89 31.23 -8.21
CA VAL F 301 5.07 30.34 -9.35
C VAL F 301 4.07 30.71 -10.45
N ALA F 302 2.81 30.86 -10.06
CA ALA F 302 1.77 31.20 -11.04
C ALA F 302 2.07 32.53 -11.74
N ASP F 303 2.52 33.51 -10.97
CA ASP F 303 2.85 34.83 -11.53
C ASP F 303 4.02 34.77 -12.52
N LEU F 304 5.06 34.01 -12.18
CA LEU F 304 6.18 33.82 -13.11
C LEU F 304 5.67 33.15 -14.39
N ALA F 305 4.88 32.08 -14.21
CA ALA F 305 4.26 31.40 -15.33
C ALA F 305 3.48 32.34 -16.26
N SER F 306 2.71 33.25 -15.67
CA SER F 306 1.88 34.20 -16.44
C SER F 306 2.66 35.08 -17.42
N LEU F 307 3.95 35.30 -17.15
CA LEU F 307 4.78 36.14 -18.04
C LEU F 307 5.07 35.43 -19.35
N TYR F 308 4.95 34.10 -19.35
CA TYR F 308 5.32 33.29 -20.50
C TYR F 308 4.14 32.47 -21.04
N HIS F 309 2.93 32.94 -20.77
CA HIS F 309 1.67 32.32 -21.24
C HIS F 309 1.38 30.96 -20.64
N VAL F 310 2.14 30.61 -19.60
CA VAL F 310 1.96 29.33 -18.92
C VAL F 310 0.78 29.41 -17.94
N ARG F 311 -0.05 28.36 -17.94
CA ARG F 311 -1.25 28.34 -17.10
C ARG F 311 -1.13 27.32 -15.98
N THR F 312 -1.97 27.45 -14.95
CA THR F 312 -1.94 26.54 -13.83
C THR F 312 -2.76 25.29 -14.14
N GLY F 313 -2.25 24.13 -13.72
CA GLY F 313 -2.98 22.88 -13.88
C GLY F 313 -2.74 22.02 -12.66
N PHE F 314 -3.21 22.47 -11.50
CA PHE F 314 -2.91 21.81 -10.22
C PHE F 314 -3.17 20.31 -10.24
N HIS F 315 -2.14 19.54 -9.91
CA HIS F 315 -2.30 18.16 -9.44
C HIS F 315 -3.45 18.13 -8.42
N GLY F 316 -4.35 17.16 -8.59
CA GLY F 316 -5.55 17.12 -7.77
C GLY F 316 -6.00 15.71 -7.44
N ALA F 317 -5.07 14.78 -7.49
CA ALA F 317 -5.32 13.39 -7.09
C ALA F 317 -5.74 13.27 -5.62
N THR F 318 -6.23 12.10 -5.25
CA THR F 318 -6.83 11.90 -3.93
C THR F 318 -5.83 11.98 -2.80
N ASP F 319 -4.53 11.85 -3.10
CA ASP F 319 -3.49 11.98 -2.07
C ASP F 319 -3.20 13.44 -1.68
N LEU F 320 -3.92 14.37 -2.29
CA LEU F 320 -4.01 15.73 -1.78
C LEU F 320 -5.35 15.80 -1.05
N SER F 321 -5.32 16.24 0.20
CA SER F 321 -6.54 16.17 1.03
C SER F 321 -7.55 17.24 0.64
N PRO F 322 -8.79 17.13 1.14
CA PRO F 322 -9.78 18.19 0.88
C PRO F 322 -9.35 19.57 1.36
N VAL F 323 -8.44 19.65 2.34
CA VAL F 323 -7.90 20.93 2.76
C VAL F 323 -7.18 21.57 1.58
N CYS F 324 -6.31 20.81 0.93
CA CYS F 324 -5.63 21.30 -0.28
C CYS F 324 -6.63 21.66 -1.38
N LEU F 325 -7.60 20.77 -1.60
CA LEU F 325 -8.59 20.96 -2.67
C LEU F 325 -9.37 22.26 -2.46
N GLY F 326 -9.81 22.49 -1.24
CA GLY F 326 -10.50 23.71 -0.90
C GLY F 326 -9.67 24.96 -1.15
N ALA F 327 -8.44 24.97 -0.65
CA ALA F 327 -7.55 26.11 -0.85
C ALA F 327 -7.24 26.29 -2.34
N ALA F 328 -7.09 25.16 -3.05
CA ALA F 328 -6.76 25.19 -4.46
C ALA F 328 -7.93 25.77 -5.26
N ILE F 329 -9.15 25.45 -4.86
CA ILE F 329 -10.31 25.99 -5.57
C ILE F 329 -10.40 27.51 -5.37
N HIS F 330 -10.08 27.99 -4.17
CA HIS F 330 -9.99 29.42 -3.91
C HIS F 330 -8.91 30.06 -4.79
N PHE F 331 -7.74 29.45 -4.80
CA PHE F 331 -6.62 29.91 -5.63
C PHE F 331 -7.03 29.92 -7.10
N ASP F 332 -7.67 28.83 -7.56
CA ASP F 332 -8.13 28.69 -8.94
C ASP F 332 -9.12 29.78 -9.33
N THR F 333 -9.94 30.20 -8.37
CA THR F 333 -10.96 31.20 -8.61
C THR F 333 -10.37 32.60 -8.82
N TRP F 334 -9.28 32.91 -8.11
CA TRP F 334 -8.61 34.20 -8.25
C TRP F 334 -7.59 34.25 -9.41
N VAL F 335 -6.74 33.23 -9.51
CA VAL F 335 -5.55 33.33 -10.37
C VAL F 335 -5.89 33.64 -11.83
N PRO F 336 -5.26 34.67 -12.41
CA PRO F 336 -5.62 35.05 -13.78
C PRO F 336 -5.33 33.95 -14.78
N ASN F 337 -4.13 33.38 -14.69
CA ASN F 337 -3.70 32.36 -15.64
C ASN F 337 -4.07 30.94 -15.23
N PHE F 338 -5.32 30.75 -14.83
CA PHE F 338 -5.86 29.42 -14.54
C PHE F 338 -5.95 28.60 -15.81
N GLY F 339 -5.60 27.31 -15.73
CA GLY F 339 -5.72 26.44 -16.88
C GLY F 339 -6.81 25.38 -16.68
N ILE F 340 -6.66 24.56 -15.65
CA ILE F 340 -7.62 23.50 -15.37
C ILE F 340 -7.33 22.97 -13.97
N GLN F 341 -8.31 22.30 -13.37
CA GLN F 341 -8.13 21.69 -12.05
C GLN F 341 -8.40 20.20 -12.15
N GLU F 342 -7.43 19.38 -11.80
CA GLU F 342 -7.66 17.94 -11.77
C GLU F 342 -8.69 17.56 -10.71
N HIS F 343 -9.63 16.69 -11.09
CA HIS F 343 -10.63 16.19 -10.14
C HIS F 343 -10.56 14.66 -9.99
N MET F 344 -10.22 14.20 -8.80
CA MET F 344 -10.42 12.79 -8.42
C MET F 344 -11.23 12.79 -7.13
N PRO F 345 -12.51 12.39 -7.20
CA PRO F 345 -13.40 12.32 -6.03
C PRO F 345 -12.77 11.60 -4.82
N HIS F 346 -12.92 12.19 -3.63
CA HIS F 346 -12.46 11.54 -2.40
C HIS F 346 -13.51 10.54 -1.93
N THR F 347 -13.15 9.66 -1.00
CA THR F 347 -14.11 8.73 -0.43
C THR F 347 -15.14 9.47 0.44
N ASP F 348 -16.29 8.85 0.66
CA ASP F 348 -17.31 9.42 1.55
C ASP F 348 -16.73 9.67 2.94
N GLU F 349 -15.91 8.73 3.42
CA GLU F 349 -15.33 8.82 4.75
C GLU F 349 -14.37 10.00 4.82
N THR F 350 -13.59 10.19 3.75
CA THR F 350 -12.71 11.36 3.66
C THR F 350 -13.47 12.68 3.66
N ASP F 351 -14.53 12.77 2.85
CA ASP F 351 -15.35 13.98 2.83
C ASP F 351 -16.02 14.26 4.18
N ALA F 352 -16.37 13.21 4.90
CA ALA F 352 -16.93 13.36 6.24
C ALA F 352 -15.90 13.90 7.24
N VAL F 353 -14.66 13.42 7.12
CA VAL F 353 -13.60 13.84 8.04
C VAL F 353 -13.21 15.31 7.79
N PHE F 354 -13.39 15.77 6.56
CA PHE F 354 -13.05 17.14 6.18
C PHE F 354 -14.25 17.91 5.63
N PRO F 355 -15.18 18.34 6.49
CA PRO F 355 -16.31 19.16 6.04
C PRO F 355 -15.82 20.40 5.30
N HIS F 356 -16.49 20.76 4.21
CA HIS F 356 -16.00 21.84 3.37
C HIS F 356 -17.17 22.49 2.64
N ASP F 357 -16.96 23.69 2.12
CA ASP F 357 -18.04 24.37 1.42
C ASP F 357 -17.79 24.56 -0.07
N TYR F 358 -16.70 24.00 -0.59
CA TYR F 358 -16.53 24.00 -2.03
C TYR F 358 -17.55 23.05 -2.65
N ARG F 359 -17.95 23.33 -3.88
CA ARG F 359 -19.02 22.59 -4.53
C ARG F 359 -18.60 22.09 -5.90
N PHE F 360 -19.25 21.02 -6.35
CA PHE F 360 -19.00 20.52 -7.69
C PHE F 360 -20.32 20.42 -8.42
N GLU F 361 -20.42 21.13 -9.54
CA GLU F 361 -21.63 21.09 -10.37
C GLU F 361 -21.25 21.09 -11.83
N ASP F 362 -21.88 20.23 -12.62
CA ASP F 362 -21.78 20.30 -14.07
C ASP F 362 -20.31 20.43 -14.53
N GLY F 363 -19.45 19.58 -13.99
CA GLY F 363 -18.07 19.52 -14.45
C GLY F 363 -17.12 20.57 -13.90
N HIS F 364 -17.63 21.43 -13.03
CA HIS F 364 -16.83 22.54 -12.50
C HIS F 364 -16.89 22.62 -10.97
N PHE F 365 -15.81 23.09 -10.36
CA PHE F 365 -15.85 23.46 -8.96
C PHE F 365 -16.36 24.90 -8.80
N LEU F 366 -17.02 25.16 -7.68
CA LEU F 366 -17.39 26.50 -7.27
C LEU F 366 -16.74 26.74 -5.92
N ALA F 367 -16.13 27.92 -5.75
CA ALA F 367 -15.51 28.25 -4.47
C ALA F 367 -16.52 28.48 -3.34
N GLY F 368 -16.12 28.14 -2.12
CA GLY F 368 -16.91 28.46 -0.94
C GLY F 368 -16.96 29.95 -0.63
N GLU F 369 -17.92 30.35 0.20
CA GLU F 369 -18.07 31.74 0.64
C GLU F 369 -17.77 31.91 2.13
N SER F 370 -17.61 30.80 2.86
CA SER F 370 -17.23 30.86 4.26
C SER F 370 -15.87 31.50 4.43
N PRO F 371 -15.68 32.28 5.50
CA PRO F 371 -14.35 32.82 5.79
C PRO F 371 -13.33 31.68 5.98
N GLY F 372 -12.11 31.89 5.50
CA GLY F 372 -11.08 30.87 5.48
C GLY F 372 -10.99 30.21 4.12
N HIS F 373 -10.31 29.07 4.02
CA HIS F 373 -10.38 28.29 2.78
C HIS F 373 -11.63 27.41 2.72
N GLY F 374 -12.39 27.41 3.82
CA GLY F 374 -13.69 26.77 3.84
C GLY F 374 -13.67 25.31 4.23
N VAL F 375 -12.50 24.83 4.64
CA VAL F 375 -12.35 23.43 5.03
C VAL F 375 -12.05 23.32 6.52
N ASP F 376 -12.65 22.33 7.16
CA ASP F 376 -12.33 22.05 8.56
CA ASP F 376 -12.39 22.04 8.56
C ASP F 376 -12.01 20.57 8.70
N ILE F 377 -11.54 20.17 9.87
CA ILE F 377 -11.30 18.77 10.16
C ILE F 377 -12.09 18.35 11.40
N ASP F 378 -12.83 17.26 11.29
CA ASP F 378 -13.55 16.70 12.43
C ASP F 378 -12.60 15.75 13.15
N GLU F 379 -12.01 16.22 14.26
CA GLU F 379 -10.94 15.47 14.90
C GLU F 379 -11.43 14.16 15.50
N GLU F 380 -12.65 14.17 16.01
CA GLU F 380 -13.22 12.96 16.61
C GLU F 380 -13.42 11.89 15.54
N LEU F 381 -13.98 12.28 14.40
CA LEU F 381 -14.16 11.36 13.30
C LEU F 381 -12.82 10.89 12.73
N ALA F 382 -11.85 11.81 12.63
CA ALA F 382 -10.52 11.43 12.14
C ALA F 382 -9.89 10.34 13.00
N ALA F 383 -10.14 10.41 14.31
CA ALA F 383 -9.58 9.43 15.25
C ALA F 383 -10.09 8.01 15.00
N LYS F 384 -11.21 7.89 14.27
CA LYS F 384 -11.77 6.57 14.00
C LYS F 384 -11.01 5.81 12.92
N TYR F 385 -10.07 6.49 12.24
CA TYR F 385 -9.33 5.88 11.13
C TYR F 385 -7.82 5.96 11.34
N PRO F 386 -7.22 4.95 11.98
CA PRO F 386 -5.79 5.00 12.24
C PRO F 386 -4.99 4.88 10.94
N TYR F 387 -3.83 5.51 10.91
CA TYR F 387 -2.84 5.35 9.85
C TYR F 387 -2.68 3.88 9.41
N GLU F 388 -2.58 3.65 8.10
CA GLU F 388 -2.26 2.33 7.56
C GLU F 388 -1.20 2.53 6.49
N ARG F 389 -0.03 1.92 6.65
CA ARG F 389 1.06 2.13 5.68
C ARG F 389 0.65 1.68 4.28
N ALA F 390 0.94 2.53 3.29
CA ALA F 390 0.74 2.21 1.88
C ALA F 390 1.80 2.93 1.04
N SER F 391 2.48 2.17 0.18
CA SER F 391 3.55 2.71 -0.64
C SER F 391 3.16 2.81 -2.12
N LEU F 392 3.74 3.76 -2.82
CA LEU F 392 3.58 3.87 -4.27
C LEU F 392 4.36 2.75 -4.96
N PRO F 393 3.90 2.32 -6.16
CA PRO F 393 4.62 1.25 -6.86
C PRO F 393 5.96 1.70 -7.43
N VAL F 394 6.79 0.73 -7.76
CA VAL F 394 7.94 0.97 -8.62
C VAL F 394 7.70 0.31 -9.98
N ASN F 395 8.47 0.74 -10.96
CA ASN F 395 8.33 0.26 -12.33
C ASN F 395 9.68 -0.28 -12.80
N ARG F 396 9.69 -1.48 -13.39
CA ARG F 396 10.91 -2.03 -13.97
C ARG F 396 10.73 -2.34 -15.45
N LEU F 397 11.80 -2.22 -16.22
CA LEU F 397 11.79 -2.65 -17.62
C LEU F 397 11.73 -4.16 -17.71
N GLU F 398 11.57 -4.70 -18.92
CA GLU F 398 11.42 -6.14 -19.06
C GLU F 398 12.68 -6.91 -18.64
N ASP F 399 13.83 -6.26 -18.67
CA ASP F 399 15.07 -6.91 -18.24
C ASP F 399 15.34 -6.77 -16.74
N GLY F 400 14.47 -6.06 -16.03
CA GLY F 400 14.61 -5.88 -14.60
C GLY F 400 15.10 -4.50 -14.19
N THR F 401 15.43 -3.66 -15.17
CA THR F 401 15.98 -2.34 -14.89
C THR F 401 15.01 -1.52 -14.07
N LEU F 402 15.46 -0.97 -12.95
CA LEU F 402 14.58 -0.11 -12.16
C LEU F 402 14.36 1.19 -12.92
N TRP F 403 13.11 1.42 -13.31
CA TRP F 403 12.78 2.52 -14.21
C TRP F 403 11.95 3.58 -13.46
N HIS F 404 11.29 4.45 -14.20
CA HIS F 404 10.46 5.49 -13.62
C HIS F 404 9.02 5.03 -13.59
N TRP F 405 8.38 5.11 -12.44
CA TRP F 405 6.95 4.79 -12.35
C TRP F 405 6.11 6.03 -12.63
N LEU G 3 23.66 -12.93 1.23
CA LEU G 3 23.72 -11.50 1.54
C LEU G 3 22.37 -10.78 1.41
N LYS G 4 21.29 -11.54 1.59
CA LYS G 4 19.98 -10.92 1.72
C LYS G 4 19.92 -10.17 3.04
N ILE G 5 19.25 -9.03 3.02
CA ILE G 5 19.09 -8.23 4.22
C ILE G 5 18.11 -8.88 5.17
N ARG G 6 18.55 -9.14 6.40
CA ARG G 6 17.67 -9.75 7.39
C ARG G 6 17.12 -8.74 8.38
N ASP G 7 17.89 -7.69 8.66
CA ASP G 7 17.46 -6.64 9.57
C ASP G 7 18.01 -5.29 9.14
N ALA G 8 17.22 -4.25 9.39
CA ALA G 8 17.62 -2.88 9.11
C ALA G 8 16.90 -1.99 10.13
N TYR G 9 17.63 -1.05 10.73
CA TYR G 9 17.03 -0.20 11.76
C TYR G 9 17.90 1.02 12.00
N THR G 10 17.31 2.05 12.58
CA THR G 10 18.07 3.25 12.90
C THR G 10 18.46 3.27 14.36
N ILE G 11 19.52 4.03 14.66
CA ILE G 11 19.94 4.29 16.02
C ILE G 11 20.07 5.80 16.14
N VAL G 12 19.46 6.37 17.18
CA VAL G 12 19.55 7.80 17.41
C VAL G 12 20.28 8.00 18.74
N THR G 13 21.32 8.83 18.72
CA THR G 13 22.15 9.04 19.91
C THR G 13 22.66 10.48 19.96
N CYS G 14 23.00 10.95 21.15
CA CYS G 14 23.48 12.32 21.31
C CYS G 14 24.72 12.39 22.21
N PRO G 15 25.84 11.81 21.76
CA PRO G 15 27.05 11.90 22.59
C PRO G 15 27.77 13.23 22.37
N GLY G 16 27.12 14.33 22.73
CA GLY G 16 27.67 15.65 22.47
C GLY G 16 26.82 16.46 21.49
N ARG G 17 26.18 15.75 20.56
CA ARG G 17 25.22 16.33 19.63
C ARG G 17 24.52 15.16 18.96
N ASN G 18 23.40 15.42 18.28
CA ASN G 18 22.59 14.36 17.69
C ASN G 18 23.21 13.71 16.47
N PHE G 19 23.10 12.38 16.41
CA PHE G 19 23.46 11.63 15.22
C PHE G 19 22.41 10.55 14.99
N VAL G 20 22.07 10.34 13.74
CA VAL G 20 21.20 9.24 13.35
C VAL G 20 22.04 8.34 12.46
N THR G 21 21.93 7.02 12.67
CA THR G 21 22.74 6.06 11.95
C THR G 21 21.81 4.96 11.48
N LEU G 22 21.98 4.50 10.25
CA LEU G 22 21.27 3.30 9.80
C LEU G 22 22.18 2.08 9.88
N LYS G 23 21.68 0.97 10.42
CA LYS G 23 22.42 -0.29 10.39
C LYS G 23 21.67 -1.31 9.56
N ILE G 24 22.40 -2.00 8.67
CA ILE G 24 21.84 -3.08 7.87
C ILE G 24 22.58 -4.37 8.16
N VAL G 25 21.85 -5.44 8.47
CA VAL G 25 22.44 -6.74 8.78
C VAL G 25 21.95 -7.78 7.77
N THR G 26 22.88 -8.55 7.20
CA THR G 26 22.52 -9.59 6.23
C THR G 26 22.21 -10.92 6.92
N GLU G 27 21.67 -11.86 6.17
CA GLU G 27 21.33 -13.18 6.72
C GLU G 27 22.55 -13.90 7.30
N SER G 28 23.73 -13.59 6.79
CA SER G 28 24.95 -14.26 7.25
C SER G 28 25.57 -13.57 8.47
N GLY G 29 25.08 -12.38 8.81
CA GLY G 29 25.57 -11.69 9.98
C GLY G 29 26.48 -10.50 9.73
N THR G 30 27.02 -10.38 8.52
CA THR G 30 27.78 -9.21 8.12
C THR G 30 26.86 -7.99 8.18
N HIS G 31 27.37 -6.87 8.68
CA HIS G 31 26.53 -5.68 8.75
C HIS G 31 27.27 -4.47 8.24
N GLY G 32 26.52 -3.42 7.95
CA GLY G 32 27.10 -2.16 7.50
C GLY G 32 26.32 -1.03 8.13
N ILE G 33 26.94 0.13 8.27
CA ILE G 33 26.24 1.29 8.83
C ILE G 33 26.43 2.50 7.94
N GLY G 34 25.47 3.43 8.03
CA GLY G 34 25.52 4.63 7.22
C GLY G 34 25.03 5.84 8.00
N ASP G 35 25.61 7.00 7.74
CA ASP G 35 25.21 8.19 8.46
C ASP G 35 23.90 8.71 7.87
N ALA G 36 22.97 9.10 8.75
CA ALA G 36 21.69 9.66 8.34
C ALA G 36 21.39 11.00 9.05
N THR G 37 22.43 11.64 9.57
CA THR G 37 22.24 12.84 10.39
C THR G 37 22.00 14.07 9.54
N LEU G 38 20.90 14.78 9.83
CA LEU G 38 20.53 16.02 9.16
C LEU G 38 20.29 17.07 10.25
N ASN G 39 21.30 17.90 10.49
CA ASN G 39 21.32 18.80 11.63
C ASN G 39 20.06 19.67 11.74
N GLY G 40 19.39 19.57 12.88
CA GLY G 40 18.23 20.40 13.16
C GLY G 40 16.93 19.84 12.60
N ARG G 41 17.00 18.78 11.81
CA ARG G 41 15.82 18.11 11.28
C ARG G 41 15.96 16.60 11.42
N GLU G 42 16.67 16.16 12.46
CA GLU G 42 17.12 14.77 12.53
C GLU G 42 15.99 13.75 12.52
N MET G 43 14.90 14.06 13.20
CA MET G 43 13.82 13.08 13.34
C MET G 43 13.01 12.91 12.04
N ALA G 44 13.09 13.87 11.13
CA ALA G 44 12.42 13.69 9.85
C ALA G 44 13.10 12.58 9.05
N VAL G 45 14.43 12.52 9.09
CA VAL G 45 15.14 11.44 8.42
C VAL G 45 14.90 10.11 9.14
N ALA G 46 14.92 10.14 10.47
CA ALA G 46 14.68 8.91 11.24
C ALA G 46 13.33 8.30 10.88
N ALA G 47 12.31 9.14 10.76
CA ALA G 47 10.97 8.66 10.40
C ALA G 47 10.92 8.21 8.95
N TYR G 48 11.59 8.94 8.07
CA TYR G 48 11.63 8.59 6.66
C TYR G 48 12.19 7.16 6.54
N LEU G 49 13.29 6.90 7.22
CA LEU G 49 13.91 5.58 7.22
C LEU G 49 13.05 4.53 7.91
N ASP G 50 12.72 4.76 9.19
CA ASP G 50 12.00 3.76 9.99
C ASP G 50 10.68 3.31 9.37
N GLU G 51 9.93 4.27 8.86
CA GLU G 51 8.55 3.99 8.52
C GLU G 51 8.38 3.67 7.03
N HIS G 52 9.32 4.13 6.21
CA HIS G 52 9.12 4.04 4.76
C HIS G 52 10.21 3.30 3.97
N VAL G 53 11.43 3.30 4.47
CA VAL G 53 12.56 2.71 3.75
C VAL G 53 12.93 1.35 4.33
N VAL G 54 13.13 1.31 5.64
CA VAL G 54 13.48 0.06 6.30
C VAL G 54 12.58 -1.14 5.96
N PRO G 55 11.25 -0.98 5.96
CA PRO G 55 10.45 -2.19 5.66
C PRO G 55 10.70 -2.73 4.26
N ALA G 56 11.08 -1.86 3.31
CA ALA G 56 11.34 -2.29 1.94
C ALA G 56 12.73 -2.89 1.77
N LEU G 57 13.60 -2.69 2.76
CA LEU G 57 14.94 -3.28 2.66
C LEU G 57 14.96 -4.77 2.99
N ILE G 58 14.06 -5.21 3.86
CA ILE G 58 14.06 -6.59 4.32
C ILE G 58 13.94 -7.56 3.13
N GLY G 59 14.89 -8.48 3.00
CA GLY G 59 14.84 -9.47 1.93
C GLY G 59 15.56 -9.06 0.65
N ARG G 60 15.95 -7.80 0.54
CA ARG G 60 16.68 -7.32 -0.65
C ARG G 60 18.09 -7.88 -0.64
N ASP G 61 18.65 -8.09 -1.84
CA ASP G 61 20.04 -8.50 -1.98
C ASP G 61 20.94 -7.31 -1.65
N ALA G 62 21.72 -7.40 -0.59
CA ALA G 62 22.54 -6.25 -0.17
C ALA G 62 23.63 -5.91 -1.19
N GLY G 63 23.96 -6.87 -2.05
CA GLY G 63 24.98 -6.67 -3.06
C GLY G 63 24.54 -5.72 -4.16
N ARG G 64 23.23 -5.52 -4.25
CA ARG G 64 22.65 -4.70 -5.32
C ARG G 64 22.57 -3.23 -4.94
N ILE G 65 23.74 -2.61 -4.84
CA ILE G 65 23.84 -1.24 -4.35
C ILE G 65 23.18 -0.28 -5.32
N GLU G 66 23.52 -0.40 -6.61
CA GLU G 66 22.98 0.50 -7.63
C GLU G 66 21.48 0.37 -7.74
N ASP G 67 20.99 -0.86 -7.83
CA ASP G 67 19.55 -1.07 -7.93
C ASP G 67 18.83 -0.48 -6.74
N THR G 68 19.39 -0.66 -5.55
CA THR G 68 18.77 -0.13 -4.35
C THR G 68 18.76 1.40 -4.38
N TRP G 69 19.87 1.99 -4.81
CA TRP G 69 19.93 3.46 -4.92
C TRP G 69 18.79 3.99 -5.82
N GLN G 70 18.71 3.44 -7.03
CA GLN G 70 17.67 3.83 -7.99
C GLN G 70 16.26 3.54 -7.48
N TYR G 71 16.10 2.38 -6.84
CA TYR G 71 14.84 1.99 -6.24
C TYR G 71 14.37 3.02 -5.22
N LEU G 72 15.27 3.48 -4.35
CA LEU G 72 14.88 4.47 -3.35
C LEU G 72 14.77 5.87 -3.95
N TYR G 73 15.66 6.18 -4.88
CA TYR G 73 15.67 7.49 -5.51
C TYR G 73 14.46 7.72 -6.43
N ARG G 74 14.27 6.81 -7.37
CA ARG G 74 13.14 6.94 -8.28
C ARG G 74 11.84 6.51 -7.60
N GLY G 75 11.93 5.44 -6.80
CA GLY G 75 10.74 4.86 -6.21
C GLY G 75 10.04 5.71 -5.19
N ALA G 76 10.76 6.66 -4.60
CA ALA G 76 10.15 7.62 -3.67
C ALA G 76 9.09 8.45 -4.38
N TYR G 77 9.23 8.56 -5.70
CA TYR G 77 8.34 9.36 -6.55
C TYR G 77 8.61 10.86 -6.41
N TRP G 78 8.64 11.34 -5.17
CA TRP G 78 9.05 12.70 -4.87
C TRP G 78 10.57 12.68 -4.71
N ARG G 79 11.28 13.24 -5.71
CA ARG G 79 12.72 13.10 -5.81
C ARG G 79 13.51 14.26 -5.26
N ARG G 80 14.74 13.95 -4.84
CA ARG G 80 15.72 14.90 -4.29
C ARG G 80 15.24 15.42 -2.94
N GLY G 81 16.02 16.31 -2.34
CA GLY G 81 15.62 16.95 -1.09
C GLY G 81 16.51 16.48 0.04
N PRO G 82 16.63 17.30 1.08
CA PRO G 82 17.57 16.92 2.14
C PRO G 82 17.13 15.72 2.98
N VAL G 83 15.85 15.60 3.30
CA VAL G 83 15.43 14.45 4.08
C VAL G 83 15.55 13.20 3.20
N THR G 84 15.05 13.32 1.97
CA THR G 84 15.09 12.24 0.99
C THR G 84 16.49 11.69 0.70
N MET G 85 17.42 12.58 0.35
CA MET G 85 18.75 12.15 -0.08
C MET G 85 19.64 11.70 1.08
N THR G 86 19.36 12.18 2.29
CA THR G 86 20.07 11.71 3.48
C THR G 86 19.66 10.28 3.82
N ALA G 87 18.37 9.97 3.65
CA ALA G 87 17.93 8.62 3.92
C ALA G 87 18.58 7.67 2.92
N ILE G 88 18.59 8.08 1.65
CA ILE G 88 19.18 7.28 0.59
C ILE G 88 20.68 7.11 0.84
N ALA G 89 21.34 8.19 1.28
CA ALA G 89 22.76 8.14 1.60
C ALA G 89 23.09 7.17 2.72
N ALA G 90 22.25 7.14 3.75
CA ALA G 90 22.48 6.23 4.87
C ALA G 90 22.46 4.77 4.39
N VAL G 91 21.48 4.43 3.57
CA VAL G 91 21.40 3.09 2.99
C VAL G 91 22.63 2.81 2.13
N ASP G 92 22.96 3.77 1.28
CA ASP G 92 24.05 3.58 0.34
C ASP G 92 25.37 3.34 1.06
N MET G 93 25.61 4.13 2.11
N MET G 93 25.65 4.15 2.08
CA MET G 93 26.84 4.02 2.89
CA MET G 93 26.88 3.97 2.86
C MET G 93 26.94 2.69 3.63
C MET G 93 26.92 2.59 3.52
N ALA G 94 25.80 2.18 4.09
CA ALA G 94 25.75 0.88 4.76
C ALA G 94 26.01 -0.26 3.77
N LEU G 95 25.48 -0.15 2.56
CA LEU G 95 25.67 -1.20 1.58
C LEU G 95 27.10 -1.23 1.05
N TRP G 96 27.71 -0.07 0.83
CA TRP G 96 29.13 -0.03 0.48
C TRP G 96 30.02 -0.60 1.59
N ASP G 97 29.62 -0.34 2.84
CA ASP G 97 30.34 -0.89 4.01
C ASP G 97 30.31 -2.42 3.90
N ILE G 98 29.11 -2.95 3.64
CA ILE G 98 28.94 -4.40 3.52
C ILE G 98 29.70 -4.99 2.33
N LYS G 99 29.65 -4.32 1.18
CA LYS G 99 30.36 -4.82 0.01
C LYS G 99 31.87 -4.85 0.25
N ALA G 100 32.40 -3.81 0.88
CA ALA G 100 33.83 -3.77 1.16
C ALA G 100 34.20 -4.88 2.15
N LYS G 101 33.37 -5.11 3.16
CA LYS G 101 33.57 -6.22 4.08
C LYS G 101 33.56 -7.57 3.37
N ALA G 102 32.59 -7.75 2.47
CA ALA G 102 32.48 -8.98 1.70
C ALA G 102 33.70 -9.19 0.82
N ALA G 103 34.25 -8.10 0.29
CA ALA G 103 35.42 -8.16 -0.58
C ALA G 103 36.71 -8.31 0.23
N GLY G 104 36.62 -8.12 1.54
CA GLY G 104 37.78 -8.16 2.40
C GLY G 104 38.76 -7.01 2.16
N MET G 105 38.22 -5.85 1.81
CA MET G 105 39.03 -4.68 1.46
C MET G 105 38.56 -3.44 2.20
N PRO G 106 39.51 -2.54 2.52
CA PRO G 106 39.07 -1.22 2.95
C PRO G 106 38.36 -0.54 1.78
N LEU G 107 37.41 0.34 2.08
CA LEU G 107 36.59 0.95 1.04
C LEU G 107 37.39 1.61 -0.09
N TYR G 108 38.50 2.28 0.22
CA TYR G 108 39.22 2.96 -0.85
C TYR G 108 39.72 2.01 -1.94
N GLN G 109 40.01 0.77 -1.55
CA GLN G 109 40.46 -0.22 -2.53
C GLN G 109 39.33 -0.59 -3.47
N LEU G 110 38.14 -0.76 -2.91
CA LEU G 110 36.99 -1.15 -3.70
C LEU G 110 36.65 -0.05 -4.72
N LEU G 111 36.92 1.21 -4.37
CA LEU G 111 36.61 2.33 -5.24
C LEU G 111 37.58 2.52 -6.40
N GLY G 112 38.74 1.86 -6.35
CA GLY G 112 39.75 2.02 -7.38
C GLY G 112 41.15 2.27 -6.86
N GLY G 113 41.33 2.15 -5.55
CA GLY G 113 42.65 2.19 -4.96
C GLY G 113 43.09 3.60 -4.59
N LYS G 114 44.23 3.70 -3.91
CA LYS G 114 44.66 5.01 -3.43
C LYS G 114 45.27 5.89 -4.52
N SER G 115 44.91 7.16 -4.48
CA SER G 115 45.48 8.15 -5.38
C SER G 115 46.44 9.06 -4.63
N ARG G 116 46.49 8.95 -3.30
CA ARG G 116 47.38 9.80 -2.51
C ARG G 116 47.72 9.08 -1.22
N GLU G 117 48.77 9.54 -0.54
CA GLU G 117 49.29 8.85 0.64
C GLU G 117 48.67 9.35 1.94
N ARG G 118 48.03 10.51 1.88
CA ARG G 118 47.35 11.08 3.04
C ARG G 118 46.42 12.19 2.55
N VAL G 119 45.46 12.60 3.38
CA VAL G 119 44.48 13.58 2.92
C VAL G 119 44.51 14.86 3.76
N MET G 120 44.80 15.95 3.07
CA MET G 120 45.01 17.24 3.72
C MET G 120 43.70 17.81 4.26
N THR G 121 43.74 18.36 5.47
CA THR G 121 42.57 18.93 6.09
C THR G 121 42.74 20.43 6.34
N TYR G 122 41.64 21.10 6.67
CA TYR G 122 41.73 22.43 7.28
C TYR G 122 41.01 22.47 8.62
N ALA G 123 41.50 23.34 9.50
CA ALA G 123 40.94 23.54 10.83
C ALA G 123 40.20 24.87 10.93
N HIS G 124 39.26 24.93 11.86
CA HIS G 124 38.51 26.15 12.12
C HIS G 124 39.28 27.07 13.07
N CYS G 125 39.52 28.29 12.63
CA CYS G 125 40.17 29.29 13.46
C CYS G 125 39.22 30.46 13.62
N THR G 126 38.74 30.65 14.84
CA THR G 126 37.75 31.68 15.10
C THR G 126 38.06 32.51 16.35
N GLY G 127 37.58 33.75 16.35
CA GLY G 127 37.81 34.64 17.47
C GLY G 127 36.92 35.86 17.38
N GLN G 128 36.71 36.53 18.52
CA GLN G 128 35.87 37.72 18.53
C GLN G 128 36.53 38.82 17.72
N THR G 129 37.76 39.16 18.08
CA THR G 129 38.50 40.17 17.34
C THR G 129 39.41 39.47 16.36
N ILE G 130 40.01 40.24 15.46
CA ILE G 130 40.98 39.71 14.53
C ILE G 130 42.15 39.10 15.29
N GLU G 131 42.58 39.81 16.34
CA GLU G 131 43.65 39.30 17.19
C GLU G 131 43.33 37.92 17.78
N ASP G 132 42.10 37.75 18.27
CA ASP G 132 41.69 36.47 18.85
C ASP G 132 41.84 35.37 17.83
N CYS G 133 41.44 35.67 16.59
CA CYS G 133 41.49 34.68 15.53
C CYS G 133 42.93 34.33 15.16
N LEU G 134 43.81 35.33 15.13
CA LEU G 134 45.23 35.07 14.85
C LEU G 134 45.87 34.15 15.91
N GLY G 135 45.45 34.28 17.17
CA GLY G 135 45.95 33.40 18.21
C GLY G 135 45.51 31.97 17.97
N GLU G 136 44.31 31.81 17.42
CA GLU G 136 43.80 30.49 17.04
C GLU G 136 44.55 29.92 15.83
N VAL G 137 44.84 30.76 14.83
CA VAL G 137 45.65 30.32 13.71
C VAL G 137 47.01 29.79 14.16
N ALA G 138 47.70 30.55 15.00
CA ALA G 138 48.98 30.10 15.54
C ALA G 138 48.87 28.75 16.23
N ARG G 139 47.80 28.55 17.00
CA ARG G 139 47.63 27.33 17.76
C ARG G 139 47.48 26.12 16.83
N HIS G 140 46.74 26.30 15.75
CA HIS G 140 46.52 25.21 14.80
C HIS G 140 47.71 24.95 13.87
N VAL G 141 48.48 25.99 13.57
CA VAL G 141 49.68 25.81 12.77
C VAL G 141 50.70 24.96 13.54
N GLU G 142 50.73 25.16 14.84
CA GLU G 142 51.61 24.39 15.71
C GLU G 142 51.20 22.92 15.72
N LEU G 143 49.90 22.68 15.61
CA LEU G 143 49.36 21.33 15.57
C LEU G 143 49.63 20.63 14.23
N GLY G 144 50.11 21.39 13.25
CA GLY G 144 50.49 20.81 11.97
C GLY G 144 49.51 21.01 10.83
N TYR G 145 48.43 21.77 11.07
CA TYR G 145 47.50 22.07 9.98
C TYR G 145 48.20 22.95 8.94
N ARG G 146 48.02 22.62 7.66
CA ARG G 146 48.58 23.39 6.55
C ARG G 146 47.54 24.36 6.01
N ALA G 147 46.33 24.27 6.52
CA ALA G 147 45.22 25.06 6.03
C ALA G 147 44.29 25.42 7.18
N VAL G 148 43.81 26.66 7.19
CA VAL G 148 42.91 27.14 8.23
C VAL G 148 41.76 27.95 7.65
N ARG G 149 40.56 27.71 8.16
CA ARG G 149 39.43 28.55 7.84
C ARG G 149 39.35 29.65 8.90
N VAL G 150 39.29 30.90 8.49
CA VAL G 150 39.34 31.99 9.47
C VAL G 150 38.04 32.80 9.50
N GLN G 151 37.53 33.03 10.72
CA GLN G 151 36.34 33.84 10.91
C GLN G 151 36.56 34.71 12.13
N SER G 152 36.09 35.96 12.08
CA SER G 152 36.18 36.83 13.24
C SER G 152 34.92 37.66 13.37
N GLY G 153 34.69 38.20 14.57
CA GLY G 153 33.54 39.03 14.81
C GLY G 153 33.56 40.28 13.96
N VAL G 154 32.38 40.81 13.68
CA VAL G 154 32.27 42.08 12.97
C VAL G 154 31.98 43.16 13.98
N PRO G 155 32.87 44.17 14.07
CA PRO G 155 32.64 45.25 15.03
C PRO G 155 31.33 45.95 14.73
N GLY G 156 30.55 46.25 15.76
CA GLY G 156 29.26 46.89 15.59
C GLY G 156 28.13 45.89 15.51
N ILE G 157 28.47 44.60 15.47
CA ILE G 157 27.48 43.53 15.37
C ILE G 157 27.68 42.43 16.41
N GLU G 158 26.68 42.25 17.27
CA GLU G 158 26.75 41.33 18.41
C GLU G 158 27.03 39.88 18.03
N THR G 159 26.51 39.43 16.89
CA THR G 159 26.62 38.05 16.49
C THR G 159 27.04 37.88 15.03
N THR G 160 28.10 37.10 14.80
CA THR G 160 28.52 36.77 13.43
C THR G 160 28.83 35.28 13.31
N TYR G 161 28.73 34.76 12.09
CA TYR G 161 28.93 33.32 11.87
C TYR G 161 30.32 32.81 12.25
N GLY G 162 30.34 31.65 12.91
CA GLY G 162 31.58 30.94 13.15
C GLY G 162 32.39 31.59 14.26
N VAL G 163 31.77 32.50 15.01
CA VAL G 163 32.44 33.18 16.11
C VAL G 163 31.66 33.06 17.42
N ASP G 175 14.54 29.21 25.59
CA ASP G 175 14.48 27.81 25.15
C ASP G 175 15.66 27.48 24.24
N SER G 176 16.61 26.73 24.78
CA SER G 176 17.87 26.40 24.11
C SER G 176 17.70 25.54 22.84
N SER G 177 16.58 24.83 22.75
CA SER G 177 16.37 23.91 21.64
C SER G 177 15.76 24.58 20.41
N LEU G 178 15.30 25.81 20.58
CA LEU G 178 14.72 26.60 19.48
C LEU G 178 15.82 27.40 18.79
N PRO G 179 15.57 27.82 17.53
CA PRO G 179 16.58 28.58 16.79
C PRO G 179 17.02 29.84 17.51
N ALA G 180 18.34 30.00 17.67
CA ALA G 180 18.88 31.25 18.20
C ALA G 180 18.67 32.32 17.15
N GLU G 181 18.52 33.57 17.58
CA GLU G 181 18.29 34.66 16.64
C GLU G 181 19.50 35.58 16.62
N HIS G 182 20.16 35.62 15.47
CA HIS G 182 21.34 36.48 15.30
C HIS G 182 20.94 37.68 14.46
N VAL G 183 21.71 38.76 14.57
CA VAL G 183 21.48 39.98 13.79
C VAL G 183 22.67 40.17 12.87
N TRP G 184 22.42 40.70 11.68
CA TRP G 184 23.43 40.71 10.63
C TRP G 184 23.46 42.06 9.94
N SER G 185 24.67 42.54 9.62
CA SER G 185 24.84 43.67 8.72
C SER G 185 25.81 43.30 7.61
N THR G 186 25.34 43.27 6.38
CA THR G 186 26.22 42.93 5.28
C THR G 186 27.32 43.99 5.08
N GLU G 187 26.90 45.25 5.13
CA GLU G 187 27.81 46.35 4.84
C GLU G 187 28.97 46.43 5.83
N LYS G 188 28.70 46.21 7.11
CA LYS G 188 29.77 46.20 8.09
C LYS G 188 30.72 45.02 7.89
N TYR G 189 30.15 43.88 7.50
CA TYR G 189 30.96 42.68 7.22
C TYR G 189 31.88 42.88 6.01
N LEU G 190 31.36 43.49 4.94
CA LEU G 190 32.13 43.68 3.72
C LEU G 190 33.34 44.58 3.95
N ASN G 191 33.19 45.58 4.81
CA ASN G 191 34.28 46.49 5.11
C ASN G 191 35.33 45.87 6.03
N HIS G 192 34.91 44.93 6.86
CA HIS G 192 35.78 44.36 7.87
C HIS G 192 36.52 43.09 7.44
N ALA G 193 35.83 42.19 6.75
CA ALA G 193 36.42 40.91 6.37
C ALA G 193 37.81 41.00 5.71
N PRO G 194 38.01 41.92 4.73
CA PRO G 194 39.33 41.95 4.11
C PRO G 194 40.47 42.21 5.10
N LYS G 195 40.16 42.90 6.20
CA LYS G 195 41.16 43.22 7.21
C LYS G 195 41.65 41.98 7.95
N LEU G 196 40.75 41.02 8.15
CA LEU G 196 41.10 39.75 8.78
C LEU G 196 42.15 39.02 7.95
N PHE G 197 41.89 38.90 6.65
CA PHE G 197 42.81 38.18 5.75
C PHE G 197 44.15 38.89 5.63
N ALA G 198 44.12 40.23 5.62
CA ALA G 198 45.37 40.99 5.56
C ALA G 198 46.20 40.71 6.79
N ALA G 199 45.55 40.66 7.95
CA ALA G 199 46.24 40.38 9.20
C ALA G 199 46.82 38.96 9.25
N VAL G 200 46.07 37.98 8.72
CA VAL G 200 46.55 36.60 8.66
C VAL G 200 47.82 36.51 7.82
N ARG G 201 47.82 37.15 6.65
CA ARG G 201 49.00 37.13 5.79
C ARG G 201 50.17 37.86 6.43
N GLU G 202 49.87 38.94 7.13
CA GLU G 202 50.94 39.70 7.76
C GLU G 202 51.65 38.88 8.84
N ARG G 203 50.89 38.13 9.64
CA ARG G 203 51.50 37.38 10.73
CA ARG G 203 51.48 37.38 10.75
C ARG G 203 52.02 36.01 10.31
N PHE G 204 51.33 35.37 9.37
CA PHE G 204 51.67 33.99 9.04
C PHE G 204 52.29 33.73 7.66
N GLY G 205 52.32 34.76 6.81
CA GLY G 205 53.00 34.66 5.53
C GLY G 205 52.18 33.95 4.47
N ASP G 206 52.83 33.56 3.37
CA ASP G 206 52.12 33.12 2.16
C ASP G 206 51.93 31.61 1.99
N ASP G 207 52.66 30.79 2.74
CA ASP G 207 52.59 29.35 2.51
C ASP G 207 51.34 28.70 3.08
N LEU G 208 50.80 29.29 4.13
CA LEU G 208 49.58 28.81 4.77
C LEU G 208 48.38 28.91 3.82
N HIS G 209 47.57 27.85 3.74
CA HIS G 209 46.32 27.90 2.97
C HIS G 209 45.24 28.54 3.86
N VAL G 210 44.57 29.57 3.34
CA VAL G 210 43.62 30.35 4.14
C VAL G 210 42.24 30.34 3.49
N LEU G 211 41.25 29.86 4.24
CA LEU G 211 39.89 29.68 3.71
C LEU G 211 38.92 30.56 4.46
N HIS G 212 37.81 30.91 3.84
CA HIS G 212 36.80 31.71 4.52
C HIS G 212 35.42 31.33 4.05
N ASP G 213 34.50 31.27 5.01
CA ASP G 213 33.13 30.84 4.75
C ASP G 213 32.22 32.07 4.91
N VAL G 214 31.62 32.52 3.80
CA VAL G 214 30.71 33.67 3.80
C VAL G 214 29.34 33.30 4.34
N HIS G 215 29.03 32.01 4.27
CA HIS G 215 27.83 31.46 4.93
C HIS G 215 26.54 32.14 4.46
N HIS G 216 26.44 32.32 3.14
CA HIS G 216 25.20 32.62 2.41
C HIS G 216 24.68 34.05 2.50
N ARG G 217 25.44 34.97 3.09
CA ARG G 217 24.84 36.24 3.48
C ARG G 217 24.86 37.35 2.43
N LEU G 218 25.59 37.15 1.33
CA LEU G 218 25.75 38.19 0.31
C LEU G 218 24.86 38.04 -0.92
N THR G 219 24.67 39.13 -1.67
CA THR G 219 24.10 39.06 -3.01
C THR G 219 25.26 38.87 -3.96
N PRO G 220 24.99 38.45 -5.21
CA PRO G 220 26.15 38.18 -6.08
C PRO G 220 27.11 39.37 -6.30
N ILE G 221 26.62 40.58 -6.51
CA ILE G 221 27.53 41.69 -6.77
C ILE G 221 28.30 42.06 -5.50
N GLU G 222 27.71 41.76 -4.34
CA GLU G 222 28.41 41.96 -3.07
C GLU G 222 29.54 40.94 -2.94
N ALA G 223 29.26 39.69 -3.31
CA ALA G 223 30.27 38.64 -3.30
C ALA G 223 31.37 38.93 -4.32
N ALA G 224 30.98 39.52 -5.46
CA ALA G 224 31.95 39.94 -6.47
C ALA G 224 32.91 40.97 -5.90
N ARG G 225 32.34 41.99 -5.25
CA ARG G 225 33.14 42.99 -4.55
C ARG G 225 34.10 42.37 -3.54
N LEU G 226 33.59 41.43 -2.74
CA LEU G 226 34.41 40.83 -1.70
C LEU G 226 35.53 40.00 -2.29
N GLY G 227 35.20 39.17 -3.28
CA GLY G 227 36.19 38.39 -3.98
C GLY G 227 37.33 39.23 -4.52
N LYS G 228 37.01 40.32 -5.20
CA LYS G 228 38.03 41.25 -5.69
C LYS G 228 38.89 41.81 -4.56
N ALA G 229 38.23 42.19 -3.47
CA ALA G 229 38.90 42.84 -2.35
C ALA G 229 39.95 41.92 -1.74
N VAL G 230 39.68 40.62 -1.76
CA VAL G 230 40.55 39.66 -1.08
C VAL G 230 41.51 38.94 -2.02
N GLU G 231 41.49 39.31 -3.30
CA GLU G 231 42.46 38.78 -4.26
C GLU G 231 43.92 38.87 -3.80
N PRO G 232 44.34 40.03 -3.22
CA PRO G 232 45.75 40.11 -2.80
C PRO G 232 46.13 39.07 -1.75
N TYR G 233 45.16 38.49 -1.05
CA TYR G 233 45.48 37.56 0.05
C TYR G 233 45.41 36.11 -0.38
N HIS G 234 45.02 35.88 -1.63
CA HIS G 234 45.10 34.55 -2.24
C HIS G 234 44.49 33.45 -1.39
N LEU G 235 43.20 33.59 -1.15
CA LEU G 235 42.47 32.58 -0.38
C LEU G 235 42.39 31.26 -1.12
N PHE G 236 42.44 30.16 -0.36
CA PHE G 236 42.23 28.82 -0.91
C PHE G 236 40.82 28.72 -1.47
N TRP G 237 39.86 29.27 -0.72
CA TRP G 237 38.51 29.45 -1.26
C TRP G 237 37.70 30.50 -0.49
N LEU G 238 36.73 31.08 -1.18
CA LEU G 238 35.67 31.84 -0.53
C LEU G 238 34.44 30.96 -0.69
N GLU G 239 33.87 30.53 0.43
CA GLU G 239 32.81 29.50 0.46
C GLU G 239 31.39 30.06 0.66
N ASP G 240 30.43 29.52 -0.08
CA ASP G 240 29.00 29.79 0.13
C ASP G 240 28.69 31.29 0.13
N CYS G 241 29.16 31.96 -0.92
CA CYS G 241 28.99 33.40 -1.06
C CYS G 241 27.55 33.85 -1.06
N VAL G 242 26.71 33.13 -1.80
N VAL G 242 26.70 33.12 -1.78
CA VAL G 242 25.33 33.52 -2.01
CA VAL G 242 25.34 33.53 -2.09
C VAL G 242 24.44 32.26 -2.02
C VAL G 242 24.43 32.28 -2.08
N PRO G 243 23.17 32.41 -1.63
CA PRO G 243 22.23 31.28 -1.74
C PRO G 243 22.14 30.87 -3.19
N ALA G 244 22.18 29.56 -3.45
CA ALA G 244 22.41 29.10 -4.80
C ALA G 244 21.35 28.13 -5.32
N GLU G 245 20.13 28.22 -4.80
CA GLU G 245 19.01 27.47 -5.40
C GLU G 245 18.89 27.86 -6.86
N ASN G 246 19.10 29.16 -7.12
CA ASN G 246 19.23 29.66 -8.47
C ASN G 246 20.72 29.64 -8.78
N GLN G 247 21.15 28.66 -9.56
CA GLN G 247 22.58 28.46 -9.78
C GLN G 247 23.23 29.60 -10.54
N GLU G 248 22.43 30.35 -11.31
CA GLU G 248 22.94 31.51 -12.04
C GLU G 248 23.49 32.58 -11.08
N SER G 249 23.14 32.46 -9.80
CA SER G 249 23.61 33.42 -8.79
C SER G 249 25.14 33.50 -8.74
N LEU G 250 25.81 32.44 -9.17
CA LEU G 250 27.27 32.42 -9.10
C LEU G 250 27.94 33.20 -10.24
N ARG G 251 27.21 33.47 -11.31
N ARG G 251 27.19 33.47 -11.31
CA ARG G 251 27.81 34.00 -12.53
CA ARG G 251 27.75 34.02 -12.55
C ARG G 251 28.52 35.34 -12.36
C ARG G 251 28.50 35.34 -12.36
N LEU G 252 27.83 36.32 -11.76
CA LEU G 252 28.42 37.64 -11.54
C LEU G 252 29.68 37.58 -10.69
N ILE G 253 29.70 36.66 -9.74
CA ILE G 253 30.88 36.55 -8.90
C ILE G 253 32.04 36.08 -9.76
N ARG G 254 31.81 35.03 -10.55
CA ARG G 254 32.88 34.41 -11.33
C ARG G 254 33.42 35.35 -12.39
N GLU G 255 32.54 36.18 -12.96
CA GLU G 255 32.95 37.11 -13.99
C GLU G 255 33.74 38.31 -13.44
N HIS G 256 33.74 38.49 -12.12
CA HIS G 256 34.38 39.67 -11.54
C HIS G 256 35.62 39.41 -10.67
N THR G 257 35.84 38.17 -10.25
CA THR G 257 36.98 37.90 -9.37
C THR G 257 37.70 36.62 -9.73
N THR G 258 39.00 36.57 -9.41
CA THR G 258 39.77 35.34 -9.54
C THR G 258 40.00 34.65 -8.20
N THR G 259 39.33 35.13 -7.15
CA THR G 259 39.39 34.41 -5.87
C THR G 259 38.66 33.06 -6.07
N PRO G 260 39.29 31.94 -5.68
CA PRO G 260 38.61 30.66 -5.92
C PRO G 260 37.34 30.52 -5.08
N LEU G 261 36.36 29.81 -5.63
CA LEU G 261 35.02 29.74 -5.04
C LEU G 261 34.65 28.31 -4.65
N ALA G 262 34.04 28.17 -3.48
CA ALA G 262 33.55 26.87 -3.04
C ALA G 262 32.08 26.97 -2.70
N ILE G 263 31.34 25.91 -2.98
CA ILE G 263 29.93 25.89 -2.61
C ILE G 263 29.40 24.47 -2.48
N GLY G 264 28.31 24.32 -1.71
CA GLY G 264 27.49 23.13 -1.85
C GLY G 264 27.19 22.27 -0.63
N GLU G 265 27.62 22.68 0.56
CA GLU G 265 27.27 21.89 1.74
C GLU G 265 25.75 21.78 1.92
N VAL G 266 24.97 22.72 1.38
CA VAL G 266 23.52 22.63 1.56
C VAL G 266 22.83 21.90 0.41
N PHE G 267 23.62 21.36 -0.53
CA PHE G 267 23.06 20.64 -1.67
C PHE G 267 22.86 19.17 -1.33
N ASN G 268 21.99 18.49 -2.08
CA ASN G 268 21.80 17.06 -1.88
C ASN G 268 21.78 16.26 -3.19
N SER G 269 21.89 16.96 -4.31
CA SER G 269 21.73 16.32 -5.62
C SER G 269 22.69 16.89 -6.65
N ILE G 270 23.12 16.06 -7.59
CA ILE G 270 23.89 16.53 -8.74
C ILE G 270 23.13 17.62 -9.50
N HIS G 271 21.80 17.59 -9.39
CA HIS G 271 20.96 18.54 -10.09
C HIS G 271 20.97 19.92 -9.43
N ASP G 272 21.58 20.00 -8.24
CA ASP G 272 21.74 21.27 -7.55
C ASP G 272 22.99 21.99 -8.03
N CYS G 273 23.85 21.28 -8.76
CA CYS G 273 25.17 21.83 -9.06
C CYS G 273 25.71 21.51 -10.45
N ARG G 274 24.91 20.81 -11.25
CA ARG G 274 25.35 20.43 -12.59
C ARG G 274 25.76 21.66 -13.38
N GLU G 275 24.97 22.73 -13.30
CA GLU G 275 25.26 23.94 -14.10
C GLU G 275 26.44 24.73 -13.53
N LEU G 276 26.50 24.82 -12.20
CA LEU G 276 27.63 25.46 -11.52
C LEU G 276 28.95 24.88 -12.02
N ILE G 277 28.98 23.55 -12.13
CA ILE G 277 30.17 22.84 -12.54
C ILE G 277 30.44 23.01 -14.04
N GLN G 278 29.43 22.73 -14.87
CA GLN G 278 29.61 22.75 -16.31
C GLN G 278 29.92 24.15 -16.88
N ASN G 279 29.44 25.18 -16.21
CA ASN G 279 29.74 26.56 -16.63
C ASN G 279 31.02 27.10 -15.99
N GLN G 280 31.69 26.27 -15.20
CA GLN G 280 32.92 26.66 -14.50
C GLN G 280 32.73 27.87 -13.60
N TRP G 281 31.69 27.80 -12.76
CA TRP G 281 31.40 28.90 -11.85
C TRP G 281 31.95 28.66 -10.46
N ILE G 282 32.48 27.47 -10.21
CA ILE G 282 33.06 27.16 -8.91
C ILE G 282 34.34 26.37 -9.08
N ASP G 283 35.16 26.36 -8.02
CA ASP G 283 36.41 25.59 -8.00
C ASP G 283 36.35 24.35 -7.11
N TYR G 284 35.48 24.37 -6.12
CA TYR G 284 35.34 23.24 -5.18
C TYR G 284 33.88 22.93 -4.90
N ILE G 285 33.53 21.65 -4.95
CA ILE G 285 32.17 21.23 -4.61
C ILE G 285 32.17 20.63 -3.18
N ARG G 286 31.24 21.09 -2.35
CA ARG G 286 31.30 20.85 -0.89
C ARG G 286 30.30 19.81 -0.36
N MET G 287 29.42 19.33 -1.22
CA MET G 287 28.39 18.38 -0.81
C MET G 287 29.05 17.10 -0.26
N PRO G 288 28.71 16.70 0.98
CA PRO G 288 29.30 15.50 1.60
C PRO G 288 28.46 14.25 1.40
N LEU G 289 29.01 13.11 1.82
CA LEU G 289 28.38 11.83 1.58
C LEU G 289 26.99 11.71 2.21
N THR G 290 26.87 12.14 3.46
CA THR G 290 25.64 11.98 4.22
C THR G 290 24.46 12.69 3.58
N HIS G 291 24.72 13.81 2.95
CA HIS G 291 23.64 14.62 2.41
C HIS G 291 23.52 14.52 0.89
N GLY G 292 24.58 14.08 0.24
CA GLY G 292 24.62 13.98 -1.21
C GLY G 292 24.34 12.59 -1.77
N GLY G 293 23.54 11.80 -1.07
CA GLY G 293 23.14 10.49 -1.60
C GLY G 293 24.22 9.42 -1.52
N GLY G 294 25.21 9.64 -0.67
CA GLY G 294 26.19 8.61 -0.38
C GLY G 294 27.27 8.45 -1.44
N ILE G 295 27.96 7.32 -1.40
CA ILE G 295 29.11 7.06 -2.26
C ILE G 295 28.68 6.98 -3.73
N THR G 296 27.59 6.28 -3.97
CA THR G 296 27.11 6.06 -5.34
C THR G 296 26.91 7.39 -6.08
N ALA G 297 26.22 8.33 -5.45
CA ALA G 297 25.93 9.62 -6.06
C ALA G 297 27.15 10.54 -6.07
N MET G 298 27.94 10.52 -5.00
CA MET G 298 29.05 11.47 -4.92
C MET G 298 30.18 11.11 -5.87
N ARG G 299 30.32 9.81 -6.19
CA ARG G 299 31.25 9.43 -7.23
C ARG G 299 30.88 10.14 -8.53
N ARG G 300 29.60 10.15 -8.86
CA ARG G 300 29.12 10.79 -10.08
C ARG G 300 29.35 12.31 -10.07
N VAL G 301 29.07 12.95 -8.93
CA VAL G 301 29.32 14.38 -8.78
C VAL G 301 30.81 14.72 -8.94
N ALA G 302 31.67 13.97 -8.27
CA ALA G 302 33.11 14.23 -8.34
C ALA G 302 33.61 14.03 -9.77
N ASP G 303 33.11 12.99 -10.45
CA ASP G 303 33.55 12.73 -11.81
C ASP G 303 33.13 13.83 -12.78
N LEU G 304 31.92 14.35 -12.62
CA LEU G 304 31.47 15.49 -13.43
C LEU G 304 32.36 16.69 -13.18
N ALA G 305 32.61 16.96 -11.90
CA ALA G 305 33.47 18.06 -11.48
C ALA G 305 34.84 17.96 -12.13
N SER G 306 35.36 16.73 -12.21
CA SER G 306 36.70 16.51 -12.77
C SER G 306 36.85 17.01 -14.21
N LEU G 307 35.78 16.97 -14.99
CA LEU G 307 35.87 17.42 -16.38
C LEU G 307 36.13 18.90 -16.50
N TYR G 308 35.88 19.64 -15.42
CA TYR G 308 35.98 21.09 -15.44
C TYR G 308 36.98 21.63 -14.43
N HIS G 309 37.89 20.76 -13.97
CA HIS G 309 38.99 21.14 -13.06
C HIS G 309 38.48 21.46 -11.67
N VAL G 310 37.22 21.11 -11.40
CA VAL G 310 36.62 21.30 -10.07
C VAL G 310 37.07 20.18 -9.12
N ARG G 311 37.42 20.54 -7.89
CA ARG G 311 37.93 19.58 -6.91
C ARG G 311 36.96 19.37 -5.75
N THR G 312 37.08 18.25 -5.04
CA THR G 312 36.20 18.00 -3.90
C THR G 312 36.69 18.71 -2.66
N GLY G 313 35.76 19.25 -1.88
CA GLY G 313 36.09 19.84 -0.58
C GLY G 313 34.96 19.50 0.38
N PHE G 314 34.82 18.21 0.71
CA PHE G 314 33.70 17.75 1.54
C PHE G 314 33.48 18.59 2.80
N HIS G 315 32.25 19.06 2.98
CA HIS G 315 31.75 19.50 4.27
C HIS G 315 32.13 18.42 5.29
N GLY G 316 32.69 18.86 6.42
CA GLY G 316 33.22 17.94 7.42
C GLY G 316 33.00 18.45 8.83
N ALA G 317 31.91 19.18 9.02
CA ALA G 317 31.57 19.72 10.34
C ALA G 317 31.13 18.58 11.25
N THR G 318 30.97 18.89 12.54
CA THR G 318 30.65 17.86 13.54
C THR G 318 29.29 17.19 13.34
N ASP G 319 28.40 17.83 12.58
CA ASP G 319 27.05 17.28 12.38
C ASP G 319 27.02 16.21 11.30
N LEU G 320 28.19 15.90 10.77
CA LEU G 320 28.38 14.67 10.00
C LEU G 320 29.09 13.69 10.94
N SER G 321 28.52 12.51 11.09
CA SER G 321 29.00 11.58 12.10
C SER G 321 30.34 10.95 11.69
N PRO G 322 31.01 10.28 12.63
CA PRO G 322 32.23 9.54 12.28
C PRO G 322 32.04 8.49 11.17
N VAL G 323 30.82 8.00 10.99
CA VAL G 323 30.55 7.10 9.88
C VAL G 323 30.79 7.81 8.54
N CYS G 324 30.25 9.02 8.42
CA CYS G 324 30.50 9.83 7.23
C CYS G 324 31.98 10.15 7.09
N LEU G 325 32.61 10.50 8.21
CA LEU G 325 34.01 10.90 8.18
C LEU G 325 34.91 9.77 7.67
N GLY G 326 34.69 8.56 8.19
CA GLY G 326 35.46 7.41 7.75
C GLY G 326 35.23 7.11 6.27
N ALA G 327 33.98 7.08 5.86
CA ALA G 327 33.68 6.84 4.46
C ALA G 327 34.29 7.94 3.58
N ALA G 328 34.22 9.18 4.06
CA ALA G 328 34.76 10.32 3.31
C ALA G 328 36.29 10.24 3.14
N ILE G 329 36.97 9.82 4.20
CA ILE G 329 38.42 9.66 4.13
C ILE G 329 38.80 8.58 3.11
N HIS G 330 38.04 7.50 3.07
CA HIS G 330 38.21 6.47 2.04
C HIS G 330 37.98 7.05 0.64
N PHE G 331 36.87 7.76 0.47
CA PHE G 331 36.55 8.41 -0.80
C PHE G 331 37.67 9.39 -1.17
N ASP G 332 38.07 10.23 -0.22
CA ASP G 332 39.13 11.22 -0.43
C ASP G 332 40.46 10.58 -0.86
N THR G 333 40.71 9.37 -0.37
CA THR G 333 41.96 8.67 -0.64
C THR G 333 42.05 8.21 -2.09
N TRP G 334 40.90 7.86 -2.66
CA TRP G 334 40.82 7.37 -4.04
C TRP G 334 40.60 8.49 -5.07
N VAL G 335 39.70 9.42 -4.77
CA VAL G 335 39.20 10.32 -5.81
C VAL G 335 40.33 11.15 -6.44
N PRO G 336 40.42 11.14 -7.77
CA PRO G 336 41.57 11.83 -8.37
C PRO G 336 41.54 13.33 -8.07
N ASN G 337 40.36 13.94 -8.21
CA ASN G 337 40.25 15.39 -8.08
C ASN G 337 39.95 15.85 -6.66
N PHE G 338 40.64 15.26 -5.69
CA PHE G 338 40.52 15.67 -4.29
C PHE G 338 41.07 17.09 -4.13
N GLY G 339 40.39 17.91 -3.34
CA GLY G 339 40.86 19.24 -3.02
C GLY G 339 41.35 19.39 -1.59
N ILE G 340 40.43 19.18 -0.65
CA ILE G 340 40.74 19.29 0.78
C ILE G 340 39.61 18.61 1.56
N GLN G 341 39.87 18.31 2.83
CA GLN G 341 38.86 17.72 3.70
C GLN G 341 38.70 18.57 4.96
N GLU G 342 37.50 19.11 5.17
CA GLU G 342 37.23 19.88 6.39
C GLU G 342 37.36 19.01 7.63
N HIS G 343 38.04 19.51 8.65
CA HIS G 343 38.16 18.79 9.92
C HIS G 343 37.62 19.58 11.10
N MET G 344 36.54 19.10 11.71
CA MET G 344 36.12 19.57 13.04
C MET G 344 36.07 18.35 13.93
N PRO G 345 37.04 18.22 14.85
CA PRO G 345 37.12 17.09 15.78
C PRO G 345 35.82 16.81 16.50
N HIS G 346 35.41 15.54 16.51
CA HIS G 346 34.27 15.11 17.31
C HIS G 346 34.65 15.04 18.77
N THR G 347 33.65 15.01 19.66
CA THR G 347 33.93 14.86 21.08
C THR G 347 34.43 13.45 21.39
N ASP G 348 35.12 13.30 22.51
CA ASP G 348 35.56 11.98 22.95
C ASP G 348 34.41 10.99 23.05
N GLU G 349 33.28 11.44 23.56
CA GLU G 349 32.10 10.58 23.71
C GLU G 349 31.60 10.10 22.35
N THR G 350 31.60 11.01 21.38
CA THR G 350 31.23 10.66 20.01
C THR G 350 32.16 9.60 19.44
N ASP G 351 33.47 9.79 19.61
CA ASP G 351 34.44 8.81 19.12
C ASP G 351 34.27 7.44 19.75
N ALA G 352 33.86 7.40 21.02
CA ALA G 352 33.65 6.14 21.75
C ALA G 352 32.44 5.39 21.22
N VAL G 353 31.40 6.15 20.85
CA VAL G 353 30.17 5.58 20.32
C VAL G 353 30.41 5.03 18.92
N PHE G 354 31.31 5.67 18.18
CA PHE G 354 31.62 5.25 16.81
C PHE G 354 33.10 4.87 16.64
N PRO G 355 33.50 3.69 17.14
CA PRO G 355 34.90 3.29 16.98
C PRO G 355 35.30 3.22 15.51
N HIS G 356 36.53 3.61 15.18
CA HIS G 356 36.94 3.72 13.79
C HIS G 356 38.46 3.54 13.65
N ASP G 357 38.91 3.32 12.42
CA ASP G 357 40.35 3.12 12.20
C ASP G 357 41.02 4.20 11.34
N TYR G 358 40.29 5.25 10.97
CA TYR G 358 40.95 6.38 10.33
C TYR G 358 41.77 7.09 11.40
N ARG G 359 42.88 7.70 10.99
CA ARG G 359 43.80 8.36 11.91
C ARG G 359 44.08 9.78 11.46
N PHE G 360 44.30 10.66 12.43
CA PHE G 360 44.68 12.03 12.15
C PHE G 360 46.09 12.25 12.66
N GLU G 361 46.97 12.71 11.80
CA GLU G 361 48.36 12.97 12.19
C GLU G 361 48.90 14.12 11.36
N ASP G 362 49.54 15.08 12.01
CA ASP G 362 50.28 16.12 11.29
C ASP G 362 49.39 16.83 10.25
N GLY G 363 48.18 17.24 10.64
CA GLY G 363 47.30 17.99 9.77
C GLY G 363 46.62 17.21 8.67
N HIS G 364 46.79 15.90 8.66
CA HIS G 364 46.24 15.04 7.61
C HIS G 364 45.51 13.82 8.17
N PHE G 365 44.55 13.30 7.40
CA PHE G 365 43.92 12.02 7.71
C PHE G 365 44.64 10.91 6.94
N LEU G 366 44.68 9.73 7.54
CA LEU G 366 45.12 8.52 6.86
C LEU G 366 43.95 7.56 6.88
N ALA G 367 43.65 6.96 5.73
CA ALA G 367 42.56 5.99 5.65
C ALA G 367 42.84 4.74 6.44
N GLY G 368 41.78 4.12 6.97
CA GLY G 368 41.91 2.85 7.64
C GLY G 368 42.15 1.71 6.67
N GLU G 369 42.65 0.60 7.20
CA GLU G 369 42.91 -0.59 6.38
C GLU G 369 41.93 -1.74 6.66
N SER G 370 41.06 -1.57 7.66
CA SER G 370 40.05 -2.58 7.98
C SER G 370 39.07 -2.70 6.81
N PRO G 371 38.59 -3.92 6.53
CA PRO G 371 37.54 -4.04 5.53
C PRO G 371 36.29 -3.24 5.91
N GLY G 372 35.59 -2.68 4.92
CA GLY G 372 34.49 -1.77 5.17
C GLY G 372 34.99 -0.33 5.10
N HIS G 373 34.19 0.63 5.55
CA HIS G 373 34.68 2.00 5.70
C HIS G 373 35.42 2.18 7.02
N GLY G 374 35.42 1.13 7.85
CA GLY G 374 36.24 1.08 9.04
C GLY G 374 35.61 1.72 10.26
N VAL G 375 34.35 2.13 10.15
CA VAL G 375 33.63 2.65 11.30
C VAL G 375 32.56 1.66 11.75
N ASP G 376 32.37 1.53 13.06
CA ASP G 376 31.25 0.80 13.62
C ASP G 376 30.48 1.67 14.62
N ILE G 377 29.42 1.12 15.19
CA ILE G 377 28.68 1.79 16.26
C ILE G 377 28.49 0.85 17.46
N ASP G 378 28.79 1.37 18.65
CA ASP G 378 28.56 0.64 19.89
C ASP G 378 27.13 0.94 20.31
N GLU G 379 26.22 0.01 20.03
CA GLU G 379 24.80 0.26 20.24
C GLU G 379 24.45 0.41 21.72
N GLU G 380 25.06 -0.44 22.54
CA GLU G 380 24.84 -0.37 23.99
C GLU G 380 25.25 1.00 24.54
N LEU G 381 26.37 1.51 24.06
CA LEU G 381 26.84 2.82 24.49
C LEU G 381 25.99 3.94 23.92
N ALA G 382 25.60 3.82 22.64
CA ALA G 382 24.76 4.84 22.02
C ALA G 382 23.47 5.04 22.81
N ALA G 383 22.96 3.94 23.37
CA ALA G 383 21.72 3.98 24.14
C ALA G 383 21.81 4.82 25.40
N LYS G 384 23.04 5.10 25.83
CA LYS G 384 23.24 5.87 27.07
C LYS G 384 23.19 7.37 26.83
N TYR G 385 23.09 7.78 25.57
CA TYR G 385 23.02 9.20 25.21
C TYR G 385 21.76 9.50 24.41
N PRO G 386 20.65 9.79 25.11
CA PRO G 386 19.39 10.03 24.41
C PRO G 386 19.42 11.32 23.61
N TYR G 387 18.64 11.33 22.53
CA TYR G 387 18.39 12.50 21.70
C TYR G 387 18.04 13.73 22.54
N GLU G 388 18.62 14.89 22.17
CA GLU G 388 18.22 16.15 22.78
C GLU G 388 18.00 17.14 21.65
N ARG G 389 16.79 17.66 21.53
CA ARG G 389 16.45 18.58 20.46
C ARG G 389 17.40 19.80 20.43
N ALA G 390 17.89 20.14 19.24
CA ALA G 390 18.71 21.33 19.06
C ALA G 390 18.55 21.83 17.62
N SER G 391 18.19 23.10 17.48
CA SER G 391 17.95 23.68 16.16
C SER G 391 19.06 24.64 15.75
N LEU G 392 19.27 24.77 14.44
CA LEU G 392 20.24 25.74 13.91
C LEU G 392 19.69 27.16 14.07
N PRO G 393 20.58 28.16 14.12
CA PRO G 393 20.15 29.55 14.29
C PRO G 393 19.48 30.12 13.04
N VAL G 394 18.80 31.25 13.22
CA VAL G 394 18.36 32.06 12.11
C VAL G 394 19.00 33.42 12.23
N ASN G 395 18.93 34.18 11.14
CA ASN G 395 19.66 35.42 11.00
C ASN G 395 18.64 36.46 10.58
N ARG G 396 18.64 37.60 11.25
CA ARG G 396 17.76 38.70 10.85
C ARG G 396 18.59 39.93 10.58
N LEU G 397 18.20 40.73 9.60
CA LEU G 397 18.82 42.04 9.44
C LEU G 397 18.44 42.98 10.58
N GLU G 398 19.07 44.15 10.61
CA GLU G 398 18.86 45.09 11.69
C GLU G 398 17.44 45.61 11.75
N ASP G 399 16.69 45.52 10.64
CA ASP G 399 15.29 45.94 10.65
C ASP G 399 14.33 44.79 10.96
N GLY G 400 14.87 43.59 11.14
CA GLY G 400 14.07 42.46 11.53
C GLY G 400 13.84 41.48 10.39
N THR G 401 14.26 41.84 9.18
CA THR G 401 14.10 40.99 8.00
C THR G 401 14.73 39.62 8.20
N LEU G 402 13.93 38.56 8.05
CA LEU G 402 14.46 37.20 8.12
C LEU G 402 15.42 36.96 6.94
N TRP G 403 16.70 36.80 7.28
CA TRP G 403 17.77 36.71 6.28
C TRP G 403 18.36 35.29 6.20
N HIS G 404 19.50 35.15 5.55
CA HIS G 404 20.16 33.84 5.42
C HIS G 404 21.17 33.68 6.53
N TRP G 405 21.09 32.57 7.27
CA TRP G 405 22.10 32.31 8.30
C TRP G 405 23.29 31.54 7.73
N SER H 2 -8.98 -3.43 -3.22
CA SER H 2 -8.37 -4.35 -2.28
C SER H 2 -9.39 -5.39 -1.80
N LEU H 3 -8.91 -6.41 -1.09
CA LEU H 3 -9.80 -7.43 -0.55
C LEU H 3 -10.31 -7.05 0.84
N LYS H 4 -10.05 -5.83 1.28
CA LYS H 4 -10.58 -5.36 2.55
C LYS H 4 -12.10 -5.34 2.49
N ILE H 5 -12.77 -5.78 3.54
CA ILE H 5 -14.23 -5.78 3.56
C ILE H 5 -14.78 -4.36 3.70
N ARG H 6 -15.57 -3.93 2.72
CA ARG H 6 -16.18 -2.62 2.74
C ARG H 6 -17.57 -2.69 3.38
N ASP H 7 -18.30 -3.78 3.09
CA ASP H 7 -19.66 -3.91 3.57
C ASP H 7 -20.00 -5.37 3.81
N ALA H 8 -20.91 -5.60 4.74
CA ALA H 8 -21.42 -6.94 5.03
C ALA H 8 -22.83 -6.81 5.56
N TYR H 9 -23.75 -7.64 5.07
CA TYR H 9 -25.13 -7.53 5.51
C TYR H 9 -25.93 -8.79 5.23
N THR H 10 -27.04 -8.94 5.92
CA THR H 10 -27.90 -10.09 5.68
C THR H 10 -29.06 -9.71 4.77
N ILE H 11 -29.55 -10.70 4.04
CA ILE H 11 -30.78 -10.61 3.29
C ILE H 11 -31.67 -11.74 3.78
N VAL H 12 -32.92 -11.41 4.11
CA VAL H 12 -33.91 -12.38 4.53
C VAL H 12 -35.01 -12.38 3.47
N THR H 13 -35.39 -13.57 3.02
CA THR H 13 -36.40 -13.68 1.97
C THR H 13 -37.15 -15.00 2.08
N CYS H 14 -38.39 -15.03 1.60
CA CYS H 14 -39.21 -16.24 1.69
C CYS H 14 -39.85 -16.62 0.35
N PRO H 15 -39.04 -17.06 -0.62
CA PRO H 15 -39.60 -17.46 -1.92
C PRO H 15 -40.03 -18.92 -1.89
N GLY H 16 -41.02 -19.23 -1.06
CA GLY H 16 -41.47 -20.60 -0.85
C GLY H 16 -41.21 -21.08 0.56
N ARG H 17 -40.15 -20.54 1.18
CA ARG H 17 -39.80 -20.83 2.56
C ARG H 17 -38.70 -19.83 2.91
N ASN H 18 -38.35 -19.74 4.20
CA ASN H 18 -37.40 -18.71 4.65
C ASN H 18 -35.95 -19.05 4.34
N PHE H 19 -35.21 -18.06 3.83
CA PHE H 19 -33.76 -18.17 3.70
C PHE H 19 -33.09 -16.93 4.23
N VAL H 20 -31.98 -17.13 4.92
CA VAL H 20 -31.15 -16.01 5.36
C VAL H 20 -29.80 -16.15 4.66
N THR H 21 -29.32 -15.06 4.10
CA THR H 21 -28.08 -15.09 3.33
C THR H 21 -27.17 -13.97 3.83
N LEU H 22 -25.87 -14.24 3.92
CA LEU H 22 -24.93 -13.19 4.26
C LEU H 22 -24.20 -12.76 2.99
N LYS H 23 -24.14 -11.45 2.74
CA LYS H 23 -23.33 -10.95 1.63
C LYS H 23 -22.17 -10.11 2.14
N ILE H 24 -20.98 -10.36 1.60
CA ILE H 24 -19.78 -9.61 1.95
C ILE H 24 -19.24 -8.92 0.70
N VAL H 25 -18.99 -7.62 0.77
CA VAL H 25 -18.50 -6.85 -0.36
C VAL H 25 -17.14 -6.24 -0.03
N THR H 26 -16.16 -6.44 -0.89
CA THR H 26 -14.83 -5.92 -0.65
C THR H 26 -14.68 -4.54 -1.29
N GLU H 27 -13.60 -3.84 -0.97
CA GLU H 27 -13.39 -2.49 -1.49
C GLU H 27 -13.29 -2.49 -3.01
N SER H 28 -12.77 -3.58 -3.57
CA SER H 28 -12.60 -3.71 -5.01
C SER H 28 -13.95 -3.95 -5.70
N GLY H 29 -14.97 -4.25 -4.92
CA GLY H 29 -16.30 -4.45 -5.47
C GLY H 29 -16.70 -5.92 -5.56
N THR H 30 -15.71 -6.82 -5.54
CA THR H 30 -15.98 -8.24 -5.58
C THR H 30 -16.78 -8.65 -4.34
N HIS H 31 -17.73 -9.55 -4.51
CA HIS H 31 -18.58 -9.93 -3.40
C HIS H 31 -18.73 -11.44 -3.29
N GLY H 32 -19.16 -11.90 -2.12
CA GLY H 32 -19.39 -13.31 -1.88
C GLY H 32 -20.61 -13.46 -1.00
N ILE H 33 -21.26 -14.61 -1.09
CA ILE H 33 -22.43 -14.88 -0.27
C ILE H 33 -22.34 -16.25 0.40
N GLY H 34 -22.99 -16.36 1.55
CA GLY H 34 -22.99 -17.60 2.32
C GLY H 34 -24.36 -17.85 2.90
N ASP H 35 -24.75 -19.11 2.98
CA ASP H 35 -26.04 -19.44 3.53
C ASP H 35 -25.98 -19.33 5.06
N ALA H 36 -27.04 -18.77 5.64
CA ALA H 36 -27.17 -18.61 7.08
C ALA H 36 -28.52 -19.14 7.60
N THR H 37 -29.19 -19.96 6.79
CA THR H 37 -30.55 -20.40 7.12
C THR H 37 -30.55 -21.50 8.20
N LEU H 38 -31.26 -21.25 9.30
CA LEU H 38 -31.46 -22.26 10.34
C LEU H 38 -32.96 -22.47 10.56
N ASN H 39 -33.50 -23.56 10.00
CA ASN H 39 -34.95 -23.76 9.89
C ASN H 39 -35.69 -23.65 11.22
N GLY H 40 -36.65 -22.75 11.30
CA GLY H 40 -37.46 -22.59 12.49
C GLY H 40 -36.85 -21.71 13.57
N ARG H 41 -35.61 -21.26 13.36
CA ARG H 41 -34.95 -20.34 14.29
C ARG H 41 -34.23 -19.26 13.50
N GLU H 42 -34.77 -18.90 12.33
CA GLU H 42 -34.05 -18.08 11.37
C GLU H 42 -33.56 -16.74 11.89
N MET H 43 -34.39 -16.08 12.71
CA MET H 43 -34.09 -14.72 13.12
C MET H 43 -33.03 -14.67 14.21
N ALA H 44 -32.78 -15.81 14.86
CA ALA H 44 -31.70 -15.87 15.84
C ALA H 44 -30.35 -15.73 15.12
N VAL H 45 -30.18 -16.42 14.01
CA VAL H 45 -28.96 -16.28 13.22
C VAL H 45 -28.85 -14.89 12.57
N ALA H 46 -29.99 -14.36 12.08
CA ALA H 46 -30.00 -13.02 11.47
C ALA H 46 -29.47 -11.98 12.45
N ALA H 47 -29.89 -12.08 13.71
CA ALA H 47 -29.47 -11.15 14.76
C ALA H 47 -28.03 -11.38 15.21
N TYR H 48 -27.63 -12.65 15.29
CA TYR H 48 -26.25 -12.99 15.62
C TYR H 48 -25.32 -12.32 14.62
N LEU H 49 -25.67 -12.44 13.34
CA LEU H 49 -24.88 -11.82 12.27
C LEU H 49 -24.97 -10.30 12.28
N ASP H 50 -26.18 -9.77 12.21
CA ASP H 50 -26.40 -8.32 12.09
C ASP H 50 -25.75 -7.55 13.23
N GLU H 51 -25.98 -8.01 14.44
CA GLU H 51 -25.62 -7.23 15.62
C GLU H 51 -24.22 -7.54 16.16
N HIS H 52 -23.74 -8.75 15.94
CA HIS H 52 -22.54 -9.18 16.62
C HIS H 52 -21.36 -9.54 15.71
N VAL H 53 -21.65 -10.06 14.52
CA VAL H 53 -20.58 -10.47 13.62
C VAL H 53 -20.27 -9.43 12.55
N VAL H 54 -21.30 -8.99 11.85
CA VAL H 54 -21.14 -7.96 10.82
C VAL H 54 -20.30 -6.73 11.23
N PRO H 55 -20.54 -6.15 12.42
CA PRO H 55 -19.73 -4.96 12.72
C PRO H 55 -18.23 -5.25 12.87
N ALA H 56 -17.90 -6.48 13.24
CA ALA H 56 -16.50 -6.88 13.39
C ALA H 56 -15.88 -7.28 12.06
N LEU H 57 -16.70 -7.47 11.03
CA LEU H 57 -16.17 -7.86 9.73
C LEU H 57 -15.64 -6.68 8.93
N ILE H 58 -16.22 -5.50 9.14
CA ILE H 58 -15.85 -4.32 8.35
C ILE H 58 -14.37 -3.99 8.49
N GLY H 59 -13.67 -3.87 7.36
CA GLY H 59 -12.27 -3.48 7.40
C GLY H 59 -11.31 -4.65 7.51
N ARG H 60 -11.84 -5.84 7.76
CA ARG H 60 -11.01 -7.06 7.79
C ARG H 60 -10.58 -7.44 6.37
N ASP H 61 -9.43 -8.09 6.26
CA ASP H 61 -8.98 -8.61 4.98
C ASP H 61 -9.79 -9.86 4.65
N ALA H 62 -10.59 -9.80 3.58
CA ALA H 62 -11.42 -10.93 3.22
C ALA H 62 -10.63 -12.17 2.86
N GLY H 63 -9.34 -12.01 2.55
CA GLY H 63 -8.49 -13.12 2.18
C GLY H 63 -8.11 -14.00 3.36
N ARG H 64 -8.27 -13.48 4.58
CA ARG H 64 -7.91 -14.24 5.78
CA ARG H 64 -7.90 -14.24 5.77
C ARG H 64 -9.05 -15.13 6.27
N ILE H 65 -9.34 -16.18 5.49
CA ILE H 65 -10.44 -17.07 5.80
C ILE H 65 -10.24 -17.80 7.12
N GLU H 66 -9.08 -18.43 7.29
CA GLU H 66 -8.81 -19.21 8.49
C GLU H 66 -8.81 -18.30 9.73
N ASP H 67 -8.12 -17.16 9.62
CA ASP H 67 -8.07 -16.24 10.75
C ASP H 67 -9.46 -15.77 11.15
N THR H 68 -10.30 -15.46 10.16
CA THR H 68 -11.66 -15.02 10.43
C THR H 68 -12.47 -16.14 11.08
N TRP H 69 -12.31 -17.38 10.60
CA TRP H 69 -13.00 -18.53 11.19
C TRP H 69 -12.64 -18.68 12.68
N GLN H 70 -11.35 -18.66 12.99
CA GLN H 70 -10.90 -18.79 14.37
C GLN H 70 -11.33 -17.58 15.22
N TYR H 71 -11.23 -16.39 14.65
CA TYR H 71 -11.66 -15.15 15.30
C TYR H 71 -13.12 -15.22 15.72
N LEU H 72 -13.99 -15.68 14.83
CA LEU H 72 -15.40 -15.85 15.18
C LEU H 72 -15.68 -17.04 16.08
N TYR H 73 -14.97 -18.15 15.84
CA TYR H 73 -15.24 -19.37 16.62
C TYR H 73 -14.73 -19.24 18.05
N ARG H 74 -13.46 -18.88 18.20
CA ARG H 74 -12.90 -18.72 19.53
C ARG H 74 -13.38 -17.41 20.16
N GLY H 75 -13.41 -16.35 19.36
CA GLY H 75 -13.73 -15.03 19.88
C GLY H 75 -15.15 -14.88 20.41
N ALA H 76 -16.07 -15.69 19.91
CA ALA H 76 -17.43 -15.71 20.46
C ALA H 76 -17.43 -16.02 21.95
N TYR H 77 -16.39 -16.73 22.40
CA TYR H 77 -16.19 -17.19 23.78
C TYR H 77 -17.08 -18.38 24.14
N TRP H 78 -18.37 -18.21 23.89
CA TRP H 78 -19.34 -19.29 23.97
C TRP H 78 -19.29 -20.04 22.64
N ARG H 79 -18.74 -21.25 22.67
CA ARG H 79 -18.37 -21.95 21.44
C ARG H 79 -19.37 -23.02 21.02
N ARG H 80 -19.40 -23.29 19.72
CA ARG H 80 -20.27 -24.30 19.11
C ARG H 80 -21.74 -23.86 19.18
N GLY H 81 -22.63 -24.72 18.71
CA GLY H 81 -24.06 -24.42 18.75
C GLY H 81 -24.66 -24.12 17.39
N PRO H 82 -25.96 -24.35 17.23
CA PRO H 82 -26.57 -24.14 15.91
C PRO H 82 -26.58 -22.69 15.45
N VAL H 83 -26.94 -21.76 16.32
CA VAL H 83 -26.99 -20.36 15.88
C VAL H 83 -25.57 -19.89 15.61
N THR H 84 -24.68 -20.17 16.56
CA THR H 84 -23.27 -19.83 16.45
C THR H 84 -22.58 -20.33 15.17
N MET H 85 -22.69 -21.62 14.91
CA MET H 85 -21.93 -22.22 13.81
C MET H 85 -22.52 -21.92 12.45
N THR H 86 -23.82 -21.63 12.40
CA THR H 86 -24.44 -21.21 11.15
C THR H 86 -23.97 -19.80 10.79
N ALA H 87 -23.85 -18.93 11.79
CA ALA H 87 -23.37 -17.58 11.53
C ALA H 87 -21.96 -17.65 10.99
N ILE H 88 -21.12 -18.46 11.64
CA ILE H 88 -19.76 -18.67 11.17
C ILE H 88 -19.71 -19.29 9.76
N ALA H 89 -20.55 -20.29 9.52
CA ALA H 89 -20.66 -20.91 8.20
C ALA H 89 -20.98 -19.92 7.07
N ALA H 90 -21.91 -19.01 7.34
CA ALA H 90 -22.28 -17.98 6.38
C ALA H 90 -21.09 -17.10 5.99
N VAL H 91 -20.34 -16.64 6.99
CA VAL H 91 -19.14 -15.87 6.74
C VAL H 91 -18.16 -16.72 5.94
N ASP H 92 -17.91 -17.93 6.41
CA ASP H 92 -16.93 -18.80 5.77
C ASP H 92 -17.29 -19.05 4.30
N MET H 93 -18.56 -19.36 4.01
CA MET H 93 -18.98 -19.59 2.63
C MET H 93 -18.76 -18.35 1.76
N ALA H 94 -19.07 -17.17 2.31
CA ALA H 94 -18.90 -15.96 1.53
C ALA H 94 -17.42 -15.67 1.27
N LEU H 95 -16.58 -15.93 2.26
CA LEU H 95 -15.16 -15.68 2.09
C LEU H 95 -14.54 -16.63 1.07
N TRP H 96 -14.96 -17.90 1.08
CA TRP H 96 -14.49 -18.86 0.06
C TRP H 96 -14.97 -18.46 -1.32
N ASP H 97 -16.20 -17.95 -1.41
CA ASP H 97 -16.74 -17.44 -2.68
C ASP H 97 -15.79 -16.35 -3.22
N ILE H 98 -15.48 -15.38 -2.38
CA ILE H 98 -14.58 -14.28 -2.75
C ILE H 98 -13.18 -14.77 -3.14
N LYS H 99 -12.65 -15.74 -2.39
CA LYS H 99 -11.34 -16.29 -2.69
C LYS H 99 -11.33 -16.99 -4.04
N ALA H 100 -12.35 -17.79 -4.31
CA ALA H 100 -12.43 -18.47 -5.59
C ALA H 100 -12.58 -17.45 -6.73
N LYS H 101 -13.37 -16.42 -6.52
CA LYS H 101 -13.48 -15.34 -7.51
C LYS H 101 -12.14 -14.65 -7.73
N ALA H 102 -11.43 -14.35 -6.65
CA ALA H 102 -10.13 -13.72 -6.78
C ALA H 102 -9.15 -14.62 -7.55
N ALA H 103 -9.30 -15.93 -7.35
CA ALA H 103 -8.40 -16.90 -7.99
C ALA H 103 -8.80 -17.15 -9.44
N GLY H 104 -9.98 -16.69 -9.82
CA GLY H 104 -10.51 -16.94 -11.15
C GLY H 104 -10.84 -18.41 -11.38
N MET H 105 -11.26 -19.10 -10.33
CA MET H 105 -11.51 -20.54 -10.39
C MET H 105 -12.85 -20.90 -9.76
N PRO H 106 -13.54 -21.90 -10.33
CA PRO H 106 -14.67 -22.45 -9.59
C PRO H 106 -14.17 -23.04 -8.28
N LEU H 107 -15.01 -23.05 -7.26
CA LEU H 107 -14.60 -23.49 -5.93
C LEU H 107 -13.95 -24.86 -5.86
N TYR H 108 -14.45 -25.85 -6.63
CA TYR H 108 -13.87 -27.20 -6.53
C TYR H 108 -12.37 -27.23 -6.88
N GLN H 109 -11.95 -26.35 -7.79
CA GLN H 109 -10.54 -26.24 -8.17
C GLN H 109 -9.68 -25.76 -7.02
N LEU H 110 -10.19 -24.79 -6.27
CA LEU H 110 -9.47 -24.22 -5.14
C LEU H 110 -9.23 -25.27 -4.06
N LEU H 111 -10.17 -26.21 -3.92
CA LEU H 111 -10.10 -27.20 -2.85
C LEU H 111 -9.15 -28.36 -3.15
N GLY H 112 -8.71 -28.46 -4.41
CA GLY H 112 -7.84 -29.57 -4.80
C GLY H 112 -8.23 -30.23 -6.10
N GLY H 113 -9.23 -29.68 -6.78
CA GLY H 113 -9.66 -30.17 -8.08
C GLY H 113 -10.65 -31.32 -8.01
N LYS H 114 -11.15 -31.73 -9.19
CA LYS H 114 -12.17 -32.79 -9.28
C LYS H 114 -11.67 -34.17 -8.85
N SER H 115 -12.47 -34.86 -8.04
CA SER H 115 -12.23 -36.27 -7.77
C SER H 115 -13.20 -37.16 -8.53
N ARG H 116 -14.21 -36.56 -9.15
CA ARG H 116 -15.25 -37.32 -9.85
C ARG H 116 -15.88 -36.45 -10.91
N GLU H 117 -16.52 -37.09 -11.89
CA GLU H 117 -17.07 -36.39 -13.04
C GLU H 117 -18.48 -35.87 -12.77
N ARG H 118 -19.09 -36.42 -11.72
CA ARG H 118 -20.44 -35.99 -11.33
C ARG H 118 -20.80 -36.46 -9.94
N VAL H 119 -21.92 -35.95 -9.42
CA VAL H 119 -22.26 -36.08 -8.01
C VAL H 119 -23.60 -36.82 -7.82
N MET H 120 -23.52 -38.06 -7.34
CA MET H 120 -24.73 -38.88 -7.24
C MET H 120 -25.66 -38.38 -6.15
N THR H 121 -26.96 -38.41 -6.42
CA THR H 121 -27.96 -37.93 -5.46
C THR H 121 -28.97 -39.00 -5.09
N TYR H 122 -29.76 -38.72 -4.06
CA TYR H 122 -30.97 -39.48 -3.80
C TYR H 122 -32.18 -38.55 -3.73
N ALA H 123 -33.33 -39.10 -4.09
CA ALA H 123 -34.60 -38.37 -4.11
C ALA H 123 -35.47 -38.85 -2.99
N HIS H 124 -36.41 -38.01 -2.55
CA HIS H 124 -37.39 -38.41 -1.56
C HIS H 124 -38.59 -39.09 -2.20
N CYS H 125 -38.83 -40.33 -1.80
CA CYS H 125 -40.01 -41.06 -2.24
C CYS H 125 -40.89 -41.35 -1.04
N THR H 126 -42.09 -40.80 -1.05
CA THR H 126 -42.97 -40.92 0.09
C THR H 126 -44.42 -41.12 -0.34
N GLY H 127 -45.21 -41.72 0.55
CA GLY H 127 -46.61 -41.95 0.29
C GLY H 127 -47.32 -42.45 1.53
N GLN H 128 -48.64 -42.41 1.51
CA GLN H 128 -49.43 -42.84 2.64
C GLN H 128 -49.29 -44.34 2.88
N THR H 129 -49.52 -45.13 1.83
CA THR H 129 -49.38 -46.57 1.93
C THR H 129 -48.06 -46.97 1.30
N ILE H 130 -47.69 -48.23 1.49
CA ILE H 130 -46.50 -48.77 0.86
C ILE H 130 -46.66 -48.65 -0.65
N GLU H 131 -47.86 -48.99 -1.14
CA GLU H 131 -48.15 -48.90 -2.56
C GLU H 131 -47.91 -47.48 -3.09
N ASP H 132 -48.37 -46.48 -2.34
CA ASP H 132 -48.20 -45.09 -2.71
C ASP H 132 -46.71 -44.77 -2.84
N CYS H 133 -45.93 -45.23 -1.87
CA CYS H 133 -44.49 -44.97 -1.89
C CYS H 133 -43.84 -45.64 -3.09
N LEU H 134 -44.30 -46.85 -3.41
CA LEU H 134 -43.75 -47.58 -4.55
C LEU H 134 -43.99 -46.84 -5.87
N GLY H 135 -45.14 -46.18 -5.98
CA GLY H 135 -45.44 -45.40 -7.17
C GLY H 135 -44.48 -44.23 -7.34
N GLU H 136 -44.09 -43.64 -6.22
CA GLU H 136 -43.13 -42.54 -6.22
C GLU H 136 -41.73 -43.05 -6.56
N VAL H 137 -41.38 -44.22 -6.04
CA VAL H 137 -40.11 -44.84 -6.41
C VAL H 137 -40.00 -45.03 -7.93
N ALA H 138 -41.00 -45.66 -8.54
CA ALA H 138 -40.98 -45.90 -9.98
C ALA H 138 -40.79 -44.58 -10.74
N ARG H 139 -41.46 -43.54 -10.27
CA ARG H 139 -41.36 -42.24 -10.94
C ARG H 139 -39.92 -41.68 -10.89
N HIS H 140 -39.29 -41.75 -9.73
CA HIS H 140 -37.93 -41.21 -9.61
C HIS H 140 -36.89 -42.07 -10.33
N VAL H 141 -37.13 -43.37 -10.41
CA VAL H 141 -36.24 -44.26 -11.15
C VAL H 141 -36.26 -43.87 -12.63
N GLU H 142 -37.45 -43.51 -13.12
CA GLU H 142 -37.59 -43.08 -14.51
C GLU H 142 -36.92 -41.74 -14.77
N LEU H 143 -36.79 -40.93 -13.73
CA LEU H 143 -36.15 -39.63 -13.86
C LEU H 143 -34.64 -39.79 -13.90
N GLY H 144 -34.15 -40.95 -13.50
CA GLY H 144 -32.72 -41.19 -13.51
C GLY H 144 -32.07 -41.29 -12.14
N TYR H 145 -32.85 -41.22 -11.07
CA TYR H 145 -32.25 -41.36 -9.74
C TYR H 145 -31.73 -42.78 -9.53
N ARG H 146 -30.47 -42.89 -9.12
CA ARG H 146 -29.85 -44.17 -8.78
C ARG H 146 -30.18 -44.57 -7.35
N ALA H 147 -30.68 -43.61 -6.58
CA ALA H 147 -30.90 -43.81 -5.14
C ALA H 147 -32.18 -43.13 -4.71
N VAL H 148 -32.91 -43.76 -3.79
CA VAL H 148 -34.16 -43.19 -3.28
C VAL H 148 -34.24 -43.38 -1.77
N ARG H 149 -34.66 -42.35 -1.06
CA ARG H 149 -35.06 -42.48 0.33
C ARG H 149 -36.55 -42.80 0.36
N VAL H 150 -36.92 -43.84 1.11
CA VAL H 150 -38.32 -44.26 1.15
C VAL H 150 -38.94 -44.07 2.52
N GLN H 151 -40.14 -43.48 2.55
CA GLN H 151 -40.88 -43.32 3.79
C GLN H 151 -42.35 -43.60 3.49
N SER H 152 -43.04 -44.28 4.39
CA SER H 152 -44.49 -44.44 4.22
C SER H 152 -45.21 -44.34 5.54
N GLY H 153 -46.53 -44.15 5.50
CA GLY H 153 -47.29 -44.02 6.73
C GLY H 153 -47.29 -45.30 7.55
N VAL H 154 -47.41 -45.15 8.87
CA VAL H 154 -47.57 -46.29 9.75
C VAL H 154 -49.06 -46.46 10.03
N PRO H 155 -49.60 -47.64 9.70
CA PRO H 155 -51.03 -47.86 9.97
C PRO H 155 -51.32 -47.76 11.47
N GLY H 156 -52.40 -47.06 11.80
CA GLY H 156 -52.77 -46.87 13.20
C GLY H 156 -52.18 -45.58 13.78
N ILE H 157 -51.46 -44.84 12.94
CA ILE H 157 -50.84 -43.57 13.36
C ILE H 157 -51.11 -42.48 12.33
N GLU H 158 -51.78 -41.42 12.77
CA GLU H 158 -52.23 -40.37 11.86
C GLU H 158 -51.11 -39.67 11.09
N THR H 159 -49.99 -39.42 11.77
CA THR H 159 -48.87 -38.69 11.18
C THR H 159 -47.52 -39.35 11.44
N THR H 160 -46.75 -39.56 10.37
CA THR H 160 -45.40 -40.12 10.48
C THR H 160 -44.42 -39.24 9.71
N TYR H 161 -43.14 -39.29 10.08
CA TYR H 161 -42.15 -38.44 9.43
C TYR H 161 -42.03 -38.67 7.93
N GLY H 162 -41.99 -37.57 7.17
CA GLY H 162 -41.71 -37.62 5.75
C GLY H 162 -42.88 -38.12 4.93
N VAL H 163 -44.09 -38.03 5.49
CA VAL H 163 -45.29 -38.48 4.80
C VAL H 163 -46.43 -37.49 4.99
N GLU H 172 -42.60 -29.23 2.93
CA GLU H 172 -42.10 -28.35 3.98
C GLU H 172 -42.64 -28.74 5.36
N PRO H 173 -41.82 -29.43 6.16
CA PRO H 173 -42.15 -29.78 7.55
C PRO H 173 -42.53 -28.55 8.37
N ALA H 174 -41.80 -27.45 8.18
CA ALA H 174 -42.16 -26.17 8.78
C ALA H 174 -43.31 -25.55 8.01
N ASP H 175 -44.53 -26.00 8.30
CA ASP H 175 -45.68 -25.67 7.44
C ASP H 175 -46.70 -24.75 8.11
N SER H 176 -46.55 -24.53 9.42
CA SER H 176 -47.38 -23.56 10.14
C SER H 176 -46.49 -22.68 11.00
N SER H 177 -47.05 -21.56 11.46
CA SER H 177 -46.29 -20.59 12.23
C SER H 177 -45.76 -21.21 13.52
N LEU H 178 -46.65 -21.89 14.23
CA LEU H 178 -46.29 -22.62 15.45
C LEU H 178 -46.09 -24.10 15.13
N PRO H 179 -45.32 -24.82 15.98
CA PRO H 179 -45.05 -26.24 15.72
C PRO H 179 -46.32 -27.08 15.58
N ALA H 180 -46.44 -27.82 14.48
CA ALA H 180 -47.54 -28.77 14.33
C ALA H 180 -47.34 -29.88 15.35
N GLU H 181 -48.42 -30.46 15.84
CA GLU H 181 -48.32 -31.50 16.86
C GLU H 181 -48.59 -32.88 16.27
N HIS H 182 -47.55 -33.69 16.13
CA HIS H 182 -47.70 -35.05 15.61
C HIS H 182 -47.74 -36.05 16.76
N VAL H 183 -48.33 -37.21 16.52
CA VAL H 183 -48.37 -38.28 17.52
C VAL H 183 -47.59 -39.49 16.99
N TRP H 184 -46.96 -40.23 17.90
CA TRP H 184 -46.01 -41.26 17.51
C TRP H 184 -46.17 -42.54 18.31
N SER H 185 -46.01 -43.68 17.63
CA SER H 185 -45.90 -44.98 18.30
C SER H 185 -44.69 -45.73 17.76
N THR H 186 -43.69 -45.94 18.61
CA THR H 186 -42.49 -46.65 18.17
C THR H 186 -42.80 -48.09 17.77
N GLU H 187 -43.61 -48.75 18.58
CA GLU H 187 -43.86 -50.16 18.41
C GLU H 187 -44.56 -50.46 17.09
N LYS H 188 -45.52 -49.61 16.73
CA LYS H 188 -46.20 -49.80 15.46
C LYS H 188 -45.24 -49.57 14.28
N TYR H 189 -44.38 -48.57 14.40
CA TYR H 189 -43.39 -48.28 13.37
C TYR H 189 -42.41 -49.42 13.16
N LEU H 190 -41.91 -49.99 14.26
CA LEU H 190 -40.92 -51.05 14.17
C LEU H 190 -41.47 -52.29 13.47
N ASN H 191 -42.75 -52.57 13.69
CA ASN H 191 -43.37 -53.73 13.04
C ASN H 191 -43.66 -53.48 11.57
N HIS H 192 -43.89 -52.23 11.20
CA HIS H 192 -44.31 -51.90 9.83
C HIS H 192 -43.16 -51.59 8.88
N ALA H 193 -42.19 -50.80 9.32
CA ALA H 193 -41.10 -50.37 8.46
C ALA H 193 -40.41 -51.46 7.61
N PRO H 194 -40.08 -52.63 8.20
CA PRO H 194 -39.41 -53.64 7.36
C PRO H 194 -40.23 -54.04 6.13
N LYS H 195 -41.55 -53.94 6.23
CA LYS H 195 -42.44 -54.32 5.13
C LYS H 195 -42.27 -53.39 3.94
N LEU H 196 -41.98 -52.12 4.22
CA LEU H 196 -41.77 -51.13 3.17
C LEU H 196 -40.57 -51.51 2.33
N PHE H 197 -39.46 -51.82 2.99
CA PHE H 197 -38.23 -52.15 2.26
C PHE H 197 -38.38 -53.47 1.51
N ALA H 198 -39.04 -54.44 2.11
CA ALA H 198 -39.30 -55.71 1.44
C ALA H 198 -40.05 -55.45 0.13
N ALA H 199 -41.04 -54.59 0.19
CA ALA H 199 -41.86 -54.30 -0.99
C ALA H 199 -41.07 -53.54 -2.06
N VAL H 200 -40.17 -52.65 -1.63
CA VAL H 200 -39.34 -51.93 -2.59
C VAL H 200 -38.42 -52.88 -3.33
N ARG H 201 -37.84 -53.84 -2.61
CA ARG H 201 -36.94 -54.80 -3.24
C ARG H 201 -37.72 -55.72 -4.19
N GLU H 202 -38.89 -56.16 -3.75
CA GLU H 202 -39.69 -57.06 -4.57
C GLU H 202 -40.05 -56.40 -5.91
N ARG H 203 -40.35 -55.10 -5.89
CA ARG H 203 -40.78 -54.43 -7.11
C ARG H 203 -39.63 -53.88 -7.96
N PHE H 204 -38.58 -53.38 -7.32
CA PHE H 204 -37.53 -52.67 -8.03
C PHE H 204 -36.19 -53.37 -8.08
N GLY H 205 -36.05 -54.49 -7.40
CA GLY H 205 -34.83 -55.27 -7.51
C GLY H 205 -33.69 -54.74 -6.66
N ASP H 206 -32.49 -55.23 -6.95
CA ASP H 206 -31.34 -55.04 -6.06
C ASP H 206 -30.39 -53.91 -6.43
N ASP H 207 -30.48 -53.39 -7.66
CA ASP H 207 -29.49 -52.41 -8.12
C ASP H 207 -29.74 -51.00 -7.58
N LEU H 208 -31.01 -50.69 -7.34
CA LEU H 208 -31.40 -49.42 -6.76
C LEU H 208 -30.82 -49.23 -5.35
N HIS H 209 -30.25 -48.05 -5.09
CA HIS H 209 -29.84 -47.73 -3.71
C HIS H 209 -31.07 -47.27 -2.93
N VAL H 210 -31.27 -47.84 -1.74
CA VAL H 210 -32.47 -47.56 -0.95
C VAL H 210 -32.09 -47.04 0.45
N LEU H 211 -32.59 -45.85 0.79
CA LEU H 211 -32.22 -45.19 2.04
C LEU H 211 -33.45 -44.98 2.91
N HIS H 212 -33.26 -44.83 4.21
CA HIS H 212 -34.39 -44.58 5.09
C HIS H 212 -33.98 -43.71 6.27
N ASP H 213 -34.84 -42.75 6.60
CA ASP H 213 -34.58 -41.81 7.68
C ASP H 213 -35.47 -42.17 8.88
N VAL H 214 -34.85 -42.64 9.96
CA VAL H 214 -35.55 -43.00 11.19
C VAL H 214 -35.97 -41.75 11.97
N HIS H 215 -35.25 -40.66 11.74
CA HIS H 215 -35.63 -39.35 12.27
C HIS H 215 -35.77 -39.31 13.81
N HIS H 216 -34.78 -39.89 14.48
CA HIS H 216 -34.53 -39.73 15.93
C HIS H 216 -35.47 -40.44 16.91
N ARG H 217 -36.37 -41.28 16.43
CA ARG H 217 -37.49 -41.72 17.28
C ARG H 217 -37.25 -42.95 18.14
N LEU H 218 -36.14 -43.65 17.89
CA LEU H 218 -35.87 -44.92 18.57
C LEU H 218 -34.86 -44.79 19.69
N THR H 219 -34.86 -45.78 20.59
CA THR H 219 -33.78 -45.99 21.55
C THR H 219 -32.74 -46.87 20.86
N PRO H 220 -31.51 -46.94 21.38
CA PRO H 220 -30.49 -47.74 20.68
C PRO H 220 -30.84 -49.23 20.47
N ILE H 221 -31.42 -49.91 21.46
CA ILE H 221 -31.70 -51.32 21.28
C ILE H 221 -32.86 -51.51 20.28
N GLU H 222 -33.73 -50.51 20.18
CA GLU H 222 -34.81 -50.55 19.17
C GLU H 222 -34.25 -50.37 17.77
N ALA H 223 -33.29 -49.45 17.63
CA ALA H 223 -32.61 -49.22 16.35
C ALA H 223 -31.78 -50.44 15.94
N ALA H 224 -31.22 -51.11 16.95
CA ALA H 224 -30.47 -52.36 16.74
C ALA H 224 -31.41 -53.41 16.15
N ARG H 225 -32.57 -53.54 16.77
CA ARG H 225 -33.60 -54.45 16.29
C ARG H 225 -33.99 -54.12 14.84
N LEU H 226 -34.23 -52.84 14.56
CA LEU H 226 -34.62 -52.42 13.22
C LEU H 226 -33.51 -52.68 12.20
N GLY H 227 -32.27 -52.32 12.55
CA GLY H 227 -31.14 -52.56 11.67
C GLY H 227 -31.04 -54.01 11.26
N LYS H 228 -31.16 -54.91 12.23
CA LYS H 228 -31.09 -56.34 11.97
C LYS H 228 -32.24 -56.77 11.06
N ALA H 229 -33.43 -56.27 11.35
CA ALA H 229 -34.62 -56.65 10.60
C ALA H 229 -34.53 -56.27 9.13
N VAL H 230 -33.74 -55.24 8.82
CA VAL H 230 -33.69 -54.74 7.45
C VAL H 230 -32.40 -55.12 6.72
N GLU H 231 -31.53 -55.88 7.39
CA GLU H 231 -30.35 -56.44 6.72
C GLU H 231 -30.62 -57.15 5.37
N PRO H 232 -31.70 -57.96 5.29
CA PRO H 232 -31.96 -58.63 4.01
C PRO H 232 -32.20 -57.66 2.83
N TYR H 233 -32.57 -56.42 3.12
CA TYR H 233 -32.92 -55.46 2.09
C TYR H 233 -31.75 -54.56 1.71
N HIS H 234 -30.62 -54.71 2.41
CA HIS H 234 -29.38 -54.02 2.07
C HIS H 234 -29.55 -52.53 1.82
N LEU H 235 -29.93 -51.80 2.86
CA LEU H 235 -30.14 -50.36 2.73
C LEU H 235 -28.82 -49.64 2.53
N PHE H 236 -28.86 -48.57 1.74
CA PHE H 236 -27.69 -47.72 1.55
C PHE H 236 -27.32 -47.11 2.88
N TRP H 237 -28.35 -46.63 3.60
CA TRP H 237 -28.18 -46.24 4.99
C TRP H 237 -29.47 -46.22 5.78
N LEU H 238 -29.32 -46.37 7.10
CA LEU H 238 -30.39 -46.11 8.04
C LEU H 238 -29.96 -44.86 8.80
N GLU H 239 -30.73 -43.79 8.67
CA GLU H 239 -30.30 -42.44 9.09
C GLU H 239 -30.93 -41.97 10.42
N ASP H 240 -30.12 -41.35 11.28
CA ASP H 240 -30.60 -40.68 12.48
C ASP H 240 -31.48 -41.59 13.36
N CYS H 241 -30.94 -42.76 13.66
CA CYS H 241 -31.67 -43.76 14.43
C CYS H 241 -32.11 -43.29 15.80
N VAL H 242 -31.20 -42.60 16.49
N VAL H 242 -31.21 -42.59 16.51
CA VAL H 242 -31.41 -42.20 17.88
CA VAL H 242 -31.38 -42.27 17.92
C VAL H 242 -30.81 -40.82 18.11
C VAL H 242 -30.75 -40.88 18.18
N PRO H 243 -31.35 -40.08 19.09
CA PRO H 243 -30.70 -38.79 19.43
C PRO H 243 -29.29 -39.04 19.93
N ALA H 244 -28.34 -38.22 19.48
CA ALA H 244 -26.93 -38.58 19.61
C ALA H 244 -26.08 -37.50 20.26
N GLU H 245 -26.70 -36.68 21.12
CA GLU H 245 -25.92 -35.76 21.94
C GLU H 245 -24.94 -36.57 22.77
N ASN H 246 -25.41 -37.74 23.23
CA ASN H 246 -24.54 -38.70 23.88
C ASN H 246 -24.12 -39.64 22.75
N GLN H 247 -22.88 -39.49 22.29
CA GLN H 247 -22.45 -40.21 21.10
C GLN H 247 -22.41 -41.72 21.30
N GLU H 248 -22.30 -42.12 22.56
CA GLU H 248 -22.29 -43.53 22.93
C GLU H 248 -23.60 -44.23 22.56
N SER H 249 -24.63 -43.44 22.29
CA SER H 249 -25.93 -43.98 21.88
C SER H 249 -25.84 -44.87 20.64
N LEU H 250 -24.81 -44.65 19.83
CA LEU H 250 -24.68 -45.42 18.58
C LEU H 250 -24.08 -46.81 18.80
N ARG H 251 -23.45 -47.01 19.95
CA ARG H 251 -22.64 -48.21 20.18
C ARG H 251 -23.44 -49.50 20.09
N LEU H 252 -24.58 -49.57 20.78
CA LEU H 252 -25.41 -50.77 20.76
C LEU H 252 -25.90 -51.10 19.36
N ILE H 253 -26.19 -50.07 18.57
CA ILE H 253 -26.65 -50.29 17.21
C ILE H 253 -25.53 -50.94 16.42
N ARG H 254 -24.35 -50.34 16.48
CA ARG H 254 -23.24 -50.80 15.65
C ARG H 254 -22.84 -52.23 16.02
N GLU H 255 -22.99 -52.56 17.30
CA GLU H 255 -22.58 -53.87 17.77
C GLU H 255 -23.58 -54.97 17.38
N HIS H 256 -24.79 -54.58 16.99
CA HIS H 256 -25.83 -55.57 16.69
C HIS H 256 -26.26 -55.66 15.22
N THR H 257 -25.87 -54.71 14.39
CA THR H 257 -26.30 -54.79 12.99
C THR H 257 -25.21 -54.40 11.98
N THR H 258 -25.31 -54.99 10.78
CA THR H 258 -24.46 -54.59 9.66
C THR H 258 -25.15 -53.65 8.66
N THR H 259 -26.37 -53.24 8.97
CA THR H 259 -27.02 -52.22 8.13
C THR H 259 -26.22 -50.91 8.28
N PRO H 260 -25.85 -50.28 7.16
CA PRO H 260 -24.99 -49.09 7.28
C PRO H 260 -25.71 -47.93 7.99
N LEU H 261 -25.00 -47.13 8.79
CA LEU H 261 -25.63 -46.07 9.58
C LEU H 261 -25.21 -44.68 9.12
N ALA H 262 -26.15 -43.74 9.09
CA ALA H 262 -25.83 -42.34 8.80
C ALA H 262 -26.36 -41.47 9.92
N ILE H 263 -25.65 -40.38 10.21
CA ILE H 263 -26.11 -39.45 11.22
C ILE H 263 -25.49 -38.07 11.01
N GLY H 264 -26.15 -37.05 11.53
CA GLY H 264 -25.47 -35.79 11.79
C GLY H 264 -26.02 -34.50 11.23
N GLU H 265 -27.20 -34.54 10.61
CA GLU H 265 -27.79 -33.30 10.10
C GLU H 265 -28.08 -32.30 11.22
N VAL H 266 -28.23 -32.79 12.46
CA VAL H 266 -28.49 -31.87 13.56
C VAL H 266 -27.22 -31.42 14.28
N PHE H 267 -26.07 -31.84 13.76
CA PHE H 267 -24.78 -31.46 14.34
C PHE H 267 -24.26 -30.13 13.77
N ASN H 268 -23.35 -29.47 14.50
CA ASN H 268 -22.77 -28.23 14.03
C ASN H 268 -21.25 -28.15 14.23
N SER H 269 -20.68 -29.19 14.85
CA SER H 269 -19.26 -29.16 15.21
C SER H 269 -18.62 -30.53 15.07
N ILE H 270 -17.33 -30.56 14.75
CA ILE H 270 -16.58 -31.81 14.74
C ILE H 270 -16.65 -32.48 16.13
N HIS H 271 -16.88 -31.68 17.16
CA HIS H 271 -16.94 -32.22 18.52
C HIS H 271 -18.25 -32.97 18.81
N ASP H 272 -19.20 -32.86 17.89
CA ASP H 272 -20.47 -33.60 17.98
C ASP H 272 -20.32 -34.99 17.42
N CYS H 273 -19.24 -35.25 16.69
CA CYS H 273 -19.11 -36.51 15.96
C CYS H 273 -17.72 -37.15 15.96
N ARG H 274 -16.76 -36.53 16.64
CA ARG H 274 -15.39 -37.04 16.65
C ARG H 274 -15.35 -38.49 17.11
N GLU H 275 -16.03 -38.79 18.21
CA GLU H 275 -16.02 -40.15 18.76
C GLU H 275 -16.82 -41.13 17.88
N LEU H 276 -17.96 -40.67 17.36
CA LEU H 276 -18.76 -41.47 16.43
C LEU H 276 -17.90 -41.98 15.28
N ILE H 277 -17.07 -41.09 14.76
CA ILE H 277 -16.20 -41.41 13.64
C ILE H 277 -15.03 -42.31 14.07
N GLN H 278 -14.33 -41.91 15.13
CA GLN H 278 -13.10 -42.59 15.54
C GLN H 278 -13.34 -44.02 16.03
N ASN H 279 -14.52 -44.23 16.62
CA ASN H 279 -14.90 -45.55 17.09
C ASN H 279 -15.60 -46.39 16.02
N GLN H 280 -15.70 -45.83 14.82
CA GLN H 280 -16.36 -46.51 13.70
C GLN H 280 -17.80 -46.91 14.03
N TRP H 281 -18.58 -45.95 14.51
CA TRP H 281 -19.97 -46.21 14.86
C TRP H 281 -20.93 -45.79 13.74
N ILE H 282 -20.43 -45.08 12.74
CA ILE H 282 -21.25 -44.64 11.61
C ILE H 282 -20.52 -44.85 10.27
N ASP H 283 -21.30 -44.86 9.18
CA ASP H 283 -20.74 -45.00 7.84
C ASP H 283 -20.81 -43.71 7.02
N TYR H 284 -21.75 -42.84 7.36
CA TYR H 284 -21.88 -41.57 6.66
C TYR H 284 -22.12 -40.44 7.64
N ILE H 285 -21.43 -39.32 7.42
CA ILE H 285 -21.65 -38.13 8.22
C ILE H 285 -22.48 -37.12 7.39
N ARG H 286 -23.53 -36.60 8.00
CA ARG H 286 -24.58 -35.86 7.29
C ARG H 286 -24.53 -34.35 7.46
N MET H 287 -23.70 -33.86 8.38
CA MET H 287 -23.64 -32.43 8.69
C MET H 287 -23.29 -31.63 7.44
N PRO H 288 -24.13 -30.65 7.08
CA PRO H 288 -23.90 -29.86 5.85
C PRO H 288 -23.13 -28.57 6.10
N LEU H 289 -22.75 -27.90 5.02
CA LEU H 289 -21.97 -26.68 5.11
C LEU H 289 -22.62 -25.60 5.97
N THR H 290 -23.91 -25.33 5.74
CA THR H 290 -24.61 -24.22 6.40
C THR H 290 -24.59 -24.32 7.92
N HIS H 291 -24.72 -25.54 8.45
CA HIS H 291 -24.83 -25.72 9.88
C HIS H 291 -23.54 -26.22 10.51
N GLY H 292 -22.61 -26.70 9.69
CA GLY H 292 -21.37 -27.26 10.19
C GLY H 292 -20.16 -26.34 10.06
N GLY H 293 -20.39 -25.03 10.11
CA GLY H 293 -19.31 -24.06 10.08
C GLY H 293 -18.64 -23.86 8.73
N GLY H 294 -19.33 -24.21 7.65
CA GLY H 294 -18.86 -23.95 6.30
C GLY H 294 -17.75 -24.85 5.78
N ILE H 295 -17.12 -24.42 4.69
CA ILE H 295 -16.06 -25.16 4.02
C ILE H 295 -14.87 -25.46 4.93
N THR H 296 -14.39 -24.42 5.60
CA THR H 296 -13.24 -24.55 6.48
C THR H 296 -13.41 -25.71 7.47
N ALA H 297 -14.53 -25.74 8.19
CA ALA H 297 -14.73 -26.78 9.21
C ALA H 297 -15.11 -28.13 8.60
N MET H 298 -15.90 -28.11 7.53
CA MET H 298 -16.34 -29.38 6.95
C MET H 298 -15.22 -30.14 6.24
N ARG H 299 -14.22 -29.42 5.73
CA ARG H 299 -13.05 -30.10 5.19
C ARG H 299 -12.42 -30.97 6.29
N ARG H 300 -12.30 -30.41 7.48
CA ARG H 300 -11.68 -31.11 8.60
C ARG H 300 -12.50 -32.31 9.05
N VAL H 301 -13.82 -32.16 9.08
CA VAL H 301 -14.70 -33.27 9.43
C VAL H 301 -14.59 -34.38 8.40
N ALA H 302 -14.69 -34.04 7.11
CA ALA H 302 -14.59 -35.04 6.04
C ALA H 302 -13.24 -35.77 6.07
N ASP H 303 -12.17 -35.02 6.29
CA ASP H 303 -10.85 -35.63 6.39
C ASP H 303 -10.71 -36.60 7.56
N LEU H 304 -11.25 -36.25 8.72
CA LEU H 304 -11.26 -37.16 9.86
C LEU H 304 -12.04 -38.44 9.52
N ALA H 305 -13.23 -38.26 8.95
CA ALA H 305 -14.08 -39.36 8.51
C ALA H 305 -13.31 -40.31 7.61
N SER H 306 -12.50 -39.75 6.70
CA SER H 306 -11.76 -40.54 5.72
C SER H 306 -10.79 -41.56 6.34
N LEU H 307 -10.26 -41.24 7.52
CA LEU H 307 -9.36 -42.16 8.19
C LEU H 307 -10.07 -43.44 8.61
N TYR H 308 -11.40 -43.38 8.71
CA TYR H 308 -12.17 -44.50 9.25
C TYR H 308 -13.17 -45.03 8.24
N HIS H 309 -12.92 -44.76 6.96
CA HIS H 309 -13.78 -45.25 5.85
C HIS H 309 -15.16 -44.61 5.85
N VAL H 310 -15.35 -43.58 6.67
CA VAL H 310 -16.61 -42.89 6.72
C VAL H 310 -16.72 -41.93 5.53
N ARG H 311 -17.90 -41.91 4.90
CA ARG H 311 -18.11 -41.08 3.70
C ARG H 311 -19.07 -39.91 3.97
N THR H 312 -19.03 -38.88 3.12
CA THR H 312 -19.93 -37.74 3.30
C THR H 312 -21.32 -38.00 2.73
N GLY H 313 -22.33 -37.53 3.43
CA GLY H 313 -23.69 -37.63 2.94
C GLY H 313 -24.48 -36.39 3.30
N PHE H 314 -24.06 -35.24 2.76
CA PHE H 314 -24.64 -33.96 3.11
C PHE H 314 -26.16 -33.92 3.14
N HIS H 315 -26.71 -33.51 4.28
CA HIS H 315 -28.09 -33.04 4.39
C HIS H 315 -28.28 -32.05 3.25
N GLY H 316 -29.37 -32.21 2.49
CA GLY H 316 -29.63 -31.38 1.32
C GLY H 316 -31.09 -31.02 1.15
N ALA H 317 -31.80 -30.92 2.27
CA ALA H 317 -33.20 -30.56 2.29
C ALA H 317 -33.37 -29.12 1.83
N THR H 318 -34.60 -28.72 1.54
CA THR H 318 -34.87 -27.39 1.00
C THR H 318 -34.52 -26.24 1.94
N ASP H 319 -34.39 -26.52 3.24
CA ASP H 319 -34.06 -25.49 4.23
C ASP H 319 -32.58 -25.13 4.22
N LEU H 320 -31.81 -25.79 3.36
CA LEU H 320 -30.49 -25.27 2.99
C LEU H 320 -30.64 -24.58 1.64
N SER H 321 -30.17 -23.35 1.55
CA SER H 321 -30.45 -22.53 0.38
C SER H 321 -29.60 -22.97 -0.80
N PRO H 322 -29.93 -22.47 -2.02
CA PRO H 322 -29.09 -22.78 -3.19
C PRO H 322 -27.64 -22.36 -3.01
N VAL H 323 -27.37 -21.39 -2.14
CA VAL H 323 -25.99 -21.01 -1.84
C VAL H 323 -25.25 -22.20 -1.21
N CYS H 324 -25.88 -22.82 -0.23
CA CYS H 324 -25.33 -24.03 0.37
C CYS H 324 -25.19 -25.15 -0.68
N LEU H 325 -26.22 -25.33 -1.50
CA LEU H 325 -26.22 -26.40 -2.49
C LEU H 325 -25.09 -26.23 -3.50
N GLY H 326 -24.91 -25.02 -4.00
CA GLY H 326 -23.82 -24.77 -4.94
C GLY H 326 -22.47 -25.07 -4.31
N ALA H 327 -22.26 -24.53 -3.11
CA ALA H 327 -21.00 -24.76 -2.40
C ALA H 327 -20.82 -26.24 -2.12
N ALA H 328 -21.90 -26.92 -1.76
CA ALA H 328 -21.87 -28.33 -1.42
C ALA H 328 -21.51 -29.18 -2.63
N ILE H 329 -22.03 -28.80 -3.79
CA ILE H 329 -21.72 -29.52 -5.02
C ILE H 329 -20.23 -29.38 -5.36
N HIS H 330 -19.68 -28.18 -5.22
CA HIS H 330 -18.24 -28.00 -5.38
C HIS H 330 -17.45 -28.88 -4.42
N PHE H 331 -17.85 -28.84 -3.15
CA PHE H 331 -17.19 -29.65 -2.12
C PHE H 331 -17.28 -31.14 -2.47
N ASP H 332 -18.47 -31.57 -2.89
CA ASP H 332 -18.74 -32.97 -3.24
C ASP H 332 -17.87 -33.43 -4.40
N THR H 333 -17.55 -32.50 -5.29
CA THR H 333 -16.82 -32.79 -6.51
C THR H 333 -15.34 -33.04 -6.22
N TRP H 334 -14.81 -32.33 -5.21
CA TRP H 334 -13.43 -32.51 -4.76
C TRP H 334 -13.21 -33.65 -3.73
N VAL H 335 -14.08 -33.73 -2.74
CA VAL H 335 -13.79 -34.55 -1.55
C VAL H 335 -13.62 -36.03 -1.90
N PRO H 336 -12.48 -36.62 -1.50
CA PRO H 336 -12.23 -38.02 -1.89
C PRO H 336 -13.32 -38.95 -1.41
N ASN H 337 -13.67 -38.84 -0.12
CA ASN H 337 -14.58 -39.79 0.51
C ASN H 337 -16.04 -39.35 0.40
N PHE H 338 -16.43 -38.95 -0.80
CA PHE H 338 -17.82 -38.61 -1.07
C PHE H 338 -18.69 -39.87 -1.01
N GLY H 339 -19.85 -39.77 -0.37
CA GLY H 339 -20.81 -40.86 -0.36
C GLY H 339 -22.01 -40.60 -1.26
N ILE H 340 -22.74 -39.55 -0.97
CA ILE H 340 -23.96 -39.22 -1.72
C ILE H 340 -24.38 -37.80 -1.37
N GLN H 341 -25.23 -37.21 -2.19
CA GLN H 341 -25.77 -35.87 -1.94
C GLN H 341 -27.30 -35.93 -1.94
N GLU H 342 -27.92 -35.51 -0.85
CA GLU H 342 -29.38 -35.44 -0.80
C GLU H 342 -29.89 -34.37 -1.78
N HIS H 343 -30.94 -34.70 -2.52
CA HIS H 343 -31.56 -33.73 -3.44
C HIS H 343 -33.05 -33.56 -3.12
N MET H 344 -33.39 -32.35 -2.64
CA MET H 344 -34.77 -31.92 -2.57
C MET H 344 -34.81 -30.65 -3.40
N PRO H 345 -35.48 -30.70 -4.56
CA PRO H 345 -35.54 -29.54 -5.45
C PRO H 345 -36.20 -28.33 -4.79
N HIS H 346 -35.56 -27.17 -4.94
CA HIS H 346 -36.15 -25.91 -4.51
C HIS H 346 -37.29 -25.50 -5.43
N THR H 347 -38.13 -24.59 -4.95
CA THR H 347 -39.19 -24.04 -5.79
C THR H 347 -38.58 -23.20 -6.90
N ASP H 348 -39.35 -22.98 -7.98
CA ASP H 348 -38.92 -22.11 -9.07
C ASP H 348 -38.58 -20.71 -8.58
N GLU H 349 -39.38 -20.21 -7.64
CA GLU H 349 -39.18 -18.88 -7.09
C GLU H 349 -37.86 -18.80 -6.33
N THR H 350 -37.52 -19.86 -5.61
CA THR H 350 -36.26 -19.92 -4.90
C THR H 350 -35.08 -19.90 -5.89
N ASP H 351 -35.19 -20.74 -6.92
CA ASP H 351 -34.15 -20.80 -7.95
C ASP H 351 -33.95 -19.46 -8.64
N ALA H 352 -35.04 -18.69 -8.78
CA ALA H 352 -34.98 -17.38 -9.43
C ALA H 352 -34.28 -16.36 -8.55
N VAL H 353 -34.53 -16.42 -7.25
CA VAL H 353 -33.90 -15.52 -6.31
C VAL H 353 -32.40 -15.80 -6.20
N PHE H 354 -32.02 -17.06 -6.42
CA PHE H 354 -30.64 -17.47 -6.30
C PHE H 354 -30.08 -18.05 -7.59
N PRO H 355 -29.80 -17.19 -8.59
CA PRO H 355 -29.25 -17.73 -9.85
C PRO H 355 -27.95 -18.49 -9.60
N HIS H 356 -27.75 -19.59 -10.32
CA HIS H 356 -26.62 -20.47 -10.04
C HIS H 356 -26.22 -21.25 -11.30
N ASP H 357 -25.02 -21.82 -11.28
CA ASP H 357 -24.57 -22.58 -12.45
C ASP H 357 -24.37 -24.08 -12.20
N TYR H 358 -24.69 -24.57 -11.01
CA TYR H 358 -24.75 -26.03 -10.87
C TYR H 358 -25.92 -26.55 -11.69
N ARG H 359 -25.78 -27.79 -12.18
CA ARG H 359 -26.81 -28.40 -13.01
C ARG H 359 -27.17 -29.78 -12.47
N PHE H 360 -28.41 -30.18 -12.70
CA PHE H 360 -28.85 -31.51 -12.33
C PHE H 360 -29.23 -32.27 -13.58
N GLU H 361 -28.53 -33.36 -13.84
CA GLU H 361 -28.79 -34.15 -15.04
C GLU H 361 -28.59 -35.63 -14.78
N ASP H 362 -29.49 -36.44 -15.33
CA ASP H 362 -29.40 -37.89 -15.19
C ASP H 362 -29.11 -38.33 -13.75
N GLY H 363 -29.88 -37.82 -12.79
CA GLY H 363 -29.79 -38.24 -11.40
C GLY H 363 -28.59 -37.71 -10.64
N HIS H 364 -27.79 -36.88 -11.28
CA HIS H 364 -26.55 -36.37 -10.68
C HIS H 364 -26.45 -34.85 -10.75
N PHE H 365 -25.75 -34.26 -9.78
CA PHE H 365 -25.33 -32.86 -9.90
C PHE H 365 -24.02 -32.74 -10.67
N LEU H 366 -23.87 -31.62 -11.39
CA LEU H 366 -22.62 -31.27 -12.04
C LEU H 366 -22.22 -29.91 -11.51
N ALA H 367 -20.99 -29.80 -11.03
CA ALA H 367 -20.50 -28.54 -10.47
C ALA H 367 -20.41 -27.45 -11.53
N GLY H 368 -20.62 -26.20 -11.11
CA GLY H 368 -20.49 -25.09 -12.02
C GLY H 368 -19.03 -24.82 -12.36
N GLU H 369 -18.80 -24.07 -13.43
CA GLU H 369 -17.44 -23.75 -13.88
C GLU H 369 -17.06 -22.28 -13.66
N SER H 370 -18.02 -21.46 -13.24
CA SER H 370 -17.72 -20.05 -13.04
C SER H 370 -16.99 -19.83 -11.71
N PRO H 371 -16.15 -18.79 -11.64
CA PRO H 371 -15.41 -18.52 -10.39
C PRO H 371 -16.34 -18.25 -9.20
N GLY H 372 -15.93 -18.68 -8.01
CA GLY H 372 -16.78 -18.62 -6.83
C GLY H 372 -17.43 -19.98 -6.62
N HIS H 373 -18.43 -20.06 -5.75
CA HIS H 373 -19.24 -21.28 -5.68
C HIS H 373 -20.33 -21.27 -6.75
N GLY H 374 -20.41 -20.18 -7.50
CA GLY H 374 -21.29 -20.08 -8.67
C GLY H 374 -22.73 -19.73 -8.37
N VAL H 375 -23.02 -19.37 -7.14
CA VAL H 375 -24.36 -18.92 -6.77
C VAL H 375 -24.35 -17.41 -6.50
N ASP H 376 -25.42 -16.73 -6.91
CA ASP H 376 -25.59 -15.33 -6.54
C ASP H 376 -26.97 -15.14 -5.93
N ILE H 377 -27.25 -13.93 -5.46
CA ILE H 377 -28.59 -13.60 -4.99
C ILE H 377 -29.13 -12.35 -5.67
N ASP H 378 -30.34 -12.43 -6.20
CA ASP H 378 -30.98 -11.27 -6.82
C ASP H 378 -31.68 -10.50 -5.69
N GLU H 379 -31.06 -9.42 -5.24
CA GLU H 379 -31.59 -8.68 -4.09
C GLU H 379 -32.93 -8.01 -4.37
N GLU H 380 -33.12 -7.53 -5.60
CA GLU H 380 -34.39 -6.91 -5.96
C GLU H 380 -35.52 -7.92 -5.88
N LEU H 381 -35.27 -9.12 -6.41
CA LEU H 381 -36.28 -10.16 -6.43
C LEU H 381 -36.50 -10.71 -5.02
N ALA H 382 -35.42 -10.82 -4.26
CA ALA H 382 -35.53 -11.33 -2.90
C ALA H 382 -36.48 -10.47 -2.07
N ALA H 383 -36.48 -9.15 -2.34
CA ALA H 383 -37.30 -8.22 -1.57
C ALA H 383 -38.81 -8.39 -1.83
N LYS H 384 -39.15 -9.14 -2.86
CA LYS H 384 -40.56 -9.35 -3.21
C LYS H 384 -41.21 -10.41 -2.34
N TYR H 385 -40.39 -11.11 -1.55
CA TYR H 385 -40.85 -12.22 -0.73
C TYR H 385 -40.51 -12.01 0.76
N PRO H 386 -41.46 -11.44 1.52
CA PRO H 386 -41.18 -11.13 2.92
C PRO H 386 -41.14 -12.38 3.80
N TYR H 387 -40.27 -12.36 4.80
CA TYR H 387 -40.20 -13.39 5.85
C TYR H 387 -41.58 -13.74 6.40
N GLU H 388 -41.82 -15.04 6.59
CA GLU H 388 -43.05 -15.51 7.24
C GLU H 388 -42.68 -16.62 8.20
N ARG H 389 -42.96 -16.43 9.48
CA ARG H 389 -42.53 -17.42 10.47
C ARG H 389 -43.10 -18.80 10.15
N ALA H 390 -42.24 -19.81 10.20
CA ALA H 390 -42.64 -21.21 10.07
C ALA H 390 -41.77 -22.06 10.99
N SER H 391 -42.42 -22.79 11.90
CA SER H 391 -41.73 -23.63 12.88
C SER H 391 -41.80 -25.12 12.52
N LEU H 392 -40.78 -25.87 12.93
CA LEU H 392 -40.77 -27.33 12.75
C LEU H 392 -41.76 -27.97 13.70
N PRO H 393 -42.29 -29.15 13.33
CA PRO H 393 -43.28 -29.80 14.18
C PRO H 393 -42.66 -30.36 15.46
N VAL H 394 -43.51 -30.71 16.43
CA VAL H 394 -43.06 -31.50 17.56
C VAL H 394 -43.78 -32.82 17.55
N ASN H 395 -43.21 -33.80 18.23
CA ASN H 395 -43.73 -35.15 18.22
C ASN H 395 -44.06 -35.54 19.64
N ARG H 396 -45.26 -36.05 19.88
CA ARG H 396 -45.61 -36.57 21.19
C ARG H 396 -45.97 -38.04 21.10
N LEU H 397 -45.65 -38.80 22.14
CA LEU H 397 -46.12 -40.18 22.24
C LEU H 397 -47.63 -40.21 22.48
N GLU H 398 -48.24 -41.39 22.41
CA GLU H 398 -49.68 -41.49 22.56
C GLU H 398 -50.17 -41.03 23.94
N ASP H 399 -49.31 -41.08 24.95
CA ASP H 399 -49.72 -40.59 26.28
C ASP H 399 -49.49 -39.09 26.46
N GLY H 400 -48.95 -38.44 25.43
CA GLY H 400 -48.72 -37.01 25.50
C GLY H 400 -47.28 -36.62 25.77
N THR H 401 -46.41 -37.60 25.99
CA THR H 401 -44.98 -37.36 26.25
C THR H 401 -44.32 -36.61 25.09
N LEU H 402 -43.65 -35.50 25.40
CA LEU H 402 -42.94 -34.76 24.37
C LEU H 402 -41.73 -35.58 23.93
N TRP H 403 -41.75 -36.00 22.67
CA TRP H 403 -40.76 -36.96 22.18
C TRP H 403 -39.86 -36.28 21.14
N HIS H 404 -39.13 -37.08 20.38
CA HIS H 404 -38.19 -36.59 19.38
C HIS H 404 -38.90 -36.55 18.04
N TRP H 405 -38.88 -35.40 17.37
CA TRP H 405 -39.54 -35.32 16.07
C TRP H 405 -38.54 -35.68 14.99
C1 GCO I . 14.46 60.66 -7.83
C2 GCO I . 13.95 61.14 -9.15
C3 GCO I . 13.37 62.52 -9.09
C4 GCO I . 12.70 62.80 -10.41
C5 GCO I . 11.28 63.29 -10.22
C6 GCO I . 10.55 63.34 -11.53
O1A GCO I . 15.37 59.77 -7.79
O1B GCO I . 13.95 61.09 -6.77
O2 GCO I . 14.97 61.07 -10.10
O3 GCO I . 14.36 63.46 -8.85
O4 GCO I . 13.42 63.73 -11.15
O5 GCO I . 10.56 62.46 -9.39
O6 GCO I . 9.22 63.68 -11.46
MG MG J . 16.16 59.20 -9.63
CL CL K . 0.75 56.25 -22.20
C1 GCO L . -7.11 45.59 -37.70
C2 GCO L . -7.25 45.89 -36.25
C3 GCO L . -8.58 46.47 -35.90
C4 GCO L . -8.58 46.90 -34.45
C5 GCO L . -8.99 48.35 -34.30
C6 GCO L . -8.77 48.84 -32.88
O1A GCO L . -6.32 44.67 -38.07
O1B GCO L . -7.76 46.27 -38.54
O2 GCO L . -6.97 44.77 -35.49
O3 GCO L . -9.57 45.53 -36.08
O4 GCO L . -9.43 46.09 -33.75
O5 GCO L . -8.29 49.18 -35.16
O6 GCO L . -8.90 50.22 -32.69
MG MG M . -5.40 43.57 -36.48
MG MG N . 15.37 25.03 -33.59
C1 GCO O . 16.84 -32.67 13.05
C2 GCO O . 17.13 -34.02 12.49
C3 GCO O . 18.40 -34.05 11.70
C4 GCO O . 18.55 -35.37 10.99
C5 GCO O . 18.79 -35.20 9.50
C6 GCO O . 18.72 -36.52 8.78
O1A GCO O . 16.20 -32.57 14.13
O1B GCO O . 17.20 -31.63 12.41
O2 GCO O . 17.11 -34.96 13.50
O3 GCO O . 19.48 -33.84 12.53
O4 GCO O . 19.57 -36.10 11.59
O5 GCO O . 17.82 -34.38 8.97
O6 GCO O . 18.77 -36.51 7.40
MG MG P . 15.63 -34.44 14.96
MG MG Q . -1.78 -43.41 34.97
C1 GOL R . -2.48 -11.97 -4.28
O1 GOL R . -3.49 -12.25 -5.22
C2 GOL R . -3.07 -11.92 -2.88
O2 GOL R . -2.07 -12.10 -1.90
C3 GOL R . -4.18 -12.97 -2.74
O3 GOL R . -5.45 -12.40 -2.89
C1 GCO S . -15.07 -15.82 35.46
C2 GCO S . -15.19 -15.71 33.97
C3 GCO S . -15.32 -14.30 33.47
C4 GCO S . -15.65 -14.31 32.00
C5 GCO S . -16.87 -13.48 31.69
C6 GCO S . -17.30 -13.61 30.26
O1A GCO S . -14.44 -16.78 35.96
O1B GCO S . -15.64 -14.98 36.20
O2 GCO S . -14.09 -16.33 33.39
O3 GCO S . -14.15 -13.61 33.67
O4 GCO S . -14.55 -13.84 31.29
O5 GCO S . -17.94 -13.87 32.48
O6 GCO S . -18.55 -13.08 29.92
MG MG T . -13.53 -18.06 34.58
MG MG U . -41.82 -10.92 45.21
CL CL V . -26.34 -21.64 19.53
C1 GCO W . -2.91 -62.34 -4.77
C2 GCO W . -2.67 -60.89 -5.03
C3 GCO W . -2.30 -60.58 -6.44
C4 GCO W . -1.83 -59.15 -6.54
C5 GCO W . -0.48 -59.04 -7.23
C6 GCO W . 0.14 -57.67 -7.06
O1A GCO W . -3.68 -62.68 -3.82
O1B GCO W . -2.34 -63.22 -5.47
O2 GCO W . -3.79 -60.19 -4.61
O3 GCO W . -3.41 -60.77 -7.26
O4 GCO W . -2.76 -58.39 -7.22
O5 GCO W . 0.40 -59.99 -6.75
O6 GCO W . 1.41 -57.50 -7.59
MG MG X . -4.59 -61.04 -2.78
MG MG Y . -18.94 -57.15 20.96
CL CL Z . 9.36 -47.07 0.57
CL CL AA . -19.53 -46.92 -7.93
C1 GCO BA . -1.91 12.43 -11.45
C2 GCO BA . -0.74 11.83 -10.74
C3 GCO BA . -1.13 10.72 -9.81
C4 GCO BA . 0.08 10.33 -9.00
C5 GCO BA . -0.27 10.27 -7.53
C6 GCO BA . 0.91 9.97 -6.66
O1A GCO BA . -1.74 12.99 -12.57
O1B GCO BA . -3.04 12.39 -10.89
O2 GCO BA . 0.20 11.41 -11.67
O3 GCO BA . -1.63 9.64 -10.52
O4 GCO BA . 0.56 9.10 -9.43
O5 GCO BA . -0.86 11.46 -7.13
O6 GCO BA . 0.77 10.17 -5.29
MG MG CA . 0.28 12.91 -13.31
CL CL DA . 13.17 16.64 1.72
CL CL EA . 4.99 3.90 3.15
C1 GCO FA . 30.88 24.53 7.57
C2 GCO FA . 29.41 24.75 7.70
C3 GCO FA . 28.92 24.60 9.11
C4 GCO FA . 27.42 24.55 9.12
C5 GCO FA . 26.87 23.37 9.89
C6 GCO FA . 25.40 23.21 9.72
O1A GCO FA . 31.51 25.08 6.62
O1B GCO FA . 31.46 23.78 8.40
O2 GCO FA . 29.03 25.97 7.16
O3 GCO FA . 29.37 25.67 9.86
O4 GCO FA . 26.95 25.72 9.69
O5 GCO FA . 27.48 22.21 9.46
O6 GCO FA . 24.84 22.08 10.29
MG MG GA . 30.24 26.32 5.36
MG MG HA . 32.51 38.75 -19.59
C1 GCO IA . -33.68 -34.88 5.86
C2 GCO IA . -34.02 -34.11 7.09
C3 GCO IA . -35.11 -33.11 6.89
C4 GCO IA . -35.27 -32.28 8.14
C5 GCO IA . -35.35 -30.80 7.80
C6 GCO IA . -35.18 -29.93 9.02
O1A GCO IA . -33.05 -35.98 5.93
O1B GCO IA . -33.98 -34.40 4.73
O2 GCO IA . -34.30 -34.97 8.14
O3 GCO IA . -36.30 -33.75 6.60
O4 GCO IA . -36.36 -32.69 8.87
O5 GCO IA . -34.33 -30.46 6.95
O6 GCO IA . -35.23 -28.57 8.79
MG MG JA . -32.87 -36.71 7.98
#